data_1EFR
#
_entry.id   1EFR
#
_cell.length_a   285.700
_cell.length_b   107.400
_cell.length_c   139.500
_cell.angle_alpha   90.00
_cell.angle_beta   90.00
_cell.angle_gamma   90.00
#
_symmetry.space_group_name_H-M   'P 21 21 21'
#
loop_
_entity.id
_entity.type
_entity.pdbx_description
1 polymer 'BOVINE MITOCHONDRIAL F1-ATPASE SUBUNIT ALPHA'
2 polymer 'BOVINE MITOCHONDRIAL F1-ATPASE SUBUNIT BETA'
3 polymer 'BOVINE MITOCHONDRIAL F1-ATPASE SUBUNIT GAMMA'
4 polymer 'EFRAPEPTIN C'
5 non-polymer 'MAGNESIUM ION'
6 non-polymer 'PHOSPHOAMINOPHOSPHONIC ACID-ADENYLATE ESTER'
7 non-polymer "ADENOSINE-5'-DIPHOSPHATE"
8 water water
#
loop_
_entity_poly.entity_id
_entity_poly.type
_entity_poly.pdbx_seq_one_letter_code
_entity_poly.pdbx_strand_id
1 'polypeptide(L)'
;EKTGTAEVSSILEERILGADTSVDLEETGRVLSIGDGIARVHGLRNVQAEEMVEFSSGLKGMSLNLEPDNVGVVVFGNDK
LIKEGDIVKRTGAIVDVPVGEELLGRVVDALGNAIDGKGPIGSKARRRVGLKAPGIIPRISVREPMQTGIKAVDSLVPIG
RGQRELIIGDRQTGKTSIAIDTIINQKRFNDGTDEKKKLYCIYVAIGQKRSTVAQLVKRLTDADAMKYTIVVSATASDAA
PLQYLAPYSGCSMGEYFRDNGKHALIIYDDLSKQAVAYRQMSLLLRRPPGREAYPGDVFYLHSRLLERAAKMNDAFGGGS
LTALPVIETQAGDVSAYIPTNVISITDGQIFLETELFYKGIRPAINVGLSVSRVGSAAQTRAMKQVAGTMKLELAQYREV
AAFAQFGSDLDAATQQLLSRGVRLTELLKQGQYSPMAIEEQVAVIYAGVRGYLDKLEPSKITKFENAFLSHVISQHQALL
GKIRTDGKISEESDAKLKEIVTNFLAGFEA
;
A,B,C
2 'polypeptide(L)'
;AAQASPSPKAGATTGRIVAVIGAVVDVQFDEGLPPILNALEVQGRETRLVLEVAQHLGESTVRTIAMDGTEGLVRGQKVL
DSGAPIRIPVGPETLGRIMNVIGEPIDERGPIKTKQFAAIHAEAPEFVEMSVEQEILVTGIKVVDLLAPYAKGGKIGLFG
GAGVGKTVLIMELINNVAKAHGGYSVFAGVGERTREGNDLYHEMIESGVINLKDATSKVALVYGQMNEPPGARARVALTG
LTVAEYFRDQEGQDVLLFIDNIFRFTQAGSEVSALLGRIPSAVGYQPTLATDMGTMQERITTTKKGSITSVQAIYVPADD
LTDPAPATTFAHLDATTVLSRAIAELGIYPAVDPLDSTSRIMDPNIVGSEHYDVARGVQKILQDYKSLQDIIAILGMDEL
SEEDKLTVSRARKIQRFLSQPFQVAEVFTGHLGKLVPLKETIKGFQQILAGEYDHLPEQAFYMVGPIEEAVAKADKLAEE
HS
;
D,E,F
3 'polypeptide(L)'
;ATLKDITRRLKSIKNIQKITKSMKMVAAAKYARAERELKPARVYGVGSLALYEKADIKTPEDKKKHLIIGVSSDRGLCGA
IHSSVAKQMKSEAANLAAAGKEVKIIGVGDKIRSILHRTHSDQFLVTFKEVGRRPPTFGDASVIALELLNSGYEFDEGSI
IFNRFRSVISYKTEEKPIFSLDTISSAESMSIYDDIDADVLRNYQEYSLANIIYYSLKESTTSEQSARMTAMDNASKNAS
EMIDKLTLTFNRTRQAVITKELIEIISGAAAL
;
G
4 'polypeptide(L)' (ACE)(YCP)(AIB)(YCP)(AIB)(AIB)L(BAL)G(AIB)(AIB)(YCP)(AIB)GL(AIB)(TLX) Q
#
loop_
_chem_comp.id
_chem_comp.type
_chem_comp.name
_chem_comp.formula
ACE non-polymer 'ACETYL GROUP' 'C2 H4 O'
ADP non-polymer ADENOSINE-5'-DIPHOSPHATE 'C10 H15 N5 O10 P2'
ANP non-polymer 'PHOSPHOAMINOPHOSPHONIC ACID-ADENYLATE ESTER' 'C10 H17 N6 O12 P3'
BAL peptide-like BETA-ALANINE 'C3 H7 N O2'
MG non-polymer 'MAGNESIUM ION' 'Mg 2'
TLX non-polymer 'N1-(2-AMINO-4-METHYLPENTYL)OCTAHYDRO-PYRROLO[1,2-A] PYRIMIDINE' 'C13 H27 N3'
#
# COMPACT_ATOMS: atom_id res chain seq x y z
N ASP A 24 11.13 41.98 32.71
CA ASP A 24 11.83 42.12 31.44
C ASP A 24 11.43 41.04 30.46
N LEU A 25 10.54 41.37 29.55
CA LEU A 25 10.12 40.42 28.54
C LEU A 25 10.94 40.45 27.27
N GLU A 26 12.01 41.22 27.29
CA GLU A 26 12.79 41.31 26.09
C GLU A 26 13.97 40.36 26.07
N GLU A 27 14.57 40.19 27.23
CA GLU A 27 15.73 39.33 27.39
C GLU A 27 15.45 38.15 28.28
N THR A 28 14.21 38.04 28.69
CA THR A 28 13.80 36.97 29.57
C THR A 28 12.39 36.51 29.23
N GLY A 29 12.04 35.29 29.64
CA GLY A 29 10.72 34.77 29.37
C GLY A 29 10.22 33.89 30.50
N ARG A 30 8.93 33.64 30.50
CA ARG A 30 8.29 32.80 31.49
C ARG A 30 7.63 31.65 30.74
N VAL A 31 7.75 30.45 31.29
CA VAL A 31 7.16 29.26 30.69
C VAL A 31 5.65 29.31 30.79
N LEU A 32 4.96 29.16 29.65
CA LEU A 32 3.50 29.17 29.61
C LEU A 32 2.94 27.80 29.92
N SER A 33 3.63 26.79 29.39
CA SER A 33 3.30 25.39 29.50
C SER A 33 4.52 24.57 29.14
N ILE A 34 4.63 23.37 29.70
CA ILE A 34 5.76 22.51 29.42
C ILE A 34 5.35 21.05 29.33
N GLY A 35 5.80 20.39 28.26
CA GLY A 35 5.49 19.00 28.05
C GLY A 35 6.15 18.42 26.82
N ASP A 36 6.29 17.10 26.85
CA ASP A 36 6.88 16.34 25.77
C ASP A 36 8.15 16.96 25.25
N GLY A 37 8.87 17.57 26.18
CA GLY A 37 10.13 18.22 25.87
C GLY A 37 9.98 19.59 25.22
N ILE A 38 8.76 19.99 24.94
CA ILE A 38 8.58 21.29 24.33
C ILE A 38 8.19 22.32 25.36
N ALA A 39 8.98 23.39 25.44
CA ALA A 39 8.69 24.47 26.37
C ALA A 39 8.10 25.61 25.59
N ARG A 40 7.00 26.16 26.10
CA ARG A 40 6.35 27.29 25.45
C ARG A 40 6.52 28.53 26.31
N VAL A 41 7.54 29.33 25.94
CA VAL A 41 7.92 30.54 26.64
C VAL A 41 7.31 31.83 26.10
N HIS A 42 6.84 32.62 27.06
CA HIS A 42 6.25 33.93 26.85
C HIS A 42 7.36 34.92 27.12
N GLY A 43 7.55 35.91 26.26
CA GLY A 43 8.65 36.84 26.46
C GLY A 43 9.80 36.47 25.56
N LEU A 44 11.04 36.79 25.97
CA LEU A 44 12.21 36.49 25.14
C LEU A 44 12.09 37.19 23.80
N ARG A 45 11.54 38.39 23.82
CA ARG A 45 11.35 39.14 22.62
C ARG A 45 12.54 39.35 21.72
N ASN A 46 13.75 39.26 22.26
CA ASN A 46 14.92 39.49 21.42
C ASN A 46 15.60 38.23 20.86
N VAL A 47 15.15 37.04 21.23
CA VAL A 47 15.79 35.82 20.74
C VAL A 47 15.88 35.67 19.24
N GLN A 48 16.96 35.04 18.82
CA GLN A 48 17.16 34.77 17.42
C GLN A 48 16.81 33.32 17.20
N ALA A 49 16.51 32.97 15.96
CA ALA A 49 16.17 31.60 15.63
C ALA A 49 17.30 30.64 16.02
N GLU A 50 16.97 29.51 16.66
CA GLU A 50 17.98 28.53 17.07
C GLU A 50 18.91 29.02 18.16
N GLU A 51 18.49 29.98 18.96
CA GLU A 51 19.38 30.48 20.00
C GLU A 51 19.31 29.62 21.25
N MET A 52 20.42 29.48 21.94
CA MET A 52 20.46 28.70 23.16
C MET A 52 19.97 29.50 24.35
N VAL A 53 18.91 29.02 24.99
CA VAL A 53 18.37 29.73 26.14
C VAL A 53 18.50 28.94 27.44
N GLU A 54 18.22 29.58 28.56
CA GLU A 54 18.42 28.85 29.80
C GLU A 54 17.28 28.91 30.80
N PHE A 55 16.82 27.72 31.21
CA PHE A 55 15.77 27.58 32.19
C PHE A 55 16.34 27.75 33.57
N SER A 56 15.50 28.26 34.49
CA SER A 56 15.85 28.51 35.89
C SER A 56 16.74 27.41 36.42
N SER A 57 16.17 26.21 36.33
CA SER A 57 16.75 24.95 36.77
C SER A 57 18.15 24.71 36.25
N GLY A 58 18.51 25.43 35.19
CA GLY A 58 19.83 25.27 34.65
C GLY A 58 19.85 24.57 33.30
N LEU A 59 18.77 23.86 33.00
CA LEU A 59 18.70 23.18 31.73
C LEU A 59 18.72 24.17 30.58
N LYS A 60 19.45 23.80 29.53
CA LYS A 60 19.50 24.61 28.34
C LYS A 60 18.26 24.30 27.51
N GLY A 61 18.10 25.03 26.43
CA GLY A 61 17.01 24.86 25.49
C GLY A 61 17.40 25.58 24.21
N MET A 62 16.81 25.20 23.09
CA MET A 62 17.12 25.82 21.81
C MET A 62 15.83 26.33 21.17
N SER A 63 15.75 27.63 20.85
CA SER A 63 14.56 28.22 20.26
C SER A 63 14.36 27.87 18.78
N LEU A 64 13.53 26.86 18.55
CA LEU A 64 13.25 26.37 17.21
C LEU A 64 12.07 27.03 16.52
N ASN A 65 11.14 27.53 17.31
CA ASN A 65 9.95 28.20 16.81
C ASN A 65 9.83 29.58 17.41
N LEU A 66 9.89 30.56 16.55
CA LEU A 66 9.70 31.91 17.00
C LEU A 66 8.35 32.31 16.46
N GLU A 67 7.37 32.30 17.35
CA GLU A 67 6.03 32.64 16.99
C GLU A 67 5.62 33.98 17.55
N PRO A 68 4.59 34.53 16.95
CA PRO A 68 4.02 35.80 17.33
C PRO A 68 3.81 35.90 18.82
N ASP A 69 3.08 34.94 19.35
CA ASP A 69 2.77 34.99 20.75
C ASP A 69 3.58 34.09 21.67
N ASN A 70 4.69 33.54 21.22
CA ASN A 70 5.46 32.67 22.10
C ASN A 70 6.68 32.07 21.42
N VAL A 71 7.55 31.50 22.25
CA VAL A 71 8.75 30.83 21.78
C VAL A 71 8.66 29.34 22.09
N GLY A 72 8.69 28.50 21.06
CA GLY A 72 8.64 27.06 21.28
C GLY A 72 10.06 26.60 21.48
N VAL A 73 10.41 26.32 22.74
CA VAL A 73 11.76 25.89 23.09
C VAL A 73 11.90 24.38 23.23
N VAL A 74 12.97 23.88 22.62
CA VAL A 74 13.35 22.47 22.62
C VAL A 74 14.28 22.18 23.80
N VAL A 75 13.72 21.61 24.86
CA VAL A 75 14.44 21.30 26.08
C VAL A 75 15.54 20.25 25.94
N PHE A 76 16.74 20.59 26.37
CA PHE A 76 17.87 19.66 26.32
C PHE A 76 18.00 18.91 27.62
N GLY A 77 16.98 18.18 28.02
CA GLY A 77 17.05 17.45 29.27
C GLY A 77 15.66 16.98 29.70
N ASN A 78 15.53 16.63 30.97
CA ASN A 78 14.27 16.13 31.54
C ASN A 78 13.33 17.28 31.85
N ASP A 79 12.13 17.22 31.25
CA ASP A 79 11.16 18.26 31.50
C ASP A 79 10.64 18.36 32.91
N LYS A 80 11.10 17.45 33.75
CA LYS A 80 10.71 17.46 35.14
C LYS A 80 11.16 18.75 35.83
N LEU A 81 12.35 19.23 35.45
CA LEU A 81 12.94 20.43 36.02
C LEU A 81 12.40 21.75 35.51
N ILE A 82 11.29 21.68 34.80
CA ILE A 82 10.67 22.88 34.27
C ILE A 82 9.20 22.94 34.60
N LYS A 83 8.79 24.08 35.11
CA LYS A 83 7.40 24.26 35.46
C LYS A 83 6.82 25.49 34.80
N GLU A 84 5.50 25.57 34.82
CA GLU A 84 4.83 26.71 34.26
C GLU A 84 5.35 27.88 35.06
N GLY A 85 5.66 28.97 34.40
CA GLY A 85 6.17 30.10 35.12
C GLY A 85 7.68 30.15 35.29
N ASP A 86 8.41 29.03 35.08
CA ASP A 86 9.86 29.05 35.23
C ASP A 86 10.43 30.19 34.40
N ILE A 87 11.46 30.86 34.91
CA ILE A 87 12.03 31.97 34.18
C ILE A 87 13.08 31.54 33.18
N VAL A 88 12.89 31.94 31.92
CA VAL A 88 13.85 31.59 30.90
C VAL A 88 14.69 32.80 30.49
N LYS A 89 16.00 32.63 30.43
CA LYS A 89 16.87 33.74 30.07
C LYS A 89 17.64 33.48 28.81
N ARG A 90 17.92 34.55 28.07
CA ARG A 90 18.74 34.37 26.91
C ARG A 90 20.16 34.41 27.42
N THR A 91 20.88 33.31 27.46
CA THR A 91 22.23 33.49 27.92
C THR A 91 23.07 33.86 26.72
N GLY A 92 22.66 33.29 25.61
CA GLY A 92 23.31 33.57 24.37
C GLY A 92 24.52 32.70 24.08
N ALA A 93 24.37 32.08 22.94
CA ALA A 93 25.35 31.21 22.38
C ALA A 93 24.73 30.35 21.31
N ILE A 94 24.97 30.71 20.07
CA ILE A 94 24.50 29.88 19.00
C ILE A 94 25.45 28.67 19.09
N VAL A 95 24.89 27.53 19.51
CA VAL A 95 25.53 26.23 19.73
C VAL A 95 26.84 25.95 18.98
N ASP A 96 27.96 26.01 19.73
CA ASP A 96 29.31 25.73 19.20
C ASP A 96 29.92 24.60 20.03
N VAL A 97 31.07 24.06 19.62
CA VAL A 97 31.70 22.97 20.39
C VAL A 97 33.22 23.05 20.41
N PRO A 98 33.83 22.32 21.35
CA PRO A 98 35.27 22.27 21.42
C PRO A 98 35.77 21.75 20.09
N VAL A 99 37.07 21.83 19.87
CA VAL A 99 37.55 21.32 18.61
C VAL A 99 39.06 21.20 18.62
N GLY A 100 39.60 20.47 17.67
CA GLY A 100 41.04 20.30 17.62
C GLY A 100 41.52 18.98 18.20
N GLU A 101 42.82 18.75 18.01
CA GLU A 101 43.56 17.57 18.40
C GLU A 101 43.44 17.12 19.85
N GLU A 102 43.03 17.99 20.77
CA GLU A 102 42.93 17.48 22.13
C GLU A 102 41.78 16.51 22.31
N LEU A 103 40.84 16.52 21.37
CA LEU A 103 39.69 15.62 21.45
C LEU A 103 40.03 14.15 21.20
N LEU A 104 41.08 13.89 20.41
CA LEU A 104 41.52 12.53 20.08
C LEU A 104 41.58 11.63 21.30
N GLY A 105 41.24 10.36 21.11
CA GLY A 105 41.25 9.43 22.21
C GLY A 105 40.23 9.76 23.30
N ARG A 106 39.26 10.61 22.99
CA ARG A 106 38.27 10.92 24.00
C ARG A 106 36.88 10.44 23.60
N VAL A 107 36.00 10.45 24.59
CA VAL A 107 34.60 10.10 24.41
C VAL A 107 33.81 11.25 24.96
N VAL A 108 33.20 11.99 24.04
CA VAL A 108 32.41 13.17 24.34
C VAL A 108 30.95 13.08 23.94
N ASP A 109 30.12 13.80 24.67
CA ASP A 109 28.70 13.85 24.38
C ASP A 109 28.46 14.73 23.15
N ALA A 110 27.20 14.96 22.79
CA ALA A 110 26.91 15.78 21.62
C ALA A 110 27.39 17.21 21.80
N LEU A 111 27.48 17.65 23.04
CA LEU A 111 27.93 19.00 23.27
C LEU A 111 29.43 19.14 23.44
N GLY A 112 30.16 18.05 23.25
CA GLY A 112 31.61 18.07 23.38
C GLY A 112 32.10 17.74 24.79
N ASN A 113 31.17 17.63 25.73
CA ASN A 113 31.51 17.32 27.09
C ASN A 113 32.15 15.95 27.19
N ALA A 114 33.16 15.79 28.05
CA ALA A 114 33.80 14.49 28.20
C ALA A 114 32.94 13.53 29.01
N ILE A 115 32.71 12.34 28.46
CA ILE A 115 31.89 11.35 29.12
C ILE A 115 32.66 10.09 29.54
N ASP A 116 33.94 10.04 29.20
CA ASP A 116 34.78 8.90 29.53
C ASP A 116 35.40 9.06 30.91
N GLY A 117 34.93 10.10 31.59
CA GLY A 117 35.38 10.41 32.93
C GLY A 117 36.89 10.53 33.04
N LYS A 118 37.52 10.78 31.91
CA LYS A 118 38.96 10.90 31.88
C LYS A 118 39.45 12.32 32.09
N GLY A 119 38.65 13.18 32.68
CA GLY A 119 39.14 14.53 32.86
C GLY A 119 38.76 15.40 31.67
N PRO A 120 38.87 16.71 31.87
CA PRO A 120 38.51 17.71 30.88
C PRO A 120 39.29 17.67 29.58
N ILE A 121 38.58 17.95 28.51
CA ILE A 121 39.22 18.02 27.23
C ILE A 121 39.97 19.36 27.20
N GLY A 122 41.25 19.39 26.85
CA GLY A 122 42.01 20.64 26.85
C GLY A 122 41.84 21.45 25.58
N SER A 123 40.60 21.77 25.28
CA SER A 123 40.22 22.49 24.09
C SER A 123 40.57 23.98 23.99
N LYS A 124 41.30 24.32 22.94
CA LYS A 124 41.66 25.69 22.65
C LYS A 124 40.59 26.31 21.77
N ALA A 125 40.55 25.81 20.55
CA ALA A 125 39.60 26.25 19.56
C ALA A 125 38.21 25.68 19.85
N ARG A 126 37.20 26.44 19.46
CA ARG A 126 35.81 26.05 19.60
C ARG A 126 35.10 26.40 18.29
N ARG A 127 34.46 25.42 17.67
CA ARG A 127 33.78 25.66 16.41
C ARG A 127 32.27 25.65 16.58
N ARG A 128 31.56 26.33 15.70
CA ARG A 128 30.12 26.37 15.75
C ARG A 128 29.57 25.12 15.09
N VAL A 129 28.63 24.43 15.74
CA VAL A 129 28.07 23.28 15.08
C VAL A 129 27.18 23.89 14.03
N GLY A 130 27.10 23.34 12.85
CA GLY A 130 26.23 24.00 11.90
C GLY A 130 26.80 25.31 11.36
N LEU A 131 27.47 25.11 10.23
CA LEU A 131 28.12 26.11 9.43
C LEU A 131 27.83 25.68 8.00
N LYS A 132 27.98 26.58 7.04
CA LYS A 132 27.70 26.21 5.66
C LYS A 132 28.84 25.37 5.09
N ALA A 133 28.55 24.40 4.23
CA ALA A 133 29.64 23.63 3.67
C ALA A 133 30.50 24.55 2.82
N PRO A 134 31.71 24.10 2.54
CA PRO A 134 32.58 24.90 1.71
C PRO A 134 31.93 24.96 0.33
N GLY A 135 32.01 26.12 -0.30
CA GLY A 135 31.42 26.34 -1.61
C GLY A 135 31.92 25.41 -2.71
N ILE A 136 31.57 25.80 -3.92
CA ILE A 136 31.89 25.09 -5.14
C ILE A 136 33.32 25.37 -5.63
N ILE A 137 33.81 26.56 -5.32
CA ILE A 137 35.13 27.00 -5.74
C ILE A 137 36.31 26.45 -4.95
N PRO A 138 36.20 26.44 -3.64
CA PRO A 138 37.27 26.00 -2.77
C PRO A 138 37.61 24.52 -2.83
N ARG A 139 37.03 23.80 -3.79
CA ARG A 139 37.26 22.36 -3.92
C ARG A 139 38.17 21.90 -5.04
N ILE A 140 38.29 20.58 -5.13
CA ILE A 140 39.10 19.86 -6.11
C ILE A 140 38.69 18.40 -6.11
N SER A 141 38.85 17.77 -7.26
CA SER A 141 38.49 16.38 -7.45
C SER A 141 38.97 15.44 -6.36
N VAL A 142 38.06 14.57 -5.90
CA VAL A 142 38.45 13.59 -4.91
C VAL A 142 39.47 12.69 -5.58
N ARG A 143 40.70 12.73 -5.08
CA ARG A 143 41.77 11.98 -5.70
C ARG A 143 42.54 11.04 -4.80
N GLU A 144 42.63 11.36 -3.53
CA GLU A 144 43.36 10.49 -2.64
C GLU A 144 42.53 9.35 -2.11
N PRO A 145 43.03 8.15 -2.30
CA PRO A 145 42.35 7.00 -1.80
C PRO A 145 42.13 7.10 -0.30
N MET A 146 41.06 6.47 0.13
CA MET A 146 40.66 6.35 1.50
C MET A 146 40.53 4.86 1.60
N GLN A 147 41.53 4.22 2.16
CA GLN A 147 41.50 2.78 2.20
C GLN A 147 40.80 2.19 3.39
N THR A 148 39.99 1.18 3.13
CA THR A 148 39.27 0.56 4.20
C THR A 148 39.96 -0.67 4.77
N GLY A 149 40.71 -1.38 3.95
CA GLY A 149 41.37 -2.58 4.40
C GLY A 149 40.49 -3.76 4.06
N ILE A 150 39.28 -3.44 3.59
CA ILE A 150 38.32 -4.44 3.17
C ILE A 150 38.44 -4.63 1.67
N LYS A 151 38.86 -5.83 1.26
CA LYS A 151 39.07 -6.13 -0.14
C LYS A 151 37.89 -5.72 -1.04
N ALA A 152 36.70 -6.21 -0.71
CA ALA A 152 35.51 -5.91 -1.48
C ALA A 152 35.34 -4.42 -1.69
N VAL A 153 35.41 -3.67 -0.60
CA VAL A 153 35.25 -2.25 -0.69
C VAL A 153 36.35 -1.58 -1.51
N ASP A 154 37.59 -1.79 -1.06
CA ASP A 154 38.77 -1.21 -1.68
C ASP A 154 39.01 -1.52 -3.13
N SER A 155 38.49 -2.63 -3.61
CA SER A 155 38.68 -3.02 -5.00
C SER A 155 37.53 -2.61 -5.92
N LEU A 156 36.31 -2.88 -5.44
CA LEU A 156 35.06 -2.66 -6.19
C LEU A 156 34.14 -1.51 -5.77
N VAL A 157 34.44 -0.81 -4.68
CA VAL A 157 33.57 0.29 -4.25
C VAL A 157 34.40 1.42 -3.62
N PRO A 158 35.59 1.67 -4.22
CA PRO A 158 36.58 2.65 -3.76
C PRO A 158 36.07 3.97 -3.24
N ILE A 159 36.57 4.33 -2.05
CA ILE A 159 36.26 5.61 -1.42
C ILE A 159 37.48 6.51 -1.52
N GLY A 160 37.28 7.77 -1.91
CA GLY A 160 38.36 8.73 -2.01
C GLY A 160 38.21 9.73 -0.88
N ARG A 161 39.25 10.52 -0.59
CA ARG A 161 39.17 11.51 0.49
C ARG A 161 38.28 12.70 0.10
N GLY A 162 37.29 13.03 0.94
CA GLY A 162 36.36 14.11 0.67
C GLY A 162 35.03 13.57 0.17
N GLN A 163 35.03 12.29 -0.15
CA GLN A 163 33.85 11.62 -0.62
C GLN A 163 32.89 11.37 0.53
N ARG A 164 31.65 11.04 0.16
CA ARG A 164 30.58 10.70 1.07
C ARG A 164 30.03 9.38 0.55
N GLU A 165 30.36 8.30 1.24
CA GLU A 165 29.90 7.00 0.81
C GLU A 165 28.99 6.45 1.90
N LEU A 166 27.78 6.04 1.52
CA LEU A 166 26.78 5.53 2.45
C LEU A 166 26.88 4.03 2.68
N ILE A 167 26.83 3.62 3.95
CA ILE A 167 26.80 2.20 4.25
C ILE A 167 25.31 1.95 4.53
N ILE A 168 24.66 1.05 3.79
CA ILE A 168 23.21 0.87 3.99
C ILE A 168 22.75 -0.58 3.96
N GLY A 169 21.88 -0.95 4.90
CA GLY A 169 21.37 -2.32 4.92
C GLY A 169 20.33 -2.51 6.01
N ASP A 170 19.93 -3.76 6.24
CA ASP A 170 18.95 -4.01 7.30
C ASP A 170 19.64 -4.12 8.65
N ARG A 171 18.84 -4.33 9.69
CA ARG A 171 19.40 -4.49 11.02
C ARG A 171 20.38 -5.64 10.97
N GLN A 172 21.39 -5.60 11.82
CA GLN A 172 22.41 -6.63 11.93
C GLN A 172 22.89 -7.21 10.62
N THR A 173 23.46 -6.38 9.77
CA THR A 173 23.97 -6.89 8.51
C THR A 173 25.47 -6.75 8.44
N GLY A 174 26.01 -5.95 9.36
CA GLY A 174 27.45 -5.71 9.44
C GLY A 174 27.86 -4.29 9.10
N LYS A 175 26.88 -3.37 9.06
CA LYS A 175 27.15 -1.98 8.73
C LYS A 175 28.28 -1.36 9.53
N THR A 176 28.14 -1.36 10.84
CA THR A 176 29.12 -0.79 11.73
C THR A 176 30.45 -1.49 11.70
N SER A 177 30.41 -2.76 11.35
CA SER A 177 31.62 -3.49 11.27
C SER A 177 32.51 -2.84 10.22
N ILE A 178 31.91 -2.46 9.09
CA ILE A 178 32.64 -1.82 8.00
C ILE A 178 33.38 -0.59 8.48
N ALA A 179 32.66 0.35 9.09
CA ALA A 179 33.31 1.55 9.58
C ALA A 179 34.41 1.25 10.56
N ILE A 180 34.14 0.37 11.53
CA ILE A 180 35.15 0.00 12.51
C ILE A 180 36.41 -0.52 11.85
N ASP A 181 36.30 -1.51 10.95
CA ASP A 181 37.48 -2.02 10.27
C ASP A 181 38.22 -0.88 9.61
N THR A 182 37.44 0.00 8.99
CA THR A 182 37.98 1.17 8.33
C THR A 182 38.84 2.00 9.28
N ILE A 183 38.30 2.31 10.47
CA ILE A 183 39.00 3.10 11.47
C ILE A 183 40.29 2.44 11.92
N ILE A 184 40.18 1.16 12.28
CA ILE A 184 41.32 0.37 12.71
C ILE A 184 42.43 0.52 11.68
N ASN A 185 42.10 0.17 10.46
CA ASN A 185 42.99 0.23 9.32
C ASN A 185 43.91 1.45 9.20
N GLN A 186 43.44 2.61 9.66
CA GLN A 186 44.23 3.84 9.55
C GLN A 186 45.53 3.87 10.35
N LYS A 187 45.72 2.90 11.23
CA LYS A 187 46.92 2.82 12.05
C LYS A 187 48.17 2.68 11.20
N ARG A 188 48.05 1.98 10.05
CA ARG A 188 49.18 1.78 9.17
C ARG A 188 49.78 3.11 8.83
N PHE A 189 48.90 4.07 8.54
CA PHE A 189 49.34 5.40 8.19
C PHE A 189 49.49 6.32 9.38
N ASN A 190 48.78 6.03 10.45
CA ASN A 190 48.89 6.89 11.62
C ASN A 190 50.22 6.72 12.34
N ASP A 191 50.77 5.51 12.30
CA ASP A 191 52.03 5.24 12.96
C ASP A 191 53.23 5.62 12.11
N GLY A 192 52.96 5.87 10.83
CA GLY A 192 53.97 6.24 9.85
C GLY A 192 54.40 7.71 9.95
N THR A 193 55.36 8.06 9.10
CA THR A 193 55.93 9.41 9.05
C THR A 193 55.25 10.35 8.07
N ASP A 194 54.82 9.80 6.94
CA ASP A 194 54.12 10.53 5.90
C ASP A 194 52.86 11.11 6.50
N GLU A 195 52.89 12.41 6.74
CA GLU A 195 51.78 13.09 7.36
C GLU A 195 50.59 13.40 6.46
N LYS A 196 50.75 13.13 5.17
CA LYS A 196 49.69 13.38 4.22
C LYS A 196 48.76 12.18 4.01
N LYS A 197 49.11 11.08 4.66
CA LYS A 197 48.31 9.89 4.57
C LYS A 197 47.53 9.63 5.82
N LYS A 198 47.92 10.30 6.89
CA LYS A 198 47.22 10.12 8.14
C LYS A 198 45.78 10.57 8.01
N LEU A 199 44.91 9.90 8.75
CA LEU A 199 43.50 10.17 8.71
C LEU A 199 42.86 10.06 10.09
N TYR A 200 42.54 11.21 10.70
CA TYR A 200 41.90 11.22 12.02
C TYR A 200 40.49 10.70 11.91
N CYS A 201 40.07 9.93 12.89
CA CYS A 201 38.74 9.36 12.84
C CYS A 201 37.78 9.96 13.84
N ILE A 202 36.51 9.99 13.44
CA ILE A 202 35.40 10.48 14.25
C ILE A 202 34.19 9.57 14.14
N TYR A 203 33.80 8.99 15.27
CA TYR A 203 32.67 8.11 15.30
C TYR A 203 31.52 8.72 16.09
N VAL A 204 30.41 8.98 15.39
CA VAL A 204 29.22 9.54 15.98
C VAL A 204 28.20 8.44 16.20
N ALA A 205 27.83 8.23 17.46
CA ALA A 205 26.84 7.22 17.81
C ALA A 205 25.52 7.91 18.08
N ILE A 206 24.50 7.58 17.29
CA ILE A 206 23.20 8.20 17.47
C ILE A 206 22.12 7.22 17.80
N GLY A 207 21.55 7.41 18.98
CA GLY A 207 20.47 6.59 19.49
C GLY A 207 20.83 5.16 19.88
N GLN A 208 22.13 4.88 20.06
CA GLN A 208 22.60 3.54 20.45
C GLN A 208 22.57 3.35 21.96
N LYS A 209 22.50 2.11 22.43
CA LYS A 209 22.51 1.95 23.87
C LYS A 209 23.94 2.12 24.36
N ARG A 210 24.11 2.56 25.61
CA ARG A 210 25.45 2.77 26.15
C ARG A 210 26.38 1.56 26.11
N SER A 211 25.86 0.35 26.34
CA SER A 211 26.70 -0.84 26.36
C SER A 211 27.39 -1.08 25.03
N THR A 212 26.70 -0.72 23.97
CA THR A 212 27.22 -0.91 22.63
C THR A 212 28.40 -0.02 22.35
N VAL A 213 28.28 1.22 22.77
CA VAL A 213 29.35 2.14 22.55
C VAL A 213 30.55 1.73 23.39
N ALA A 214 30.26 1.36 24.64
CA ALA A 214 31.29 0.89 25.57
C ALA A 214 32.08 -0.23 24.95
N GLN A 215 31.31 -1.14 24.35
CA GLN A 215 31.86 -2.28 23.66
C GLN A 215 32.72 -1.81 22.52
N LEU A 216 32.12 -0.92 21.73
CA LEU A 216 32.74 -0.30 20.58
C LEU A 216 34.08 0.32 20.96
N VAL A 217 34.08 1.25 21.92
CA VAL A 217 35.32 1.89 22.34
C VAL A 217 36.34 0.86 22.79
N LYS A 218 35.87 -0.22 23.42
CA LYS A 218 36.81 -1.22 23.85
C LYS A 218 37.54 -1.79 22.66
N ARG A 219 36.76 -2.26 21.68
CA ARG A 219 37.30 -2.82 20.46
C ARG A 219 38.33 -1.87 19.86
N LEU A 220 38.01 -0.58 19.89
CA LEU A 220 38.95 0.40 19.35
C LEU A 220 40.19 0.58 20.22
N THR A 221 40.02 0.48 21.52
CA THR A 221 41.18 0.63 22.37
C THR A 221 42.10 -0.56 22.17
N ASP A 222 41.51 -1.74 22.17
CA ASP A 222 42.29 -2.95 21.99
C ASP A 222 43.09 -2.91 20.72
N ALA A 223 42.59 -2.21 19.72
CA ALA A 223 43.32 -2.17 18.48
C ALA A 223 44.26 -0.99 18.42
N ASP A 224 44.25 -0.20 19.49
CA ASP A 224 45.11 0.94 19.53
C ASP A 224 44.76 1.93 18.42
N ALA A 225 43.45 2.20 18.28
CA ALA A 225 42.92 3.12 17.29
C ALA A 225 42.28 4.34 17.96
N MET A 226 42.06 4.23 19.25
CA MET A 226 41.49 5.34 20.00
C MET A 226 42.42 6.53 19.93
N LYS A 227 43.73 6.26 19.81
CA LYS A 227 44.71 7.35 19.75
C LYS A 227 44.39 8.35 18.67
N TYR A 228 43.91 7.86 17.55
CA TYR A 228 43.56 8.75 16.47
C TYR A 228 42.06 8.91 16.25
N THR A 229 41.26 8.57 17.25
CA THR A 229 39.81 8.66 17.11
C THR A 229 39.10 9.45 18.19
N ILE A 230 38.06 10.17 17.75
CA ILE A 230 37.18 10.94 18.63
C ILE A 230 35.83 10.26 18.62
N VAL A 231 35.22 10.11 19.79
CA VAL A 231 33.91 9.49 19.84
C VAL A 231 32.86 10.44 20.38
N VAL A 232 31.95 10.86 19.49
CA VAL A 232 30.84 11.72 19.90
C VAL A 232 29.70 10.77 20.13
N SER A 233 29.06 10.87 21.29
CA SER A 233 28.02 9.92 21.63
C SER A 233 26.69 10.51 22.15
N ALA A 234 25.64 10.41 21.32
CA ALA A 234 24.27 10.81 21.67
C ALA A 234 23.40 9.56 21.75
N THR A 235 23.36 8.94 22.93
CA THR A 235 22.65 7.69 23.15
C THR A 235 21.13 7.69 23.36
N ALA A 236 20.61 6.46 23.40
CA ALA A 236 19.20 6.12 23.57
C ALA A 236 18.47 6.91 24.64
N SER A 237 19.11 7.15 25.77
CA SER A 237 18.46 7.91 26.82
C SER A 237 18.74 9.42 26.76
N ASP A 238 19.45 9.89 25.74
CA ASP A 238 19.71 11.31 25.66
C ASP A 238 18.59 12.00 24.91
N ALA A 239 18.14 13.14 25.45
CA ALA A 239 17.06 13.92 24.88
C ALA A 239 17.18 14.06 23.37
N ALA A 240 16.02 14.20 22.72
CA ALA A 240 15.93 14.32 21.26
C ALA A 240 16.91 15.28 20.61
N PRO A 241 16.93 16.52 21.09
CA PRO A 241 17.80 17.55 20.57
C PRO A 241 19.28 17.18 20.58
N LEU A 242 19.73 16.48 21.61
CA LEU A 242 21.13 16.06 21.66
C LEU A 242 21.40 15.07 20.54
N GLN A 243 20.49 14.12 20.39
CA GLN A 243 20.63 13.13 19.33
C GLN A 243 20.59 13.81 17.98
N TYR A 244 19.79 14.86 17.91
CA TYR A 244 19.64 15.64 16.70
C TYR A 244 20.94 16.30 16.29
N LEU A 245 21.51 17.07 17.23
CA LEU A 245 22.75 17.83 17.10
C LEU A 245 24.01 17.00 16.80
N ALA A 246 24.22 15.94 17.59
CA ALA A 246 25.37 15.05 17.53
C ALA A 246 26.19 14.99 16.22
N PRO A 247 25.55 14.68 15.09
CA PRO A 247 26.26 14.58 13.81
C PRO A 247 26.86 15.89 13.36
N TYR A 248 26.21 16.98 13.71
CA TYR A 248 26.76 18.24 13.33
C TYR A 248 27.97 18.52 14.19
N SER A 249 27.75 18.55 15.51
CA SER A 249 28.83 18.79 16.44
C SER A 249 30.04 17.92 16.16
N GLY A 250 29.77 16.70 15.71
CA GLY A 250 30.84 15.80 15.35
C GLY A 250 31.47 16.28 14.05
N CYS A 251 30.61 16.87 13.20
CA CYS A 251 31.05 17.39 11.92
C CYS A 251 32.08 18.48 12.10
N SER A 252 31.73 19.44 12.95
CA SER A 252 32.61 20.55 13.26
C SER A 252 33.99 20.05 13.63
N MET A 253 34.03 19.13 14.59
CA MET A 253 35.27 18.54 15.03
C MET A 253 36.10 18.00 13.87
N GLY A 254 35.44 17.39 12.89
CA GLY A 254 36.15 16.86 11.74
C GLY A 254 36.57 17.97 10.79
N GLU A 255 35.88 19.11 10.91
CA GLU A 255 36.18 20.25 10.08
C GLU A 255 37.51 20.87 10.39
N TYR A 256 37.78 20.97 11.69
CA TYR A 256 39.02 21.51 12.19
C TYR A 256 40.21 20.88 11.45
N PHE A 257 40.13 19.57 11.26
CA PHE A 257 41.16 18.85 10.55
C PHE A 257 41.17 19.25 9.09
N ARG A 258 40.01 19.08 8.44
CA ARG A 258 39.83 19.37 7.02
C ARG A 258 40.48 20.69 6.63
N ASP A 259 40.05 21.75 7.30
CA ASP A 259 40.53 23.09 7.06
C ASP A 259 42.03 23.27 7.26
N ASN A 260 42.64 22.52 8.17
CA ASN A 260 44.06 22.71 8.40
C ASN A 260 45.02 21.77 7.68
N GLY A 261 44.80 21.54 6.40
CA GLY A 261 45.69 20.68 5.63
C GLY A 261 45.67 19.23 6.09
N LYS A 262 44.87 18.93 7.09
CA LYS A 262 44.79 17.55 7.57
C LYS A 262 43.63 16.79 6.92
N HIS A 263 43.59 15.49 7.13
CA HIS A 263 42.54 14.63 6.61
C HIS A 263 41.74 13.99 7.72
N ALA A 264 40.42 14.02 7.62
CA ALA A 264 39.59 13.40 8.65
C ALA A 264 38.47 12.54 8.06
N LEU A 265 38.18 11.45 8.76
CA LEU A 265 37.14 10.47 8.44
C LEU A 265 36.04 10.55 9.48
N ILE A 266 34.79 10.55 9.05
CA ILE A 266 33.68 10.63 9.99
C ILE A 266 32.60 9.57 9.72
N ILE A 267 32.17 8.93 10.79
CA ILE A 267 31.14 7.92 10.69
C ILE A 267 29.89 8.39 11.43
N TYR A 268 28.77 8.41 10.73
CA TYR A 268 27.52 8.80 11.35
C TYR A 268 26.74 7.51 11.56
N ASP A 269 26.58 7.09 12.81
CA ASP A 269 25.91 5.83 13.06
C ASP A 269 24.73 5.97 14.03
N ASP A 270 23.46 6.05 13.56
CA ASP A 270 22.98 6.10 12.16
C ASP A 270 22.37 7.46 11.89
N LEU A 271 22.02 7.69 10.62
CA LEU A 271 21.33 8.90 10.25
C LEU A 271 19.83 8.64 10.39
N SER A 272 19.50 7.35 10.47
CA SER A 272 18.12 6.94 10.64
C SER A 272 17.62 7.41 12.01
N LYS A 273 18.37 7.08 13.06
CA LYS A 273 17.97 7.50 14.40
C LYS A 273 17.85 9.02 14.56
N GLN A 274 18.76 9.75 13.91
CA GLN A 274 18.78 11.20 13.96
C GLN A 274 17.54 11.79 13.33
N ALA A 275 17.14 11.20 12.20
CA ALA A 275 15.95 11.60 11.48
C ALA A 275 14.77 11.47 12.40
N VAL A 276 14.74 10.36 13.13
CA VAL A 276 13.69 10.11 14.09
C VAL A 276 13.69 11.18 15.19
N ALA A 277 14.88 11.49 15.71
CA ALA A 277 15.00 12.52 16.74
C ALA A 277 14.40 13.82 16.25
N TYR A 278 14.77 14.19 15.03
CA TYR A 278 14.29 15.40 14.40
C TYR A 278 12.79 15.39 14.19
N ARG A 279 12.29 14.24 13.75
CA ARG A 279 10.86 14.09 13.52
C ARG A 279 10.08 14.32 14.82
N GLN A 280 10.56 13.70 15.89
CA GLN A 280 9.96 13.84 17.20
C GLN A 280 9.78 15.30 17.60
N MET A 281 10.85 16.07 17.40
CA MET A 281 10.83 17.47 17.73
C MET A 281 9.87 18.23 16.86
N SER A 282 9.97 17.98 15.56
CA SER A 282 9.11 18.65 14.62
C SER A 282 7.65 18.49 14.99
N LEU A 283 7.19 17.24 15.04
CA LEU A 283 5.80 16.95 15.37
C LEU A 283 5.37 17.54 16.70
N LEU A 284 6.26 17.51 17.70
CA LEU A 284 5.90 18.07 18.98
C LEU A 284 5.70 19.58 18.88
N LEU A 285 6.53 20.22 18.05
CA LEU A 285 6.40 21.66 17.81
C LEU A 285 5.20 21.91 16.93
N ARG A 286 4.60 20.82 16.50
CA ARG A 286 3.44 20.84 15.67
C ARG A 286 3.64 21.23 14.22
N ARG A 287 4.87 21.20 13.73
CA ARG A 287 5.06 21.54 12.34
C ARG A 287 4.31 20.53 11.49
N PRO A 288 4.03 20.87 10.24
CA PRO A 288 3.30 19.95 9.39
C PRO A 288 4.06 18.66 9.06
N PRO A 289 3.35 17.53 9.17
CA PRO A 289 3.91 16.21 8.87
C PRO A 289 3.67 15.85 7.42
N GLY A 290 4.66 15.19 6.83
CA GLY A 290 4.64 14.69 5.47
C GLY A 290 4.73 13.17 5.53
N ARG A 291 5.11 12.55 4.42
CA ARG A 291 5.27 11.11 4.31
C ARG A 291 6.06 10.53 5.47
N GLU A 292 5.51 9.49 6.08
CA GLU A 292 6.17 8.88 7.22
C GLU A 292 6.23 9.81 8.42
N ALA A 293 5.43 10.87 8.37
CA ALA A 293 5.37 11.83 9.45
C ALA A 293 6.59 12.72 9.54
N TYR A 294 7.43 12.68 8.51
CA TYR A 294 8.62 13.50 8.51
C TYR A 294 8.35 14.95 8.10
N PRO A 295 9.00 15.91 8.75
CA PRO A 295 8.84 17.31 8.38
C PRO A 295 9.30 17.52 6.97
N GLY A 296 8.87 18.63 6.38
CA GLY A 296 9.22 19.00 5.02
C GLY A 296 10.68 19.37 4.80
N ASP A 297 11.42 19.55 5.90
CA ASP A 297 12.84 19.90 5.84
C ASP A 297 13.81 18.83 6.37
N VAL A 298 13.39 17.56 6.33
CA VAL A 298 14.21 16.44 6.77
C VAL A 298 15.30 16.14 5.74
N PHE A 299 15.00 16.38 4.46
CA PHE A 299 15.99 16.17 3.42
C PHE A 299 17.11 17.13 3.67
N TYR A 300 16.72 18.39 3.80
CA TYR A 300 17.59 19.51 4.06
C TYR A 300 18.50 19.23 5.27
N LEU A 301 17.94 18.61 6.31
CA LEU A 301 18.71 18.26 7.51
C LEU A 301 19.94 17.43 7.17
N HIS A 302 19.78 16.49 6.26
CA HIS A 302 20.92 15.66 5.92
C HIS A 302 21.82 16.28 4.87
N SER A 303 21.22 16.90 3.88
CA SER A 303 22.00 17.52 2.84
C SER A 303 22.90 18.58 3.45
N ARG A 304 22.34 19.36 4.35
CA ARG A 304 23.20 20.34 4.94
C ARG A 304 24.32 19.73 5.75
N LEU A 305 24.13 18.49 6.18
CA LEU A 305 25.13 17.78 6.95
C LEU A 305 26.23 17.15 6.11
N LEU A 306 25.78 16.31 5.18
CA LEU A 306 26.64 15.56 4.27
C LEU A 306 27.45 16.38 3.27
N GLU A 307 27.05 17.63 3.02
CA GLU A 307 27.77 18.47 2.08
C GLU A 307 29.04 19.03 2.71
N ARG A 308 29.03 19.10 4.03
CA ARG A 308 30.17 19.63 4.74
C ARG A 308 31.44 18.83 4.56
N ALA A 309 31.28 17.60 4.08
CA ALA A 309 32.42 16.78 3.80
C ALA A 309 32.92 17.12 2.42
N ALA A 310 34.22 17.29 2.26
CA ALA A 310 34.71 17.62 0.93
C ALA A 310 36.22 17.65 0.84
N LYS A 311 36.71 17.62 -0.39
CA LYS A 311 38.14 17.69 -0.65
C LYS A 311 38.53 19.12 -1.02
N MET A 312 39.30 19.79 -0.17
CA MET A 312 39.72 21.17 -0.42
C MET A 312 40.81 21.29 -1.46
N ASN A 313 41.04 22.51 -1.92
CA ASN A 313 42.11 22.76 -2.88
C ASN A 313 43.33 23.25 -2.12
N ASP A 314 44.53 23.00 -2.68
CA ASP A 314 45.77 23.41 -2.05
C ASP A 314 45.71 24.84 -1.64
N ALA A 315 45.00 25.61 -2.45
CA ALA A 315 44.83 27.01 -2.15
C ALA A 315 44.22 27.16 -0.77
N PHE A 316 43.53 26.11 -0.34
CA PHE A 316 42.84 26.06 0.95
C PHE A 316 43.47 25.13 1.97
N GLY A 317 44.46 24.37 1.53
CA GLY A 317 45.11 23.47 2.47
C GLY A 317 45.15 22.03 2.03
N GLY A 318 44.42 21.69 0.97
CA GLY A 318 44.38 20.32 0.46
C GLY A 318 43.80 19.32 1.46
N GLY A 319 43.42 19.78 2.66
CA GLY A 319 42.85 18.90 3.69
C GLY A 319 41.47 18.38 3.28
N SER A 320 41.03 17.26 3.87
CA SER A 320 39.74 16.69 3.50
C SER A 320 38.90 16.17 4.67
N LEU A 321 37.65 15.82 4.38
CA LEU A 321 36.71 15.26 5.33
C LEU A 321 35.84 14.24 4.59
N THR A 322 36.09 12.95 4.82
CA THR A 322 35.34 11.89 4.17
C THR A 322 34.20 11.45 5.07
N ALA A 323 33.04 11.08 4.51
CA ALA A 323 31.95 10.69 5.38
C ALA A 323 31.33 9.33 5.08
N LEU A 324 31.20 8.56 6.15
CA LEU A 324 30.58 7.26 6.12
C LEU A 324 29.34 7.35 7.00
N PRO A 325 28.21 7.71 6.37
CA PRO A 325 26.98 7.85 7.09
C PRO A 325 26.29 6.51 7.01
N VAL A 326 25.63 6.13 8.08
CA VAL A 326 24.94 4.85 8.08
C VAL A 326 23.44 5.04 8.02
N ILE A 327 22.78 4.22 7.20
CA ILE A 327 21.34 4.24 7.07
C ILE A 327 20.81 2.82 7.28
N GLU A 328 19.79 2.70 8.11
CA GLU A 328 19.22 1.39 8.37
C GLU A 328 17.94 1.17 7.60
N THR A 329 17.97 0.37 6.54
CA THR A 329 16.76 0.12 5.79
C THR A 329 15.85 -0.82 6.55
N GLN A 330 14.68 -1.08 5.97
CA GLN A 330 13.69 -1.96 6.54
C GLN A 330 13.21 -2.95 5.51
N ALA A 331 13.48 -4.22 5.76
CA ALA A 331 13.08 -5.25 4.83
C ALA A 331 13.59 -4.93 3.43
N GLY A 332 14.81 -4.39 3.39
CA GLY A 332 15.53 -4.02 2.17
C GLY A 332 14.95 -2.88 1.32
N ASP A 333 13.96 -2.19 1.87
CA ASP A 333 13.28 -1.09 1.20
C ASP A 333 14.11 0.17 1.06
N VAL A 334 15.08 0.15 0.14
CA VAL A 334 15.94 1.31 -0.07
C VAL A 334 15.16 2.53 -0.52
N SER A 335 13.94 2.31 -0.96
CA SER A 335 13.13 3.42 -1.47
C SER A 335 12.29 4.11 -0.44
N ALA A 336 12.40 3.71 0.82
CA ALA A 336 11.61 4.38 1.83
C ALA A 336 12.11 5.81 1.92
N TYR A 337 11.43 6.61 2.70
CA TYR A 337 11.77 8.01 2.81
C TYR A 337 13.22 8.43 3.09
N ILE A 338 13.68 8.21 4.31
CA ILE A 338 15.03 8.61 4.67
C ILE A 338 16.14 7.93 3.88
N PRO A 339 15.98 6.65 3.56
CA PRO A 339 17.00 6.00 2.78
C PRO A 339 17.09 6.67 1.41
N THR A 340 15.94 7.05 0.89
CA THR A 340 15.88 7.72 -0.41
C THR A 340 16.67 9.00 -0.46
N ASN A 341 16.50 9.81 0.58
CA ASN A 341 17.20 11.08 0.62
C ASN A 341 18.70 10.89 0.54
N VAL A 342 19.20 10.23 1.58
CA VAL A 342 20.61 9.96 1.78
C VAL A 342 21.29 9.25 0.62
N ILE A 343 20.57 8.35 -0.01
CA ILE A 343 21.14 7.68 -1.15
C ILE A 343 21.39 8.72 -2.21
N SER A 344 20.38 9.57 -2.36
CA SER A 344 20.37 10.64 -3.32
C SER A 344 21.34 11.75 -3.03
N ILE A 345 21.88 11.77 -1.83
CA ILE A 345 22.77 12.83 -1.44
C ILE A 345 24.26 12.53 -1.55
N THR A 346 24.58 11.27 -1.28
CA THR A 346 25.92 10.69 -1.25
C THR A 346 26.44 10.25 -2.62
N ASP A 347 27.74 10.04 -2.67
CA ASP A 347 28.46 9.67 -3.88
C ASP A 347 28.40 8.20 -4.24
N GLY A 348 27.75 7.43 -3.39
CA GLY A 348 27.60 6.00 -3.60
C GLY A 348 27.09 5.26 -2.38
N GLN A 349 26.95 3.94 -2.52
CA GLN A 349 26.46 3.09 -1.46
C GLN A 349 27.07 1.70 -1.45
N ILE A 350 27.19 1.18 -0.22
CA ILE A 350 27.68 -0.16 0.04
C ILE A 350 26.47 -0.88 0.59
N PHE A 351 25.85 -1.70 -0.25
CA PHE A 351 24.64 -2.41 0.09
C PHE A 351 24.83 -3.79 0.74
N LEU A 352 24.44 -3.93 2.01
CA LEU A 352 24.59 -5.20 2.74
C LEU A 352 23.30 -6.03 2.75
N GLU A 353 23.41 -7.35 2.56
CA GLU A 353 22.23 -8.20 2.58
C GLU A 353 22.36 -9.34 3.55
N THR A 354 21.23 -9.66 4.19
CA THR A 354 21.10 -10.74 5.14
C THR A 354 21.26 -12.08 4.44
N GLU A 355 20.62 -12.20 3.27
CA GLU A 355 20.69 -13.42 2.50
C GLU A 355 22.15 -13.72 2.28
N LEU A 356 22.86 -12.73 1.77
CA LEU A 356 24.28 -12.86 1.52
C LEU A 356 25.00 -13.33 2.76
N PHE A 357 24.87 -12.53 3.80
CA PHE A 357 25.47 -12.80 5.10
C PHE A 357 25.31 -14.26 5.51
N TYR A 358 24.06 -14.72 5.64
CA TYR A 358 23.81 -16.10 6.03
C TYR A 358 24.38 -17.11 5.04
N LYS A 359 24.38 -16.74 3.76
CA LYS A 359 24.93 -17.62 2.76
C LYS A 359 26.43 -17.81 2.93
N GLY A 360 27.07 -17.03 3.78
CA GLY A 360 28.50 -17.17 3.96
C GLY A 360 29.32 -15.99 3.45
N ILE A 361 28.70 -15.09 2.72
CA ILE A 361 29.38 -13.91 2.22
C ILE A 361 29.51 -12.88 3.33
N ARG A 362 30.69 -12.75 3.91
CA ARG A 362 30.91 -11.80 4.98
C ARG A 362 32.23 -11.11 4.78
N PRO A 363 32.22 -9.79 4.67
CA PRO A 363 31.06 -8.91 4.74
C PRO A 363 30.01 -9.13 3.64
N ALA A 364 28.75 -8.96 4.03
CA ALA A 364 27.60 -9.14 3.16
C ALA A 364 27.41 -8.10 2.05
N ILE A 365 28.50 -7.56 1.51
CA ILE A 365 28.39 -6.57 0.46
C ILE A 365 27.78 -7.11 -0.83
N ASN A 366 26.67 -6.51 -1.26
CA ASN A 366 26.06 -6.91 -2.51
C ASN A 366 26.83 -6.15 -3.56
N VAL A 367 27.80 -6.81 -4.17
CA VAL A 367 28.63 -6.13 -5.13
C VAL A 367 27.92 -5.50 -6.31
N GLY A 368 26.93 -6.19 -6.84
CA GLY A 368 26.18 -5.70 -7.98
C GLY A 368 25.52 -4.35 -7.72
N LEU A 369 24.91 -4.21 -6.55
CA LEU A 369 24.15 -3.02 -6.22
C LEU A 369 24.90 -1.89 -5.54
N SER A 370 26.14 -2.15 -5.12
CA SER A 370 26.93 -1.13 -4.46
C SER A 370 27.60 -0.22 -5.49
N VAL A 371 27.94 1.03 -5.10
CA VAL A 371 28.55 1.92 -6.07
C VAL A 371 29.47 2.94 -5.46
N SER A 372 30.30 3.47 -6.33
CA SER A 372 31.19 4.54 -6.01
C SER A 372 31.25 5.48 -7.18
N ARG A 373 30.54 6.60 -7.06
CA ARG A 373 30.57 7.56 -8.15
C ARG A 373 32.01 7.95 -8.42
N VAL A 374 32.78 8.25 -7.35
CA VAL A 374 34.19 8.62 -7.46
C VAL A 374 35.02 7.62 -8.25
N GLY A 375 34.73 6.33 -8.05
CA GLY A 375 35.40 5.23 -8.74
C GLY A 375 36.92 5.15 -8.62
N SER A 376 37.53 4.69 -9.72
CA SER A 376 38.96 4.51 -9.88
C SER A 376 39.76 5.76 -9.62
N ALA A 377 39.12 6.91 -9.71
CA ALA A 377 39.81 8.16 -9.45
C ALA A 377 40.38 8.17 -8.03
N ALA A 378 39.96 7.17 -7.25
CA ALA A 378 40.36 6.97 -5.88
C ALA A 378 41.14 5.67 -5.66
N GLN A 379 41.24 4.83 -6.70
CA GLN A 379 41.98 3.58 -6.63
C GLN A 379 43.42 3.80 -7.00
N THR A 380 44.32 3.02 -6.42
CA THR A 380 45.72 3.15 -6.75
C THR A 380 45.97 2.44 -8.07
N ARG A 381 47.10 2.71 -8.72
CA ARG A 381 47.34 2.03 -9.99
C ARG A 381 47.50 0.54 -9.82
N ALA A 382 48.01 0.17 -8.65
CA ALA A 382 48.21 -1.21 -8.32
C ALA A 382 46.88 -1.93 -8.36
N MET A 383 45.95 -1.42 -7.56
CA MET A 383 44.61 -1.96 -7.43
C MET A 383 43.85 -2.05 -8.75
N LYS A 384 43.86 -0.94 -9.49
CA LYS A 384 43.20 -0.90 -10.77
C LYS A 384 43.71 -2.03 -11.62
N GLN A 385 45.04 -2.18 -11.57
CA GLN A 385 45.74 -3.21 -12.30
C GLN A 385 45.10 -4.58 -12.13
N VAL A 386 44.37 -4.75 -11.03
CA VAL A 386 43.71 -6.01 -10.76
C VAL A 386 42.21 -5.88 -10.61
N ALA A 387 41.79 -4.83 -9.91
CA ALA A 387 40.39 -4.56 -9.66
C ALA A 387 39.55 -4.62 -10.92
N GLY A 388 40.10 -4.04 -11.99
CA GLY A 388 39.47 -3.97 -13.28
C GLY A 388 39.02 -5.31 -13.84
N THR A 389 39.90 -6.28 -13.92
CA THR A 389 39.44 -7.54 -14.47
C THR A 389 38.51 -8.28 -13.53
N MET A 390 38.75 -8.11 -12.24
CA MET A 390 37.93 -8.74 -11.23
C MET A 390 36.48 -8.32 -11.38
N LYS A 391 36.32 -6.99 -11.40
CA LYS A 391 35.01 -6.39 -11.55
C LYS A 391 34.28 -7.00 -12.73
N LEU A 392 35.03 -7.20 -13.81
CA LEU A 392 34.52 -7.76 -15.05
C LEU A 392 34.08 -9.22 -15.04
N GLU A 393 34.88 -10.10 -14.42
CA GLU A 393 34.52 -11.52 -14.36
C GLU A 393 33.35 -11.71 -13.44
N LEU A 394 33.36 -10.93 -12.36
CA LEU A 394 32.27 -10.99 -11.42
C LEU A 394 30.97 -10.66 -12.11
N ALA A 395 30.92 -9.48 -12.75
CA ALA A 395 29.74 -9.05 -13.49
C ALA A 395 29.27 -10.14 -14.44
N GLN A 396 30.26 -10.79 -15.05
CA GLN A 396 30.04 -11.88 -15.99
C GLN A 396 29.51 -13.14 -15.34
N TYR A 397 29.88 -13.35 -14.09
CA TYR A 397 29.43 -14.49 -13.31
C TYR A 397 27.98 -14.23 -12.92
N ARG A 398 27.78 -13.01 -12.41
CA ARG A 398 26.48 -12.56 -11.99
C ARG A 398 25.44 -12.82 -13.06
N GLU A 399 25.84 -12.74 -14.33
CA GLU A 399 24.90 -13.01 -15.40
C GLU A 399 24.51 -14.47 -15.45
N VAL A 400 25.48 -15.35 -15.22
CA VAL A 400 25.26 -16.78 -15.29
C VAL A 400 24.94 -17.54 -14.00
N ALA A 401 25.41 -17.02 -12.86
CA ALA A 401 25.25 -17.61 -11.53
C ALA A 401 24.06 -18.53 -11.31
N ALA A 402 22.88 -18.00 -11.58
CA ALA A 402 21.65 -18.75 -11.41
C ALA A 402 21.63 -20.11 -12.09
N PHE A 403 22.36 -20.22 -13.19
CA PHE A 403 22.42 -21.46 -13.94
C PHE A 403 23.06 -22.62 -13.26
N ALA A 404 24.15 -22.34 -12.53
CA ALA A 404 24.94 -23.34 -11.82
C ALA A 404 24.13 -24.51 -11.29
N GLN A 405 23.33 -24.24 -10.26
CA GLN A 405 22.49 -25.23 -9.61
C GLN A 405 21.58 -26.08 -10.50
N PHE A 406 21.59 -25.86 -11.80
CA PHE A 406 20.75 -26.63 -12.72
C PHE A 406 21.48 -26.82 -14.05
N GLY A 407 22.76 -26.44 -14.05
CA GLY A 407 23.60 -26.53 -15.22
C GLY A 407 23.91 -27.97 -15.61
N SER A 408 22.84 -28.74 -15.88
CA SER A 408 22.92 -30.15 -16.26
C SER A 408 23.78 -30.43 -17.48
N ASP A 409 24.21 -29.37 -18.17
CA ASP A 409 25.03 -29.56 -19.36
C ASP A 409 25.43 -28.26 -20.04
N LEU A 410 26.09 -27.37 -19.30
CA LEU A 410 26.52 -26.10 -19.88
C LEU A 410 27.85 -26.23 -20.61
N ASP A 411 28.00 -25.43 -21.66
CA ASP A 411 29.22 -25.42 -22.42
C ASP A 411 30.36 -25.05 -21.50
N ALA A 412 31.59 -25.34 -21.92
CA ALA A 412 32.73 -24.99 -21.09
C ALA A 412 33.03 -23.50 -21.12
N ALA A 413 32.37 -22.77 -22.01
CA ALA A 413 32.57 -21.34 -22.09
C ALA A 413 32.08 -20.70 -20.81
N THR A 414 30.77 -20.83 -20.57
CA THR A 414 30.13 -20.29 -19.39
C THR A 414 30.55 -21.04 -18.14
N GLN A 415 30.78 -22.34 -18.31
CA GLN A 415 31.21 -23.19 -17.20
C GLN A 415 32.48 -22.63 -16.61
N GLN A 416 33.22 -21.93 -17.47
CA GLN A 416 34.45 -21.29 -17.06
C GLN A 416 34.13 -20.13 -16.14
N LEU A 417 33.23 -19.25 -16.60
CA LEU A 417 32.86 -18.12 -15.77
C LEU A 417 32.24 -18.51 -14.45
N LEU A 418 31.62 -19.69 -14.40
CA LEU A 418 31.07 -20.12 -13.14
C LEU A 418 32.19 -20.34 -12.14
N SER A 419 33.25 -20.98 -12.62
CA SER A 419 34.43 -21.26 -11.81
C SER A 419 35.12 -20.02 -11.34
N ARG A 420 35.45 -19.15 -12.28
CA ARG A 420 36.11 -17.91 -11.95
C ARG A 420 35.25 -17.19 -10.92
N GLY A 421 33.95 -17.22 -11.18
CA GLY A 421 32.98 -16.60 -10.31
C GLY A 421 33.11 -16.98 -8.84
N VAL A 422 32.93 -18.27 -8.53
CA VAL A 422 33.01 -18.73 -7.16
C VAL A 422 34.34 -18.48 -6.49
N ARG A 423 35.44 -18.57 -7.25
CA ARG A 423 36.74 -18.32 -6.65
C ARG A 423 36.92 -16.87 -6.26
N LEU A 424 36.68 -15.99 -7.24
CA LEU A 424 36.79 -14.56 -7.00
C LEU A 424 35.91 -14.18 -5.82
N THR A 425 34.70 -14.75 -5.80
CA THR A 425 33.75 -14.52 -4.73
C THR A 425 34.34 -14.88 -3.37
N GLU A 426 35.00 -16.04 -3.33
CA GLU A 426 35.63 -16.52 -2.11
C GLU A 426 36.75 -15.61 -1.69
N LEU A 427 37.36 -14.96 -2.67
CA LEU A 427 38.46 -14.05 -2.41
C LEU A 427 37.98 -12.79 -1.71
N LEU A 428 36.74 -12.42 -2.01
CA LEU A 428 36.15 -11.23 -1.43
C LEU A 428 35.75 -11.38 0.02
N LYS A 429 35.64 -12.62 0.49
CA LYS A 429 35.29 -12.87 1.89
C LYS A 429 36.29 -12.23 2.82
N GLN A 430 35.90 -12.03 4.08
CA GLN A 430 36.82 -11.42 5.02
C GLN A 430 36.37 -11.46 6.45
N GLY A 431 37.35 -11.69 7.31
CA GLY A 431 37.11 -11.70 8.72
C GLY A 431 37.08 -10.23 9.14
N GLN A 432 36.60 -10.03 10.35
CA GLN A 432 36.45 -8.73 10.96
C GLN A 432 37.73 -8.34 11.70
N TYR A 433 37.86 -7.06 12.03
CA TYR A 433 39.01 -6.58 12.77
C TYR A 433 40.36 -6.83 12.13
N SER A 434 40.38 -7.16 10.86
CA SER A 434 41.65 -7.40 10.22
C SER A 434 41.73 -6.80 8.81
N PRO A 435 41.82 -5.47 8.78
CA PRO A 435 41.91 -4.68 7.55
C PRO A 435 43.26 -4.86 6.88
N MET A 436 43.31 -5.15 5.58
CA MET A 436 44.63 -5.32 4.95
C MET A 436 45.23 -4.13 4.23
N ALA A 437 46.56 -4.17 4.08
CA ALA A 437 47.27 -3.13 3.37
C ALA A 437 47.02 -3.31 1.89
N ILE A 438 46.89 -2.20 1.17
CA ILE A 438 46.61 -2.26 -0.24
C ILE A 438 47.47 -3.23 -1.04
N GLU A 439 48.73 -3.41 -0.62
CA GLU A 439 49.67 -4.31 -1.30
C GLU A 439 49.35 -5.79 -1.11
N GLU A 440 48.82 -6.14 0.06
CA GLU A 440 48.44 -7.49 0.43
C GLU A 440 47.19 -7.91 -0.33
N GLN A 441 46.27 -6.95 -0.47
CA GLN A 441 45.02 -7.18 -1.18
C GLN A 441 45.32 -7.49 -2.64
N VAL A 442 46.14 -6.66 -3.29
CA VAL A 442 46.43 -6.93 -4.68
C VAL A 442 47.12 -8.28 -4.89
N ALA A 443 48.03 -8.64 -4.00
CA ALA A 443 48.74 -9.91 -4.11
C ALA A 443 47.79 -11.10 -4.14
N VAL A 444 46.81 -11.07 -3.24
CA VAL A 444 45.80 -12.10 -3.12
C VAL A 444 44.87 -12.10 -4.33
N ILE A 445 44.32 -10.93 -4.65
CA ILE A 445 43.44 -10.77 -5.78
C ILE A 445 44.11 -11.29 -7.05
N TYR A 446 45.38 -10.91 -7.20
CA TYR A 446 46.18 -11.33 -8.33
C TYR A 446 46.14 -12.85 -8.50
N ALA A 447 46.20 -13.57 -7.37
CA ALA A 447 46.18 -15.02 -7.40
C ALA A 447 44.98 -15.59 -8.15
N GLY A 448 43.79 -15.20 -7.72
CA GLY A 448 42.59 -15.71 -8.36
C GLY A 448 42.41 -15.19 -9.77
N VAL A 449 42.54 -13.87 -9.89
CA VAL A 449 42.38 -13.11 -11.13
C VAL A 449 43.23 -13.62 -12.28
N ARG A 450 44.45 -14.05 -11.96
CA ARG A 450 45.38 -14.59 -12.94
C ARG A 450 45.01 -16.03 -13.29
N GLY A 451 44.17 -16.62 -12.46
CA GLY A 451 43.74 -17.99 -12.67
C GLY A 451 44.41 -19.04 -11.78
N TYR A 452 45.33 -18.62 -10.92
CA TYR A 452 45.99 -19.58 -10.06
C TYR A 452 45.09 -20.43 -9.18
N LEU A 453 43.93 -19.91 -8.77
CA LEU A 453 43.08 -20.72 -7.92
C LEU A 453 41.96 -21.45 -8.66
N ASP A 454 41.91 -21.30 -9.99
CA ASP A 454 40.86 -21.94 -10.76
C ASP A 454 40.72 -23.44 -10.54
N LYS A 455 41.85 -24.13 -10.40
CA LYS A 455 41.81 -25.57 -10.22
C LYS A 455 41.66 -25.96 -8.76
N LEU A 456 41.89 -24.98 -7.88
CA LEU A 456 41.79 -25.14 -6.44
C LEU A 456 40.34 -25.43 -6.08
N GLU A 457 40.12 -25.97 -4.89
CA GLU A 457 38.78 -26.27 -4.44
C GLU A 457 38.15 -25.09 -3.71
N PRO A 458 36.93 -24.70 -4.09
CA PRO A 458 36.23 -23.59 -3.48
C PRO A 458 36.28 -23.61 -1.97
N SER A 459 36.23 -24.82 -1.43
CA SER A 459 36.29 -24.99 0.00
C SER A 459 37.65 -24.59 0.58
N LYS A 460 38.65 -24.43 -0.29
CA LYS A 460 39.99 -24.09 0.18
C LYS A 460 40.46 -22.66 -0.02
N ILE A 461 39.81 -21.89 -0.88
CA ILE A 461 40.27 -20.52 -1.13
C ILE A 461 40.52 -19.70 0.12
N THR A 462 39.63 -19.81 1.09
CA THR A 462 39.75 -19.08 2.33
C THR A 462 41.03 -19.45 3.07
N LYS A 463 41.33 -20.75 3.11
CA LYS A 463 42.51 -21.30 3.75
C LYS A 463 43.77 -20.89 3.00
N PHE A 464 43.68 -21.03 1.69
CA PHE A 464 44.77 -20.68 0.80
C PHE A 464 45.28 -19.28 1.06
N GLU A 465 44.39 -18.32 0.83
CA GLU A 465 44.70 -16.90 1.01
C GLU A 465 45.42 -16.63 2.32
N ASN A 466 44.80 -17.12 3.38
CA ASN A 466 45.26 -16.98 4.72
C ASN A 466 46.74 -17.32 4.88
N ALA A 467 47.06 -18.52 4.41
CA ALA A 467 48.38 -19.11 4.43
C ALA A 467 49.32 -18.46 3.43
N PHE A 468 48.79 -18.21 2.26
CA PHE A 468 49.56 -17.59 1.22
C PHE A 468 50.00 -16.21 1.67
N LEU A 469 49.02 -15.46 2.18
CA LEU A 469 49.27 -14.11 2.64
C LEU A 469 50.19 -14.07 3.85
N SER A 470 50.15 -15.14 4.66
CA SER A 470 50.99 -15.24 5.84
C SER A 470 52.42 -15.40 5.40
N HIS A 471 52.56 -16.16 4.32
CA HIS A 471 53.83 -16.47 3.71
C HIS A 471 54.55 -15.24 3.17
N VAL A 472 53.87 -14.51 2.27
CA VAL A 472 54.37 -13.30 1.64
C VAL A 472 54.62 -12.17 2.63
N ILE A 473 53.81 -12.12 3.68
CA ILE A 473 53.97 -11.09 4.69
C ILE A 473 55.19 -11.40 5.54
N SER A 474 55.53 -12.69 5.55
CA SER A 474 56.65 -13.22 6.28
C SER A 474 57.92 -13.18 5.46
N GLN A 475 57.91 -14.02 4.43
CA GLN A 475 59.01 -14.22 3.52
C GLN A 475 59.28 -13.09 2.52
N HIS A 476 58.23 -12.66 1.83
CA HIS A 476 58.33 -11.66 0.77
C HIS A 476 58.02 -10.21 1.07
N GLN A 477 58.49 -9.67 2.18
CA GLN A 477 58.19 -8.28 2.45
C GLN A 477 58.89 -7.29 1.53
N ALA A 478 59.70 -7.80 0.62
CA ALA A 478 60.40 -6.92 -0.29
C ALA A 478 59.62 -6.66 -1.57
N LEU A 479 58.87 -7.67 -2.02
CA LEU A 479 58.04 -7.60 -3.22
C LEU A 479 56.84 -6.71 -2.92
N LEU A 480 56.27 -6.92 -1.74
CA LEU A 480 55.13 -6.14 -1.34
C LEU A 480 55.59 -4.69 -1.24
N GLY A 481 56.79 -4.51 -0.72
CA GLY A 481 57.37 -3.18 -0.59
C GLY A 481 57.45 -2.56 -1.96
N LYS A 482 57.91 -3.37 -2.90
CA LYS A 482 57.98 -2.95 -4.29
C LYS A 482 56.63 -2.46 -4.76
N ILE A 483 55.68 -3.43 -4.78
CA ILE A 483 54.30 -3.23 -5.19
C ILE A 483 53.76 -1.94 -4.63
N ARG A 484 54.00 -1.77 -3.34
CA ARG A 484 53.62 -0.57 -2.64
C ARG A 484 54.28 0.60 -3.35
N THR A 485 55.60 0.66 -3.19
CA THR A 485 56.42 1.69 -3.79
C THR A 485 56.12 1.95 -5.25
N ASP A 486 56.46 1.01 -6.13
CA ASP A 486 56.21 1.18 -7.54
C ASP A 486 54.77 1.51 -7.86
N GLY A 487 53.91 1.39 -6.86
CA GLY A 487 52.50 1.67 -7.02
C GLY A 487 51.78 0.75 -7.98
N LYS A 488 52.51 -0.13 -8.65
CA LYS A 488 51.87 -1.04 -9.58
C LYS A 488 52.55 -2.41 -9.60
N ILE A 489 52.12 -3.26 -10.52
CA ILE A 489 52.73 -4.57 -10.64
C ILE A 489 53.68 -4.57 -11.82
N SER A 490 54.96 -4.35 -11.53
CA SER A 490 55.95 -4.33 -12.57
C SER A 490 56.05 -5.68 -13.24
N GLU A 491 56.53 -5.67 -14.45
CA GLU A 491 56.68 -6.88 -15.21
C GLU A 491 57.49 -7.92 -14.43
N GLU A 492 58.40 -7.40 -13.62
CA GLU A 492 59.29 -8.17 -12.76
C GLU A 492 58.53 -8.82 -11.63
N SER A 493 58.08 -7.96 -10.72
CA SER A 493 57.34 -8.38 -9.56
C SER A 493 56.22 -9.30 -9.98
N ASP A 494 55.76 -9.10 -11.20
CA ASP A 494 54.72 -9.92 -11.74
C ASP A 494 55.20 -11.36 -11.85
N ALA A 495 56.42 -11.52 -12.40
CA ALA A 495 57.05 -12.81 -12.58
C ALA A 495 57.39 -13.44 -11.25
N LYS A 496 57.83 -12.59 -10.33
CA LYS A 496 58.16 -13.10 -9.03
C LYS A 496 56.93 -13.67 -8.35
N LEU A 497 55.80 -13.02 -8.56
CA LEU A 497 54.52 -13.46 -7.99
C LEU A 497 54.11 -14.79 -8.57
N LYS A 498 54.37 -14.94 -9.87
CA LYS A 498 54.02 -16.16 -10.57
C LYS A 498 54.69 -17.36 -9.93
N GLU A 499 55.98 -17.23 -9.68
CA GLU A 499 56.71 -18.30 -9.06
C GLU A 499 56.23 -18.52 -7.62
N ILE A 500 56.13 -17.41 -6.88
CA ILE A 500 55.68 -17.44 -5.50
C ILE A 500 54.37 -18.19 -5.33
N VAL A 501 53.43 -18.01 -6.25
CA VAL A 501 52.15 -18.69 -6.10
C VAL A 501 52.17 -20.11 -6.62
N THR A 502 52.86 -20.29 -7.75
CA THR A 502 52.94 -21.59 -8.37
C THR A 502 53.67 -22.60 -7.51
N ASN A 503 54.60 -22.12 -6.72
CA ASN A 503 55.33 -23.02 -5.87
C ASN A 503 54.54 -23.30 -4.60
N PHE A 504 53.97 -22.23 -4.06
CA PHE A 504 53.14 -22.28 -2.87
C PHE A 504 51.95 -23.18 -3.10
N LEU A 505 51.31 -23.00 -4.26
CA LEU A 505 50.17 -23.84 -4.58
C LEU A 505 50.54 -25.30 -4.56
N ALA A 506 51.66 -25.61 -5.23
CA ALA A 506 52.18 -26.95 -5.30
C ALA A 506 52.29 -27.51 -3.91
N GLY A 507 53.00 -26.72 -3.09
CA GLY A 507 53.20 -27.07 -1.71
C GLY A 507 51.84 -27.34 -1.11
N PHE A 508 50.95 -26.37 -1.31
CA PHE A 508 49.59 -26.43 -0.81
C PHE A 508 48.83 -27.73 -1.08
N GLU A 509 48.91 -28.28 -2.28
CA GLU A 509 48.16 -29.49 -2.59
C GLU A 509 48.95 -30.80 -2.49
N ALA A 510 49.82 -30.85 -1.50
CA ALA A 510 50.63 -32.02 -1.26
C ALA A 510 49.88 -33.00 -0.37
N ASP B 24 -19.87 49.93 0.99
CA ASP B 24 -21.01 49.09 0.64
C ASP B 24 -20.70 47.63 0.75
N LEU B 25 -21.12 47.03 1.85
CA LEU B 25 -20.87 45.63 2.10
C LEU B 25 -21.99 44.71 1.64
N GLU B 26 -22.97 45.27 0.93
CA GLU B 26 -24.09 44.48 0.44
C GLU B 26 -23.79 43.82 -0.90
N GLU B 27 -23.24 44.61 -1.80
CA GLU B 27 -22.91 44.14 -3.14
C GLU B 27 -21.42 44.08 -3.38
N THR B 28 -20.66 44.49 -2.37
CA THR B 28 -19.22 44.53 -2.47
C THR B 28 -18.58 43.86 -1.27
N GLY B 29 -17.28 43.66 -1.38
CA GLY B 29 -16.51 43.06 -0.32
C GLY B 29 -15.05 43.39 -0.53
N ARG B 30 -14.30 43.31 0.55
CA ARG B 30 -12.86 43.53 0.53
C ARG B 30 -12.22 42.20 0.90
N VAL B 31 -11.17 41.79 0.19
CA VAL B 31 -10.51 40.52 0.47
C VAL B 31 -9.88 40.47 1.86
N LEU B 32 -10.15 39.38 2.62
CA LEU B 32 -9.59 39.19 3.95
C LEU B 32 -8.26 38.48 3.88
N SER B 33 -8.17 37.58 2.91
CA SER B 33 -6.97 36.79 2.73
C SER B 33 -7.02 35.93 1.49
N ILE B 34 -5.94 35.94 0.72
CA ILE B 34 -5.82 35.12 -0.46
C ILE B 34 -4.68 34.15 -0.22
N GLY B 35 -4.90 32.87 -0.50
CA GLY B 35 -3.90 31.84 -0.31
C GLY B 35 -4.42 30.46 -0.71
N ASP B 36 -3.66 29.77 -1.54
CA ASP B 36 -4.13 28.46 -1.94
C ASP B 36 -5.42 28.54 -2.74
N GLY B 37 -5.47 29.56 -3.58
CA GLY B 37 -6.59 29.77 -4.50
C GLY B 37 -7.96 29.92 -3.86
N ILE B 38 -8.00 30.28 -2.61
CA ILE B 38 -9.27 30.49 -1.97
C ILE B 38 -9.23 31.84 -1.32
N ALA B 39 -9.99 32.77 -1.89
CA ALA B 39 -10.04 34.11 -1.37
C ALA B 39 -11.14 34.22 -0.35
N ARG B 40 -10.80 34.69 0.84
CA ARG B 40 -11.82 34.83 1.85
C ARG B 40 -12.24 36.29 1.91
N VAL B 41 -13.38 36.58 1.29
CA VAL B 41 -13.93 37.92 1.20
C VAL B 41 -14.87 38.29 2.35
N HIS B 42 -14.73 39.53 2.81
CA HIS B 42 -15.57 40.07 3.88
C HIS B 42 -16.66 40.91 3.24
N GLY B 43 -17.91 40.68 3.60
CA GLY B 43 -18.96 41.44 2.97
C GLY B 43 -19.66 40.61 1.91
N LEU B 44 -20.13 41.27 0.84
CA LEU B 44 -20.83 40.56 -0.21
C LEU B 44 -22.07 39.91 0.41
N ARG B 45 -22.70 40.61 1.33
CA ARG B 45 -23.88 40.07 2.00
C ARG B 45 -24.96 39.58 1.06
N ASN B 46 -24.99 40.13 -0.15
CA ASN B 46 -26.03 39.75 -1.08
C ASN B 46 -25.73 38.63 -2.05
N VAL B 47 -24.46 38.20 -2.18
CA VAL B 47 -24.18 37.12 -3.12
C VAL B 47 -25.03 35.89 -2.88
N GLN B 48 -25.34 35.21 -3.96
CA GLN B 48 -26.07 33.97 -3.90
C GLN B 48 -25.00 32.91 -3.95
N ALA B 49 -25.31 31.68 -3.57
CA ALA B 49 -24.27 30.68 -3.67
C ALA B 49 -24.04 30.38 -5.15
N GLU B 50 -22.77 30.18 -5.53
CA GLU B 50 -22.42 29.89 -6.91
C GLU B 50 -22.52 31.03 -7.92
N GLU B 51 -22.57 32.24 -7.41
CA GLU B 51 -22.65 33.42 -8.25
C GLU B 51 -21.24 33.88 -8.58
N MET B 52 -21.05 34.36 -9.81
CA MET B 52 -19.79 34.89 -10.25
C MET B 52 -19.57 36.20 -9.51
N VAL B 53 -18.33 36.55 -9.20
CA VAL B 53 -18.03 37.81 -8.57
C VAL B 53 -16.78 38.34 -9.27
N GLU B 54 -16.44 39.61 -9.10
CA GLU B 54 -15.28 40.14 -9.79
C GLU B 54 -14.24 40.73 -8.86
N PHE B 55 -12.97 40.52 -9.21
CA PHE B 55 -11.90 41.08 -8.41
C PHE B 55 -11.39 42.37 -9.01
N SER B 56 -10.88 43.27 -8.14
CA SER B 56 -10.33 44.56 -8.55
C SER B 56 -9.50 44.45 -9.83
N SER B 57 -8.85 43.29 -9.95
CA SER B 57 -7.99 42.95 -11.07
C SER B 57 -8.68 42.30 -12.27
N GLY B 58 -9.99 42.49 -12.38
CA GLY B 58 -10.72 41.89 -13.49
C GLY B 58 -10.70 40.36 -13.45
N LEU B 59 -10.28 39.80 -12.32
CA LEU B 59 -10.20 38.36 -12.15
C LEU B 59 -11.59 37.87 -11.74
N LYS B 60 -11.92 36.62 -12.06
CA LYS B 60 -13.23 36.09 -11.71
C LYS B 60 -13.23 35.00 -10.65
N GLY B 61 -14.36 34.83 -9.98
CA GLY B 61 -14.43 33.81 -8.95
C GLY B 61 -15.84 33.31 -8.72
N MET B 62 -15.92 32.21 -8.02
CA MET B 62 -17.20 31.63 -7.72
C MET B 62 -17.47 31.65 -6.24
N SER B 63 -18.67 32.04 -5.85
CA SER B 63 -18.98 32.03 -4.44
C SER B 63 -19.28 30.61 -4.02
N LEU B 64 -18.30 29.98 -3.37
CA LEU B 64 -18.42 28.60 -2.94
C LEU B 64 -19.08 28.46 -1.58
N ASN B 65 -18.45 29.05 -0.57
CA ASN B 65 -18.99 28.98 0.77
C ASN B 65 -19.62 30.26 1.21
N LEU B 66 -20.84 30.15 1.71
CA LEU B 66 -21.52 31.28 2.27
C LEU B 66 -21.54 31.04 3.78
N GLU B 67 -20.58 31.65 4.45
CA GLU B 67 -20.43 31.50 5.89
C GLU B 67 -20.87 32.74 6.61
N PRO B 68 -21.26 32.57 7.86
CA PRO B 68 -21.73 33.64 8.70
C PRO B 68 -20.93 34.91 8.72
N ASP B 69 -19.70 34.90 8.25
CA ASP B 69 -18.98 36.14 8.31
C ASP B 69 -17.87 36.25 7.31
N ASN B 70 -18.18 35.75 6.12
CA ASN B 70 -17.26 35.76 5.01
C ASN B 70 -17.78 34.86 3.90
N VAL B 71 -17.22 35.04 2.71
CA VAL B 71 -17.60 34.24 1.57
C VAL B 71 -16.36 33.57 1.01
N GLY B 72 -16.35 32.25 0.96
CA GLY B 72 -15.18 31.61 0.41
C GLY B 72 -15.28 31.65 -1.10
N VAL B 73 -14.38 32.34 -1.77
CA VAL B 73 -14.45 32.41 -3.21
C VAL B 73 -13.33 31.62 -3.91
N VAL B 74 -13.73 30.89 -4.96
CA VAL B 74 -12.88 30.07 -5.83
C VAL B 74 -12.41 30.89 -7.02
N VAL B 75 -11.16 31.35 -6.98
CA VAL B 75 -10.59 32.22 -8.00
C VAL B 75 -10.29 31.47 -9.30
N PHE B 76 -10.82 31.98 -10.42
CA PHE B 76 -10.65 31.38 -11.74
C PHE B 76 -9.41 31.84 -12.47
N GLY B 77 -8.33 32.04 -11.72
CA GLY B 77 -7.07 32.45 -12.34
C GLY B 77 -5.94 32.36 -11.33
N ASN B 78 -4.83 33.06 -11.61
CA ASN B 78 -3.70 33.07 -10.69
C ASN B 78 -4.05 33.96 -9.50
N ASP B 79 -3.94 33.42 -8.29
CA ASP B 79 -4.24 34.20 -7.12
C ASP B 79 -3.14 35.17 -6.73
N LYS B 80 -2.10 35.30 -7.56
CA LYS B 80 -1.03 36.22 -7.25
C LYS B 80 -1.60 37.63 -7.30
N LEU B 81 -2.50 37.78 -8.26
CA LEU B 81 -3.18 39.02 -8.55
C LEU B 81 -4.02 39.55 -7.40
N ILE B 82 -4.55 38.67 -6.57
CA ILE B 82 -5.39 39.11 -5.46
C ILE B 82 -4.60 39.40 -4.20
N LYS B 83 -5.04 40.40 -3.44
CA LYS B 83 -4.36 40.74 -2.21
C LYS B 83 -5.34 41.06 -1.11
N GLU B 84 -4.84 41.05 0.11
CA GLU B 84 -5.67 41.37 1.23
C GLU B 84 -6.22 42.77 1.01
N GLY B 85 -7.52 42.95 1.15
CA GLY B 85 -8.09 44.28 0.96
C GLY B 85 -8.73 44.56 -0.40
N ASP B 86 -8.35 43.85 -1.47
CA ASP B 86 -8.92 44.08 -2.81
C ASP B 86 -10.43 44.14 -2.79
N ILE B 87 -11.01 44.87 -3.75
CA ILE B 87 -12.46 44.96 -3.81
C ILE B 87 -13.03 43.81 -4.61
N VAL B 88 -14.14 43.27 -4.12
CA VAL B 88 -14.83 42.19 -4.78
C VAL B 88 -16.26 42.61 -5.03
N LYS B 89 -16.68 42.61 -6.29
CA LYS B 89 -18.03 43.03 -6.63
C LYS B 89 -18.88 41.90 -7.19
N ARG B 90 -20.15 41.88 -6.79
CA ARG B 90 -21.04 40.86 -7.30
C ARG B 90 -21.24 41.06 -8.80
N THR B 91 -22.06 40.21 -9.39
CA THR B 91 -22.39 40.25 -10.80
C THR B 91 -23.79 39.72 -10.96
N GLY B 92 -24.33 39.34 -9.81
CA GLY B 92 -25.67 38.78 -9.66
C GLY B 92 -25.90 37.58 -10.55
N ALA B 93 -24.82 37.03 -11.10
CA ALA B 93 -24.99 35.91 -11.98
C ALA B 93 -24.39 34.60 -11.51
N ILE B 94 -25.21 33.54 -11.48
CA ILE B 94 -24.69 32.22 -11.15
C ILE B 94 -23.77 31.91 -12.33
N VAL B 95 -22.56 31.36 -12.10
CA VAL B 95 -21.58 31.04 -13.14
C VAL B 95 -22.21 30.58 -14.45
N ASP B 96 -21.91 31.28 -15.54
CA ASP B 96 -22.49 30.92 -16.82
C ASP B 96 -21.52 31.23 -17.92
N VAL B 97 -21.91 31.00 -19.17
CA VAL B 97 -21.03 31.29 -20.27
C VAL B 97 -21.74 31.57 -21.57
N PRO B 98 -21.03 32.28 -22.43
CA PRO B 98 -21.44 32.54 -23.79
C PRO B 98 -21.86 31.26 -24.45
N VAL B 99 -22.96 31.33 -25.17
CA VAL B 99 -23.50 30.17 -25.82
C VAL B 99 -24.10 30.54 -27.15
N GLY B 100 -24.04 29.64 -28.12
CA GLY B 100 -24.62 29.97 -29.41
C GLY B 100 -23.71 29.61 -30.56
N GLU B 101 -24.29 29.63 -31.76
CA GLU B 101 -23.59 29.30 -32.97
C GLU B 101 -22.36 30.17 -33.26
N GLU B 102 -22.31 31.37 -32.68
CA GLU B 102 -21.17 32.24 -32.92
C GLU B 102 -19.90 31.83 -32.19
N LEU B 103 -19.87 30.62 -31.66
CA LEU B 103 -18.68 30.14 -31.00
C LEU B 103 -17.89 29.29 -31.94
N LEU B 104 -18.63 28.69 -32.86
CA LEU B 104 -18.08 27.83 -33.88
C LEU B 104 -16.88 28.49 -34.54
N GLY B 105 -15.78 27.76 -34.66
CA GLY B 105 -14.60 28.32 -35.27
C GLY B 105 -13.81 29.17 -34.31
N ARG B 106 -14.27 29.25 -33.07
CA ARG B 106 -13.55 30.03 -32.10
C ARG B 106 -12.81 29.17 -31.08
N VAL B 107 -11.67 29.68 -30.60
CA VAL B 107 -10.89 29.03 -29.56
C VAL B 107 -11.05 29.88 -28.32
N VAL B 108 -11.83 29.38 -27.37
CA VAL B 108 -12.09 30.09 -26.14
C VAL B 108 -11.49 29.45 -24.90
N ASP B 109 -11.41 30.24 -23.83
CA ASP B 109 -10.90 29.76 -22.56
C ASP B 109 -12.05 29.15 -21.76
N ALA B 110 -11.78 28.67 -20.56
CA ALA B 110 -12.84 28.07 -19.77
C ALA B 110 -14.00 29.02 -19.41
N LEU B 111 -13.83 30.31 -19.64
CA LEU B 111 -14.86 31.26 -19.31
C LEU B 111 -15.67 31.73 -20.49
N GLY B 112 -15.16 31.40 -21.67
CA GLY B 112 -15.80 31.77 -22.92
C GLY B 112 -15.03 32.85 -23.67
N ASN B 113 -14.09 33.51 -22.98
CA ASN B 113 -13.28 34.56 -23.59
C ASN B 113 -12.49 33.98 -24.75
N ALA B 114 -12.42 34.71 -25.86
CA ALA B 114 -11.68 34.24 -27.03
C ALA B 114 -10.18 34.18 -26.75
N ILE B 115 -9.50 33.19 -27.31
CA ILE B 115 -8.06 33.09 -27.12
C ILE B 115 -7.32 32.89 -28.43
N ASP B 116 -8.06 33.03 -29.51
CA ASP B 116 -7.51 32.90 -30.84
C ASP B 116 -7.10 34.28 -31.30
N GLY B 117 -7.40 35.27 -30.44
CA GLY B 117 -7.09 36.65 -30.71
C GLY B 117 -7.81 37.14 -31.96
N LYS B 118 -8.91 36.46 -32.28
CA LYS B 118 -9.74 36.75 -33.44
C LYS B 118 -10.92 37.66 -33.17
N GLY B 119 -10.82 38.53 -32.19
CA GLY B 119 -11.95 39.39 -31.94
C GLY B 119 -13.01 38.72 -31.08
N PRO B 120 -13.72 39.58 -30.35
CA PRO B 120 -14.76 39.19 -29.43
C PRO B 120 -15.80 38.25 -30.01
N ILE B 121 -16.36 37.41 -29.13
CA ILE B 121 -17.40 36.49 -29.53
C ILE B 121 -18.72 37.25 -29.47
N GLY B 122 -19.42 37.36 -30.57
CA GLY B 122 -20.67 38.08 -30.54
C GLY B 122 -21.77 37.16 -30.07
N SER B 123 -21.79 36.86 -28.79
CA SER B 123 -22.78 35.95 -28.27
C SER B 123 -24.05 36.61 -27.77
N LYS B 124 -25.18 36.05 -28.18
CA LYS B 124 -26.45 36.57 -27.76
C LYS B 124 -26.91 35.91 -26.47
N ALA B 125 -26.85 34.58 -26.45
CA ALA B 125 -27.26 33.79 -25.31
C ALA B 125 -26.13 33.46 -24.33
N ARG B 126 -26.56 33.14 -23.12
CA ARG B 126 -25.68 32.73 -22.04
C ARG B 126 -26.25 31.47 -21.43
N ARG B 127 -25.46 30.80 -20.62
CA ARG B 127 -25.96 29.57 -20.04
C ARG B 127 -25.20 29.14 -18.79
N ARG B 128 -25.91 28.73 -17.74
CA ARG B 128 -25.23 28.30 -16.54
C ARG B 128 -24.37 27.10 -16.88
N VAL B 129 -23.22 26.99 -16.23
CA VAL B 129 -22.33 25.86 -16.45
C VAL B 129 -22.79 24.66 -15.66
N GLY B 130 -23.56 24.93 -14.60
CA GLY B 130 -24.02 23.85 -13.73
C GLY B 130 -25.47 23.41 -13.85
N LEU B 131 -26.09 23.48 -15.03
CA LEU B 131 -27.46 22.98 -15.11
C LEU B 131 -27.57 21.47 -14.95
N LYS B 132 -28.64 21.05 -14.29
CA LYS B 132 -28.93 19.65 -14.06
C LYS B 132 -29.35 19.01 -15.37
N ALA B 133 -28.95 17.75 -15.57
CA ALA B 133 -29.32 17.13 -16.82
C ALA B 133 -30.81 16.89 -16.92
N PRO B 134 -31.24 16.66 -18.15
CA PRO B 134 -32.61 16.37 -18.44
C PRO B 134 -33.03 15.08 -17.73
N GLY B 135 -34.28 15.04 -17.28
CA GLY B 135 -34.79 13.88 -16.57
C GLY B 135 -35.06 12.68 -17.48
N ILE B 136 -35.95 11.83 -16.97
CA ILE B 136 -36.35 10.61 -17.63
C ILE B 136 -37.28 10.87 -18.83
N ILE B 137 -38.37 11.57 -18.55
CA ILE B 137 -39.41 11.87 -19.51
C ILE B 137 -39.02 12.46 -20.87
N PRO B 138 -38.21 13.50 -20.88
CA PRO B 138 -37.82 14.17 -22.12
C PRO B 138 -36.93 13.38 -23.09
N ARG B 139 -36.29 12.30 -22.63
CA ARG B 139 -35.36 11.49 -23.44
C ARG B 139 -36.04 10.38 -24.25
N ILE B 140 -35.26 9.82 -25.18
CA ILE B 140 -35.62 8.71 -26.08
C ILE B 140 -34.34 7.94 -26.43
N SER B 141 -34.47 6.63 -26.56
CA SER B 141 -33.36 5.74 -26.89
C SER B 141 -32.54 6.27 -28.04
N VAL B 142 -31.21 6.23 -27.94
CA VAL B 142 -30.43 6.71 -29.07
C VAL B 142 -30.77 5.86 -30.28
N ARG B 143 -31.02 6.51 -31.41
CA ARG B 143 -31.40 5.79 -32.61
C ARG B 143 -30.69 6.28 -33.86
N GLU B 144 -29.97 7.39 -33.75
CA GLU B 144 -29.24 7.94 -34.89
C GLU B 144 -27.77 7.67 -34.75
N PRO B 145 -27.18 7.20 -35.83
CA PRO B 145 -25.77 6.92 -35.83
C PRO B 145 -24.96 8.20 -35.69
N MET B 146 -23.81 8.06 -35.05
CA MET B 146 -22.86 9.13 -34.85
C MET B 146 -21.58 8.57 -35.42
N GLN B 147 -21.47 8.65 -36.74
CA GLN B 147 -20.34 8.14 -37.47
C GLN B 147 -19.01 8.74 -37.07
N THR B 148 -18.01 7.87 -36.92
CA THR B 148 -16.65 8.27 -36.58
C THR B 148 -15.81 8.35 -37.85
N GLY B 149 -16.06 7.41 -38.75
CA GLY B 149 -15.31 7.31 -39.99
C GLY B 149 -14.19 6.29 -39.82
N ILE B 150 -14.07 5.77 -38.59
CA ILE B 150 -13.10 4.75 -38.19
C ILE B 150 -13.75 3.37 -38.24
N LYS B 151 -13.25 2.51 -39.12
CA LYS B 151 -13.81 1.19 -39.32
C LYS B 151 -14.08 0.39 -38.06
N ALA B 152 -13.05 0.20 -37.25
CA ALA B 152 -13.20 -0.58 -36.04
C ALA B 152 -14.37 -0.11 -35.21
N VAL B 153 -14.36 1.18 -34.93
CA VAL B 153 -15.41 1.78 -34.14
C VAL B 153 -16.79 1.66 -34.76
N ASP B 154 -16.93 2.11 -36.00
CA ASP B 154 -18.22 2.07 -36.67
C ASP B 154 -18.79 0.69 -36.97
N SER B 155 -17.95 -0.34 -36.92
CA SER B 155 -18.43 -1.69 -37.18
C SER B 155 -18.66 -2.49 -35.91
N LEU B 156 -17.72 -2.37 -34.98
CA LEU B 156 -17.75 -3.10 -33.72
C LEU B 156 -18.22 -2.34 -32.47
N VAL B 157 -18.05 -1.03 -32.45
CA VAL B 157 -18.41 -0.25 -31.27
C VAL B 157 -19.20 1.00 -31.65
N PRO B 158 -20.31 0.77 -32.34
CA PRO B 158 -21.20 1.80 -32.83
C PRO B 158 -21.68 2.77 -31.77
N ILE B 159 -21.46 4.08 -32.05
CA ILE B 159 -21.90 5.17 -31.18
C ILE B 159 -23.21 5.74 -31.69
N GLY B 160 -24.17 5.93 -30.79
CA GLY B 160 -25.43 6.52 -31.18
C GLY B 160 -25.46 7.97 -30.71
N ARG B 161 -26.26 8.80 -31.37
CA ARG B 161 -26.35 10.20 -31.00
C ARG B 161 -27.07 10.39 -29.68
N GLY B 162 -26.36 10.95 -28.71
CA GLY B 162 -26.90 11.16 -27.37
C GLY B 162 -26.35 10.14 -26.39
N GLN B 163 -25.39 9.36 -26.87
CA GLN B 163 -24.73 8.35 -26.08
C GLN B 163 -23.50 8.95 -25.43
N ARG B 164 -22.98 8.29 -24.41
CA ARG B 164 -21.75 8.68 -23.73
C ARG B 164 -20.85 7.49 -23.98
N GLU B 165 -19.77 7.66 -24.71
CA GLU B 165 -18.92 6.51 -24.95
C GLU B 165 -17.54 6.92 -24.54
N LEU B 166 -16.93 6.15 -23.66
CA LEU B 166 -15.61 6.46 -23.14
C LEU B 166 -14.43 5.95 -23.97
N ILE B 167 -13.45 6.85 -24.20
CA ILE B 167 -12.23 6.48 -24.88
C ILE B 167 -11.25 6.23 -23.75
N ILE B 168 -10.74 5.02 -23.62
CA ILE B 168 -9.82 4.72 -22.52
C ILE B 168 -8.58 3.96 -22.94
N GLY B 169 -7.46 4.36 -22.34
CA GLY B 169 -6.15 3.76 -22.60
C GLY B 169 -5.05 4.52 -21.88
N ASP B 170 -3.80 4.00 -21.94
CA ASP B 170 -2.61 4.62 -21.33
C ASP B 170 -2.18 5.84 -22.12
N ARG B 171 -1.12 6.51 -21.67
CA ARG B 171 -0.69 7.66 -22.42
C ARG B 171 -0.29 7.21 -23.79
N GLN B 172 -0.32 8.11 -24.74
CA GLN B 172 0.12 7.76 -26.06
C GLN B 172 -0.45 6.50 -26.67
N THR B 173 -1.72 6.19 -26.50
CA THR B 173 -2.22 4.99 -27.14
C THR B 173 -3.13 5.31 -28.32
N GLY B 174 -3.26 6.61 -28.62
CA GLY B 174 -4.09 7.07 -29.73
C GLY B 174 -5.50 7.45 -29.34
N LYS B 175 -5.67 7.91 -28.09
CA LYS B 175 -6.97 8.31 -27.63
C LYS B 175 -7.51 9.50 -28.39
N THR B 176 -6.85 10.66 -28.24
CA THR B 176 -7.28 11.87 -28.93
C THR B 176 -7.51 11.64 -30.41
N SER B 177 -6.63 10.87 -31.02
CA SER B 177 -6.74 10.55 -32.43
C SER B 177 -8.13 10.10 -32.82
N ILE B 178 -8.82 9.39 -31.94
CA ILE B 178 -10.15 8.93 -32.26
C ILE B 178 -11.12 10.10 -32.27
N ALA B 179 -10.92 11.00 -31.32
CA ALA B 179 -11.76 12.17 -31.24
C ALA B 179 -11.66 12.97 -32.52
N ILE B 180 -10.41 13.23 -32.92
CA ILE B 180 -10.13 13.99 -34.13
C ILE B 180 -10.80 13.45 -35.38
N ASP B 181 -10.44 12.21 -35.80
CA ASP B 181 -11.03 11.62 -36.99
C ASP B 181 -12.53 11.73 -36.95
N THR B 182 -13.06 11.67 -35.75
CA THR B 182 -14.49 11.82 -35.58
C THR B 182 -14.91 13.24 -35.93
N ILE B 183 -14.22 14.24 -35.39
CA ILE B 183 -14.56 15.62 -35.68
C ILE B 183 -14.52 15.87 -37.18
N ILE B 184 -13.40 15.48 -37.78
CA ILE B 184 -13.16 15.64 -39.21
C ILE B 184 -14.17 14.96 -40.10
N ASN B 185 -14.59 13.77 -39.69
CA ASN B 185 -15.56 12.98 -40.45
C ASN B 185 -16.90 13.68 -40.57
N GLN B 186 -17.18 14.59 -39.65
CA GLN B 186 -18.44 15.31 -39.64
C GLN B 186 -18.65 16.26 -40.83
N LYS B 187 -17.56 16.75 -41.39
CA LYS B 187 -17.66 17.66 -42.51
C LYS B 187 -18.49 17.11 -43.64
N ARG B 188 -18.44 15.79 -43.79
CA ARG B 188 -19.17 15.14 -44.84
C ARG B 188 -20.66 15.41 -44.79
N PHE B 189 -21.17 15.72 -43.58
CA PHE B 189 -22.58 16.03 -43.38
C PHE B 189 -22.81 17.52 -43.20
N ASN B 190 -21.90 18.15 -42.49
CA ASN B 190 -22.03 19.56 -42.25
C ASN B 190 -22.02 20.34 -43.55
N ASP B 191 -21.32 19.84 -44.55
CA ASP B 191 -21.31 20.54 -45.82
C ASP B 191 -22.57 20.21 -46.58
N GLY B 192 -23.33 19.27 -46.01
CA GLY B 192 -24.57 18.75 -46.54
C GLY B 192 -25.76 19.69 -46.55
N THR B 193 -26.85 19.12 -47.04
CA THR B 193 -28.13 19.79 -47.21
C THR B 193 -28.95 19.80 -45.93
N ASP B 194 -29.27 18.58 -45.48
CA ASP B 194 -30.07 18.25 -44.30
C ASP B 194 -29.47 18.71 -42.98
N GLU B 195 -30.23 19.46 -42.18
CA GLU B 195 -29.74 19.92 -40.89
C GLU B 195 -29.79 18.82 -39.85
N LYS B 196 -30.62 17.80 -40.08
CA LYS B 196 -30.78 16.72 -39.12
C LYS B 196 -29.64 15.71 -39.12
N LYS B 197 -28.82 15.77 -40.15
CA LYS B 197 -27.68 14.87 -40.30
C LYS B 197 -26.37 15.50 -39.91
N LYS B 198 -26.44 16.77 -39.47
CA LYS B 198 -25.26 17.51 -39.07
C LYS B 198 -24.85 17.26 -37.64
N LEU B 199 -23.64 17.68 -37.32
CA LEU B 199 -23.09 17.50 -35.99
C LEU B 199 -22.02 18.55 -35.69
N TYR B 200 -22.32 19.49 -34.79
CA TYR B 200 -21.34 20.51 -34.42
C TYR B 200 -20.48 19.93 -33.32
N CYS B 201 -19.18 19.96 -33.51
CA CYS B 201 -18.30 19.39 -32.50
C CYS B 201 -17.78 20.42 -31.51
N ILE B 202 -17.49 19.93 -30.31
CA ILE B 202 -16.91 20.72 -29.23
C ILE B 202 -15.79 19.90 -28.61
N TYR B 203 -14.55 20.40 -28.69
CA TYR B 203 -13.38 19.74 -28.14
C TYR B 203 -12.83 20.48 -26.92
N VAL B 204 -13.01 19.90 -25.74
CA VAL B 204 -12.53 20.49 -24.50
C VAL B 204 -11.17 19.96 -24.10
N ALA B 205 -10.20 20.87 -23.99
CA ALA B 205 -8.85 20.50 -23.60
C ALA B 205 -8.60 20.82 -22.13
N ILE B 206 -8.18 19.81 -21.37
CA ILE B 206 -7.92 19.97 -19.95
C ILE B 206 -6.57 19.34 -19.61
N GLY B 207 -5.67 20.13 -19.00
CA GLY B 207 -4.35 19.67 -18.57
C GLY B 207 -3.34 19.47 -19.68
N GLN B 208 -3.79 19.55 -20.93
CA GLN B 208 -2.90 19.38 -22.06
C GLN B 208 -1.89 20.54 -22.18
N LYS B 209 -1.05 20.43 -23.21
CA LYS B 209 -0.03 21.40 -23.59
C LYS B 209 -0.63 22.35 -24.64
N ARG B 210 -0.44 23.67 -24.53
CA ARG B 210 -1.02 24.55 -25.57
C ARG B 210 -0.47 24.17 -26.92
N SER B 211 0.85 23.93 -26.96
CA SER B 211 1.52 23.54 -28.19
C SER B 211 0.76 22.43 -28.86
N THR B 212 0.05 21.65 -28.03
CA THR B 212 -0.76 20.56 -28.55
C THR B 212 -2.12 21.03 -29.06
N VAL B 213 -2.76 21.94 -28.32
CA VAL B 213 -4.07 22.45 -28.71
C VAL B 213 -3.95 23.30 -29.97
N ALA B 214 -2.89 24.11 -29.96
CA ALA B 214 -2.58 24.98 -31.07
C ALA B 214 -2.40 24.15 -32.33
N GLN B 215 -1.61 23.09 -32.24
CA GLN B 215 -1.42 22.23 -33.40
C GLN B 215 -2.71 21.52 -33.77
N LEU B 216 -3.52 21.24 -32.75
CA LEU B 216 -4.80 20.55 -32.85
C LEU B 216 -5.75 21.28 -33.77
N VAL B 217 -5.92 22.58 -33.49
CA VAL B 217 -6.79 23.40 -34.30
C VAL B 217 -6.20 23.57 -35.69
N LYS B 218 -4.88 23.70 -35.76
CA LYS B 218 -4.21 23.83 -37.05
C LYS B 218 -4.60 22.68 -37.96
N ARG B 219 -4.65 21.48 -37.37
CA ARG B 219 -5.03 20.29 -38.08
C ARG B 219 -6.51 20.35 -38.43
N LEU B 220 -7.30 20.89 -37.51
CA LEU B 220 -8.72 21.02 -37.73
C LEU B 220 -9.00 22.03 -38.83
N THR B 221 -8.31 23.16 -38.73
CA THR B 221 -8.38 24.24 -39.67
C THR B 221 -8.05 23.76 -41.07
N ASP B 222 -6.90 23.12 -41.20
CA ASP B 222 -6.54 22.60 -42.50
C ASP B 222 -7.55 21.58 -43.01
N ALA B 223 -8.36 21.01 -42.14
CA ALA B 223 -9.33 20.05 -42.65
C ALA B 223 -10.68 20.71 -42.87
N ASP B 224 -10.72 22.01 -42.59
CA ASP B 224 -11.94 22.75 -42.72
C ASP B 224 -13.03 22.13 -41.86
N ALA B 225 -12.67 21.89 -40.60
CA ALA B 225 -13.51 21.31 -39.58
C ALA B 225 -13.77 22.30 -38.46
N MET B 226 -12.85 23.25 -38.34
CA MET B 226 -12.99 24.27 -37.33
C MET B 226 -14.28 25.05 -37.57
N LYS B 227 -14.68 25.13 -38.84
CA LYS B 227 -15.89 25.85 -39.20
C LYS B 227 -17.06 25.31 -38.39
N TYR B 228 -17.00 24.03 -38.04
CA TYR B 228 -18.05 23.44 -37.26
C TYR B 228 -17.66 22.98 -35.86
N THR B 229 -16.57 23.51 -35.34
CA THR B 229 -16.05 23.13 -34.03
C THR B 229 -15.81 24.29 -33.05
N ILE B 230 -16.06 24.06 -31.77
CA ILE B 230 -15.76 25.04 -30.74
C ILE B 230 -14.65 24.44 -29.91
N VAL B 231 -13.70 25.22 -29.43
CA VAL B 231 -12.61 24.66 -28.64
C VAL B 231 -12.40 25.38 -27.32
N VAL B 232 -12.68 24.68 -26.23
CA VAL B 232 -12.48 25.22 -24.91
C VAL B 232 -11.11 24.74 -24.45
N SER B 233 -10.31 25.65 -23.88
CA SER B 233 -9.00 25.27 -23.42
C SER B 233 -8.69 25.79 -22.04
N ALA B 234 -8.27 24.83 -21.22
CA ALA B 234 -7.81 24.98 -19.86
C ALA B 234 -6.62 24.04 -19.84
N THR B 235 -5.45 24.59 -20.15
CA THR B 235 -4.23 23.79 -20.24
C THR B 235 -3.37 23.71 -18.99
N ALA B 236 -2.30 22.93 -19.16
CA ALA B 236 -1.30 22.63 -18.15
C ALA B 236 -0.89 23.80 -17.29
N SER B 237 -1.02 24.99 -17.83
CA SER B 237 -0.64 26.19 -17.12
C SER B 237 -1.79 26.97 -16.50
N ASP B 238 -3.03 26.61 -16.82
CA ASP B 238 -4.19 27.31 -16.28
C ASP B 238 -4.55 26.89 -14.87
N ALA B 239 -5.02 27.85 -14.05
CA ALA B 239 -5.37 27.57 -12.67
C ALA B 239 -6.28 26.37 -12.56
N ALA B 240 -6.03 25.52 -11.57
CA ALA B 240 -6.79 24.31 -11.35
C ALA B 240 -8.30 24.49 -11.54
N PRO B 241 -8.83 25.60 -11.00
CA PRO B 241 -10.24 25.92 -11.14
C PRO B 241 -10.64 26.16 -12.57
N LEU B 242 -9.71 26.59 -13.41
CA LEU B 242 -10.12 26.75 -14.78
C LEU B 242 -10.24 25.38 -15.42
N GLN B 243 -9.24 24.53 -15.15
CA GLN B 243 -9.20 23.16 -15.65
C GLN B 243 -10.44 22.39 -15.20
N TYR B 244 -10.77 22.60 -13.95
CA TYR B 244 -11.93 21.99 -13.35
C TYR B 244 -13.20 22.43 -14.07
N LEU B 245 -13.30 23.73 -14.32
CA LEU B 245 -14.47 24.35 -14.94
C LEU B 245 -14.72 23.94 -16.38
N ALA B 246 -13.66 24.08 -17.19
CA ALA B 246 -13.67 23.81 -18.63
C ALA B 246 -14.72 22.85 -19.18
N PRO B 247 -14.80 21.62 -18.67
CA PRO B 247 -15.78 20.67 -19.18
C PRO B 247 -17.24 21.07 -19.00
N TYR B 248 -17.50 21.81 -17.93
CA TYR B 248 -18.86 22.23 -17.68
C TYR B 248 -19.31 23.27 -18.70
N SER B 249 -18.38 24.18 -19.02
CA SER B 249 -18.58 25.24 -19.99
C SER B 249 -18.82 24.66 -21.37
N GLY B 250 -17.88 23.81 -21.80
CA GLY B 250 -17.99 23.17 -23.08
C GLY B 250 -19.32 22.42 -23.16
N CYS B 251 -19.74 21.85 -22.03
CA CYS B 251 -20.99 21.09 -21.98
C CYS B 251 -22.18 22.02 -22.24
N SER B 252 -22.23 23.15 -21.55
CA SER B 252 -23.29 24.12 -21.73
C SER B 252 -23.41 24.54 -23.19
N MET B 253 -22.26 24.78 -23.83
CA MET B 253 -22.29 25.17 -25.22
C MET B 253 -22.87 24.05 -26.05
N GLY B 254 -22.52 22.81 -25.71
CA GLY B 254 -23.06 21.69 -26.46
C GLY B 254 -24.57 21.61 -26.24
N GLU B 255 -24.97 22.00 -25.04
CA GLU B 255 -26.36 21.98 -24.64
C GLU B 255 -27.24 22.85 -25.50
N TYR B 256 -26.69 23.96 -25.97
CA TYR B 256 -27.47 24.83 -26.80
C TYR B 256 -27.96 24.07 -28.02
N PHE B 257 -27.07 23.32 -28.65
CA PHE B 257 -27.45 22.56 -29.82
C PHE B 257 -28.45 21.44 -29.47
N ARG B 258 -28.20 20.74 -28.38
CA ARG B 258 -29.09 19.68 -27.96
C ARG B 258 -30.48 20.24 -27.69
N ASP B 259 -30.51 21.40 -27.05
CA ASP B 259 -31.78 22.01 -26.75
C ASP B 259 -32.56 22.56 -27.92
N ASN B 260 -31.89 22.86 -29.03
CA ASN B 260 -32.61 23.41 -30.20
C ASN B 260 -32.73 22.46 -31.37
N GLY B 261 -33.20 21.24 -31.16
CA GLY B 261 -33.35 20.32 -32.28
C GLY B 261 -32.07 20.07 -33.07
N LYS B 262 -30.95 20.57 -32.57
CA LYS B 262 -29.71 20.32 -33.29
C LYS B 262 -28.94 19.16 -32.68
N HIS B 263 -27.75 18.88 -33.20
CA HIS B 263 -26.93 17.79 -32.70
C HIS B 263 -25.45 18.15 -32.53
N ALA B 264 -24.95 18.09 -31.28
CA ALA B 264 -23.54 18.39 -30.97
C ALA B 264 -22.73 17.18 -30.48
N LEU B 265 -21.41 17.33 -30.52
CA LEU B 265 -20.47 16.31 -30.07
C LEU B 265 -19.46 16.96 -29.15
N ILE B 266 -19.34 16.46 -27.94
CA ILE B 266 -18.40 17.07 -27.02
C ILE B 266 -17.33 16.08 -26.61
N ILE B 267 -16.07 16.49 -26.72
CA ILE B 267 -14.96 15.65 -26.34
C ILE B 267 -14.24 16.20 -25.11
N TYR B 268 -14.25 15.42 -24.02
CA TYR B 268 -13.58 15.83 -22.80
C TYR B 268 -12.21 15.16 -22.77
N ASP B 269 -11.17 15.94 -23.03
CA ASP B 269 -9.84 15.39 -23.12
C ASP B 269 -8.84 16.02 -22.15
N ASP B 270 -8.53 15.39 -20.98
CA ASP B 270 -9.10 14.14 -20.41
C ASP B 270 -9.92 14.48 -19.18
N LEU B 271 -10.63 13.48 -18.67
CA LEU B 271 -11.38 13.63 -17.43
C LEU B 271 -10.41 13.32 -16.30
N SER B 272 -9.35 12.62 -16.66
CA SER B 272 -8.29 12.24 -15.74
C SER B 272 -7.66 13.48 -15.11
N LYS B 273 -7.20 14.40 -15.97
CA LYS B 273 -6.57 15.65 -15.54
C LYS B 273 -7.53 16.59 -14.85
N GLN B 274 -8.81 16.51 -15.18
CA GLN B 274 -9.75 17.38 -14.53
C GLN B 274 -9.85 16.92 -13.10
N ALA B 275 -9.99 15.61 -12.97
CA ALA B 275 -10.06 14.95 -11.68
C ALA B 275 -8.89 15.35 -10.81
N VAL B 276 -7.69 15.42 -11.39
CA VAL B 276 -6.56 15.81 -10.57
C VAL B 276 -6.65 17.29 -10.21
N ALA B 277 -7.23 18.06 -11.12
CA ALA B 277 -7.39 19.48 -10.89
C ALA B 277 -8.35 19.68 -9.74
N TYR B 278 -9.46 18.97 -9.80
CA TYR B 278 -10.44 19.05 -8.74
C TYR B 278 -9.87 18.60 -7.40
N ARG B 279 -9.08 17.52 -7.45
CA ARG B 279 -8.42 16.98 -6.27
C ARG B 279 -7.52 18.02 -5.65
N GLN B 280 -6.80 18.75 -6.50
CA GLN B 280 -5.95 19.79 -6.00
C GLN B 280 -6.81 20.78 -5.23
N MET B 281 -7.93 21.16 -5.81
CA MET B 281 -8.81 22.09 -5.16
C MET B 281 -9.28 21.55 -3.84
N SER B 282 -9.76 20.32 -3.89
CA SER B 282 -10.29 19.65 -2.74
C SER B 282 -9.29 19.56 -1.57
N LEU B 283 -8.06 19.19 -1.87
CA LEU B 283 -7.08 19.08 -0.81
C LEU B 283 -6.76 20.43 -0.21
N LEU B 284 -6.63 21.44 -1.08
CA LEU B 284 -6.35 22.77 -0.59
C LEU B 284 -7.48 23.31 0.27
N LEU B 285 -8.72 22.89 -0.02
CA LEU B 285 -9.86 23.33 0.78
C LEU B 285 -9.90 22.55 2.09
N ARG B 286 -9.09 21.50 2.10
CA ARG B 286 -8.92 20.59 3.23
C ARG B 286 -9.96 19.49 3.37
N ARG B 287 -10.63 19.18 2.27
CA ARG B 287 -11.63 18.15 2.29
C ARG B 287 -10.97 16.77 2.40
N PRO B 288 -11.52 15.88 3.26
CA PRO B 288 -10.97 14.55 3.50
C PRO B 288 -10.65 13.79 2.23
N PRO B 289 -9.37 13.45 2.10
CA PRO B 289 -8.91 12.71 0.96
C PRO B 289 -9.25 11.26 1.17
N GLY B 290 -9.72 10.59 0.13
CA GLY B 290 -10.07 9.19 0.28
C GLY B 290 -9.18 8.33 -0.57
N ARG B 291 -9.79 7.33 -1.20
CA ARG B 291 -9.13 6.41 -2.09
C ARG B 291 -8.29 7.21 -3.07
N GLU B 292 -6.99 6.92 -3.15
CA GLU B 292 -6.07 7.64 -4.01
C GLU B 292 -5.94 9.12 -3.64
N ALA B 293 -6.45 9.46 -2.47
CA ALA B 293 -6.41 10.84 -1.99
C ALA B 293 -7.52 11.67 -2.60
N TYR B 294 -8.33 11.03 -3.45
CA TYR B 294 -9.43 11.75 -4.08
C TYR B 294 -10.55 12.02 -3.07
N PRO B 295 -11.18 13.18 -3.25
CA PRO B 295 -12.30 13.62 -2.43
C PRO B 295 -13.49 12.69 -2.66
N GLY B 296 -14.37 12.60 -1.69
CA GLY B 296 -15.52 11.72 -1.80
C GLY B 296 -16.43 11.96 -3.00
N ASP B 297 -16.50 13.19 -3.47
CA ASP B 297 -17.38 13.52 -4.57
C ASP B 297 -16.82 13.46 -5.97
N VAL B 298 -15.63 12.88 -6.19
CA VAL B 298 -15.15 12.84 -7.56
C VAL B 298 -16.01 12.08 -8.51
N PHE B 299 -16.79 11.12 -8.02
CA PHE B 299 -17.62 10.41 -8.96
C PHE B 299 -18.65 11.38 -9.49
N TYR B 300 -19.29 12.05 -8.55
CA TYR B 300 -20.29 13.03 -8.90
C TYR B 300 -19.76 14.09 -9.86
N LEU B 301 -18.49 14.47 -9.69
CA LEU B 301 -17.82 15.44 -10.55
C LEU B 301 -18.02 15.02 -11.98
N HIS B 302 -17.95 13.71 -12.18
CA HIS B 302 -18.11 13.13 -13.48
C HIS B 302 -19.54 12.79 -13.88
N SER B 303 -20.31 12.18 -12.99
CA SER B 303 -21.69 11.82 -13.30
C SER B 303 -22.51 13.02 -13.77
N ARG B 304 -22.52 14.08 -12.96
CA ARG B 304 -23.27 15.28 -13.30
C ARG B 304 -22.94 15.76 -14.69
N LEU B 305 -21.66 15.89 -14.97
CA LEU B 305 -21.22 16.30 -16.29
C LEU B 305 -21.81 15.39 -17.36
N LEU B 306 -21.39 14.11 -17.33
CA LEU B 306 -21.82 13.09 -18.29
C LEU B 306 -23.29 12.76 -18.40
N GLU B 307 -24.10 13.19 -17.44
CA GLU B 307 -25.53 12.94 -17.51
C GLU B 307 -26.15 13.83 -18.55
N ARG B 308 -25.50 14.99 -18.72
CA ARG B 308 -25.92 15.99 -19.66
C ARG B 308 -25.90 15.56 -21.12
N ALA B 309 -25.08 14.59 -21.47
CA ALA B 309 -25.14 14.15 -22.86
C ALA B 309 -26.47 13.43 -22.92
N ALA B 310 -27.23 13.60 -23.99
CA ALA B 310 -28.54 12.98 -24.01
C ALA B 310 -29.25 13.13 -25.35
N LYS B 311 -30.17 12.20 -25.56
CA LYS B 311 -31.01 12.15 -26.75
C LYS B 311 -32.43 12.55 -26.38
N MET B 312 -32.82 13.71 -26.84
CA MET B 312 -34.13 14.25 -26.59
C MET B 312 -35.13 13.63 -27.58
N ASN B 313 -36.39 13.54 -27.18
CA ASN B 313 -37.42 13.00 -28.06
C ASN B 313 -37.96 14.13 -28.93
N ASP B 314 -38.88 13.82 -29.83
CA ASP B 314 -39.48 14.81 -30.72
C ASP B 314 -40.19 15.95 -29.99
N ALA B 315 -40.95 15.63 -28.94
CA ALA B 315 -41.65 16.65 -28.19
C ALA B 315 -40.70 17.62 -27.49
N PHE B 316 -39.39 17.35 -27.59
CA PHE B 316 -38.37 18.21 -26.98
C PHE B 316 -37.32 18.67 -27.96
N GLY B 317 -37.62 18.53 -29.24
CA GLY B 317 -36.68 18.99 -30.22
C GLY B 317 -35.88 17.92 -30.95
N GLY B 318 -35.99 16.66 -30.52
CA GLY B 318 -35.28 15.55 -31.15
C GLY B 318 -33.76 15.74 -31.23
N GLY B 319 -33.28 16.86 -30.69
CA GLY B 319 -31.85 17.16 -30.71
C GLY B 319 -31.06 16.21 -29.82
N SER B 320 -29.73 16.42 -29.75
CA SER B 320 -28.91 15.54 -28.94
C SER B 320 -27.52 16.07 -28.64
N LEU B 321 -26.89 15.45 -27.65
CA LEU B 321 -25.54 15.76 -27.20
C LEU B 321 -24.81 14.44 -27.01
N THR B 322 -23.69 14.26 -27.70
CA THR B 322 -22.93 13.02 -27.59
C THR B 322 -21.58 13.27 -26.94
N ALA B 323 -21.28 12.57 -25.85
CA ALA B 323 -20.02 12.77 -25.17
C ALA B 323 -19.04 11.62 -25.29
N LEU B 324 -17.83 11.98 -25.72
CA LEU B 324 -16.69 11.08 -25.84
C LEU B 324 -15.65 11.60 -24.85
N PRO B 325 -15.76 11.20 -23.58
CA PRO B 325 -14.84 11.67 -22.55
C PRO B 325 -13.58 10.83 -22.61
N VAL B 326 -12.42 11.41 -22.33
CA VAL B 326 -11.20 10.62 -22.38
C VAL B 326 -10.64 10.34 -20.99
N ILE B 327 -10.20 9.10 -20.74
CA ILE B 327 -9.64 8.73 -19.44
C ILE B 327 -8.30 8.06 -19.68
N GLU B 328 -7.26 8.49 -18.96
CA GLU B 328 -5.92 7.92 -19.15
C GLU B 328 -5.49 6.94 -18.05
N THR B 329 -5.44 5.64 -18.36
CA THR B 329 -5.04 4.61 -17.39
C THR B 329 -3.55 4.50 -17.21
N GLN B 330 -3.12 4.01 -16.06
CA GLN B 330 -1.70 3.79 -15.84
C GLN B 330 -1.48 2.30 -16.04
N ALA B 331 -0.47 1.91 -16.83
CA ALA B 331 -0.17 0.49 -17.06
C ALA B 331 -1.40 -0.40 -17.30
N GLY B 332 -2.26 0.04 -18.20
CA GLY B 332 -3.46 -0.71 -18.53
C GLY B 332 -4.34 -1.08 -17.35
N ASP B 333 -4.07 -0.53 -16.17
CA ASP B 333 -4.89 -0.84 -15.01
C ASP B 333 -6.29 -0.29 -15.18
N VAL B 334 -7.21 -1.10 -15.68
CA VAL B 334 -8.58 -0.64 -15.89
C VAL B 334 -9.44 -0.73 -14.62
N SER B 335 -8.82 -1.05 -13.48
CA SER B 335 -9.56 -1.17 -12.22
C SER B 335 -9.42 0.00 -11.27
N ALA B 336 -8.52 0.93 -11.59
CA ALA B 336 -8.32 2.06 -10.73
C ALA B 336 -9.61 2.78 -10.39
N TYR B 337 -9.51 3.60 -9.37
CA TYR B 337 -10.62 4.36 -8.87
C TYR B 337 -11.28 5.25 -9.91
N ILE B 338 -10.50 6.13 -10.56
CA ILE B 338 -11.07 6.99 -11.57
C ILE B 338 -11.61 6.25 -12.79
N PRO B 339 -10.85 5.31 -13.35
CA PRO B 339 -11.35 4.60 -14.50
C PRO B 339 -12.63 3.85 -14.18
N THR B 340 -12.69 3.16 -13.04
CA THR B 340 -13.92 2.46 -12.71
C THR B 340 -15.11 3.44 -12.64
N ASN B 341 -14.92 4.59 -11.97
CA ASN B 341 -15.95 5.63 -11.85
C ASN B 341 -16.55 5.93 -13.19
N VAL B 342 -15.68 6.41 -14.08
CA VAL B 342 -16.12 6.75 -15.42
C VAL B 342 -16.81 5.61 -16.18
N ILE B 343 -16.28 4.38 -16.06
CA ILE B 343 -16.88 3.23 -16.72
C ILE B 343 -18.32 3.04 -16.23
N SER B 344 -18.52 3.36 -14.94
CA SER B 344 -19.82 3.23 -14.30
C SER B 344 -20.77 4.39 -14.61
N ILE B 345 -20.36 5.26 -15.54
CA ILE B 345 -21.16 6.41 -15.94
C ILE B 345 -21.60 6.33 -17.40
N THR B 346 -20.62 6.20 -18.28
CA THR B 346 -20.85 6.13 -19.71
C THR B 346 -21.68 4.93 -20.14
N ASP B 347 -21.86 4.78 -21.45
CA ASP B 347 -22.65 3.71 -22.01
C ASP B 347 -21.82 2.73 -22.82
N GLY B 348 -20.56 2.59 -22.43
CA GLY B 348 -19.59 1.73 -23.09
C GLY B 348 -18.21 2.35 -23.08
N GLN B 349 -17.20 1.60 -23.52
CA GLN B 349 -15.85 2.12 -23.58
C GLN B 349 -15.18 1.50 -24.78
N ILE B 350 -14.14 2.18 -25.22
CA ILE B 350 -13.27 1.78 -26.29
C ILE B 350 -11.88 1.80 -25.68
N PHE B 351 -11.39 0.62 -25.31
CA PHE B 351 -10.07 0.57 -24.74
C PHE B 351 -9.05 0.36 -25.84
N LEU B 352 -8.04 1.20 -25.84
CA LEU B 352 -6.95 1.09 -26.79
C LEU B 352 -5.82 0.39 -26.03
N GLU B 353 -5.16 -0.59 -26.65
CA GLU B 353 -4.10 -1.37 -25.98
C GLU B 353 -2.67 -0.96 -26.31
N THR B 354 -1.80 -0.88 -25.30
CA THR B 354 -0.42 -0.54 -25.58
C THR B 354 0.16 -1.61 -26.48
N GLU B 355 -0.03 -2.88 -26.10
CA GLU B 355 0.45 -4.02 -26.90
C GLU B 355 0.12 -3.87 -28.38
N LEU B 356 -1.18 -3.80 -28.65
CA LEU B 356 -1.66 -3.63 -30.02
C LEU B 356 -0.97 -2.48 -30.73
N PHE B 357 -0.97 -1.31 -30.10
CA PHE B 357 -0.37 -0.13 -30.67
C PHE B 357 1.05 -0.37 -31.18
N TYR B 358 1.86 -1.10 -30.40
CA TYR B 358 3.24 -1.36 -30.81
C TYR B 358 3.42 -2.45 -31.79
N LYS B 359 2.61 -3.47 -31.63
CA LYS B 359 2.57 -4.60 -32.53
C LYS B 359 2.12 -4.09 -33.92
N GLY B 360 1.78 -2.80 -33.99
CA GLY B 360 1.38 -2.13 -35.21
C GLY B 360 -0.13 -2.14 -35.52
N ILE B 361 -0.96 -2.51 -34.57
CA ILE B 361 -2.40 -2.50 -34.85
C ILE B 361 -2.95 -1.17 -34.35
N ARG B 362 -3.38 -0.35 -35.29
CA ARG B 362 -3.92 0.95 -34.98
C ARG B 362 -5.07 1.27 -35.88
N PRO B 363 -6.15 1.74 -35.30
CA PRO B 363 -6.33 2.00 -33.87
C PRO B 363 -6.11 0.82 -32.94
N ALA B 364 -5.25 0.95 -31.96
CA ALA B 364 -5.03 -0.16 -31.04
C ALA B 364 -6.27 -0.59 -30.23
N ILE B 365 -7.43 -0.70 -30.89
CA ILE B 365 -8.69 -1.09 -30.22
C ILE B 365 -8.78 -2.54 -29.73
N ASN B 366 -9.06 -2.72 -28.45
CA ASN B 366 -9.22 -4.05 -27.89
C ASN B 366 -10.63 -4.52 -28.19
N VAL B 367 -10.80 -5.29 -29.28
CA VAL B 367 -12.11 -5.79 -29.69
C VAL B 367 -12.91 -6.49 -28.61
N GLY B 368 -12.27 -7.30 -27.81
CA GLY B 368 -13.01 -8.01 -26.78
C GLY B 368 -13.60 -7.11 -25.70
N LEU B 369 -12.71 -6.41 -24.99
CA LEU B 369 -12.99 -5.50 -23.87
C LEU B 369 -13.93 -4.35 -24.18
N SER B 370 -13.70 -3.68 -25.29
CA SER B 370 -14.53 -2.53 -25.61
C SER B 370 -16.00 -2.86 -25.73
N VAL B 371 -16.86 -1.85 -25.52
CA VAL B 371 -18.31 -2.03 -25.63
C VAL B 371 -19.07 -0.78 -26.03
N SER B 372 -20.29 -1.02 -26.48
CA SER B 372 -21.27 -0.01 -26.84
C SER B 372 -22.64 -0.48 -26.36
N ARG B 373 -22.90 -0.19 -25.08
CA ARG B 373 -24.14 -0.60 -24.44
C ARG B 373 -25.39 -0.27 -25.25
N VAL B 374 -25.51 0.98 -25.72
CA VAL B 374 -26.69 1.47 -26.45
C VAL B 374 -26.65 1.65 -27.96
N GLY B 375 -25.49 1.57 -28.58
CA GLY B 375 -25.31 1.83 -30.01
C GLY B 375 -25.81 0.89 -31.10
N SER B 376 -26.13 -0.38 -30.82
CA SER B 376 -26.57 -1.28 -31.89
C SER B 376 -27.73 -0.69 -32.68
N ALA B 377 -28.71 -0.20 -31.93
CA ALA B 377 -29.87 0.41 -32.54
C ALA B 377 -29.49 1.60 -33.40
N ALA B 378 -28.41 2.26 -33.05
CA ALA B 378 -28.01 3.40 -33.83
C ALA B 378 -27.27 2.92 -35.06
N GLN B 379 -26.96 1.63 -35.08
CA GLN B 379 -26.19 1.09 -36.18
C GLN B 379 -26.95 0.91 -37.48
N THR B 380 -26.23 1.21 -38.56
CA THR B 380 -26.76 1.09 -39.91
C THR B 380 -26.95 -0.37 -40.27
N ARG B 381 -27.95 -0.64 -41.09
CA ARG B 381 -28.22 -2.01 -41.50
C ARG B 381 -27.05 -2.56 -42.31
N ALA B 382 -26.56 -1.75 -43.26
CA ALA B 382 -25.43 -2.10 -44.12
C ALA B 382 -24.28 -2.69 -43.31
N MET B 383 -23.94 -1.99 -42.22
CA MET B 383 -22.90 -2.43 -41.32
C MET B 383 -23.33 -3.69 -40.61
N LYS B 384 -24.61 -3.69 -40.20
CA LYS B 384 -25.19 -4.83 -39.53
C LYS B 384 -24.94 -6.03 -40.40
N GLN B 385 -25.13 -5.80 -41.68
CA GLN B 385 -24.96 -6.80 -42.71
C GLN B 385 -23.54 -7.35 -42.80
N VAL B 386 -22.54 -6.47 -42.71
CA VAL B 386 -21.18 -6.95 -42.82
C VAL B 386 -20.46 -7.10 -41.49
N ALA B 387 -20.61 -6.07 -40.65
CA ALA B 387 -19.98 -6.04 -39.35
C ALA B 387 -20.50 -7.13 -38.42
N GLY B 388 -21.76 -7.51 -38.63
CA GLY B 388 -22.41 -8.52 -37.85
C GLY B 388 -21.62 -9.83 -37.77
N THR B 389 -21.17 -10.33 -38.92
CA THR B 389 -20.41 -11.58 -38.98
C THR B 389 -18.90 -11.39 -38.84
N MET B 390 -18.52 -10.15 -38.48
CA MET B 390 -17.13 -9.76 -38.28
C MET B 390 -16.61 -10.04 -36.87
N LYS B 391 -17.37 -9.67 -35.85
CA LYS B 391 -16.92 -9.96 -34.51
C LYS B 391 -17.05 -11.46 -34.31
N LEU B 392 -18.07 -12.04 -34.97
CA LEU B 392 -18.31 -13.48 -34.90
C LEU B 392 -17.06 -14.20 -35.36
N GLU B 393 -16.59 -13.79 -36.53
CA GLU B 393 -15.38 -14.36 -37.10
C GLU B 393 -14.19 -14.09 -36.21
N LEU B 394 -14.13 -12.84 -35.77
CA LEU B 394 -13.06 -12.40 -34.89
C LEU B 394 -13.19 -13.09 -33.55
N ALA B 395 -14.40 -13.54 -33.23
CA ALA B 395 -14.62 -14.22 -31.97
C ALA B 395 -13.87 -15.55 -31.97
N GLN B 396 -14.03 -16.24 -33.09
CA GLN B 396 -13.44 -17.53 -33.35
C GLN B 396 -11.95 -17.44 -33.63
N TYR B 397 -11.47 -16.21 -33.73
CA TYR B 397 -10.06 -15.93 -33.97
C TYR B 397 -9.41 -15.48 -32.69
N ARG B 398 -10.22 -14.87 -31.83
CA ARG B 398 -9.71 -14.38 -30.57
C ARG B 398 -9.06 -15.49 -29.76
N GLU B 399 -9.66 -16.65 -29.85
CA GLU B 399 -9.21 -17.82 -29.12
C GLU B 399 -7.82 -18.32 -29.53
N VAL B 400 -7.78 -18.95 -30.70
CA VAL B 400 -6.58 -19.54 -31.24
C VAL B 400 -5.38 -18.61 -31.35
N ALA B 401 -5.62 -17.30 -31.31
CA ALA B 401 -4.54 -16.32 -31.41
C ALA B 401 -3.85 -16.07 -30.08
N ALA B 402 -2.97 -16.99 -29.73
CA ALA B 402 -2.23 -16.97 -28.48
C ALA B 402 -1.07 -16.00 -28.41
N PHE B 403 -0.51 -15.92 -27.20
CA PHE B 403 0.64 -15.10 -26.94
C PHE B 403 1.81 -15.82 -27.61
N ALA B 404 1.72 -17.15 -27.50
CA ALA B 404 2.70 -18.06 -28.05
C ALA B 404 2.97 -17.75 -29.52
N GLN B 405 4.20 -17.35 -29.79
CA GLN B 405 4.63 -16.98 -31.12
C GLN B 405 4.95 -18.17 -32.01
N PHE B 406 5.50 -19.21 -31.40
CA PHE B 406 5.86 -20.38 -32.18
C PHE B 406 5.02 -21.58 -31.82
N GLY B 407 3.90 -21.70 -32.53
CA GLY B 407 2.98 -22.79 -32.31
C GLY B 407 2.57 -23.44 -33.61
N SER B 408 2.77 -24.75 -33.65
CA SER B 408 2.40 -25.56 -34.79
C SER B 408 0.95 -25.96 -34.63
N ASP B 409 0.14 -25.71 -35.64
CA ASP B 409 -1.27 -26.03 -35.52
C ASP B 409 -1.80 -27.11 -36.43
N LEU B 410 -2.96 -27.62 -36.03
CA LEU B 410 -3.68 -28.64 -36.75
C LEU B 410 -5.12 -28.17 -36.94
N ASP B 411 -5.93 -29.08 -37.47
CA ASP B 411 -7.34 -28.84 -37.73
C ASP B 411 -7.56 -27.76 -38.76
N ALA B 412 -8.19 -28.15 -39.88
CA ALA B 412 -8.48 -27.24 -40.96
C ALA B 412 -9.34 -26.06 -40.54
N ALA B 413 -10.42 -26.35 -39.79
CA ALA B 413 -11.35 -25.33 -39.33
C ALA B 413 -10.65 -24.25 -38.53
N THR B 414 -10.13 -24.65 -37.38
CA THR B 414 -9.41 -23.76 -36.51
C THR B 414 -8.32 -23.04 -37.29
N GLN B 415 -7.79 -23.74 -38.30
CA GLN B 415 -6.77 -23.16 -39.15
C GLN B 415 -7.36 -21.98 -39.91
N GLN B 416 -8.50 -22.28 -40.54
CA GLN B 416 -9.28 -21.34 -41.32
C GLN B 416 -9.73 -20.16 -40.47
N LEU B 417 -10.16 -20.48 -39.27
CA LEU B 417 -10.59 -19.45 -38.35
C LEU B 417 -9.41 -18.50 -38.14
N LEU B 418 -8.28 -19.08 -37.80
CA LEU B 418 -7.08 -18.29 -37.59
C LEU B 418 -6.74 -17.45 -38.81
N SER B 419 -7.10 -17.93 -39.99
CA SER B 419 -6.80 -17.23 -41.21
C SER B 419 -7.62 -15.96 -41.49
N ARG B 420 -8.93 -15.97 -41.19
CA ARG B 420 -9.73 -14.76 -41.40
C ARG B 420 -9.16 -13.69 -40.49
N GLY B 421 -9.14 -14.07 -39.20
CA GLY B 421 -8.67 -13.28 -38.09
C GLY B 421 -7.54 -12.32 -38.45
N VAL B 422 -6.50 -12.83 -39.11
CA VAL B 422 -5.38 -11.98 -39.50
C VAL B 422 -5.74 -11.02 -40.62
N ARG B 423 -6.67 -11.41 -41.46
CA ARG B 423 -7.11 -10.56 -42.56
C ARG B 423 -7.98 -9.46 -42.02
N LEU B 424 -9.03 -9.88 -41.32
CA LEU B 424 -9.98 -8.98 -40.71
C LEU B 424 -9.22 -7.92 -39.92
N THR B 425 -8.25 -8.39 -39.16
CA THR B 425 -7.42 -7.50 -38.37
C THR B 425 -6.72 -6.46 -39.22
N GLU B 426 -6.35 -6.83 -40.44
CA GLU B 426 -5.67 -5.91 -41.35
C GLU B 426 -6.62 -4.88 -41.92
N LEU B 427 -7.88 -5.26 -42.00
CA LEU B 427 -8.93 -4.39 -42.51
C LEU B 427 -9.22 -3.29 -41.51
N LEU B 428 -9.06 -3.61 -40.23
CA LEU B 428 -9.35 -2.66 -39.18
C LEU B 428 -8.28 -1.61 -38.92
N LYS B 429 -7.08 -1.83 -39.44
CA LYS B 429 -6.04 -0.84 -39.28
C LYS B 429 -6.44 0.36 -40.12
N GLN B 430 -6.17 1.57 -39.63
CA GLN B 430 -6.52 2.81 -40.33
C GLN B 430 -5.56 3.93 -39.99
N GLY B 431 -5.19 4.72 -40.98
CA GLY B 431 -4.31 5.85 -40.71
C GLY B 431 -5.10 7.00 -40.12
N GLN B 432 -4.43 8.11 -39.85
CA GLN B 432 -5.12 9.26 -39.31
C GLN B 432 -5.63 10.18 -40.41
N TYR B 433 -6.51 11.08 -40.01
CA TYR B 433 -7.05 12.07 -40.91
C TYR B 433 -7.70 11.53 -42.16
N SER B 434 -8.13 10.28 -42.15
CA SER B 434 -8.74 9.78 -43.36
C SER B 434 -10.02 9.01 -43.11
N PRO B 435 -10.92 9.63 -42.35
CA PRO B 435 -12.20 9.05 -41.99
C PRO B 435 -12.98 8.59 -43.22
N MET B 436 -13.49 7.36 -43.18
CA MET B 436 -14.20 6.78 -44.30
C MET B 436 -15.71 6.94 -44.27
N ALA B 437 -16.32 6.97 -45.46
CA ALA B 437 -17.76 7.06 -45.58
C ALA B 437 -18.35 5.72 -45.23
N ILE B 438 -19.44 5.67 -44.44
CA ILE B 438 -20.05 4.39 -44.04
C ILE B 438 -20.15 3.36 -45.13
N GLU B 439 -20.54 3.82 -46.32
CA GLU B 439 -20.67 2.94 -47.46
C GLU B 439 -19.31 2.43 -47.92
N GLU B 440 -18.27 3.22 -47.69
CA GLU B 440 -16.93 2.79 -48.05
C GLU B 440 -16.49 1.66 -47.12
N GLN B 441 -16.86 1.82 -45.84
CA GLN B 441 -16.55 0.84 -44.79
C GLN B 441 -17.19 -0.51 -45.06
N VAL B 442 -18.51 -0.51 -45.32
CA VAL B 442 -19.24 -1.74 -45.60
C VAL B 442 -18.60 -2.45 -46.79
N ALA B 443 -18.25 -1.67 -47.80
CA ALA B 443 -17.61 -2.16 -49.00
C ALA B 443 -16.35 -2.98 -48.67
N VAL B 444 -15.33 -2.31 -48.11
CA VAL B 444 -14.09 -3.00 -47.75
C VAL B 444 -14.33 -4.14 -46.78
N ILE B 445 -15.15 -3.92 -45.74
CA ILE B 445 -15.45 -4.97 -44.78
C ILE B 445 -16.06 -6.16 -45.51
N TYR B 446 -16.91 -5.89 -46.50
CA TYR B 446 -17.56 -6.91 -47.30
C TYR B 446 -16.54 -7.88 -47.90
N ALA B 447 -15.48 -7.30 -48.45
CA ALA B 447 -14.41 -8.07 -49.06
C ALA B 447 -13.82 -9.12 -48.12
N GLY B 448 -13.55 -8.72 -46.89
CA GLY B 448 -12.95 -9.63 -45.91
C GLY B 448 -13.90 -10.66 -45.32
N VAL B 449 -15.04 -10.17 -44.85
CA VAL B 449 -16.04 -11.01 -44.24
C VAL B 449 -16.65 -12.03 -45.19
N ARG B 450 -16.63 -11.73 -46.49
CA ARG B 450 -17.18 -12.63 -47.51
C ARG B 450 -16.20 -13.70 -47.98
N GLY B 451 -14.91 -13.45 -47.75
CA GLY B 451 -13.89 -14.42 -48.08
C GLY B 451 -13.01 -14.00 -49.24
N TYR B 452 -13.35 -12.88 -49.87
CA TYR B 452 -12.58 -12.41 -51.00
C TYR B 452 -11.12 -12.11 -50.71
N LEU B 453 -10.68 -12.28 -49.46
CA LEU B 453 -9.29 -12.02 -49.08
C LEU B 453 -8.61 -13.23 -48.46
N ASP B 454 -9.36 -14.33 -48.36
CA ASP B 454 -8.85 -15.57 -47.79
C ASP B 454 -7.65 -16.11 -48.54
N LYS B 455 -7.75 -16.14 -49.86
CA LYS B 455 -6.74 -16.65 -50.77
C LYS B 455 -5.50 -15.76 -50.80
N LEU B 456 -5.59 -14.65 -50.08
CA LEU B 456 -4.56 -13.63 -50.03
C LEU B 456 -3.68 -13.59 -48.78
N GLU B 457 -2.50 -12.99 -48.96
CA GLU B 457 -1.49 -12.85 -47.92
C GLU B 457 -1.62 -11.59 -47.09
N PRO B 458 -1.75 -11.80 -45.77
CA PRO B 458 -1.90 -10.76 -44.79
C PRO B 458 -1.10 -9.49 -45.00
N SER B 459 0.04 -9.58 -45.67
CA SER B 459 0.79 -8.35 -45.89
C SER B 459 0.22 -7.52 -47.03
N LYS B 460 -0.60 -8.15 -47.85
CA LYS B 460 -1.20 -7.45 -48.99
C LYS B 460 -2.47 -6.68 -48.66
N ILE B 461 -3.18 -7.12 -47.62
CA ILE B 461 -4.43 -6.53 -47.18
C ILE B 461 -4.49 -5.01 -47.25
N THR B 462 -3.55 -4.33 -46.57
CA THR B 462 -3.49 -2.88 -46.56
C THR B 462 -3.57 -2.32 -47.97
N LYS B 463 -2.63 -2.80 -48.78
CA LYS B 463 -2.49 -2.43 -50.17
C LYS B 463 -3.73 -2.72 -50.98
N PHE B 464 -4.36 -3.84 -50.70
CA PHE B 464 -5.57 -4.20 -51.41
C PHE B 464 -6.63 -3.15 -51.16
N GLU B 465 -6.79 -2.83 -49.88
CA GLU B 465 -7.75 -1.85 -49.43
C GLU B 465 -7.66 -0.52 -50.19
N ASN B 466 -6.52 0.14 -50.14
CA ASN B 466 -6.37 1.41 -50.83
C ASN B 466 -6.72 1.31 -52.30
N ALA B 467 -6.12 0.32 -52.94
CA ALA B 467 -6.29 0.06 -54.35
C ALA B 467 -7.72 -0.32 -54.73
N PHE B 468 -8.32 -1.18 -53.92
CA PHE B 468 -9.68 -1.62 -54.16
C PHE B 468 -10.69 -0.54 -53.79
N LEU B 469 -10.28 0.32 -52.88
CA LEU B 469 -11.14 1.40 -52.45
C LEU B 469 -11.19 2.52 -53.49
N SER B 470 -10.02 3.02 -53.91
CA SER B 470 -9.95 4.08 -54.92
C SER B 470 -10.70 3.67 -56.18
N HIS B 471 -10.59 2.40 -56.47
CA HIS B 471 -11.19 1.77 -57.60
C HIS B 471 -12.71 1.94 -57.62
N VAL B 472 -13.35 1.51 -56.54
CA VAL B 472 -14.80 1.63 -56.41
C VAL B 472 -15.27 3.04 -56.15
N ILE B 473 -14.35 3.90 -55.73
CA ILE B 473 -14.73 5.28 -55.47
C ILE B 473 -14.75 6.04 -56.79
N SER B 474 -13.79 5.68 -57.63
CA SER B 474 -13.59 6.24 -58.95
C SER B 474 -14.65 5.75 -59.92
N GLN B 475 -14.61 4.47 -60.16
CA GLN B 475 -15.54 3.88 -61.10
C GLN B 475 -16.99 3.74 -60.64
N HIS B 476 -17.18 3.18 -59.43
CA HIS B 476 -18.50 2.87 -58.89
C HIS B 476 -19.20 3.81 -57.91
N GLN B 477 -19.24 5.10 -58.18
CA GLN B 477 -19.95 5.95 -57.25
C GLN B 477 -21.44 5.60 -57.25
N ALA B 478 -21.81 4.82 -58.27
CA ALA B 478 -23.17 4.37 -58.55
C ALA B 478 -23.75 3.38 -57.55
N LEU B 479 -22.94 2.41 -57.17
CA LEU B 479 -23.33 1.38 -56.25
C LEU B 479 -23.24 1.90 -54.83
N LEU B 480 -22.17 2.64 -54.57
CA LEU B 480 -21.96 3.23 -53.26
C LEU B 480 -23.18 4.03 -52.88
N GLY B 481 -23.53 5.01 -53.72
CA GLY B 481 -24.68 5.85 -53.50
C GLY B 481 -25.92 5.02 -53.17
N LYS B 482 -26.09 3.88 -53.84
CA LYS B 482 -27.24 3.05 -53.55
C LYS B 482 -27.18 2.61 -52.11
N ILE B 483 -26.08 1.90 -51.81
CA ILE B 483 -25.80 1.38 -50.49
C ILE B 483 -26.07 2.45 -49.46
N ARG B 484 -25.39 3.57 -49.67
CA ARG B 484 -25.50 4.72 -48.80
C ARG B 484 -26.91 5.25 -48.74
N THR B 485 -27.52 5.41 -49.91
CA THR B 485 -28.88 5.89 -49.96
C THR B 485 -29.88 4.90 -49.40
N ASP B 486 -29.91 3.69 -49.96
CA ASP B 486 -30.79 2.65 -49.48
C ASP B 486 -30.55 2.47 -47.98
N GLY B 487 -29.27 2.49 -47.62
CA GLY B 487 -28.85 2.35 -46.24
C GLY B 487 -28.80 0.88 -45.86
N LYS B 488 -29.02 0.04 -46.85
CA LYS B 488 -29.02 -1.39 -46.70
C LYS B 488 -28.32 -2.00 -47.90
N ILE B 489 -28.06 -3.31 -47.87
CA ILE B 489 -27.42 -3.95 -49.02
C ILE B 489 -28.41 -4.82 -49.75
N SER B 490 -29.05 -4.25 -50.76
CA SER B 490 -30.03 -4.95 -51.56
C SER B 490 -29.42 -6.07 -52.40
N GLU B 491 -30.26 -7.05 -52.75
CA GLU B 491 -29.86 -8.20 -53.54
C GLU B 491 -29.04 -7.83 -54.76
N GLU B 492 -29.46 -6.78 -55.44
CA GLU B 492 -28.73 -6.32 -56.61
C GLU B 492 -27.39 -5.76 -56.17
N SER B 493 -27.45 -4.83 -55.21
CA SER B 493 -26.28 -4.17 -54.65
C SER B 493 -25.24 -5.17 -54.17
N ASP B 494 -25.71 -6.20 -53.52
CA ASP B 494 -24.83 -7.23 -53.03
C ASP B 494 -24.30 -8.06 -54.18
N ALA B 495 -25.17 -8.30 -55.15
CA ALA B 495 -24.82 -9.06 -56.33
C ALA B 495 -23.74 -8.31 -57.11
N LYS B 496 -24.01 -7.03 -57.29
CA LYS B 496 -23.12 -6.14 -57.98
C LYS B 496 -21.77 -6.08 -57.28
N LEU B 497 -21.83 -5.93 -55.96
CA LEU B 497 -20.66 -5.86 -55.10
C LEU B 497 -19.78 -7.10 -55.22
N LYS B 498 -20.42 -8.28 -55.16
CA LYS B 498 -19.75 -9.57 -55.24
C LYS B 498 -18.87 -9.70 -56.48
N GLU B 499 -19.43 -9.33 -57.62
CA GLU B 499 -18.68 -9.40 -58.86
C GLU B 499 -17.54 -8.39 -58.78
N ILE B 500 -17.90 -7.20 -58.27
CA ILE B 500 -16.96 -6.08 -58.11
C ILE B 500 -15.70 -6.48 -57.36
N VAL B 501 -15.85 -7.29 -56.32
CA VAL B 501 -14.66 -7.73 -55.62
C VAL B 501 -13.96 -8.77 -56.48
N THR B 502 -14.80 -9.61 -57.09
CA THR B 502 -14.40 -10.70 -57.97
C THR B 502 -13.44 -10.27 -59.06
N ASN B 503 -13.89 -9.34 -59.87
CA ASN B 503 -13.07 -8.85 -60.95
C ASN B 503 -11.83 -8.14 -60.46
N PHE B 504 -12.01 -7.19 -59.52
CA PHE B 504 -10.89 -6.44 -58.97
C PHE B 504 -9.79 -7.40 -58.52
N LEU B 505 -10.23 -8.44 -57.81
CA LEU B 505 -9.32 -9.47 -57.34
C LEU B 505 -8.51 -9.98 -58.51
N ALA B 506 -9.24 -10.63 -59.41
CA ALA B 506 -8.72 -11.24 -60.63
C ALA B 506 -7.64 -10.40 -61.29
N GLY B 507 -7.71 -9.10 -61.12
CA GLY B 507 -6.73 -8.25 -61.73
C GLY B 507 -5.66 -7.77 -60.77
N PHE B 508 -5.83 -8.06 -59.48
CA PHE B 508 -4.87 -7.59 -58.49
C PHE B 508 -3.45 -8.12 -58.57
N GLU B 509 -2.50 -7.20 -58.77
CA GLU B 509 -1.10 -7.57 -58.85
C GLU B 509 -0.53 -7.79 -57.46
N ALA B 510 0.10 -8.96 -57.26
CA ALA B 510 0.68 -9.27 -55.97
C ALA B 510 1.67 -8.20 -55.56
N ALA C 19 -39.67 29.57 44.83
CA ALA C 19 -38.34 29.37 44.25
C ALA C 19 -38.22 28.00 43.63
N ASP C 20 -38.65 27.86 42.39
CA ASP C 20 -38.56 26.57 41.77
C ASP C 20 -37.09 26.18 41.68
N THR C 21 -36.68 25.19 42.47
CA THR C 21 -35.30 24.76 42.50
C THR C 21 -35.08 23.35 41.98
N SER C 22 -35.88 22.93 41.02
CA SER C 22 -35.75 21.59 40.51
C SER C 22 -34.71 21.43 39.42
N VAL C 23 -34.37 22.52 38.77
CA VAL C 23 -33.43 22.48 37.68
C VAL C 23 -32.13 23.23 37.96
N ASP C 24 -31.51 22.96 39.09
CA ASP C 24 -30.25 23.61 39.38
C ASP C 24 -29.21 22.98 38.49
N LEU C 25 -28.15 23.69 38.16
CA LEU C 25 -27.15 23.12 37.29
C LEU C 25 -26.20 22.11 37.94
N GLU C 26 -26.56 21.53 39.08
CA GLU C 26 -25.67 20.56 39.72
C GLU C 26 -26.03 19.09 39.48
N GLU C 27 -27.33 18.83 39.46
CA GLU C 27 -27.86 17.49 39.23
C GLU C 27 -28.62 17.41 37.93
N THR C 28 -28.64 18.53 37.22
CA THR C 28 -29.33 18.61 35.95
C THR C 28 -28.49 19.40 34.98
N GLY C 29 -28.92 19.42 33.73
CA GLY C 29 -28.20 20.13 32.70
C GLY C 29 -29.12 20.37 31.53
N ARG C 30 -28.66 21.16 30.58
CA ARG C 30 -29.47 21.44 29.42
C ARG C 30 -28.70 21.22 28.14
N VAL C 31 -29.30 20.52 27.20
CA VAL C 31 -28.64 20.24 25.95
C VAL C 31 -28.16 21.52 25.25
N LEU C 32 -26.86 21.61 24.97
CA LEU C 32 -26.30 22.75 24.26
C LEU C 32 -26.47 22.54 22.77
N SER C 33 -26.26 21.29 22.36
CA SER C 33 -26.38 20.90 20.97
C SER C 33 -26.44 19.39 20.86
N ILE C 34 -27.08 18.91 19.80
CA ILE C 34 -27.22 17.48 19.59
C ILE C 34 -27.16 17.14 18.13
N GLY C 35 -26.53 16.01 17.87
CA GLY C 35 -26.37 15.50 16.53
C GLY C 35 -25.51 14.25 16.52
N ASP C 36 -25.83 13.38 15.59
CA ASP C 36 -25.10 12.14 15.44
C ASP C 36 -24.97 11.37 16.72
N GLY C 37 -26.00 11.46 17.56
CA GLY C 37 -26.03 10.73 18.80
C GLY C 37 -25.17 11.28 19.93
N ILE C 38 -24.58 12.45 19.71
CA ILE C 38 -23.78 13.01 20.76
C ILE C 38 -24.41 14.27 21.30
N ALA C 39 -24.71 14.28 22.60
CA ALA C 39 -25.28 15.46 23.18
C ALA C 39 -24.20 16.22 23.94
N ARG C 40 -24.16 17.53 23.79
CA ARG C 40 -23.19 18.33 24.54
C ARG C 40 -23.92 19.11 25.63
N VAL C 41 -24.19 18.42 26.74
CA VAL C 41 -24.95 18.92 27.88
C VAL C 41 -24.26 20.01 28.70
N HIS C 42 -25.02 21.02 29.07
CA HIS C 42 -24.48 22.10 29.88
C HIS C 42 -24.89 21.82 31.32
N GLY C 43 -24.15 22.24 32.31
CA GLY C 43 -24.60 21.91 33.66
C GLY C 43 -24.04 20.58 34.15
N LEU C 44 -24.90 19.70 34.68
CA LEU C 44 -24.49 18.38 35.19
C LEU C 44 -23.19 18.46 36.00
N ARG C 45 -23.07 19.52 36.78
CA ARG C 45 -21.89 19.79 37.58
C ARG C 45 -21.41 18.68 38.49
N ASN C 46 -22.32 17.80 38.87
CA ASN C 46 -21.97 16.71 39.75
C ASN C 46 -21.93 15.34 39.09
N VAL C 47 -21.98 15.25 37.76
CA VAL C 47 -21.93 13.93 37.14
C VAL C 47 -20.56 13.33 37.25
N GLN C 48 -20.52 12.01 37.34
CA GLN C 48 -19.25 11.29 37.39
C GLN C 48 -18.98 10.74 36.02
N ALA C 49 -17.71 10.58 35.66
CA ALA C 49 -17.43 10.04 34.34
C ALA C 49 -18.05 8.65 34.24
N GLU C 50 -18.65 8.35 33.09
CA GLU C 50 -19.28 7.05 32.87
C GLU C 50 -20.62 6.84 33.57
N GLU C 51 -21.22 7.93 34.06
CA GLU C 51 -22.50 7.87 34.74
C GLU C 51 -23.64 8.01 33.75
N MET C 52 -24.75 7.35 34.07
CA MET C 52 -25.92 7.42 33.23
C MET C 52 -26.83 8.59 33.50
N VAL C 53 -27.26 9.25 32.45
CA VAL C 53 -28.13 10.37 32.64
C VAL C 53 -29.46 10.08 31.99
N GLU C 54 -30.41 11.00 32.11
CA GLU C 54 -31.70 10.80 31.47
C GLU C 54 -32.10 12.03 30.72
N PHE C 55 -32.66 11.80 29.55
CA PHE C 55 -33.16 12.86 28.71
C PHE C 55 -34.65 13.03 28.96
N SER C 56 -35.19 14.24 28.71
CA SER C 56 -36.62 14.52 28.92
C SER C 56 -37.45 13.39 28.35
N SER C 57 -37.11 13.04 27.13
CA SER C 57 -37.73 11.99 26.38
C SER C 57 -37.56 10.57 26.96
N GLY C 58 -37.12 10.41 28.21
CA GLY C 58 -36.94 9.07 28.74
C GLY C 58 -35.76 8.31 28.12
N LEU C 59 -35.05 8.98 27.22
CA LEU C 59 -33.88 8.47 26.53
C LEU C 59 -32.64 8.56 27.42
N LYS C 60 -32.01 7.41 27.64
CA LYS C 60 -30.81 7.31 28.45
C LYS C 60 -29.56 7.63 27.67
N GLY C 61 -28.58 8.20 28.36
CA GLY C 61 -27.30 8.54 27.77
C GLY C 61 -26.20 8.02 28.67
N MET C 62 -24.97 8.42 28.39
CA MET C 62 -23.82 8.01 29.17
C MET C 62 -22.74 9.08 29.07
N SER C 63 -22.33 9.57 30.23
CA SER C 63 -21.35 10.64 30.38
C SER C 63 -19.91 10.22 30.08
N LEU C 64 -19.47 10.40 28.83
CA LEU C 64 -18.13 10.00 28.41
C LEU C 64 -17.04 11.07 28.52
N ASN C 65 -17.31 12.32 28.11
CA ASN C 65 -16.30 13.38 28.20
C ASN C 65 -16.65 14.41 29.24
N LEU C 66 -15.98 14.46 30.38
CA LEU C 66 -16.35 15.53 31.29
C LEU C 66 -15.41 16.69 31.02
N GLU C 67 -15.90 17.70 30.30
CA GLU C 67 -15.09 18.86 29.98
C GLU C 67 -15.39 20.05 30.86
N PRO C 68 -14.47 21.01 30.85
CA PRO C 68 -14.61 22.21 31.63
C PRO C 68 -15.96 22.85 31.49
N ASP C 69 -16.36 23.12 30.25
CA ASP C 69 -17.62 23.77 29.99
C ASP C 69 -18.77 22.89 29.47
N ASN C 70 -18.65 21.57 29.52
CA ASN C 70 -19.76 20.79 29.00
C ASN C 70 -19.50 19.31 29.21
N VAL C 71 -20.56 18.52 29.13
CA VAL C 71 -20.43 17.07 29.27
C VAL C 71 -20.75 16.41 27.95
N GLY C 72 -19.86 15.58 27.42
CA GLY C 72 -20.12 14.87 26.17
C GLY C 72 -20.93 13.61 26.45
N VAL C 73 -22.20 13.63 26.11
CA VAL C 73 -23.04 12.48 26.37
C VAL C 73 -23.29 11.63 25.14
N VAL C 74 -23.13 10.34 25.35
CA VAL C 74 -23.33 9.30 24.36
C VAL C 74 -24.78 8.83 24.51
N VAL C 75 -25.58 8.95 23.44
CA VAL C 75 -26.99 8.58 23.48
C VAL C 75 -27.36 7.15 23.14
N PHE C 76 -28.02 6.46 24.08
CA PHE C 76 -28.44 5.06 23.90
C PHE C 76 -29.78 4.98 23.14
N GLY C 77 -29.85 5.55 21.95
CA GLY C 77 -31.11 5.52 21.21
C GLY C 77 -31.17 6.55 20.09
N ASN C 78 -32.35 6.82 19.55
CA ASN C 78 -32.46 7.77 18.46
C ASN C 78 -32.36 9.19 18.97
N ASP C 79 -31.34 9.91 18.51
CA ASP C 79 -31.21 11.29 18.96
C ASP C 79 -32.28 12.21 18.37
N LYS C 80 -33.15 11.66 17.54
CA LYS C 80 -34.16 12.52 16.96
C LYS C 80 -35.10 13.15 17.98
N LEU C 81 -35.20 12.53 19.15
CA LEU C 81 -36.08 13.04 20.18
C LEU C 81 -35.45 14.10 21.05
N ILE C 82 -34.18 14.35 20.84
CA ILE C 82 -33.48 15.35 21.63
C ILE C 82 -33.36 16.66 20.88
N LYS C 83 -33.41 17.76 21.62
CA LYS C 83 -33.26 19.07 21.00
C LYS C 83 -32.45 19.97 21.90
N GLU C 84 -31.89 21.02 21.32
CA GLU C 84 -31.12 21.96 22.11
C GLU C 84 -32.03 22.49 23.21
N GLY C 85 -31.51 22.58 24.43
CA GLY C 85 -32.30 23.08 25.53
C GLY C 85 -32.90 22.01 26.43
N ASP C 86 -33.07 20.79 25.93
CA ASP C 86 -33.64 19.72 26.74
C ASP C 86 -32.98 19.56 28.09
N ILE C 87 -33.79 19.15 29.06
CA ILE C 87 -33.32 18.90 30.40
C ILE C 87 -32.75 17.48 30.51
N VAL C 88 -31.54 17.43 31.05
CA VAL C 88 -30.85 16.17 31.27
C VAL C 88 -30.71 16.00 32.77
N LYS C 89 -31.05 14.83 33.26
CA LYS C 89 -30.99 14.58 34.68
C LYS C 89 -29.99 13.48 35.02
N ARG C 90 -29.25 13.66 36.12
CA ARG C 90 -28.32 12.63 36.57
C ARG C 90 -29.12 11.41 36.97
N THR C 91 -28.42 10.35 37.32
CA THR C 91 -29.05 9.12 37.72
C THR C 91 -28.29 8.61 38.92
N GLY C 92 -27.15 9.27 39.09
CA GLY C 92 -26.21 9.02 40.16
C GLY C 92 -25.60 7.66 40.03
N ALA C 93 -26.03 6.93 39.01
CA ALA C 93 -25.55 5.60 38.80
C ALA C 93 -24.63 5.35 37.61
N ILE C 94 -23.51 4.69 37.88
CA ILE C 94 -22.63 4.30 36.81
C ILE C 94 -23.39 3.16 36.11
N VAL C 95 -23.40 3.15 34.77
CA VAL C 95 -24.12 2.16 33.95
C VAL C 95 -24.10 0.71 34.46
N ASP C 96 -25.29 0.05 34.48
CA ASP C 96 -25.42 -1.34 34.94
C ASP C 96 -26.56 -2.07 34.22
N VAL C 97 -26.80 -3.36 34.57
CA VAL C 97 -27.86 -4.16 33.95
C VAL C 97 -28.37 -5.34 34.78
N PRO C 98 -29.59 -5.79 34.45
CA PRO C 98 -30.21 -6.93 35.10
C PRO C 98 -29.24 -8.10 35.02
N VAL C 99 -29.32 -8.99 35.99
CA VAL C 99 -28.43 -10.13 36.01
C VAL C 99 -29.10 -11.31 36.70
N GLY C 100 -28.67 -12.53 36.39
CA GLY C 100 -29.26 -13.69 37.05
C GLY C 100 -30.10 -14.61 36.16
N GLU C 101 -30.51 -15.73 36.78
CA GLU C 101 -31.28 -16.79 36.15
C GLU C 101 -32.57 -16.36 35.47
N GLU C 102 -33.12 -15.23 35.88
CA GLU C 102 -34.36 -14.81 35.25
C GLU C 102 -34.20 -14.64 33.76
N LEU C 103 -32.99 -14.26 33.37
CA LEU C 103 -32.69 -14.00 31.98
C LEU C 103 -32.71 -15.19 31.06
N LEU C 104 -32.37 -16.38 31.57
CA LEU C 104 -32.34 -17.57 30.74
C LEU C 104 -33.60 -17.74 29.91
N GLY C 105 -33.40 -18.15 28.67
CA GLY C 105 -34.50 -18.35 27.75
C GLY C 105 -35.14 -17.06 27.30
N ARG C 106 -34.45 -15.94 27.49
CA ARG C 106 -35.04 -14.71 27.05
C ARG C 106 -34.14 -13.94 26.12
N VAL C 107 -34.74 -13.09 25.29
CA VAL C 107 -33.98 -12.28 24.35
C VAL C 107 -34.02 -10.83 24.79
N VAL C 108 -32.88 -10.30 25.23
CA VAL C 108 -32.82 -8.92 25.69
C VAL C 108 -32.03 -7.98 24.78
N ASP C 109 -32.18 -6.67 25.00
CA ASP C 109 -31.45 -5.68 24.23
C ASP C 109 -30.13 -5.38 24.94
N ALA C 110 -29.36 -4.43 24.44
CA ALA C 110 -28.10 -4.14 25.11
C ALA C 110 -28.22 -3.64 26.55
N LEU C 111 -29.43 -3.26 26.97
CA LEU C 111 -29.64 -2.75 28.31
C LEU C 111 -30.35 -3.70 29.28
N GLY C 112 -30.77 -4.86 28.80
CA GLY C 112 -31.46 -5.81 29.64
C GLY C 112 -32.95 -5.96 29.30
N ASN C 113 -33.56 -4.89 28.78
CA ASN C 113 -34.97 -4.90 28.40
C ASN C 113 -35.31 -6.04 27.46
N ALA C 114 -36.43 -6.72 27.71
CA ALA C 114 -36.83 -7.82 26.86
C ALA C 114 -37.25 -7.33 25.48
N ILE C 115 -37.03 -8.19 24.47
CA ILE C 115 -37.41 -7.86 23.10
C ILE C 115 -38.20 -8.99 22.48
N ASP C 116 -38.39 -10.05 23.27
CA ASP C 116 -39.15 -11.21 22.83
C ASP C 116 -40.62 -11.06 23.15
N GLY C 117 -41.00 -9.86 23.57
CA GLY C 117 -42.38 -9.58 23.89
C GLY C 117 -42.99 -10.61 24.82
N LYS C 118 -42.14 -11.25 25.63
CA LYS C 118 -42.57 -12.26 26.57
C LYS C 118 -42.72 -11.73 27.99
N GLY C 119 -42.99 -10.44 28.17
CA GLY C 119 -43.11 -9.91 29.51
C GLY C 119 -41.78 -9.42 30.07
N PRO C 120 -41.86 -8.80 31.25
CA PRO C 120 -40.71 -8.27 31.93
C PRO C 120 -39.89 -9.41 32.49
N ILE C 121 -38.62 -9.12 32.78
CA ILE C 121 -37.68 -10.06 33.36
C ILE C 121 -37.88 -10.02 34.86
N GLY C 122 -37.86 -11.14 35.55
CA GLY C 122 -38.03 -11.06 36.99
C GLY C 122 -36.73 -10.82 37.75
N SER C 123 -35.93 -9.83 37.32
CA SER C 123 -34.65 -9.57 37.97
C SER C 123 -34.70 -8.95 39.35
N LYS C 124 -33.84 -9.51 40.21
CA LYS C 124 -33.69 -9.05 41.57
C LYS C 124 -32.30 -8.47 41.79
N ALA C 125 -31.38 -8.82 40.89
CA ALA C 125 -30.03 -8.32 40.98
C ALA C 125 -29.65 -7.46 39.79
N ARG C 126 -28.60 -6.69 39.97
CA ARG C 126 -28.07 -5.85 38.92
C ARG C 126 -26.56 -5.95 38.94
N ARG C 127 -25.94 -5.41 37.92
CA ARG C 127 -24.51 -5.50 37.84
C ARG C 127 -23.96 -4.43 36.93
N ARG C 128 -22.86 -3.82 37.33
CA ARG C 128 -22.27 -2.83 36.45
C ARG C 128 -21.76 -3.51 35.20
N VAL C 129 -22.00 -2.92 34.02
CA VAL C 129 -21.51 -3.55 32.80
C VAL C 129 -20.00 -3.61 32.78
N GLY C 130 -19.37 -2.56 33.27
CA GLY C 130 -17.93 -2.54 33.23
C GLY C 130 -17.25 -2.70 34.57
N LEU C 131 -16.82 -3.92 34.83
CA LEU C 131 -16.13 -4.22 36.06
C LEU C 131 -14.81 -4.89 35.70
N LYS C 132 -13.75 -4.55 36.42
CA LYS C 132 -12.45 -5.13 36.17
C LYS C 132 -12.54 -6.64 36.33
N ALA C 133 -11.70 -7.35 35.58
CA ALA C 133 -11.68 -8.79 35.69
C ALA C 133 -10.91 -9.17 36.94
N PRO C 134 -11.29 -10.30 37.53
CA PRO C 134 -10.64 -10.80 38.72
C PRO C 134 -9.13 -10.89 38.53
N GLY C 135 -8.41 -10.56 39.59
CA GLY C 135 -6.96 -10.55 39.58
C GLY C 135 -6.33 -11.94 39.52
N ILE C 136 -5.07 -11.96 39.93
CA ILE C 136 -4.25 -13.16 39.97
C ILE C 136 -4.73 -14.15 41.03
N ILE C 137 -4.89 -13.63 42.24
CA ILE C 137 -5.28 -14.39 43.42
C ILE C 137 -6.56 -15.22 43.37
N PRO C 138 -7.64 -14.61 42.92
CA PRO C 138 -8.93 -15.28 42.86
C PRO C 138 -9.10 -16.35 41.79
N ARG C 139 -8.09 -16.68 41.00
CA ARG C 139 -8.30 -17.72 39.99
C ARG C 139 -7.52 -19.01 40.25
N ILE C 140 -7.75 -19.98 39.37
CA ILE C 140 -7.06 -21.26 39.38
C ILE C 140 -6.92 -21.73 37.93
N SER C 141 -5.83 -22.42 37.61
CA SER C 141 -5.59 -22.89 36.25
C SER C 141 -6.79 -23.59 35.66
N VAL C 142 -7.07 -23.32 34.38
CA VAL C 142 -8.17 -23.98 33.69
C VAL C 142 -7.88 -25.47 33.68
N ARG C 143 -8.87 -26.28 34.04
CA ARG C 143 -8.64 -27.72 34.07
C ARG C 143 -9.79 -28.56 33.61
N GLU C 144 -10.99 -28.00 33.65
CA GLU C 144 -12.18 -28.69 33.24
C GLU C 144 -12.44 -28.41 31.79
N PRO C 145 -12.70 -29.45 31.01
CA PRO C 145 -12.98 -29.26 29.61
C PRO C 145 -14.30 -28.56 29.41
N MET C 146 -14.42 -27.97 28.23
CA MET C 146 -15.59 -27.29 27.73
C MET C 146 -15.76 -27.96 26.38
N GLN C 147 -16.60 -28.99 26.30
CA GLN C 147 -16.78 -29.75 25.07
C GLN C 147 -17.66 -29.08 24.03
N THR C 148 -17.11 -28.92 22.83
CA THR C 148 -17.85 -28.32 21.75
C THR C 148 -18.76 -29.33 21.06
N GLY C 149 -18.22 -30.53 20.84
CA GLY C 149 -18.96 -31.58 20.16
C GLY C 149 -18.40 -31.74 18.78
N ILE C 150 -17.39 -30.93 18.52
CA ILE C 150 -16.70 -30.93 17.25
C ILE C 150 -15.35 -31.58 17.43
N LYS C 151 -15.18 -32.74 16.80
CA LYS C 151 -13.93 -33.48 16.90
C LYS C 151 -12.70 -32.61 16.68
N ALA C 152 -12.66 -31.94 15.54
CA ALA C 152 -11.56 -31.06 15.15
C ALA C 152 -11.13 -30.13 16.26
N VAL C 153 -12.12 -29.55 16.91
CA VAL C 153 -11.88 -28.62 18.00
C VAL C 153 -11.49 -29.34 19.27
N ASP C 154 -12.38 -30.21 19.74
CA ASP C 154 -12.17 -30.97 20.95
C ASP C 154 -10.91 -31.83 20.98
N SER C 155 -10.38 -32.18 19.81
CA SER C 155 -9.18 -33.00 19.70
C SER C 155 -7.88 -32.23 19.47
N LEU C 156 -7.94 -31.18 18.65
CA LEU C 156 -6.78 -30.37 18.29
C LEU C 156 -6.66 -29.03 19.01
N VAL C 157 -7.79 -28.38 19.27
CA VAL C 157 -7.68 -27.08 19.93
C VAL C 157 -8.59 -26.97 21.16
N PRO C 158 -8.46 -27.97 22.05
CA PRO C 158 -9.23 -28.12 23.29
C PRO C 158 -9.53 -26.82 23.99
N ILE C 159 -10.76 -26.74 24.50
CA ILE C 159 -11.21 -25.57 25.24
C ILE C 159 -11.57 -25.95 26.67
N GLY C 160 -10.96 -25.27 27.63
CA GLY C 160 -11.25 -25.53 29.05
C GLY C 160 -12.18 -24.46 29.61
N ARG C 161 -12.76 -24.69 30.79
CA ARG C 161 -13.65 -23.70 31.39
C ARG C 161 -12.87 -22.54 31.97
N GLY C 162 -13.27 -21.33 31.61
CA GLY C 162 -12.57 -20.15 32.09
C GLY C 162 -11.60 -19.68 31.01
N GLN C 163 -11.61 -20.42 29.90
CA GLN C 163 -10.79 -20.16 28.74
C GLN C 163 -11.46 -19.22 27.73
N ARG C 164 -10.63 -18.59 26.93
CA ARG C 164 -11.08 -17.71 25.88
C ARG C 164 -10.48 -18.24 24.60
N GLU C 165 -11.33 -18.62 23.70
CA GLU C 165 -10.88 -19.16 22.44
C GLU C 165 -11.61 -18.40 21.37
N LEU C 166 -10.85 -17.82 20.45
CA LEU C 166 -11.38 -17.01 19.36
C LEU C 166 -11.79 -17.80 18.13
N ILE C 167 -12.95 -17.46 17.55
CA ILE C 167 -13.38 -18.09 16.29
C ILE C 167 -13.14 -17.01 15.22
N ILE C 168 -12.16 -17.20 14.32
CA ILE C 168 -11.83 -16.18 13.32
C ILE C 168 -11.77 -16.72 11.89
N GLY C 169 -12.18 -15.89 10.91
CA GLY C 169 -12.20 -16.24 9.49
C GLY C 169 -12.99 -15.26 8.64
N ASP C 170 -13.01 -15.45 7.31
CA ASP C 170 -13.76 -14.54 6.44
C ASP C 170 -15.26 -14.69 6.57
N ARG C 171 -15.99 -13.86 5.85
CA ARG C 171 -17.44 -13.96 5.90
C ARG C 171 -17.84 -15.34 5.41
N GLN C 172 -18.88 -15.94 5.99
CA GLN C 172 -19.36 -17.24 5.55
C GLN C 172 -18.37 -18.40 5.63
N THR C 173 -17.45 -18.38 6.55
CA THR C 173 -16.58 -19.52 6.61
C THR C 173 -17.14 -20.56 7.57
N GLY C 174 -18.14 -20.16 8.34
CA GLY C 174 -18.77 -21.06 9.30
C GLY C 174 -18.51 -20.72 10.76
N LYS C 175 -18.11 -19.47 11.03
CA LYS C 175 -17.79 -19.01 12.38
C LYS C 175 -18.92 -19.17 13.38
N THR C 176 -20.12 -18.76 13.01
CA THR C 176 -21.22 -18.84 13.94
C THR C 176 -21.59 -20.25 14.29
N SER C 177 -21.58 -21.09 13.26
CA SER C 177 -21.92 -22.49 13.41
C SER C 177 -21.15 -23.11 14.58
N ILE C 178 -19.85 -22.83 14.67
CA ILE C 178 -19.04 -23.37 15.75
C ILE C 178 -19.67 -23.04 17.10
N ALA C 179 -20.19 -21.81 17.22
CA ALA C 179 -20.83 -21.34 18.43
C ALA C 179 -22.16 -22.05 18.69
N ILE C 180 -22.97 -22.19 17.64
CA ILE C 180 -24.26 -22.85 17.79
C ILE C 180 -24.11 -24.30 18.19
N ASP C 181 -23.21 -25.05 17.53
CA ASP C 181 -23.05 -26.44 17.90
C ASP C 181 -22.67 -26.61 19.35
N THR C 182 -21.82 -25.70 19.80
CA THR C 182 -21.34 -25.69 21.16
C THR C 182 -22.43 -25.45 22.20
N ILE C 183 -23.37 -24.55 21.88
CA ILE C 183 -24.49 -24.23 22.75
C ILE C 183 -25.44 -25.40 22.78
N ILE C 184 -25.62 -26.03 21.62
CA ILE C 184 -26.50 -27.16 21.50
C ILE C 184 -25.94 -28.39 22.19
N ASN C 185 -24.63 -28.57 22.07
CA ASN C 185 -23.98 -29.71 22.69
C ASN C 185 -24.16 -29.73 24.21
N GLN C 186 -24.35 -28.56 24.81
CA GLN C 186 -24.50 -28.44 26.26
C GLN C 186 -25.73 -29.10 26.87
N LYS C 187 -26.70 -29.53 26.06
CA LYS C 187 -27.91 -30.16 26.58
C LYS C 187 -27.60 -31.41 27.36
N ARG C 188 -26.55 -32.13 26.91
CA ARG C 188 -26.09 -33.37 27.53
C ARG C 188 -26.01 -33.20 29.03
N PHE C 189 -25.23 -32.22 29.42
CA PHE C 189 -25.01 -31.94 30.82
C PHE C 189 -26.15 -31.20 31.50
N ASN C 190 -26.74 -30.26 30.78
CA ASN C 190 -27.81 -29.47 31.34
C ASN C 190 -29.06 -30.27 31.63
N ASP C 191 -29.30 -31.28 30.81
CA ASP C 191 -30.47 -32.08 31.06
C ASP C 191 -30.17 -33.12 32.12
N GLY C 192 -28.89 -33.18 32.47
CA GLY C 192 -28.38 -34.10 33.47
C GLY C 192 -28.62 -33.65 34.90
N THR C 193 -28.07 -34.47 35.80
CA THR C 193 -28.14 -34.33 37.25
C THR C 193 -27.12 -33.37 37.85
N ASP C 194 -25.86 -33.66 37.59
CA ASP C 194 -24.70 -32.92 38.07
C ASP C 194 -24.74 -31.44 37.71
N GLU C 195 -24.71 -30.58 38.72
CA GLU C 195 -24.75 -29.14 38.51
C GLU C 195 -23.41 -28.53 38.15
N LYS C 196 -22.34 -29.24 38.47
CA LYS C 196 -21.01 -28.75 38.18
C LYS C 196 -20.73 -28.77 36.69
N LYS C 197 -21.23 -29.81 36.03
CA LYS C 197 -21.04 -29.97 34.60
C LYS C 197 -21.88 -29.05 33.75
N LYS C 198 -22.97 -28.54 34.31
CA LYS C 198 -23.87 -27.65 33.59
C LYS C 198 -23.19 -26.38 33.11
N LEU C 199 -23.63 -25.91 31.94
CA LEU C 199 -23.12 -24.72 31.28
C LEU C 199 -24.22 -23.81 30.74
N TYR C 200 -24.40 -22.67 31.38
CA TYR C 200 -25.38 -21.72 30.92
C TYR C 200 -24.73 -20.90 29.84
N CYS C 201 -25.45 -20.70 28.76
CA CYS C 201 -24.90 -19.99 27.63
C CYS C 201 -25.47 -18.61 27.41
N ILE C 202 -24.63 -17.76 26.85
CA ILE C 202 -25.02 -16.40 26.52
C ILE C 202 -24.56 -16.12 25.11
N TYR C 203 -25.47 -15.60 24.30
CA TYR C 203 -25.17 -15.30 22.92
C TYR C 203 -25.46 -13.86 22.59
N VAL C 204 -24.39 -13.11 22.36
CA VAL C 204 -24.46 -11.68 22.04
C VAL C 204 -24.35 -11.39 20.56
N ALA C 205 -25.41 -10.83 19.98
CA ALA C 205 -25.36 -10.45 18.59
C ALA C 205 -24.93 -8.99 18.51
N ILE C 206 -24.03 -8.65 17.61
CA ILE C 206 -23.59 -7.26 17.53
C ILE C 206 -23.49 -6.76 16.10
N GLY C 207 -24.36 -5.80 15.75
CA GLY C 207 -24.33 -5.25 14.39
C GLY C 207 -25.00 -6.20 13.40
N GLN C 208 -25.37 -7.36 13.91
CA GLN C 208 -26.02 -8.38 13.12
C GLN C 208 -27.35 -7.91 12.58
N LYS C 209 -28.06 -8.79 11.91
CA LYS C 209 -29.35 -8.46 11.31
C LYS C 209 -30.50 -9.06 12.13
N ARG C 210 -31.58 -8.32 12.38
CA ARG C 210 -32.71 -8.86 13.15
C ARG C 210 -33.27 -10.20 12.69
N SER C 211 -33.47 -10.38 11.39
CA SER C 211 -34.03 -11.65 10.92
C SER C 211 -33.11 -12.85 11.17
N THR C 212 -31.81 -12.62 11.08
CA THR C 212 -30.78 -13.62 11.31
C THR C 212 -30.79 -14.08 12.74
N VAL C 213 -30.92 -13.10 13.63
CA VAL C 213 -30.97 -13.36 15.05
C VAL C 213 -32.25 -14.15 15.32
N ALA C 214 -33.36 -13.65 14.74
CA ALA C 214 -34.63 -14.33 14.87
C ALA C 214 -34.49 -15.77 14.38
N GLN C 215 -33.71 -15.94 13.31
CA GLN C 215 -33.46 -17.27 12.77
C GLN C 215 -32.74 -18.10 13.82
N LEU C 216 -31.69 -17.48 14.33
CA LEU C 216 -30.77 -17.99 15.34
C LEU C 216 -31.49 -18.46 16.58
N VAL C 217 -32.40 -17.65 17.10
CA VAL C 217 -33.12 -18.06 18.29
C VAL C 217 -34.17 -19.14 18.02
N LYS C 218 -34.57 -19.24 16.75
CA LYS C 218 -35.51 -20.28 16.40
C LYS C 218 -34.83 -21.63 16.55
N ARG C 219 -33.71 -21.76 15.85
CA ARG C 219 -32.90 -22.96 15.88
C ARG C 219 -32.61 -23.38 17.30
N LEU C 220 -32.19 -22.42 18.12
CA LEU C 220 -31.93 -22.71 19.51
C LEU C 220 -33.17 -23.29 20.17
N THR C 221 -34.30 -22.65 19.91
CA THR C 221 -35.52 -23.13 20.48
C THR C 221 -35.77 -24.54 19.99
N ASP C 222 -35.74 -24.73 18.68
CA ASP C 222 -35.98 -26.06 18.14
C ASP C 222 -35.10 -27.14 18.73
N ALA C 223 -33.93 -26.75 19.21
CA ALA C 223 -32.97 -27.69 19.77
C ALA C 223 -33.15 -27.87 21.26
N ASP C 224 -34.07 -27.07 21.78
CA ASP C 224 -34.34 -27.10 23.18
C ASP C 224 -33.15 -26.61 23.97
N ALA C 225 -32.55 -25.53 23.46
CA ALA C 225 -31.38 -24.93 24.07
C ALA C 225 -31.65 -23.53 24.64
N MET C 226 -32.77 -22.92 24.27
CA MET C 226 -33.10 -21.60 24.78
C MET C 226 -33.24 -21.59 26.29
N LYS C 227 -33.75 -22.71 26.83
CA LYS C 227 -33.96 -22.85 28.26
C LYS C 227 -32.74 -22.43 29.05
N TYR C 228 -31.57 -22.77 28.54
CA TYR C 228 -30.34 -22.42 29.21
C TYR C 228 -29.57 -21.26 28.57
N THR C 229 -30.18 -20.60 27.60
CA THR C 229 -29.51 -19.50 26.93
C THR C 229 -30.15 -18.14 27.14
N ILE C 230 -29.31 -17.11 27.16
CA ILE C 230 -29.73 -15.72 27.24
C ILE C 230 -29.26 -15.14 25.93
N VAL C 231 -30.02 -14.27 25.32
CA VAL C 231 -29.52 -13.72 24.08
C VAL C 231 -29.57 -12.20 24.10
N VAL C 232 -28.41 -11.58 24.18
CA VAL C 232 -28.34 -10.13 24.19
C VAL C 232 -28.18 -9.68 22.76
N SER C 233 -29.11 -8.91 22.29
CA SER C 233 -29.08 -8.49 20.92
C SER C 233 -28.95 -7.00 20.77
N ALA C 234 -27.96 -6.57 20.01
CA ALA C 234 -27.72 -5.17 19.70
C ALA C 234 -27.42 -5.18 18.23
N THR C 235 -28.50 -5.14 17.45
CA THR C 235 -28.45 -5.24 16.01
C THR C 235 -28.15 -3.99 15.15
N ALA C 236 -28.00 -4.25 13.85
CA ALA C 236 -27.68 -3.30 12.78
C ALA C 236 -28.30 -1.92 12.90
N SER C 237 -29.56 -1.87 13.31
CA SER C 237 -30.18 -0.57 13.45
C SER C 237 -30.01 0.00 14.85
N ASP C 238 -29.51 -0.78 15.80
CA ASP C 238 -29.36 -0.22 17.14
C ASP C 238 -28.30 0.89 17.16
N ALA C 239 -28.46 1.88 18.03
CA ALA C 239 -27.51 2.99 18.13
C ALA C 239 -26.11 2.46 18.36
N ALA C 240 -25.09 3.19 17.89
CA ALA C 240 -23.71 2.74 18.07
C ALA C 240 -23.38 2.34 19.50
N PRO C 241 -23.81 3.17 20.45
CA PRO C 241 -23.57 2.90 21.85
C PRO C 241 -24.21 1.61 22.35
N LEU C 242 -25.34 1.26 21.79
CA LEU C 242 -25.93 0.03 22.23
C LEU C 242 -25.07 -1.16 21.81
N GLN C 243 -24.66 -1.12 20.54
CA GLN C 243 -23.80 -2.12 19.95
C GLN C 243 -22.50 -2.22 20.71
N TYR C 244 -21.99 -1.04 21.06
CA TYR C 244 -20.77 -0.90 21.80
C TYR C 244 -20.84 -1.51 23.20
N LEU C 245 -21.92 -1.23 23.89
CA LEU C 245 -22.12 -1.71 25.24
C LEU C 245 -22.38 -3.19 25.32
N ALA C 246 -23.25 -3.65 24.39
CA ALA C 246 -23.70 -5.03 24.28
C ALA C 246 -22.79 -6.12 24.83
N PRO C 247 -21.55 -6.22 24.35
CA PRO C 247 -20.66 -7.24 24.86
C PRO C 247 -20.43 -7.10 26.35
N TYR C 248 -20.18 -5.90 26.86
CA TYR C 248 -19.99 -5.74 28.30
C TYR C 248 -21.23 -6.16 29.09
N SER C 249 -22.40 -5.81 28.56
CA SER C 249 -23.67 -6.16 29.19
C SER C 249 -23.75 -7.66 29.32
N GLY C 250 -23.67 -8.36 28.20
CA GLY C 250 -23.74 -9.81 28.21
C GLY C 250 -22.72 -10.46 29.14
N CYS C 251 -21.55 -9.82 29.22
CA CYS C 251 -20.46 -10.28 30.05
C CYS C 251 -20.84 -10.33 31.52
N SER C 252 -21.44 -9.21 31.98
CA SER C 252 -21.91 -9.02 33.34
C SER C 252 -22.95 -10.06 33.71
N MET C 253 -23.76 -10.41 32.73
CA MET C 253 -24.79 -11.39 32.94
C MET C 253 -24.14 -12.74 33.20
N GLY C 254 -23.06 -12.98 32.48
CA GLY C 254 -22.32 -14.22 32.62
C GLY C 254 -21.51 -14.29 33.90
N GLU C 255 -21.09 -13.13 34.43
CA GLU C 255 -20.30 -13.15 35.64
C GLU C 255 -21.14 -13.60 36.83
N TYR C 256 -22.44 -13.36 36.71
CA TYR C 256 -23.38 -13.75 37.73
C TYR C 256 -23.18 -15.22 38.02
N PHE C 257 -23.19 -16.00 36.95
CA PHE C 257 -22.96 -17.40 37.08
C PHE C 257 -21.54 -17.66 37.58
N ARG C 258 -20.57 -17.01 36.94
CA ARG C 258 -19.16 -17.17 37.28
C ARG C 258 -18.86 -16.93 38.75
N ASP C 259 -19.43 -15.88 39.30
CA ASP C 259 -19.19 -15.52 40.68
C ASP C 259 -19.93 -16.35 41.69
N ASN C 260 -20.91 -17.11 41.22
CA ASN C 260 -21.73 -17.94 42.08
C ASN C 260 -21.52 -19.43 41.92
N GLY C 261 -20.28 -19.85 41.72
CA GLY C 261 -19.97 -21.26 41.59
C GLY C 261 -20.70 -21.98 40.47
N LYS C 262 -21.26 -21.23 39.52
CA LYS C 262 -21.94 -21.83 38.37
C LYS C 262 -21.02 -21.73 37.17
N HIS C 263 -21.44 -22.25 36.03
CA HIS C 263 -20.61 -22.19 34.83
C HIS C 263 -21.32 -21.59 33.63
N ALA C 264 -20.71 -20.58 33.01
CA ALA C 264 -21.29 -19.91 31.86
C ALA C 264 -20.36 -19.88 30.65
N LEU C 265 -20.97 -19.76 29.46
CA LEU C 265 -20.29 -19.70 28.17
C LEU C 265 -20.83 -18.51 27.41
N ILE C 266 -19.94 -17.62 26.98
CA ILE C 266 -20.42 -16.44 26.27
C ILE C 266 -19.82 -16.32 24.87
N ILE C 267 -20.70 -16.09 23.89
CA ILE C 267 -20.28 -15.92 22.50
C ILE C 267 -20.43 -14.44 22.12
N TYR C 268 -19.35 -13.78 21.69
CA TYR C 268 -19.43 -12.38 21.27
C TYR C 268 -19.41 -12.34 19.75
N ASP C 269 -20.58 -12.42 19.15
CA ASP C 269 -20.70 -12.46 17.71
C ASP C 269 -21.18 -11.19 17.06
N ASP C 270 -20.28 -10.36 16.52
CA ASP C 270 -18.83 -10.53 16.52
C ASP C 270 -18.20 -9.23 17.00
N LEU C 271 -16.94 -9.29 17.42
CA LEU C 271 -16.21 -8.14 17.96
C LEU C 271 -15.71 -7.17 16.91
N SER C 272 -15.94 -7.54 15.67
CA SER C 272 -15.54 -6.74 14.56
C SER C 272 -16.50 -5.57 14.40
N LYS C 273 -17.78 -5.91 14.47
CA LYS C 273 -18.81 -4.90 14.35
C LYS C 273 -18.84 -4.00 15.58
N GLN C 274 -18.42 -4.54 16.72
CA GLN C 274 -18.39 -3.75 17.93
C GLN C 274 -17.32 -2.69 17.83
N ALA C 275 -16.17 -3.09 17.34
CA ALA C 275 -15.09 -2.12 17.19
C ALA C 275 -15.54 -0.98 16.31
N VAL C 276 -16.19 -1.32 15.18
CA VAL C 276 -16.70 -0.29 14.30
C VAL C 276 -17.58 0.67 15.05
N ALA C 277 -18.46 0.10 15.87
CA ALA C 277 -19.36 0.89 16.68
C ALA C 277 -18.53 1.78 17.56
N TYR C 278 -17.53 1.19 18.20
CA TYR C 278 -16.66 1.96 19.05
C TYR C 278 -16.04 3.11 18.28
N ARG C 279 -15.40 2.79 17.16
CA ARG C 279 -14.77 3.78 16.31
C ARG C 279 -15.72 4.94 16.01
N GLN C 280 -16.99 4.60 15.72
CA GLN C 280 -18.03 5.58 15.42
C GLN C 280 -18.27 6.49 16.60
N MET C 281 -18.65 5.86 17.70
CA MET C 281 -18.93 6.57 18.92
C MET C 281 -17.79 7.50 19.28
N SER C 282 -16.60 6.96 19.15
CA SER C 282 -15.36 7.66 19.46
C SER C 282 -15.07 8.87 18.56
N LEU C 283 -15.12 8.66 17.26
CA LEU C 283 -14.87 9.76 16.35
C LEU C 283 -15.89 10.88 16.54
N LEU C 284 -17.15 10.50 16.72
CA LEU C 284 -18.19 11.48 16.92
C LEU C 284 -17.96 12.34 18.17
N LEU C 285 -17.25 11.79 19.14
CA LEU C 285 -16.95 12.54 20.35
C LEU C 285 -15.76 13.45 20.09
N ARG C 286 -15.22 13.32 18.88
CA ARG C 286 -14.07 14.08 18.43
C ARG C 286 -12.74 13.56 18.95
N ARG C 287 -12.68 12.32 19.41
CA ARG C 287 -11.41 11.79 19.88
C ARG C 287 -10.61 11.39 18.67
N PRO C 288 -9.42 11.97 18.50
CA PRO C 288 -8.59 11.71 17.33
C PRO C 288 -8.48 10.24 16.93
N PRO C 289 -8.66 10.00 15.65
CA PRO C 289 -8.60 8.67 15.09
C PRO C 289 -7.19 8.17 15.07
N GLY C 290 -7.04 6.88 15.35
CA GLY C 290 -5.76 6.20 15.38
C GLY C 290 -5.56 5.32 14.16
N ARG C 291 -4.68 4.34 14.33
CA ARG C 291 -4.35 3.39 13.29
C ARG C 291 -5.63 2.84 12.68
N GLU C 292 -5.66 2.81 11.36
CA GLU C 292 -6.83 2.35 10.63
C GLU C 292 -8.11 3.08 10.98
N ALA C 293 -7.98 4.28 11.53
CA ALA C 293 -9.14 5.07 11.89
C ALA C 293 -9.73 4.75 13.26
N TYR C 294 -9.35 3.61 13.85
CA TYR C 294 -9.86 3.26 15.18
C TYR C 294 -9.20 4.07 16.27
N PRO C 295 -9.86 4.13 17.41
CA PRO C 295 -9.32 4.83 18.54
C PRO C 295 -8.07 4.12 18.96
N GLY C 296 -7.09 4.88 19.41
CA GLY C 296 -5.83 4.31 19.83
C GLY C 296 -6.00 3.16 20.81
N ASP C 297 -7.12 3.13 21.53
CA ASP C 297 -7.33 2.06 22.50
C ASP C 297 -8.23 0.91 22.05
N VAL C 298 -8.27 0.52 20.77
CA VAL C 298 -9.14 -0.60 20.42
C VAL C 298 -8.75 -1.88 21.13
N PHE C 299 -7.44 -2.12 21.24
CA PHE C 299 -6.92 -3.29 21.93
C PHE C 299 -7.55 -3.36 23.28
N TYR C 300 -7.33 -2.29 24.04
CA TYR C 300 -7.88 -2.18 25.36
C TYR C 300 -9.37 -2.44 25.34
N LEU C 301 -10.07 -1.97 24.29
CA LEU C 301 -11.52 -2.17 24.21
C LEU C 301 -11.89 -3.64 24.36
N HIS C 302 -11.08 -4.51 23.74
CA HIS C 302 -11.31 -5.96 23.78
C HIS C 302 -10.65 -6.70 24.95
N SER C 303 -9.46 -6.27 25.34
CA SER C 303 -8.72 -6.89 26.44
C SER C 303 -9.56 -6.88 27.70
N ARG C 304 -9.93 -5.68 28.09
CA ARG C 304 -10.78 -5.36 29.22
C ARG C 304 -11.93 -6.36 29.33
N LEU C 305 -12.61 -6.55 28.20
CA LEU C 305 -13.76 -7.41 28.08
C LEU C 305 -13.48 -8.90 28.26
N LEU C 306 -12.56 -9.41 27.45
CA LEU C 306 -12.17 -10.79 27.45
C LEU C 306 -11.40 -11.23 28.68
N GLU C 307 -10.86 -10.29 29.43
CA GLU C 307 -10.14 -10.68 30.63
C GLU C 307 -11.12 -11.15 31.67
N ARG C 308 -12.36 -10.72 31.49
CA ARG C 308 -13.43 -11.09 32.39
C ARG C 308 -13.76 -12.57 32.37
N ALA C 309 -13.57 -13.19 31.21
CA ALA C 309 -13.78 -14.61 31.10
C ALA C 309 -12.72 -15.23 31.99
N ALA C 310 -13.10 -16.07 32.94
CA ALA C 310 -12.09 -16.61 33.82
C ALA C 310 -12.59 -17.81 34.60
N LYS C 311 -11.65 -18.50 35.27
CA LYS C 311 -11.91 -19.65 36.11
C LYS C 311 -11.55 -19.31 37.55
N MET C 312 -12.55 -19.20 38.41
CA MET C 312 -12.37 -18.85 39.81
C MET C 312 -11.97 -20.03 40.68
N ASN C 313 -11.13 -19.80 41.69
CA ASN C 313 -10.72 -20.87 42.58
C ASN C 313 -11.85 -21.31 43.49
N ASP C 314 -11.67 -22.44 44.17
CA ASP C 314 -12.69 -22.93 45.10
C ASP C 314 -13.06 -21.90 46.17
N ALA C 315 -12.09 -21.05 46.51
CA ALA C 315 -12.31 -20.00 47.50
C ALA C 315 -13.36 -19.02 47.00
N PHE C 316 -13.47 -18.91 45.68
CA PHE C 316 -14.45 -17.99 45.12
C PHE C 316 -15.66 -18.66 44.52
N GLY C 317 -15.81 -19.95 44.78
CA GLY C 317 -16.96 -20.64 44.27
C GLY C 317 -16.64 -21.62 43.15
N GLY C 318 -15.41 -21.63 42.68
CA GLY C 318 -15.04 -22.56 41.62
C GLY C 318 -15.81 -22.36 40.32
N GLY C 319 -16.62 -21.31 40.25
CA GLY C 319 -17.37 -21.03 39.03
C GLY C 319 -16.45 -20.56 37.92
N SER C 320 -17.01 -20.26 36.75
CA SER C 320 -16.20 -19.81 35.63
C SER C 320 -17.00 -19.05 34.56
N LEU C 321 -16.26 -18.47 33.63
CA LEU C 321 -16.79 -17.76 32.47
C LEU C 321 -15.88 -18.10 31.30
N THR C 322 -16.45 -18.71 30.26
CA THR C 322 -15.67 -19.07 29.09
C THR C 322 -16.11 -18.21 27.93
N ALA C 323 -15.17 -17.60 27.22
CA ALA C 323 -15.56 -16.74 26.10
C ALA C 323 -15.12 -17.25 24.74
N LEU C 324 -16.02 -17.12 23.77
CA LEU C 324 -15.79 -17.49 22.40
C LEU C 324 -16.16 -16.26 21.59
N PRO C 325 -15.17 -15.40 21.37
CA PRO C 325 -15.38 -14.17 20.63
C PRO C 325 -15.20 -14.43 19.14
N VAL C 326 -15.96 -13.71 18.32
CA VAL C 326 -15.85 -13.90 16.88
C VAL C 326 -15.22 -12.69 16.21
N ILE C 327 -14.30 -12.92 15.27
CA ILE C 327 -13.66 -11.84 14.54
C ILE C 327 -13.71 -12.15 13.07
N GLU C 328 -14.02 -11.15 12.26
CA GLU C 328 -14.12 -11.37 10.84
C GLU C 328 -12.95 -10.88 10.03
N THR C 329 -12.13 -11.76 9.52
CA THR C 329 -11.03 -11.27 8.71
C THR C 329 -11.55 -10.85 7.33
N GLN C 330 -10.61 -10.44 6.46
CA GLN C 330 -10.86 -10.05 5.08
C GLN C 330 -9.75 -10.70 4.28
N ALA C 331 -10.11 -11.37 3.21
CA ALA C 331 -9.10 -12.01 2.39
C ALA C 331 -8.21 -12.94 3.21
N GLY C 332 -8.84 -13.74 4.06
CA GLY C 332 -8.14 -14.70 4.92
C GLY C 332 -6.90 -14.15 5.63
N ASP C 333 -6.77 -12.84 5.69
CA ASP C 333 -5.60 -12.27 6.33
C ASP C 333 -5.67 -12.16 7.85
N VAL C 334 -5.13 -13.18 8.54
CA VAL C 334 -5.11 -13.19 10.00
C VAL C 334 -4.04 -12.29 10.58
N SER C 335 -3.08 -11.91 9.78
CA SER C 335 -2.04 -11.09 10.33
C SER C 335 -2.48 -9.67 10.56
N ALA C 336 -3.63 -9.35 9.98
CA ALA C 336 -4.22 -8.03 10.08
C ALA C 336 -4.25 -7.49 11.52
N TYR C 337 -4.03 -6.18 11.64
CA TYR C 337 -4.01 -5.46 12.91
C TYR C 337 -5.12 -5.86 13.90
N ILE C 338 -6.42 -5.69 13.58
CA ILE C 338 -7.45 -6.12 14.52
C ILE C 338 -7.39 -7.62 14.81
N PRO C 339 -7.26 -8.43 13.77
CA PRO C 339 -7.18 -9.85 13.99
C PRO C 339 -6.03 -10.23 14.89
N THR C 340 -4.91 -9.52 14.77
CA THR C 340 -3.79 -9.84 15.65
C THR C 340 -3.98 -9.27 17.04
N ASN C 341 -4.65 -8.11 17.10
CA ASN C 341 -4.92 -7.50 18.37
C ASN C 341 -5.64 -8.49 19.26
N VAL C 342 -6.73 -9.06 18.72
CA VAL C 342 -7.56 -10.04 19.41
C VAL C 342 -6.88 -11.39 19.57
N ILE C 343 -6.08 -11.78 18.60
CA ILE C 343 -5.42 -13.05 18.78
C ILE C 343 -4.49 -13.00 19.97
N SER C 344 -3.98 -11.81 20.25
CA SER C 344 -3.05 -11.62 21.35
C SER C 344 -3.67 -11.46 22.74
N ILE C 345 -4.96 -11.75 22.85
CA ILE C 345 -5.63 -11.64 24.12
C ILE C 345 -6.13 -12.98 24.59
N THR C 346 -6.80 -13.66 23.66
CA THR C 346 -7.43 -14.95 23.87
C THR C 346 -6.42 -16.07 24.07
N ASP C 347 -6.93 -17.19 24.60
CA ASP C 347 -6.15 -18.37 24.91
C ASP C 347 -6.04 -19.35 23.75
N GLY C 348 -5.99 -18.80 22.52
CA GLY C 348 -5.89 -19.56 21.28
C GLY C 348 -6.92 -19.06 20.25
N GLN C 349 -6.95 -19.72 19.08
CA GLN C 349 -7.91 -19.37 18.02
C GLN C 349 -8.27 -20.53 17.14
N ILE C 350 -9.48 -20.46 16.60
CA ILE C 350 -9.92 -21.44 15.65
C ILE C 350 -10.05 -20.69 14.32
N PHE C 351 -9.12 -20.94 13.40
CA PHE C 351 -9.12 -20.24 12.13
C PHE C 351 -9.76 -21.04 11.00
N LEU C 352 -10.83 -20.50 10.42
CA LEU C 352 -11.53 -21.16 9.33
C LEU C 352 -11.18 -20.56 7.98
N GLU C 353 -10.84 -21.39 6.99
CA GLU C 353 -10.52 -20.87 5.67
C GLU C 353 -11.61 -21.24 4.67
N THR C 354 -11.88 -20.36 3.70
CA THR C 354 -12.88 -20.67 2.70
C THR C 354 -12.35 -21.68 1.70
N GLU C 355 -11.02 -21.71 1.55
CA GLU C 355 -10.40 -22.66 0.64
C GLU C 355 -10.72 -24.06 1.10
N LEU C 356 -10.49 -24.29 2.40
CA LEU C 356 -10.73 -25.55 3.08
C LEU C 356 -12.16 -25.97 2.94
N PHE C 357 -13.02 -25.03 3.22
CA PHE C 357 -14.44 -25.20 3.14
C PHE C 357 -14.88 -25.69 1.77
N TYR C 358 -14.61 -24.90 0.73
CA TYR C 358 -14.97 -25.29 -0.62
C TYR C 358 -14.38 -26.64 -0.99
N LYS C 359 -13.16 -26.87 -0.51
CA LYS C 359 -12.46 -28.11 -0.78
C LYS C 359 -13.11 -29.34 -0.15
N GLY C 360 -14.07 -29.10 0.73
CA GLY C 360 -14.77 -30.19 1.39
C GLY C 360 -14.37 -30.41 2.85
N ILE C 361 -13.39 -29.64 3.31
CA ILE C 361 -12.93 -29.72 4.69
C ILE C 361 -13.82 -28.85 5.55
N ARG C 362 -14.86 -29.45 6.14
CA ARG C 362 -15.79 -28.74 6.99
C ARG C 362 -15.95 -29.48 8.29
N PRO C 363 -15.72 -28.82 9.44
CA PRO C 363 -15.34 -27.42 9.55
C PRO C 363 -14.08 -27.07 8.78
N ALA C 364 -13.99 -25.81 8.36
CA ALA C 364 -12.84 -25.35 7.63
C ALA C 364 -11.69 -25.00 8.57
N ILE C 365 -11.50 -25.80 9.63
CA ILE C 365 -10.43 -25.51 10.56
C ILE C 365 -9.08 -25.74 9.93
N ASN C 366 -8.22 -24.74 10.11
CA ASN C 366 -6.85 -24.76 9.65
C ASN C 366 -5.98 -25.15 10.83
N VAL C 367 -5.68 -26.44 10.87
CA VAL C 367 -4.91 -27.03 11.93
C VAL C 367 -3.65 -26.27 12.29
N GLY C 368 -2.86 -26.01 11.27
CA GLY C 368 -1.63 -25.30 11.46
C GLY C 368 -1.77 -24.00 12.23
N LEU C 369 -2.62 -23.12 11.72
CA LEU C 369 -2.86 -21.79 12.26
C LEU C 369 -3.70 -21.68 13.53
N SER C 370 -4.38 -22.76 13.91
CA SER C 370 -5.19 -22.71 15.10
C SER C 370 -4.41 -23.20 16.30
N VAL C 371 -4.72 -22.69 17.49
CA VAL C 371 -4.06 -23.15 18.69
C VAL C 371 -4.95 -23.01 19.90
N SER C 372 -4.52 -23.68 20.94
CA SER C 372 -5.13 -23.69 22.25
C SER C 372 -4.04 -23.52 23.29
N ARG C 373 -4.03 -22.38 23.94
CA ARG C 373 -3.00 -22.15 24.91
C ARG C 373 -3.19 -22.92 26.21
N VAL C 374 -4.29 -23.68 26.28
CA VAL C 374 -4.60 -24.52 27.43
C VAL C 374 -4.05 -25.93 27.28
N GLY C 375 -3.93 -26.36 26.04
CA GLY C 375 -3.39 -27.68 25.83
C GLY C 375 -4.27 -28.79 26.38
N SER C 376 -3.64 -29.93 26.64
CA SER C 376 -4.34 -31.10 27.15
C SER C 376 -4.98 -30.93 28.50
N ALA C 377 -4.53 -29.94 29.25
CA ALA C 377 -5.10 -29.69 30.55
C ALA C 377 -6.59 -29.48 30.45
N ALA C 378 -7.07 -29.25 29.24
CA ALA C 378 -8.50 -29.02 29.12
C ALA C 378 -9.23 -30.19 28.53
N GLN C 379 -8.52 -31.29 28.35
CA GLN C 379 -9.06 -32.51 27.78
C GLN C 379 -9.20 -33.63 28.78
N THR C 380 -10.12 -34.54 28.51
CA THR C 380 -10.28 -35.68 29.39
C THR C 380 -9.08 -36.61 29.13
N ARG C 381 -8.73 -37.49 30.07
CA ARG C 381 -7.61 -38.39 29.81
C ARG C 381 -7.83 -39.24 28.58
N ALA C 382 -9.08 -39.67 28.38
CA ALA C 382 -9.43 -40.49 27.23
C ALA C 382 -9.02 -39.79 25.95
N MET C 383 -9.36 -38.52 25.86
CA MET C 383 -9.02 -37.72 24.69
C MET C 383 -7.54 -37.37 24.57
N LYS C 384 -6.88 -37.13 25.71
CA LYS C 384 -5.45 -36.82 25.72
C LYS C 384 -4.73 -38.06 25.24
N GLN C 385 -5.26 -39.20 25.66
CA GLN C 385 -4.70 -40.47 25.27
C GLN C 385 -4.61 -40.63 23.77
N VAL C 386 -5.74 -40.41 23.10
CA VAL C 386 -5.79 -40.55 21.66
C VAL C 386 -5.18 -39.41 20.86
N ALA C 387 -5.42 -38.16 21.27
CA ALA C 387 -4.92 -37.00 20.52
C ALA C 387 -3.71 -36.27 21.08
N GLY C 388 -3.02 -36.84 22.05
CA GLY C 388 -1.86 -36.18 22.64
C GLY C 388 -0.84 -35.62 21.66
N THR C 389 -0.47 -36.37 20.64
CA THR C 389 0.52 -35.83 19.75
C THR C 389 -0.01 -35.43 18.37
N MET C 390 -1.22 -35.86 18.05
CA MET C 390 -1.85 -35.62 16.76
C MET C 390 -1.62 -34.26 16.13
N LYS C 391 -1.73 -33.21 16.93
CA LYS C 391 -1.55 -31.89 16.37
C LYS C 391 -0.26 -31.68 15.62
N LEU C 392 0.87 -31.87 16.30
CA LEU C 392 2.15 -31.70 15.64
C LEU C 392 2.31 -32.67 14.49
N GLU C 393 1.64 -33.80 14.59
CA GLU C 393 1.72 -34.81 13.56
C GLU C 393 1.16 -34.27 12.26
N LEU C 394 -0.08 -33.79 12.37
CA LEU C 394 -0.79 -33.21 11.26
C LEU C 394 -0.06 -32.03 10.65
N ALA C 395 0.69 -31.31 11.48
CA ALA C 395 1.47 -30.17 11.01
C ALA C 395 2.57 -30.70 10.12
N GLN C 396 3.31 -31.64 10.69
CA GLN C 396 4.38 -32.26 9.96
C GLN C 396 3.89 -32.97 8.72
N TYR C 397 2.62 -33.36 8.71
CA TYR C 397 2.05 -34.05 7.58
C TYR C 397 1.75 -33.13 6.43
N ARG C 398 1.26 -31.96 6.78
CA ARG C 398 0.91 -30.95 5.82
C ARG C 398 2.13 -30.48 5.05
N GLU C 399 3.25 -30.44 5.75
CA GLU C 399 4.51 -30.06 5.18
C GLU C 399 4.91 -31.05 4.11
N VAL C 400 5.23 -32.28 4.53
CA VAL C 400 5.63 -33.31 3.58
C VAL C 400 4.64 -33.47 2.46
N ALA C 401 3.35 -33.33 2.79
CA ALA C 401 2.33 -33.45 1.77
C ALA C 401 2.67 -32.47 0.67
N ALA C 402 3.19 -31.33 1.09
CA ALA C 402 3.59 -30.32 0.16
C ALA C 402 4.90 -30.68 -0.51
N PHE C 403 5.90 -30.97 0.32
CA PHE C 403 7.22 -31.32 -0.15
C PHE C 403 7.27 -32.48 -1.14
N ALA C 404 6.15 -33.17 -1.29
CA ALA C 404 6.14 -34.28 -2.22
C ALA C 404 5.02 -34.20 -3.21
N GLN C 405 4.63 -32.97 -3.61
CA GLN C 405 3.60 -32.69 -4.64
C GLN C 405 4.25 -32.90 -6.02
N PHE C 406 5.24 -33.79 -5.92
CA PHE C 406 6.19 -34.36 -6.81
C PHE C 406 6.88 -35.48 -6.01
N GLY C 407 6.37 -36.71 -6.15
CA GLY C 407 6.86 -37.91 -5.45
C GLY C 407 8.37 -38.08 -5.46
N SER C 408 9.05 -37.14 -4.83
CA SER C 408 10.50 -37.10 -4.78
C SER C 408 11.16 -38.23 -4.00
N ASP C 409 11.35 -39.40 -4.66
CA ASP C 409 11.99 -40.60 -4.09
C ASP C 409 11.79 -40.74 -2.58
N LEU C 410 10.52 -40.83 -2.22
CA LEU C 410 10.03 -40.90 -0.85
C LEU C 410 10.20 -42.21 -0.13
N ASP C 411 10.90 -42.13 1.00
CA ASP C 411 11.15 -43.29 1.83
C ASP C 411 9.86 -43.95 2.32
N ALA C 412 9.97 -44.57 3.49
CA ALA C 412 8.85 -45.25 4.12
C ALA C 412 8.22 -44.38 5.21
N ALA C 413 9.05 -43.97 6.14
CA ALA C 413 8.63 -43.15 7.25
C ALA C 413 7.77 -41.98 6.80
N THR C 414 7.98 -41.54 5.56
CA THR C 414 7.21 -40.43 5.03
C THR C 414 5.96 -40.89 4.29
N GLN C 415 6.02 -42.12 3.80
CA GLN C 415 4.90 -42.71 3.10
C GLN C 415 3.86 -43.03 4.16
N GLN C 416 4.36 -43.47 5.32
CA GLN C 416 3.52 -43.80 6.45
C GLN C 416 2.89 -42.52 6.96
N LEU C 417 3.71 -41.49 6.99
CA LEU C 417 3.33 -40.16 7.43
C LEU C 417 2.18 -39.65 6.57
N LEU C 418 2.33 -39.81 5.26
CA LEU C 418 1.30 -39.36 4.35
C LEU C 418 0.04 -40.20 4.47
N SER C 419 0.21 -41.49 4.71
CA SER C 419 -0.95 -42.36 4.81
C SER C 419 -1.81 -42.09 6.04
N ARG C 420 -1.16 -41.77 7.15
CA ARG C 420 -1.87 -41.45 8.36
C ARG C 420 -2.56 -40.12 8.20
N GLY C 421 -1.75 -39.14 7.76
CA GLY C 421 -2.19 -37.77 7.58
C GLY C 421 -3.54 -37.71 6.88
N VAL C 422 -3.59 -38.31 5.71
CA VAL C 422 -4.82 -38.33 4.93
C VAL C 422 -6.00 -38.98 5.64
N ARG C 423 -5.76 -40.12 6.27
CA ARG C 423 -6.82 -40.83 6.97
C ARG C 423 -7.35 -40.01 8.14
N LEU C 424 -6.41 -39.44 8.89
CA LEU C 424 -6.75 -38.63 10.04
C LEU C 424 -7.58 -37.44 9.66
N THR C 425 -7.19 -36.84 8.54
CA THR C 425 -7.88 -35.67 8.05
C THR C 425 -9.34 -35.92 7.75
N GLU C 426 -9.65 -37.10 7.25
CA GLU C 426 -11.04 -37.43 6.93
C GLU C 426 -11.87 -37.61 8.19
N LEU C 427 -11.22 -38.07 9.25
CA LEU C 427 -11.86 -38.32 10.53
C LEU C 427 -12.24 -37.04 11.23
N LEU C 428 -11.41 -36.02 10.97
CA LEU C 428 -11.60 -34.71 11.56
C LEU C 428 -12.78 -33.96 10.93
N LYS C 429 -13.24 -34.41 9.76
CA LYS C 429 -14.38 -33.79 9.09
C LYS C 429 -15.62 -33.93 9.97
N GLN C 430 -16.65 -33.14 9.72
CA GLN C 430 -17.84 -33.24 10.55
C GLN C 430 -18.96 -32.37 10.02
N GLY C 431 -20.17 -32.91 10.08
CA GLY C 431 -21.34 -32.20 9.62
C GLY C 431 -21.76 -31.20 10.69
N GLN C 432 -22.91 -30.57 10.43
CA GLN C 432 -23.48 -29.56 11.32
C GLN C 432 -24.60 -30.05 12.20
N TYR C 433 -24.73 -29.41 13.36
CA TYR C 433 -25.79 -29.71 14.28
C TYR C 433 -25.72 -31.07 14.96
N SER C 434 -24.62 -31.79 14.85
CA SER C 434 -24.59 -33.11 15.47
C SER C 434 -23.40 -33.30 16.36
N PRO C 435 -23.28 -32.40 17.32
CA PRO C 435 -22.19 -32.42 18.27
C PRO C 435 -22.06 -33.81 18.88
N MET C 436 -20.89 -34.40 18.79
CA MET C 436 -20.69 -35.72 19.33
C MET C 436 -20.29 -35.72 20.79
N ALA C 437 -20.59 -36.85 21.45
CA ALA C 437 -20.22 -37.04 22.85
C ALA C 437 -18.74 -37.41 22.91
N ILE C 438 -18.05 -36.99 23.98
CA ILE C 438 -16.64 -37.26 24.14
C ILE C 438 -16.24 -38.72 23.87
N GLU C 439 -16.94 -39.67 24.47
CA GLU C 439 -16.59 -41.06 24.24
C GLU C 439 -16.68 -41.44 22.77
N GLU C 440 -17.65 -40.86 22.09
CA GLU C 440 -17.84 -41.12 20.68
C GLU C 440 -16.64 -40.65 19.88
N GLN C 441 -16.12 -39.49 20.27
CA GLN C 441 -14.96 -38.94 19.59
C GLN C 441 -13.78 -39.86 19.76
N VAL C 442 -13.50 -40.17 21.01
CA VAL C 442 -12.41 -41.06 21.35
C VAL C 442 -12.47 -42.35 20.51
N ALA C 443 -13.63 -43.01 20.49
CA ALA C 443 -13.79 -44.24 19.72
C ALA C 443 -13.33 -44.08 18.26
N VAL C 444 -13.82 -43.02 17.59
CA VAL C 444 -13.46 -42.77 16.18
C VAL C 444 -12.03 -42.26 15.96
N ILE C 445 -11.51 -41.44 16.86
CA ILE C 445 -10.14 -41.00 16.65
C ILE C 445 -9.24 -42.20 16.86
N TYR C 446 -9.61 -42.98 17.87
CA TYR C 446 -8.90 -44.20 18.26
C TYR C 446 -8.57 -45.04 17.05
N ALA C 447 -9.63 -45.34 16.33
CA ALA C 447 -9.55 -46.14 15.14
C ALA C 447 -8.48 -45.66 14.17
N GLY C 448 -8.40 -44.35 13.95
CA GLY C 448 -7.41 -43.83 13.01
C GLY C 448 -5.99 -43.75 13.56
N VAL C 449 -5.90 -43.17 14.74
CA VAL C 449 -4.65 -42.97 15.44
C VAL C 449 -3.86 -44.24 15.68
N ARG C 450 -4.59 -45.34 15.79
CA ARG C 450 -4.00 -46.64 16.04
C ARG C 450 -3.67 -47.39 14.77
N GLY C 451 -3.73 -46.67 13.66
CA GLY C 451 -3.43 -47.28 12.39
C GLY C 451 -4.45 -48.30 11.89
N TYR C 452 -5.50 -48.60 12.65
CA TYR C 452 -6.46 -49.58 12.15
C TYR C 452 -7.05 -49.25 10.79
N LEU C 453 -7.01 -47.97 10.42
CA LEU C 453 -7.56 -47.51 9.14
C LEU C 453 -6.53 -47.24 8.06
N ASP C 454 -5.25 -47.38 8.39
CA ASP C 454 -4.18 -47.12 7.43
C ASP C 454 -4.39 -47.81 6.07
N LYS C 455 -5.13 -48.92 6.06
CA LYS C 455 -5.33 -49.63 4.80
C LYS C 455 -6.66 -49.36 4.09
N LEU C 456 -7.57 -48.68 4.77
CA LEU C 456 -8.85 -48.37 4.18
C LEU C 456 -8.65 -47.29 3.12
N GLU C 457 -9.60 -47.13 2.21
CA GLU C 457 -9.45 -46.10 1.20
C GLU C 457 -9.99 -44.81 1.76
N PRO C 458 -9.20 -43.73 1.66
CA PRO C 458 -9.60 -42.44 2.18
C PRO C 458 -11.06 -42.09 1.91
N SER C 459 -11.51 -42.31 0.68
CA SER C 459 -12.88 -42.05 0.31
C SER C 459 -13.88 -42.84 1.14
N LYS C 460 -13.40 -43.92 1.74
CA LYS C 460 -14.26 -44.77 2.55
C LYS C 460 -14.46 -44.27 3.98
N ILE C 461 -13.40 -43.68 4.55
CA ILE C 461 -13.33 -43.18 5.92
C ILE C 461 -14.57 -42.52 6.53
N THR C 462 -15.22 -41.66 5.77
CA THR C 462 -16.39 -40.98 6.25
C THR C 462 -17.53 -41.97 6.48
N LYS C 463 -17.75 -42.82 5.48
CA LYS C 463 -18.79 -43.84 5.52
C LYS C 463 -18.55 -44.80 6.67
N PHE C 464 -17.30 -45.24 6.77
CA PHE C 464 -16.90 -46.13 7.81
C PHE C 464 -17.28 -45.57 9.17
N GLU C 465 -16.82 -44.34 9.46
CA GLU C 465 -17.12 -43.70 10.73
C GLU C 465 -18.59 -43.72 11.08
N ASN C 466 -19.45 -43.55 10.09
CA ASN C 466 -20.86 -43.55 10.40
C ASN C 466 -21.35 -44.94 10.77
N ALA C 467 -20.82 -45.92 10.06
CA ALA C 467 -21.15 -47.30 10.30
C ALA C 467 -20.67 -47.73 11.67
N PHE C 468 -19.37 -47.58 11.86
CA PHE C 468 -18.69 -47.93 13.10
C PHE C 468 -19.42 -47.33 14.30
N LEU C 469 -19.50 -46.01 14.29
CA LEU C 469 -20.15 -45.25 15.35
C LEU C 469 -21.55 -45.79 15.63
N SER C 470 -22.21 -46.29 14.59
CA SER C 470 -23.53 -46.86 14.73
C SER C 470 -23.45 -48.11 15.58
N HIS C 471 -22.55 -48.97 15.16
CA HIS C 471 -22.29 -50.24 15.81
C HIS C 471 -22.07 -50.03 17.28
N VAL C 472 -20.96 -49.38 17.64
CA VAL C 472 -20.67 -49.16 19.04
C VAL C 472 -21.78 -48.51 19.85
N ILE C 473 -22.46 -47.53 19.27
CA ILE C 473 -23.51 -46.85 20.00
C ILE C 473 -24.65 -47.77 20.40
N SER C 474 -25.08 -48.55 19.42
CA SER C 474 -26.17 -49.48 19.58
C SER C 474 -25.78 -50.69 20.39
N GLN C 475 -24.86 -51.46 19.85
CA GLN C 475 -24.43 -52.63 20.55
C GLN C 475 -23.70 -52.27 21.84
N HIS C 476 -22.43 -51.88 21.69
CA HIS C 476 -21.47 -51.55 22.76
C HIS C 476 -21.63 -50.37 23.72
N GLN C 477 -22.82 -49.95 24.10
CA GLN C 477 -22.83 -48.83 25.02
C GLN C 477 -22.18 -49.08 26.38
N ALA C 478 -21.71 -50.30 26.58
CA ALA C 478 -21.05 -50.63 27.83
C ALA C 478 -19.61 -50.14 27.83
N LEU C 479 -19.01 -50.14 26.65
CA LEU C 479 -17.65 -49.70 26.47
C LEU C 479 -17.64 -48.19 26.41
N LEU C 480 -18.72 -47.66 25.82
CA LEU C 480 -18.86 -46.23 25.69
C LEU C 480 -19.06 -45.60 27.05
N GLY C 481 -19.96 -46.17 27.84
CA GLY C 481 -20.22 -45.67 29.18
C GLY C 481 -19.03 -45.82 30.11
N LYS C 482 -18.15 -46.77 29.84
CA LYS C 482 -16.98 -46.98 30.68
C LYS C 482 -15.92 -45.94 30.40
N ILE C 483 -15.68 -45.76 29.10
CA ILE C 483 -14.73 -44.78 28.60
C ILE C 483 -15.15 -43.40 29.08
N ARG C 484 -16.46 -43.17 28.94
CA ARG C 484 -17.07 -41.93 29.35
C ARG C 484 -16.98 -41.76 30.85
N THR C 485 -17.37 -42.82 31.55
CA THR C 485 -17.35 -42.83 33.00
C THR C 485 -15.95 -42.76 33.58
N ASP C 486 -15.14 -43.80 33.33
CA ASP C 486 -13.77 -43.81 33.84
C ASP C 486 -13.08 -42.54 33.38
N GLY C 487 -13.51 -42.07 32.21
CA GLY C 487 -12.97 -40.88 31.60
C GLY C 487 -11.60 -41.15 31.00
N LYS C 488 -11.18 -42.40 31.11
CA LYS C 488 -9.90 -42.83 30.61
C LYS C 488 -10.07 -44.05 29.75
N ILE C 489 -8.98 -44.49 29.17
CA ILE C 489 -9.03 -45.70 28.39
C ILE C 489 -8.19 -46.74 29.08
N SER C 490 -8.86 -47.57 29.87
CA SER C 490 -8.19 -48.63 30.60
C SER C 490 -7.63 -49.67 29.66
N GLU C 491 -6.82 -50.55 30.22
CA GLU C 491 -6.18 -51.60 29.46
C GLU C 491 -7.18 -52.54 28.79
N GLU C 492 -8.25 -52.89 29.50
CA GLU C 492 -9.27 -53.77 28.93
C GLU C 492 -10.10 -53.03 27.89
N SER C 493 -10.51 -51.81 28.19
CA SER C 493 -11.28 -51.02 27.24
C SER C 493 -10.48 -50.87 25.98
N ASP C 494 -9.19 -50.61 26.16
CA ASP C 494 -8.33 -50.47 25.01
C ASP C 494 -8.26 -51.77 24.25
N ALA C 495 -8.53 -52.88 24.95
CA ALA C 495 -8.53 -54.21 24.36
C ALA C 495 -9.85 -54.53 23.68
N LYS C 496 -10.94 -54.22 24.37
CA LYS C 496 -12.24 -54.46 23.81
C LYS C 496 -12.39 -53.66 22.53
N LEU C 497 -11.84 -52.44 22.53
CA LEU C 497 -11.88 -51.55 21.37
C LEU C 497 -11.12 -52.10 20.19
N LYS C 498 -9.87 -52.54 20.42
CA LYS C 498 -9.06 -53.08 19.33
C LYS C 498 -9.82 -54.17 18.61
N GLU C 499 -10.40 -55.05 19.41
CA GLU C 499 -11.19 -56.16 18.93
C GLU C 499 -12.29 -55.71 17.97
N ILE C 500 -13.11 -54.76 18.46
CA ILE C 500 -14.24 -54.19 17.73
C ILE C 500 -13.87 -53.54 16.42
N VAL C 501 -12.90 -52.63 16.44
CA VAL C 501 -12.58 -51.96 15.19
C VAL C 501 -12.06 -52.89 14.11
N THR C 502 -11.05 -53.68 14.46
CA THR C 502 -10.42 -54.62 13.56
C THR C 502 -11.39 -55.60 12.92
N ASN C 503 -12.26 -56.19 13.72
CA ASN C 503 -13.23 -57.12 13.19
C ASN C 503 -14.28 -56.43 12.35
N PHE C 504 -14.91 -55.42 12.94
CA PHE C 504 -15.93 -54.66 12.22
C PHE C 504 -15.36 -54.13 10.91
N LEU C 505 -14.14 -53.59 10.97
CA LEU C 505 -13.49 -53.09 9.78
C LEU C 505 -13.43 -54.19 8.71
N ALA C 506 -13.01 -55.40 9.10
CA ALA C 506 -12.93 -56.53 8.16
C ALA C 506 -14.27 -56.84 7.53
N GLY C 507 -15.29 -56.99 8.37
CA GLY C 507 -16.60 -57.26 7.84
C GLY C 507 -17.00 -56.12 6.92
N PHE C 508 -16.58 -54.92 7.31
CA PHE C 508 -16.87 -53.70 6.58
C PHE C 508 -16.23 -53.64 5.20
N GLU C 509 -15.06 -54.22 5.08
CA GLU C 509 -14.37 -54.22 3.80
C GLU C 509 -14.64 -55.49 3.00
N ALA C 510 -15.83 -56.06 3.17
CA ALA C 510 -16.23 -57.30 2.49
C ALA C 510 -16.44 -57.08 0.99
N THR D 13 -0.12 20.80 48.44
CA THR D 13 -1.12 21.44 47.58
C THR D 13 -2.28 20.52 47.27
N THR D 14 -3.41 21.15 46.96
CA THR D 14 -4.64 20.47 46.65
C THR D 14 -5.27 21.02 45.39
N GLY D 15 -5.34 20.22 44.35
CA GLY D 15 -5.96 20.69 43.12
C GLY D 15 -7.38 20.17 43.01
N ARG D 16 -8.04 20.52 41.93
CA ARG D 16 -9.38 20.02 41.67
C ARG D 16 -9.39 19.45 40.28
N ILE D 17 -10.26 18.47 40.07
CA ILE D 17 -10.38 17.87 38.77
C ILE D 17 -11.19 18.81 37.88
N VAL D 18 -10.72 19.09 36.68
CA VAL D 18 -11.48 20.00 35.85
C VAL D 18 -12.03 19.30 34.61
N ALA D 19 -11.34 18.24 34.21
CA ALA D 19 -11.74 17.49 33.03
C ALA D 19 -11.39 16.02 33.12
N VAL D 20 -12.25 15.18 32.58
CA VAL D 20 -12.00 13.76 32.56
C VAL D 20 -12.36 13.22 31.20
N ILE D 21 -11.42 12.52 30.60
CA ILE D 21 -11.61 11.92 29.30
C ILE D 21 -10.77 10.68 29.24
N GLY D 22 -11.40 9.55 29.57
CA GLY D 22 -10.65 8.33 29.57
C GLY D 22 -9.65 8.35 30.71
N ALA D 23 -8.47 7.81 30.42
CA ALA D 23 -7.37 7.68 31.36
C ALA D 23 -6.66 8.99 31.67
N VAL D 24 -6.95 10.02 30.90
CA VAL D 24 -6.33 11.33 31.10
C VAL D 24 -7.23 12.24 31.94
N VAL D 25 -6.66 12.86 32.96
CA VAL D 25 -7.39 13.76 33.85
C VAL D 25 -6.61 15.05 34.04
N ASP D 26 -7.27 16.19 33.83
CA ASP D 26 -6.64 17.49 33.98
C ASP D 26 -6.94 18.01 35.37
N VAL D 27 -5.94 18.58 36.03
CA VAL D 27 -6.16 19.08 37.37
C VAL D 27 -5.75 20.54 37.53
N GLN D 28 -6.57 21.31 38.25
CA GLN D 28 -6.28 22.71 38.46
C GLN D 28 -5.83 23.02 39.89
N PHE D 29 -4.58 23.47 40.05
CA PHE D 29 -4.05 23.81 41.37
C PHE D 29 -4.10 25.32 41.59
N ASP D 30 -4.62 25.75 42.74
CA ASP D 30 -4.74 27.17 43.02
C ASP D 30 -3.42 27.82 43.39
N GLU D 31 -2.67 27.08 44.19
CA GLU D 31 -1.37 27.48 44.68
C GLU D 31 -0.43 26.30 44.54
N GLY D 32 0.75 26.55 43.98
CA GLY D 32 1.74 25.50 43.84
C GLY D 32 1.35 24.34 42.94
N LEU D 33 1.96 24.37 41.78
CA LEU D 33 1.78 23.41 40.73
C LEU D 33 2.77 22.25 40.90
N PRO D 34 2.26 21.02 41.05
CA PRO D 34 3.12 19.86 41.18
C PRO D 34 3.89 19.65 39.89
N PRO D 35 5.19 19.41 40.04
CA PRO D 35 6.08 19.21 38.92
C PRO D 35 5.73 17.95 38.17
N ILE D 36 6.22 17.89 36.94
CA ILE D 36 6.00 16.78 36.01
C ILE D 36 6.63 15.54 36.56
N LEU D 37 5.84 14.45 36.54
CA LEU D 37 6.18 13.11 37.02
C LEU D 37 5.62 12.86 38.41
N ASN D 38 5.24 13.93 39.09
CA ASN D 38 4.70 13.85 40.44
C ASN D 38 3.45 12.99 40.48
N ALA D 39 3.25 12.29 41.59
CA ALA D 39 2.06 11.47 41.75
C ALA D 39 1.03 12.15 42.63
N LEU D 40 -0.20 12.27 42.13
CA LEU D 40 -1.26 12.90 42.90
C LEU D 40 -2.25 11.84 43.34
N GLU D 41 -2.87 12.03 44.51
CA GLU D 41 -3.85 11.08 45.02
C GLU D 41 -5.26 11.66 45.00
N VAL D 42 -6.14 11.05 44.21
CA VAL D 42 -7.52 11.51 44.15
C VAL D 42 -8.21 11.30 45.49
N GLN D 43 -8.87 12.32 45.97
CA GLN D 43 -9.55 12.20 47.23
C GLN D 43 -10.93 11.62 47.04
N GLY D 44 -11.47 11.04 48.10
CA GLY D 44 -12.81 10.48 48.09
C GLY D 44 -13.04 9.23 47.23
N ARG D 45 -12.18 8.22 47.37
CA ARG D 45 -12.31 6.98 46.62
C ARG D 45 -12.08 5.73 47.46
N GLU D 46 -12.91 4.70 47.28
CA GLU D 46 -12.73 3.47 48.06
C GLU D 46 -11.32 2.90 47.89
N THR D 47 -10.79 3.02 46.67
CA THR D 47 -9.45 2.54 46.34
C THR D 47 -8.51 3.69 46.04
N ARG D 48 -7.23 3.44 46.17
CA ARG D 48 -6.27 4.47 45.89
C ARG D 48 -6.16 4.72 44.40
N LEU D 49 -6.28 5.99 44.01
CA LEU D 49 -6.17 6.34 42.61
C LEU D 49 -5.03 7.34 42.44
N VAL D 50 -3.97 6.92 41.76
CA VAL D 50 -2.84 7.80 41.52
C VAL D 50 -2.89 8.38 40.11
N LEU D 51 -2.57 9.67 39.99
CA LEU D 51 -2.54 10.39 38.70
C LEU D 51 -1.11 10.81 38.46
N GLU D 52 -0.48 10.41 37.36
CA GLU D 52 0.88 10.86 37.19
C GLU D 52 0.86 12.14 36.39
N VAL D 53 1.53 13.18 36.87
CA VAL D 53 1.53 14.43 36.14
C VAL D 53 2.22 14.26 34.81
N ALA D 54 1.52 14.60 33.74
CA ALA D 54 2.08 14.44 32.41
C ALA D 54 2.59 15.71 31.76
N GLN D 55 1.85 16.79 31.95
CA GLN D 55 2.18 18.08 31.36
C GLN D 55 1.66 19.25 32.17
N HIS D 56 2.22 20.42 31.83
CA HIS D 56 1.85 21.70 32.39
C HIS D 56 1.17 22.47 31.25
N LEU D 57 -0.15 22.39 31.23
CA LEU D 57 -0.97 23.02 30.21
C LEU D 57 -0.94 24.53 30.24
N GLY D 58 -0.65 25.05 31.42
CA GLY D 58 -0.63 26.48 31.64
C GLY D 58 -1.90 26.85 32.37
N GLU D 59 -1.91 27.97 33.04
CA GLU D 59 -3.10 28.34 33.78
C GLU D 59 -3.27 27.51 35.02
N SER D 60 -2.13 27.10 35.58
CA SER D 60 -2.14 26.33 36.78
C SER D 60 -2.93 25.05 36.63
N THR D 61 -2.83 24.47 35.46
CA THR D 61 -3.53 23.23 35.21
C THR D 61 -2.55 22.23 34.68
N VAL D 62 -2.59 21.04 35.25
CA VAL D 62 -1.71 19.97 34.83
C VAL D 62 -2.48 18.86 34.13
N ARG D 63 -1.90 18.28 33.09
CA ARG D 63 -2.52 17.17 32.40
C ARG D 63 -1.94 15.88 32.98
N THR D 64 -2.79 14.92 33.36
CA THR D 64 -2.24 13.72 33.97
C THR D 64 -2.74 12.41 33.35
N ILE D 65 -2.09 11.31 33.73
CA ILE D 65 -2.47 9.96 33.30
C ILE D 65 -2.90 9.14 34.52
N ALA D 66 -4.11 8.62 34.53
CA ALA D 66 -4.61 7.87 35.68
C ALA D 66 -3.99 6.47 35.77
N MET D 67 -3.61 6.03 36.98
CA MET D 67 -3.06 4.68 37.15
C MET D 67 -4.16 3.66 37.34
N ASP D 68 -5.40 4.09 37.19
CA ASP D 68 -6.50 3.17 37.35
C ASP D 68 -7.74 3.73 36.71
N GLY D 69 -8.85 3.05 36.94
CA GLY D 69 -10.11 3.48 36.36
C GLY D 69 -10.52 4.90 36.70
N THR D 70 -11.15 5.57 35.74
CA THR D 70 -11.62 6.94 35.95
C THR D 70 -13.12 7.03 36.16
N GLU D 71 -13.79 5.88 36.27
CA GLU D 71 -15.23 5.95 36.47
C GLU D 71 -15.53 6.62 37.78
N GLY D 72 -16.68 7.25 37.81
CA GLY D 72 -17.12 7.91 39.02
C GLY D 72 -16.42 9.21 39.33
N LEU D 73 -15.27 9.52 38.69
CA LEU D 73 -14.62 10.79 39.00
C LEU D 73 -15.54 11.93 38.66
N VAL D 74 -15.49 13.00 39.44
CA VAL D 74 -16.36 14.13 39.19
C VAL D 74 -15.62 15.42 39.05
N ARG D 75 -16.12 16.27 38.16
CA ARG D 75 -15.52 17.57 37.99
C ARG D 75 -15.59 18.26 39.34
N GLY D 76 -14.50 18.89 39.72
CA GLY D 76 -14.41 19.56 41.01
C GLY D 76 -13.81 18.68 42.10
N GLN D 77 -13.72 17.37 41.86
CA GLN D 77 -13.16 16.45 42.85
C GLN D 77 -11.74 16.84 43.32
N LYS D 78 -11.45 16.60 44.61
CA LYS D 78 -10.18 16.95 45.27
C LYS D 78 -8.96 16.04 45.05
N VAL D 79 -7.83 16.69 44.76
CA VAL D 79 -6.57 16.02 44.48
C VAL D 79 -5.38 16.63 45.20
N LEU D 80 -4.63 15.79 45.93
CA LEU D 80 -3.48 16.21 46.72
C LEU D 80 -2.12 15.88 46.13
N ASP D 81 -1.27 16.87 45.88
CA ASP D 81 0.03 16.56 45.34
C ASP D 81 0.88 15.78 46.34
N SER D 82 1.17 14.52 46.04
CA SER D 82 2.01 13.70 46.91
C SER D 82 3.42 14.29 47.03
N GLY D 83 3.71 15.24 46.16
CA GLY D 83 5.01 15.87 46.17
C GLY D 83 6.14 15.01 45.66
N ALA D 84 5.85 13.86 45.04
CA ALA D 84 6.92 13.00 44.52
C ALA D 84 6.43 11.98 43.51
N PRO D 85 7.31 11.51 42.59
CA PRO D 85 6.91 10.51 41.63
C PRO D 85 6.49 9.25 42.36
N ILE D 86 5.86 8.33 41.63
CA ILE D 86 5.41 7.09 42.21
C ILE D 86 6.57 6.35 42.86
N ARG D 87 6.46 6.13 44.17
CA ARG D 87 7.48 5.42 44.92
C ARG D 87 6.97 4.05 45.37
N ILE D 88 7.79 3.01 45.23
CA ILE D 88 7.36 1.68 45.64
C ILE D 88 8.29 1.02 46.67
N PRO D 89 7.70 0.15 47.50
CA PRO D 89 8.47 -0.57 48.49
C PRO D 89 9.51 -1.39 47.77
N VAL D 90 10.79 -1.10 48.00
CA VAL D 90 11.88 -1.84 47.37
C VAL D 90 12.74 -2.44 48.45
N GLY D 91 13.27 -3.62 48.16
CA GLY D 91 14.11 -4.29 49.13
C GLY D 91 13.77 -5.75 49.17
N PRO D 92 14.45 -6.48 50.05
CA PRO D 92 14.25 -7.91 50.17
C PRO D 92 12.83 -8.34 50.53
N GLU D 93 12.09 -7.54 51.30
CA GLU D 93 10.72 -7.91 51.66
C GLU D 93 9.73 -7.87 50.51
N THR D 94 10.25 -7.75 49.29
CA THR D 94 9.42 -7.74 48.10
C THR D 94 9.41 -9.14 47.53
N LEU D 95 10.49 -9.87 47.79
CA LEU D 95 10.64 -11.24 47.33
C LEU D 95 9.49 -12.09 47.80
N GLY D 96 9.00 -12.96 46.91
CA GLY D 96 7.89 -13.83 47.23
C GLY D 96 6.55 -13.10 47.23
N ARG D 97 6.58 -11.79 46.95
CA ARG D 97 5.36 -10.98 46.92
C ARG D 97 4.90 -10.57 45.53
N ILE D 98 3.63 -10.14 45.48
CA ILE D 98 3.01 -9.64 44.27
C ILE D 98 2.66 -8.17 44.44
N MET D 99 3.19 -7.35 43.53
CA MET D 99 3.03 -5.91 43.53
C MET D 99 2.33 -5.30 42.32
N ASN D 100 1.79 -4.13 42.60
CA ASN D 100 1.01 -3.21 41.79
C ASN D 100 1.87 -2.22 41.04
N VAL D 101 1.24 -1.39 40.21
CA VAL D 101 2.02 -0.38 39.54
C VAL D 101 2.48 0.62 40.58
N ILE D 102 1.64 0.80 41.59
CA ILE D 102 1.89 1.75 42.66
C ILE D 102 2.50 1.17 43.92
N GLY D 103 3.03 -0.05 43.83
CA GLY D 103 3.65 -0.68 44.99
C GLY D 103 2.68 -1.23 46.04
N GLU D 104 1.49 -1.66 45.63
CA GLU D 104 0.54 -2.21 46.58
C GLU D 104 0.49 -3.72 46.49
N PRO D 105 0.52 -4.43 47.62
CA PRO D 105 0.41 -5.87 47.53
C PRO D 105 -0.92 -6.20 46.92
N ILE D 106 -0.91 -7.22 46.07
CA ILE D 106 -2.08 -7.69 45.38
C ILE D 106 -2.20 -9.20 45.56
N ASP D 107 -1.56 -9.67 46.61
CA ASP D 107 -1.58 -11.08 46.92
C ASP D 107 -2.36 -11.38 48.19
N GLU D 108 -2.91 -10.34 48.82
CA GLU D 108 -3.69 -10.53 50.03
C GLU D 108 -2.87 -11.00 51.23
N ARG D 109 -1.57 -10.79 51.19
CA ARG D 109 -0.70 -11.23 52.27
C ARG D 109 -0.27 -10.14 53.23
N GLY D 110 -0.99 -9.02 53.23
CA GLY D 110 -0.67 -7.90 54.11
C GLY D 110 0.39 -6.97 53.53
N PRO D 111 0.65 -5.87 54.24
CA PRO D 111 1.62 -4.88 53.82
C PRO D 111 2.95 -5.48 53.45
N ILE D 112 3.74 -4.67 52.77
CA ILE D 112 5.09 -5.06 52.42
C ILE D 112 5.94 -4.16 53.29
N LYS D 113 6.47 -4.71 54.36
CA LYS D 113 7.22 -3.90 55.29
C LYS D 113 8.68 -3.71 54.95
N THR D 114 8.94 -2.84 53.98
CA THR D 114 10.28 -2.54 53.54
C THR D 114 10.87 -1.38 54.33
N LYS D 115 12.20 -1.31 54.40
CA LYS D 115 12.85 -0.22 55.08
C LYS D 115 12.72 1.03 54.23
N GLN D 116 12.99 0.86 52.93
CA GLN D 116 12.97 1.93 51.95
C GLN D 116 11.93 1.80 50.85
N PHE D 117 11.72 2.94 50.22
CA PHE D 117 10.82 3.14 49.11
C PHE D 117 11.57 3.80 48.00
N ALA D 118 11.19 3.51 46.78
CA ALA D 118 11.89 4.10 45.66
C ALA D 118 10.94 4.61 44.62
N ALA D 119 11.35 5.72 44.00
CA ALA D 119 10.56 6.28 42.95
C ALA D 119 10.86 5.46 41.71
N ILE D 120 9.78 5.12 41.01
CA ILE D 120 9.85 4.36 39.79
C ILE D 120 10.58 5.10 38.69
N HIS D 121 10.56 6.44 38.76
CA HIS D 121 11.26 7.24 37.77
C HIS D 121 12.70 7.49 38.21
N ALA D 122 13.67 7.37 37.29
CA ALA D 122 15.07 7.57 37.64
C ALA D 122 15.99 7.60 36.43
N GLU D 123 17.12 8.33 36.52
CA GLU D 123 18.08 8.41 35.42
C GLU D 123 18.74 7.09 35.13
N ALA D 124 19.19 6.92 33.89
CA ALA D 124 19.89 5.71 33.48
C ALA D 124 21.38 5.79 33.81
N PRO D 125 21.99 4.64 34.16
CA PRO D 125 23.39 4.58 34.49
C PRO D 125 24.26 5.29 33.47
N GLU D 126 25.27 5.98 33.98
CA GLU D 126 26.22 6.72 33.17
C GLU D 126 27.05 5.83 32.27
N PHE D 127 27.71 6.46 31.30
CA PHE D 127 28.56 5.74 30.36
C PHE D 127 29.70 5.06 31.10
N VAL D 128 30.27 5.78 32.06
CA VAL D 128 31.36 5.24 32.86
C VAL D 128 30.89 4.21 33.86
N GLU D 129 29.63 3.85 33.79
CA GLU D 129 29.14 2.85 34.69
C GLU D 129 28.99 1.51 33.97
N MET D 130 29.21 1.52 32.66
CA MET D 130 29.05 0.31 31.87
C MET D 130 30.08 -0.78 32.08
N SER D 131 29.64 -2.01 31.83
CA SER D 131 30.47 -3.19 31.93
C SER D 131 30.69 -3.82 30.56
N VAL D 132 31.72 -4.64 30.42
CA VAL D 132 31.93 -5.25 29.13
C VAL D 132 32.27 -6.72 29.19
N GLU D 133 32.07 -7.33 30.35
CA GLU D 133 32.29 -8.77 30.44
C GLU D 133 31.31 -9.50 29.52
N GLN D 134 31.70 -10.64 28.95
CA GLN D 134 30.77 -11.35 28.09
C GLN D 134 30.90 -12.85 28.22
N GLU D 135 30.13 -13.43 29.13
CA GLU D 135 30.13 -14.86 29.38
C GLU D 135 28.88 -15.54 28.84
N ILE D 136 29.03 -16.59 28.03
CA ILE D 136 27.85 -17.29 27.54
C ILE D 136 27.03 -17.82 28.70
N LEU D 137 25.69 -17.79 28.57
CA LEU D 137 24.77 -18.31 29.59
C LEU D 137 24.04 -19.53 29.01
N VAL D 138 24.55 -20.76 29.20
CA VAL D 138 23.90 -21.95 28.64
C VAL D 138 22.45 -22.19 29.10
N THR D 139 21.57 -22.40 28.13
CA THR D 139 20.16 -22.61 28.41
C THR D 139 19.64 -24.03 28.29
N GLY D 140 20.26 -24.85 27.48
CA GLY D 140 19.74 -26.18 27.32
C GLY D 140 18.82 -26.26 26.11
N ILE D 141 18.60 -25.11 25.47
CA ILE D 141 17.79 -25.03 24.28
C ILE D 141 18.72 -25.15 23.08
N LYS D 142 18.55 -26.18 22.26
CA LYS D 142 19.43 -26.38 21.11
C LYS D 142 19.65 -25.12 20.28
N VAL D 143 18.58 -24.58 19.66
CA VAL D 143 18.66 -23.40 18.79
C VAL D 143 19.35 -22.19 19.36
N VAL D 144 18.89 -21.82 20.54
CA VAL D 144 19.44 -20.66 21.20
C VAL D 144 20.93 -20.83 21.30
N ASP D 145 21.32 -21.77 22.14
CA ASP D 145 22.71 -22.08 22.38
C ASP D 145 23.58 -22.21 21.15
N LEU D 146 23.20 -23.06 20.22
CA LEU D 146 24.01 -23.22 19.05
C LEU D 146 24.23 -21.93 18.24
N LEU D 147 23.12 -21.35 17.78
CA LEU D 147 23.13 -20.16 16.93
C LEU D 147 23.11 -18.76 17.55
N ALA D 148 22.45 -18.56 18.70
CA ALA D 148 22.37 -17.22 19.26
C ALA D 148 22.43 -17.22 20.78
N PRO D 149 23.51 -17.78 21.29
CA PRO D 149 23.80 -17.91 22.70
C PRO D 149 23.53 -16.66 23.52
N TYR D 150 22.87 -16.86 24.67
CA TYR D 150 22.61 -15.77 25.59
C TYR D 150 23.88 -15.47 26.35
N ALA D 151 23.92 -14.31 26.97
CA ALA D 151 25.08 -13.92 27.74
C ALA D 151 24.68 -13.42 29.09
N LYS D 152 25.37 -13.98 30.04
CA LYS D 152 25.21 -13.66 31.42
C LYS D 152 25.29 -12.15 31.54
N GLY D 153 24.32 -11.51 32.20
CA GLY D 153 24.34 -10.06 32.36
C GLY D 153 24.00 -9.23 31.10
N GLY D 154 23.78 -9.91 29.98
CA GLY D 154 23.45 -9.19 28.75
C GLY D 154 21.95 -8.97 28.61
N LYS D 155 21.56 -8.24 27.58
CA LYS D 155 20.16 -7.95 27.27
C LYS D 155 19.66 -8.95 26.24
N ILE D 156 18.63 -9.71 26.61
CA ILE D 156 18.08 -10.70 25.72
C ILE D 156 16.70 -10.32 25.24
N GLY D 157 16.38 -10.62 23.98
CA GLY D 157 15.06 -10.28 23.45
C GLY D 157 14.37 -11.42 22.73
N LEU D 158 13.11 -11.65 23.08
CA LEU D 158 12.37 -12.71 22.46
C LEU D 158 11.29 -12.09 21.58
N PHE D 159 11.53 -12.07 20.27
CA PHE D 159 10.56 -11.49 19.36
C PHE D 159 9.53 -12.49 18.82
N GLY D 160 8.28 -12.06 18.69
CA GLY D 160 7.25 -12.92 18.11
C GLY D 160 5.90 -12.26 17.95
N GLY D 161 5.16 -12.73 16.95
CA GLY D 161 3.81 -12.27 16.67
C GLY D 161 2.87 -13.03 17.61
N ALA D 162 1.56 -12.80 17.52
CA ALA D 162 0.63 -13.47 18.42
C ALA D 162 0.61 -15.01 18.40
N GLY D 163 0.88 -15.59 19.57
CA GLY D 163 0.88 -17.02 19.80
C GLY D 163 1.99 -17.83 19.14
N VAL D 164 3.19 -17.28 19.11
CA VAL D 164 4.30 -17.98 18.49
C VAL D 164 5.25 -18.65 19.49
N GLY D 165 5.04 -18.37 20.78
CA GLY D 165 5.84 -19.00 21.82
C GLY D 165 6.74 -18.07 22.63
N LYS D 166 6.48 -16.77 22.57
CA LYS D 166 7.30 -15.85 23.34
C LYS D 166 7.27 -16.24 24.80
N THR D 167 6.05 -16.45 25.31
CA THR D 167 5.83 -16.80 26.71
C THR D 167 6.35 -18.15 27.12
N VAL D 168 6.02 -19.15 26.33
CA VAL D 168 6.49 -20.48 26.62
C VAL D 168 8.00 -20.47 26.72
N LEU D 169 8.66 -19.86 25.73
CA LEU D 169 10.10 -19.79 25.78
C LEU D 169 10.54 -19.10 27.04
N ILE D 170 9.78 -18.10 27.47
CA ILE D 170 10.18 -17.41 28.67
C ILE D 170 10.01 -18.34 29.86
N MET D 171 9.03 -19.21 29.72
CA MET D 171 8.72 -20.18 30.75
C MET D 171 9.81 -21.22 30.92
N GLU D 172 10.32 -21.71 29.79
CA GLU D 172 11.37 -22.71 29.81
C GLU D 172 12.67 -22.13 30.33
N LEU D 173 12.87 -20.83 30.11
CA LEU D 173 14.09 -20.20 30.58
C LEU D 173 14.05 -20.02 32.09
N ILE D 174 12.86 -19.81 32.62
CA ILE D 174 12.76 -19.64 34.05
C ILE D 174 13.13 -20.96 34.69
N ASN D 175 12.63 -22.01 34.06
CA ASN D 175 12.87 -23.39 34.46
C ASN D 175 14.34 -23.76 34.41
N ASN D 176 14.89 -23.76 33.20
CA ASN D 176 16.29 -24.11 32.93
C ASN D 176 17.32 -23.11 33.44
N VAL D 177 16.91 -21.98 34.01
CA VAL D 177 17.90 -21.00 34.43
C VAL D 177 17.56 -20.30 35.73
N ALA D 178 16.36 -19.77 35.79
CA ALA D 178 15.95 -19.07 36.96
C ALA D 178 15.99 -19.96 38.17
N LYS D 179 15.55 -21.20 37.99
CA LYS D 179 15.51 -22.18 39.06
C LYS D 179 16.82 -22.53 39.73
N ALA D 180 17.92 -22.51 38.98
CA ALA D 180 19.20 -22.82 39.56
C ALA D 180 20.02 -21.56 39.74
N HIS D 181 19.33 -20.43 39.77
CA HIS D 181 20.00 -19.13 39.87
C HIS D 181 20.94 -18.87 41.03
N GLY D 182 20.42 -18.45 42.17
CA GLY D 182 21.34 -18.13 43.22
C GLY D 182 21.71 -16.67 43.09
N GLY D 183 20.66 -15.91 43.34
CA GLY D 183 20.57 -14.48 43.27
C GLY D 183 19.09 -14.26 43.14
N TYR D 184 18.65 -13.03 43.02
CA TYR D 184 17.24 -12.84 42.90
C TYR D 184 16.75 -12.80 41.48
N SER D 185 15.44 -12.74 41.37
CA SER D 185 14.75 -12.68 40.11
C SER D 185 13.54 -11.81 40.25
N VAL D 186 13.26 -11.07 39.20
CA VAL D 186 12.13 -10.20 39.19
C VAL D 186 11.38 -10.47 37.92
N PHE D 187 10.10 -10.77 38.05
CA PHE D 187 9.25 -11.02 36.90
C PHE D 187 8.16 -9.98 36.82
N ALA D 188 8.22 -9.14 35.81
CA ALA D 188 7.21 -8.10 35.66
C ALA D 188 6.30 -8.42 34.50
N GLY D 189 5.02 -8.62 34.81
CA GLY D 189 4.01 -8.90 33.81
C GLY D 189 3.35 -7.61 33.37
N VAL D 190 3.78 -7.12 32.21
CA VAL D 190 3.27 -5.90 31.64
C VAL D 190 2.28 -6.14 30.54
N GLY D 191 1.05 -5.70 30.76
CA GLY D 191 0.00 -5.84 29.79
C GLY D 191 -0.21 -7.25 29.24
N GLU D 192 0.04 -8.27 30.04
CA GLU D 192 -0.18 -9.61 29.54
C GLU D 192 -1.45 -10.25 30.06
N ARG D 193 -1.57 -11.57 30.02
CA ARG D 193 -2.78 -12.23 30.49
C ARG D 193 -2.83 -12.48 32.00
N THR D 194 -3.91 -12.08 32.66
CA THR D 194 -4.04 -12.33 34.09
C THR D 194 -3.91 -13.81 34.43
N ARG D 195 -4.58 -14.65 33.62
CA ARG D 195 -4.54 -16.09 33.78
C ARG D 195 -3.12 -16.56 33.98
N GLU D 196 -2.20 -15.98 33.20
CA GLU D 196 -0.79 -16.28 33.24
C GLU D 196 -0.12 -15.92 34.56
N GLY D 197 -0.47 -14.77 35.10
CA GLY D 197 0.13 -14.36 36.35
C GLY D 197 -0.20 -15.37 37.45
N ASN D 198 -1.40 -15.91 37.35
CA ASN D 198 -1.86 -16.89 38.32
C ASN D 198 -1.14 -18.22 38.10
N ASP D 199 -0.98 -18.59 36.83
CA ASP D 199 -0.28 -19.82 36.51
C ASP D 199 1.13 -19.78 37.10
N LEU D 200 1.83 -18.66 36.83
CA LEU D 200 3.19 -18.46 37.28
C LEU D 200 3.37 -18.42 38.78
N TYR D 201 2.50 -17.70 39.44
CA TYR D 201 2.59 -17.60 40.87
C TYR D 201 2.55 -18.97 41.50
N HIS D 202 1.47 -19.68 41.18
CA HIS D 202 1.25 -21.01 41.70
C HIS D 202 2.32 -22.01 41.30
N GLU D 203 3.03 -21.71 40.24
CA GLU D 203 4.10 -22.59 39.85
C GLU D 203 5.32 -22.30 40.70
N MET D 204 5.63 -21.02 40.89
CA MET D 204 6.78 -20.63 41.72
C MET D 204 6.67 -21.25 43.09
N ILE D 205 5.45 -21.26 43.60
CA ILE D 205 5.19 -21.81 44.90
C ILE D 205 5.36 -23.30 44.91
N GLU D 206 4.67 -23.97 43.99
CA GLU D 206 4.80 -25.41 43.93
C GLU D 206 6.23 -25.85 43.75
N SER D 207 7.11 -24.93 43.42
CA SER D 207 8.51 -25.27 43.21
C SER D 207 9.44 -24.58 44.18
N GLY D 208 8.87 -24.04 45.24
CA GLY D 208 9.67 -23.38 46.25
C GLY D 208 10.41 -22.13 45.81
N VAL D 209 10.22 -21.66 44.56
CA VAL D 209 10.92 -20.45 44.20
C VAL D 209 10.31 -19.30 44.99
N ILE D 210 9.04 -19.50 45.30
CA ILE D 210 8.32 -18.59 46.14
C ILE D 210 8.05 -19.38 47.40
N ASN D 211 8.24 -18.77 48.55
CA ASN D 211 8.00 -19.46 49.80
C ASN D 211 7.07 -18.62 50.65
N LEU D 212 5.84 -19.11 50.87
CA LEU D 212 4.86 -18.36 51.63
C LEU D 212 5.01 -18.41 53.16
N LYS D 213 5.76 -19.39 53.65
CA LYS D 213 5.98 -19.60 55.07
C LYS D 213 7.22 -18.95 55.65
N ASP D 214 8.26 -18.86 54.84
CA ASP D 214 9.52 -18.28 55.29
C ASP D 214 10.10 -17.26 54.33
N ALA D 215 11.35 -16.88 54.63
CA ALA D 215 12.09 -15.91 53.85
C ALA D 215 12.98 -16.52 52.78
N THR D 216 12.63 -17.70 52.28
CA THR D 216 13.46 -18.31 51.24
C THR D 216 13.09 -17.88 49.82
N SER D 217 12.14 -16.96 49.71
CA SER D 217 11.69 -16.46 48.41
C SER D 217 12.81 -15.83 47.63
N LYS D 218 12.96 -16.38 46.43
CA LYS D 218 13.97 -15.98 45.48
C LYS D 218 13.45 -15.13 44.34
N VAL D 219 12.15 -14.83 44.34
CA VAL D 219 11.58 -14.04 43.25
C VAL D 219 10.49 -13.06 43.70
N ALA D 220 10.61 -11.82 43.22
CA ALA D 220 9.63 -10.77 43.49
C ALA D 220 8.74 -10.64 42.27
N LEU D 221 7.44 -10.45 42.43
CA LEU D 221 6.56 -10.34 41.28
C LEU D 221 5.91 -8.97 41.17
N VAL D 222 5.74 -8.47 39.94
CA VAL D 222 5.08 -7.18 39.71
C VAL D 222 4.12 -7.34 38.54
N TYR D 223 2.88 -6.89 38.70
CA TYR D 223 1.88 -7.08 37.66
C TYR D 223 1.03 -5.88 37.28
N GLY D 224 0.86 -5.73 35.97
CA GLY D 224 0.05 -4.68 35.36
C GLY D 224 -0.50 -5.22 34.05
N GLN D 225 -1.40 -6.21 34.18
CA GLN D 225 -2.04 -6.93 33.07
C GLN D 225 -2.92 -6.18 32.06
N MET D 226 -3.46 -6.96 31.12
CA MET D 226 -4.32 -6.50 30.03
C MET D 226 -5.66 -5.98 30.49
N ASN D 227 -5.96 -6.18 31.74
CA ASN D 227 -7.23 -5.72 32.23
C ASN D 227 -7.09 -4.39 32.93
N GLU D 228 -5.96 -3.73 32.66
CA GLU D 228 -5.69 -2.44 33.24
C GLU D 228 -5.81 -1.34 32.22
N PRO D 229 -5.96 -0.12 32.72
CA PRO D 229 -6.06 1.05 31.88
C PRO D 229 -4.66 1.41 31.41
N PRO D 230 -4.53 1.96 30.19
CA PRO D 230 -3.24 2.36 29.60
C PRO D 230 -2.22 2.94 30.60
N GLY D 231 -2.68 3.74 31.57
CA GLY D 231 -1.81 4.35 32.57
C GLY D 231 -1.03 3.31 33.37
N ALA D 232 -1.74 2.29 33.87
CA ALA D 232 -1.05 1.26 34.61
C ALA D 232 -0.06 0.58 33.70
N ARG D 233 -0.52 0.27 32.49
CA ARG D 233 0.32 -0.39 31.51
C ARG D 233 1.55 0.41 31.10
N ALA D 234 1.41 1.73 31.11
CA ALA D 234 2.54 2.57 30.77
C ALA D 234 3.56 2.67 31.90
N ARG D 235 3.27 2.02 33.03
CA ARG D 235 4.15 2.13 34.17
C ARG D 235 4.64 0.84 34.82
N VAL D 236 3.88 -0.28 34.80
CA VAL D 236 4.35 -1.52 35.46
C VAL D 236 5.79 -1.90 35.20
N ALA D 237 6.23 -1.72 33.96
CA ALA D 237 7.60 -2.03 33.60
C ALA D 237 8.56 -1.23 34.48
N LEU D 238 8.21 0.03 34.74
CA LEU D 238 9.03 0.87 35.59
C LEU D 238 9.04 0.31 37.01
N THR D 239 7.87 -0.09 37.49
CA THR D 239 7.75 -0.67 38.82
C THR D 239 8.67 -1.87 38.92
N GLY D 240 8.48 -2.82 38.02
CA GLY D 240 9.28 -4.04 37.99
C GLY D 240 10.77 -3.74 37.85
N LEU D 241 11.10 -2.84 36.95
CA LEU D 241 12.48 -2.47 36.76
C LEU D 241 13.07 -1.86 38.02
N THR D 242 12.27 -1.04 38.69
CA THR D 242 12.68 -0.38 39.91
C THR D 242 13.04 -1.37 41.01
N VAL D 243 12.21 -2.40 41.16
CA VAL D 243 12.48 -3.43 42.13
C VAL D 243 13.86 -4.02 41.83
N ALA D 244 14.02 -4.47 40.59
CA ALA D 244 15.24 -5.06 40.08
C ALA D 244 16.47 -4.17 40.23
N GLU D 245 16.33 -2.88 40.02
CA GLU D 245 17.51 -2.04 40.17
C GLU D 245 18.08 -2.10 41.59
N TYR D 246 17.19 -2.24 42.59
CA TYR D 246 17.57 -2.32 44.00
C TYR D 246 18.50 -3.46 44.27
N PHE D 247 18.08 -4.65 43.89
CA PHE D 247 18.93 -5.79 44.09
C PHE D 247 20.23 -5.65 43.30
N ARG D 248 20.29 -4.74 42.34
CA ARG D 248 21.50 -4.58 41.56
C ARG D 248 22.51 -3.72 42.28
N ASP D 249 22.02 -2.56 42.68
CA ASP D 249 22.84 -1.56 43.32
C ASP D 249 22.98 -1.70 44.83
N GLN D 250 21.86 -1.50 45.54
CA GLN D 250 21.79 -1.57 47.02
C GLN D 250 22.32 -2.84 47.64
N GLU D 251 22.14 -3.95 46.95
CA GLU D 251 22.65 -5.22 47.43
C GLU D 251 23.78 -5.58 46.47
N GLY D 252 23.38 -5.93 45.24
CA GLY D 252 24.31 -6.22 44.11
C GLY D 252 24.59 -7.67 43.67
N GLN D 253 24.02 -8.67 44.35
CA GLN D 253 24.28 -10.08 44.07
C GLN D 253 23.82 -10.70 42.76
N ASP D 254 23.80 -10.01 41.63
CA ASP D 254 23.34 -10.62 40.36
C ASP D 254 21.83 -10.83 40.35
N VAL D 255 21.14 -10.21 39.40
CA VAL D 255 19.69 -10.34 39.27
C VAL D 255 19.28 -10.82 37.89
N LEU D 256 18.18 -11.55 37.84
CA LEU D 256 17.57 -12.02 36.60
C LEU D 256 16.33 -11.17 36.44
N LEU D 257 16.12 -10.57 35.28
CA LEU D 257 14.95 -9.72 35.08
C LEU D 257 14.06 -10.29 33.99
N PHE D 258 12.81 -10.60 34.29
CA PHE D 258 11.95 -11.10 33.24
C PHE D 258 10.80 -10.13 33.00
N ILE D 259 10.60 -9.76 31.75
CA ILE D 259 9.52 -8.86 31.40
C ILE D 259 8.70 -9.51 30.31
N ASP D 260 7.41 -9.51 30.50
CA ASP D 260 6.56 -10.11 29.51
C ASP D 260 5.24 -9.39 29.58
N ASN D 261 4.95 -8.54 28.59
CA ASN D 261 5.74 -8.26 27.39
C ASN D 261 6.06 -6.77 27.31
N ILE D 262 7.32 -6.41 27.05
CA ILE D 262 7.73 -5.01 26.97
C ILE D 262 7.04 -4.18 25.89
N PHE D 263 6.52 -4.85 24.86
CA PHE D 263 5.79 -4.15 23.81
C PHE D 263 4.65 -3.35 24.45
N ARG D 264 3.96 -4.00 25.38
CA ARG D 264 2.85 -3.43 26.12
C ARG D 264 3.13 -2.04 26.69
N PHE D 265 4.38 -1.77 27.05
CA PHE D 265 4.77 -0.45 27.56
C PHE D 265 4.57 0.60 26.49
N THR D 266 4.97 0.23 25.28
CA THR D 266 4.89 1.06 24.09
C THR D 266 3.45 1.24 23.61
N GLN D 267 2.70 0.17 23.58
CA GLN D 267 1.35 0.27 23.14
C GLN D 267 0.50 1.04 24.15
N ALA D 268 0.97 1.09 25.40
CA ALA D 268 0.25 1.80 26.45
C ALA D 268 0.37 3.28 26.17
N GLY D 269 1.58 3.69 25.83
CA GLY D 269 1.81 5.08 25.52
C GLY D 269 0.96 5.50 24.33
N SER D 270 0.96 4.67 23.29
CA SER D 270 0.21 4.97 22.09
C SER D 270 -1.27 5.17 22.37
N GLU D 271 -1.79 4.41 23.33
CA GLU D 271 -3.20 4.50 23.65
C GLU D 271 -3.65 5.83 24.25
N VAL D 272 -2.76 6.56 24.92
CA VAL D 272 -3.20 7.82 25.49
C VAL D 272 -2.67 9.01 24.73
N SER D 273 -1.67 8.76 23.91
CA SER D 273 -0.99 9.75 23.11
C SER D 273 -1.87 10.79 22.42
N ALA D 274 -3.00 10.39 21.84
CA ALA D 274 -3.84 11.37 21.18
C ALA D 274 -4.49 12.28 22.21
N LEU D 275 -4.93 11.70 23.32
CA LEU D 275 -5.53 12.50 24.38
C LEU D 275 -4.54 13.49 24.98
N LEU D 276 -3.25 13.32 24.65
CA LEU D 276 -2.21 14.22 25.13
C LEU D 276 -1.95 15.30 24.10
N GLY D 277 -2.77 15.28 23.04
CA GLY D 277 -2.71 16.24 21.95
C GLY D 277 -1.45 16.16 21.10
N ARG D 278 -1.14 14.99 20.53
CA ARG D 278 0.06 14.90 19.72
C ARG D 278 -0.18 14.52 18.26
N ILE D 279 0.59 15.06 17.34
CA ILE D 279 0.40 14.59 15.98
C ILE D 279 0.96 13.16 15.99
N PRO D 280 0.27 12.22 15.39
CA PRO D 280 0.73 10.84 15.38
C PRO D 280 1.95 10.69 14.49
N SER D 281 2.86 9.81 14.88
CA SER D 281 4.05 9.52 14.07
C SER D 281 3.67 8.44 13.07
N ALA D 282 4.62 7.75 12.44
CA ALA D 282 4.23 6.70 11.51
C ALA D 282 3.54 5.56 12.25
N VAL D 283 2.79 4.76 11.49
CA VAL D 283 2.04 3.60 11.98
C VAL D 283 1.17 3.83 13.20
N GLY D 284 0.81 5.09 13.43
CA GLY D 284 -0.05 5.44 14.56
C GLY D 284 0.69 5.56 15.88
N TYR D 285 1.99 5.34 15.85
CA TYR D 285 2.73 5.46 17.08
C TYR D 285 2.86 6.90 17.50
N GLN D 286 3.16 7.08 18.78
CA GLN D 286 3.37 8.38 19.35
C GLN D 286 4.70 8.90 18.81
N PRO D 287 4.90 10.22 18.75
CA PRO D 287 6.15 10.72 18.23
C PRO D 287 7.32 10.51 19.17
N THR D 288 7.03 10.22 20.42
CA THR D 288 8.11 10.06 21.36
C THR D 288 8.52 8.60 21.59
N LEU D 289 8.03 7.70 20.74
CA LEU D 289 8.30 6.26 20.84
C LEU D 289 9.74 5.93 21.23
N ALA D 290 10.67 6.24 20.32
CA ALA D 290 12.08 5.95 20.53
C ALA D 290 12.63 6.47 21.85
N THR D 291 12.49 7.77 22.08
CA THR D 291 12.99 8.31 23.31
C THR D 291 12.37 7.68 24.54
N ASP D 292 11.05 7.48 24.48
CA ASP D 292 10.33 6.85 25.57
C ASP D 292 10.99 5.52 25.89
N MET D 293 11.24 4.79 24.84
CA MET D 293 11.88 3.51 24.95
C MET D 293 13.28 3.62 25.51
N GLY D 294 14.01 4.63 25.02
CA GLY D 294 15.39 4.89 25.43
C GLY D 294 15.57 5.13 26.92
N THR D 295 14.90 6.15 27.45
CA THR D 295 15.03 6.43 28.86
C THR D 295 14.61 5.25 29.72
N MET D 296 13.93 4.28 29.12
CA MET D 296 13.55 3.13 29.90
C MET D 296 14.52 1.98 29.73
N GLN D 297 14.74 1.61 28.48
CA GLN D 297 15.65 0.53 28.20
C GLN D 297 17.02 0.81 28.80
N GLU D 298 17.36 2.10 28.91
CA GLU D 298 18.66 2.47 29.43
C GLU D 298 18.94 2.11 30.89
N ARG D 299 17.89 1.87 31.66
CA ARG D 299 18.00 1.49 33.06
C ARG D 299 18.15 0.00 33.22
N ILE D 300 17.56 -0.73 32.27
CA ILE D 300 17.62 -2.17 32.24
C ILE D 300 19.03 -2.51 31.77
N THR D 301 19.96 -2.55 32.70
CA THR D 301 21.33 -2.82 32.29
C THR D 301 22.24 -3.23 33.43
N THR D 302 23.29 -3.96 33.05
CA THR D 302 24.29 -4.40 34.00
C THR D 302 25.23 -3.25 34.25
N THR D 303 25.71 -3.15 35.47
CA THR D 303 26.64 -2.09 35.79
C THR D 303 27.81 -2.68 36.55
N LYS D 304 28.70 -1.81 36.99
CA LYS D 304 29.82 -2.29 37.74
C LYS D 304 29.38 -2.70 39.14
N LYS D 305 28.30 -2.08 39.61
CA LYS D 305 27.78 -2.41 40.92
C LYS D 305 27.17 -3.79 40.93
N GLY D 306 26.30 -4.03 39.95
CA GLY D 306 25.63 -5.30 39.88
C GLY D 306 25.39 -5.75 38.45
N SER D 307 24.75 -6.90 38.34
CA SER D 307 24.47 -7.48 37.05
C SER D 307 23.01 -7.82 36.86
N ILE D 308 22.46 -7.41 35.73
CA ILE D 308 21.11 -7.77 35.42
C ILE D 308 21.21 -8.64 34.18
N THR D 309 20.34 -9.64 34.12
CA THR D 309 20.21 -10.56 33.02
C THR D 309 18.73 -10.52 32.70
N SER D 310 18.39 -9.60 31.81
CA SER D 310 17.04 -9.32 31.37
C SER D 310 16.60 -10.11 30.15
N VAL D 311 15.45 -10.75 30.28
CA VAL D 311 14.84 -11.49 29.21
C VAL D 311 13.50 -10.82 28.99
N GLN D 312 13.39 -10.11 27.89
CA GLN D 312 12.17 -9.40 27.63
C GLN D 312 11.41 -9.99 26.48
N ALA D 313 10.11 -10.18 26.65
CA ALA D 313 9.32 -10.68 25.55
C ALA D 313 8.93 -9.47 24.70
N ILE D 314 8.98 -9.62 23.38
CA ILE D 314 8.65 -8.52 22.51
C ILE D 314 7.62 -8.86 21.44
N TYR D 315 6.41 -8.33 21.63
CA TYR D 315 5.30 -8.52 20.70
C TYR D 315 5.62 -7.86 19.37
N VAL D 316 5.15 -8.47 18.28
CA VAL D 316 5.35 -8.01 16.92
C VAL D 316 4.03 -7.85 16.21
N PRO D 317 3.45 -6.66 16.32
CA PRO D 317 2.17 -6.36 15.71
C PRO D 317 2.07 -6.78 14.24
N ALA D 318 0.94 -7.41 13.92
CA ALA D 318 0.68 -7.86 12.57
C ALA D 318 1.78 -8.71 12.03
N ASP D 319 2.63 -9.22 12.91
CA ASP D 319 3.72 -10.06 12.46
C ASP D 319 4.77 -9.29 11.65
N ASP D 320 4.70 -7.95 11.66
CA ASP D 320 5.65 -7.16 10.90
C ASP D 320 6.87 -6.72 11.70
N LEU D 321 7.97 -7.42 11.54
CA LEU D 321 9.19 -7.05 12.27
C LEU D 321 9.63 -5.61 12.03
N THR D 322 9.19 -4.99 10.94
CA THR D 322 9.57 -3.61 10.68
C THR D 322 8.74 -2.60 11.44
N ASP D 323 7.66 -3.07 12.08
CA ASP D 323 6.78 -2.19 12.86
C ASP D 323 7.63 -1.33 13.78
N PRO D 324 7.34 -0.04 13.82
CA PRO D 324 8.09 0.91 14.62
C PRO D 324 8.54 0.44 16.00
N ALA D 325 7.68 -0.35 16.66
CA ALA D 325 7.98 -0.85 18.01
C ALA D 325 9.04 -1.94 18.09
N PRO D 326 8.80 -3.09 17.44
CA PRO D 326 9.78 -4.16 17.47
C PRO D 326 11.07 -3.69 16.84
N ALA D 327 10.89 -2.92 15.77
CA ALA D 327 11.98 -2.34 15.02
C ALA D 327 12.88 -1.49 15.92
N THR D 328 12.27 -0.59 16.70
CA THR D 328 13.00 0.27 17.62
C THR D 328 13.74 -0.46 18.75
N THR D 329 13.25 -1.64 19.13
CA THR D 329 13.81 -2.44 20.23
C THR D 329 15.14 -3.17 20.00
N PHE D 330 15.36 -3.66 18.77
CA PHE D 330 16.57 -4.39 18.40
C PHE D 330 17.86 -3.80 18.97
N ALA D 331 18.04 -2.51 18.76
CA ALA D 331 19.22 -1.84 19.22
C ALA D 331 19.52 -2.02 20.71
N HIS D 332 18.48 -2.15 21.53
CA HIS D 332 18.70 -2.29 22.97
C HIS D 332 19.19 -3.64 23.44
N LEU D 333 19.23 -4.60 22.54
CA LEU D 333 19.61 -5.94 22.93
C LEU D 333 21.04 -6.36 22.60
N ASP D 334 21.46 -7.46 23.24
CA ASP D 334 22.76 -8.07 23.04
C ASP D 334 22.59 -9.42 22.37
N ALA D 335 21.37 -9.97 22.50
CA ALA D 335 21.03 -11.24 21.92
C ALA D 335 19.57 -11.20 21.54
N THR D 336 19.25 -11.81 20.41
CA THR D 336 17.89 -11.80 19.96
C THR D 336 17.43 -13.16 19.44
N THR D 337 16.31 -13.63 19.97
CA THR D 337 15.71 -14.88 19.57
C THR D 337 14.45 -14.53 18.78
N VAL D 338 14.49 -14.68 17.46
CA VAL D 338 13.32 -14.33 16.66
C VAL D 338 12.40 -15.52 16.40
N LEU D 339 11.14 -15.44 16.83
CA LEU D 339 10.22 -16.55 16.60
C LEU D 339 9.42 -16.32 15.33
N SER D 340 9.04 -17.39 14.62
CA SER D 340 8.29 -17.23 13.39
C SER D 340 7.08 -18.12 13.23
N ARG D 341 5.95 -17.47 12.92
CA ARG D 341 4.69 -18.16 12.68
C ARG D 341 4.88 -19.18 11.57
N ALA D 342 5.63 -18.78 10.55
CA ALA D 342 5.88 -19.66 9.44
C ALA D 342 6.52 -20.95 9.91
N ILE D 343 7.50 -20.83 10.79
CA ILE D 343 8.15 -22.00 11.33
C ILE D 343 7.16 -22.74 12.22
N ALA D 344 6.53 -22.01 13.14
CA ALA D 344 5.55 -22.56 14.08
C ALA D 344 4.50 -23.37 13.35
N GLU D 345 3.98 -22.77 12.31
CA GLU D 345 2.98 -23.37 11.49
C GLU D 345 3.38 -24.78 11.07
N LEU D 346 4.68 -25.02 10.90
CA LEU D 346 5.19 -26.34 10.50
C LEU D 346 5.20 -27.36 11.64
N GLY D 347 4.98 -26.90 12.85
CA GLY D 347 5.03 -27.81 13.97
C GLY D 347 6.44 -27.82 14.55
N ILE D 348 7.28 -26.90 14.12
CA ILE D 348 8.62 -26.86 14.68
C ILE D 348 8.69 -25.90 15.87
N TYR D 349 8.75 -26.44 17.09
CA TYR D 349 8.87 -25.63 18.31
C TYR D 349 10.19 -25.98 18.99
N PRO D 350 10.92 -24.99 19.56
CA PRO D 350 10.58 -23.58 19.56
C PRO D 350 10.64 -23.05 18.15
N ALA D 351 9.68 -22.20 17.78
CA ALA D 351 9.65 -21.66 16.44
C ALA D 351 10.71 -20.60 16.15
N VAL D 352 11.96 -20.83 16.55
CA VAL D 352 13.02 -19.85 16.29
C VAL D 352 13.44 -19.82 14.83
N ASP D 353 13.67 -18.62 14.33
CA ASP D 353 14.14 -18.49 12.98
C ASP D 353 15.66 -18.46 13.04
N PRO D 354 16.28 -19.51 12.55
CA PRO D 354 17.73 -19.70 12.55
C PRO D 354 18.51 -18.64 11.77
N LEU D 355 17.86 -18.02 10.82
CA LEU D 355 18.50 -17.01 10.02
C LEU D 355 18.06 -15.60 10.40
N ASP D 356 17.52 -15.41 11.59
CA ASP D 356 17.09 -14.07 11.97
C ASP D 356 17.35 -13.84 13.43
N SER D 357 18.01 -14.81 14.04
CA SER D 357 18.36 -14.75 15.44
C SER D 357 19.82 -14.38 15.54
N THR D 358 20.20 -13.57 16.53
CA THR D 358 21.61 -13.20 16.66
C THR D 358 22.03 -13.00 18.10
N SER D 359 23.33 -13.04 18.32
CA SER D 359 23.90 -12.86 19.63
C SER D 359 25.24 -12.19 19.52
N ARG D 360 25.47 -11.24 20.40
CA ARG D 360 26.72 -10.52 20.34
C ARG D 360 27.94 -11.38 20.61
N ILE D 361 27.74 -12.49 21.32
CA ILE D 361 28.86 -13.37 21.63
C ILE D 361 29.14 -14.40 20.56
N MET D 362 28.36 -14.42 19.47
CA MET D 362 28.63 -15.36 18.41
C MET D 362 29.90 -14.88 17.74
N ASP D 363 30.99 -15.10 18.45
CA ASP D 363 32.32 -14.70 18.07
C ASP D 363 33.30 -15.82 18.40
N PRO D 364 34.06 -16.29 17.38
CA PRO D 364 35.04 -17.35 17.57
C PRO D 364 35.92 -17.08 18.78
N ASN D 365 36.31 -15.83 18.92
CA ASN D 365 37.11 -15.41 20.05
C ASN D 365 36.38 -15.58 21.37
N ILE D 366 35.06 -15.80 21.35
CA ILE D 366 34.29 -15.95 22.58
C ILE D 366 33.70 -17.34 22.83
N VAL D 367 33.09 -17.92 21.81
CA VAL D 367 32.51 -19.23 21.97
C VAL D 367 33.45 -20.29 21.43
N GLY D 368 34.46 -19.84 20.72
CA GLY D 368 35.39 -20.76 20.13
C GLY D 368 34.98 -21.13 18.72
N SER D 369 35.96 -21.55 17.95
CA SER D 369 35.79 -21.92 16.57
C SER D 369 34.90 -23.12 16.30
N GLU D 370 34.89 -24.11 17.20
CA GLU D 370 34.04 -25.30 16.97
C GLU D 370 32.58 -24.93 17.00
N HIS D 371 32.25 -24.13 18.01
CA HIS D 371 30.92 -23.61 18.20
C HIS D 371 30.62 -22.76 16.99
N TYR D 372 31.52 -21.84 16.76
CA TYR D 372 31.41 -20.92 15.65
C TYR D 372 31.26 -21.54 14.27
N ASP D 373 32.12 -22.50 13.95
CA ASP D 373 32.07 -23.10 12.63
C ASP D 373 30.84 -23.96 12.40
N VAL D 374 30.35 -24.55 13.48
CA VAL D 374 29.17 -25.41 13.44
C VAL D 374 27.95 -24.57 13.16
N ALA D 375 27.81 -23.53 13.98
CA ALA D 375 26.70 -22.60 13.90
C ALA D 375 26.58 -22.07 12.49
N ARG D 376 27.66 -21.45 12.05
CA ARG D 376 27.71 -20.88 10.72
C ARG D 376 27.44 -21.95 9.68
N GLY D 377 27.97 -23.16 9.94
CA GLY D 377 27.80 -24.27 9.03
C GLY D 377 26.33 -24.62 8.89
N VAL D 378 25.66 -24.64 10.03
CA VAL D 378 24.24 -24.94 10.12
C VAL D 378 23.40 -23.90 9.40
N GLN D 379 23.85 -22.65 9.50
CA GLN D 379 23.18 -21.54 8.88
C GLN D 379 23.34 -21.53 7.37
N LYS D 380 24.56 -21.82 6.92
CA LYS D 380 24.81 -21.87 5.49
C LYS D 380 23.86 -22.86 4.80
N ILE D 381 23.80 -24.07 5.36
CA ILE D 381 22.96 -25.12 4.81
C ILE D 381 21.48 -24.80 4.74
N LEU D 382 20.99 -24.10 5.76
CA LEU D 382 19.60 -23.71 5.81
C LEU D 382 19.34 -22.65 4.76
N GLN D 383 20.32 -21.73 4.61
CA GLN D 383 20.23 -20.66 3.64
C GLN D 383 20.30 -21.26 2.25
N ASP D 384 21.22 -22.20 2.10
CA ASP D 384 21.37 -22.88 0.82
C ASP D 384 20.03 -23.49 0.44
N TYR D 385 19.46 -24.22 1.37
CA TYR D 385 18.17 -24.88 1.17
C TYR D 385 17.03 -23.89 0.94
N LYS D 386 17.03 -22.77 1.66
CA LYS D 386 15.99 -21.79 1.50
C LYS D 386 15.92 -21.37 0.04
N SER D 387 17.10 -21.04 -0.48
CA SER D 387 17.25 -20.62 -1.86
C SER D 387 16.62 -21.63 -2.81
N LEU D 388 16.99 -22.89 -2.66
CA LEU D 388 16.46 -23.94 -3.51
C LEU D 388 14.96 -24.19 -3.42
N GLN D 389 14.39 -24.08 -2.19
CA GLN D 389 12.96 -24.35 -1.91
C GLN D 389 12.00 -24.01 -3.04
N ASP D 390 11.88 -22.72 -3.29
CA ASP D 390 10.99 -22.19 -4.32
C ASP D 390 11.21 -22.77 -5.70
N ILE D 391 12.46 -23.13 -5.98
CA ILE D 391 12.82 -23.68 -7.27
C ILE D 391 12.47 -25.13 -7.52
N ILE D 392 12.88 -26.04 -6.62
CA ILE D 392 12.56 -27.45 -6.78
C ILE D 392 11.05 -27.60 -6.78
N ALA D 393 10.44 -26.70 -6.01
CA ALA D 393 9.02 -26.62 -5.84
C ALA D 393 8.30 -26.74 -7.17
N ILE D 394 8.78 -26.00 -8.14
CA ILE D 394 8.19 -26.03 -9.47
C ILE D 394 8.92 -26.96 -10.42
N LEU D 395 10.19 -26.68 -10.63
CA LEU D 395 10.99 -27.48 -11.55
C LEU D 395 11.26 -28.89 -11.07
N GLY D 396 10.86 -29.26 -9.86
CA GLY D 396 11.13 -30.61 -9.40
C GLY D 396 12.55 -30.81 -8.85
N MET D 397 12.85 -32.05 -8.45
CA MET D 397 14.12 -32.40 -7.85
C MET D 397 15.13 -33.16 -8.71
N ASP D 398 14.66 -33.84 -9.74
CA ASP D 398 15.55 -34.63 -10.60
C ASP D 398 16.81 -33.90 -11.06
N GLU D 399 16.63 -32.81 -11.80
CA GLU D 399 17.74 -32.03 -12.33
C GLU D 399 18.78 -31.59 -11.31
N LEU D 400 18.51 -31.81 -10.03
CA LEU D 400 19.44 -31.41 -8.99
C LEU D 400 20.66 -32.32 -8.89
N SER D 401 21.81 -31.70 -8.73
CA SER D 401 23.07 -32.38 -8.57
C SER D 401 23.04 -33.17 -7.28
N GLU D 402 23.59 -34.39 -7.27
CA GLU D 402 23.61 -35.19 -6.05
C GLU D 402 24.21 -34.39 -4.92
N GLU D 403 25.11 -33.48 -5.29
CA GLU D 403 25.77 -32.58 -4.36
C GLU D 403 24.75 -31.69 -3.68
N ASP D 404 23.81 -31.22 -4.49
CA ASP D 404 22.74 -30.34 -4.05
C ASP D 404 21.59 -31.07 -3.36
N LYS D 405 21.38 -32.34 -3.70
CA LYS D 405 20.29 -33.12 -3.12
C LYS D 405 20.63 -33.76 -1.80
N LEU D 406 21.85 -33.49 -1.37
CA LEU D 406 22.36 -33.97 -0.11
C LEU D 406 22.20 -32.84 0.89
N THR D 407 22.26 -31.60 0.40
CA THR D 407 22.06 -30.48 1.29
C THR D 407 20.57 -30.36 1.56
N VAL D 408 19.77 -30.78 0.58
CA VAL D 408 18.35 -30.74 0.77
C VAL D 408 18.03 -31.69 1.89
N SER D 409 18.71 -32.82 1.86
CA SER D 409 18.55 -33.85 2.87
C SER D 409 18.93 -33.29 4.22
N ARG D 410 20.22 -33.05 4.38
CA ARG D 410 20.79 -32.56 5.61
C ARG D 410 20.05 -31.37 6.18
N ALA D 411 19.65 -30.46 5.32
CA ALA D 411 18.94 -29.30 5.80
C ALA D 411 17.66 -29.73 6.47
N ARG D 412 16.86 -30.53 5.77
CA ARG D 412 15.59 -31.01 6.31
C ARG D 412 15.76 -31.68 7.65
N LYS D 413 16.88 -32.37 7.81
CA LYS D 413 17.17 -33.04 9.05
C LYS D 413 17.47 -32.04 10.16
N ILE D 414 18.43 -31.15 9.89
CA ILE D 414 18.83 -30.09 10.81
C ILE D 414 17.61 -29.31 11.29
N GLN D 415 16.80 -28.92 10.32
CA GLN D 415 15.56 -28.19 10.52
C GLN D 415 14.76 -28.83 11.63
N ARG D 416 14.86 -30.16 11.69
CA ARG D 416 14.16 -30.95 12.68
C ARG D 416 14.93 -31.06 13.97
N PHE D 417 16.20 -31.35 13.83
CA PHE D 417 17.04 -31.47 14.99
C PHE D 417 17.02 -30.18 15.80
N LEU D 418 16.60 -29.09 15.16
CA LEU D 418 16.52 -27.81 15.83
C LEU D 418 15.30 -27.76 16.75
N SER D 419 14.27 -28.54 16.44
CA SER D 419 13.11 -28.55 17.28
C SER D 419 13.50 -29.16 18.62
N GLN D 420 12.60 -29.09 19.58
CA GLN D 420 12.86 -29.61 20.90
C GLN D 420 11.57 -29.59 21.71
N PRO D 421 11.31 -30.67 22.46
CA PRO D 421 10.14 -30.74 23.31
C PRO D 421 10.47 -30.04 24.63
N PHE D 422 9.82 -28.90 24.90
CA PHE D 422 10.04 -28.14 26.12
C PHE D 422 9.41 -28.80 27.34
N GLN D 423 9.97 -28.52 28.50
CA GLN D 423 9.44 -29.08 29.72
C GLN D 423 8.11 -28.47 30.09
N VAL D 424 7.97 -27.20 29.71
CA VAL D 424 6.83 -26.34 29.96
C VAL D 424 5.72 -26.44 28.91
N ALA D 425 5.94 -27.27 27.89
CA ALA D 425 4.98 -27.43 26.82
C ALA D 425 4.51 -28.86 26.62
N GLU D 426 4.55 -29.65 27.69
CA GLU D 426 4.10 -31.02 27.59
C GLU D 426 2.62 -31.05 27.26
N VAL D 427 1.89 -30.13 27.85
CA VAL D 427 0.47 -30.07 27.57
C VAL D 427 0.28 -29.82 26.09
N PHE D 428 1.34 -29.36 25.46
CA PHE D 428 1.26 -29.04 24.05
C PHE D 428 1.80 -30.08 23.12
N THR D 429 2.99 -30.54 23.39
CA THR D 429 3.58 -31.50 22.49
C THR D 429 3.20 -32.94 22.74
N GLY D 430 2.91 -33.29 23.99
CA GLY D 430 2.63 -34.66 24.30
C GLY D 430 3.96 -35.40 24.33
N HIS D 431 5.00 -34.66 24.74
CA HIS D 431 6.35 -35.20 24.83
C HIS D 431 7.06 -34.67 26.07
N LEU D 432 7.87 -35.54 26.66
CA LEU D 432 8.62 -35.18 27.84
C LEU D 432 9.70 -34.18 27.48
N GLY D 433 9.69 -33.05 28.17
CA GLY D 433 10.66 -32.01 27.89
C GLY D 433 12.11 -32.44 28.08
N LYS D 434 12.95 -32.04 27.12
CA LYS D 434 14.38 -32.33 27.09
C LYS D 434 15.21 -31.06 27.22
N LEU D 435 16.30 -31.14 27.99
CA LEU D 435 17.23 -30.03 28.21
C LEU D 435 18.59 -30.45 27.68
N VAL D 436 19.02 -29.92 26.54
CA VAL D 436 20.31 -30.33 26.03
C VAL D 436 21.47 -29.43 26.42
N PRO D 437 22.56 -30.05 26.84
CA PRO D 437 23.74 -29.32 27.21
C PRO D 437 24.51 -28.89 25.96
N LEU D 438 25.17 -27.74 26.07
CA LEU D 438 25.94 -27.10 25.01
C LEU D 438 26.77 -28.05 24.16
N LYS D 439 27.53 -28.94 24.79
CA LYS D 439 28.35 -29.87 24.04
C LYS D 439 27.56 -30.94 23.29
N GLU D 440 26.40 -31.30 23.83
CA GLU D 440 25.57 -32.29 23.18
C GLU D 440 25.02 -31.71 21.89
N THR D 441 24.76 -30.40 21.94
CA THR D 441 24.23 -29.63 20.82
C THR D 441 25.27 -29.50 19.69
N ILE D 442 26.39 -28.86 20.00
CA ILE D 442 27.47 -28.65 19.04
C ILE D 442 27.83 -29.95 18.30
N LYS D 443 27.97 -31.01 19.06
CA LYS D 443 28.31 -32.33 18.57
C LYS D 443 27.26 -32.91 17.63
N GLY D 444 26.02 -32.94 18.10
CA GLY D 444 24.93 -33.47 17.28
C GLY D 444 24.85 -32.80 15.92
N PHE D 445 24.97 -31.47 15.90
CA PHE D 445 24.91 -30.78 14.64
C PHE D 445 26.12 -31.08 13.78
N GLN D 446 27.28 -31.01 14.43
CA GLN D 446 28.57 -31.30 13.85
C GLN D 446 28.49 -32.58 13.03
N GLN D 447 27.92 -33.59 13.67
CA GLN D 447 27.75 -34.88 13.06
C GLN D 447 26.83 -34.83 11.85
N ILE D 448 25.65 -34.24 12.00
CA ILE D 448 24.73 -34.18 10.88
C ILE D 448 25.38 -33.53 9.67
N LEU D 449 26.09 -32.44 9.93
CA LEU D 449 26.80 -31.72 8.89
C LEU D 449 27.84 -32.63 8.23
N ALA D 450 28.48 -33.43 9.07
CA ALA D 450 29.52 -34.37 8.67
C ALA D 450 29.04 -35.58 7.90
N GLY D 451 27.74 -35.69 7.63
CA GLY D 451 27.22 -36.82 6.89
C GLY D 451 27.08 -38.09 7.71
N GLU D 452 27.35 -38.00 9.01
CA GLU D 452 27.28 -39.13 9.92
C GLU D 452 25.87 -39.69 10.21
N TYR D 453 24.82 -39.21 9.53
CA TYR D 453 23.47 -39.71 9.79
C TYR D 453 22.59 -39.67 8.54
N ASP D 454 23.24 -39.58 7.41
CA ASP D 454 22.56 -39.53 6.13
C ASP D 454 21.66 -40.74 5.92
N HIS D 455 21.80 -41.73 6.80
CA HIS D 455 21.02 -42.94 6.71
C HIS D 455 19.71 -42.83 7.49
N LEU D 456 19.74 -42.25 8.70
CA LEU D 456 18.49 -42.14 9.43
C LEU D 456 17.51 -41.24 8.70
N PRO D 457 16.25 -41.47 8.98
CA PRO D 457 15.16 -40.70 8.40
C PRO D 457 15.00 -39.37 9.11
N GLU D 458 14.49 -38.36 8.38
CA GLU D 458 14.24 -37.03 8.95
C GLU D 458 13.47 -37.14 10.25
N GLN D 459 12.28 -37.76 10.14
CA GLN D 459 11.36 -37.94 11.26
C GLN D 459 12.05 -38.31 12.55
N ALA D 460 13.10 -39.09 12.44
CA ALA D 460 13.84 -39.50 13.61
C ALA D 460 14.42 -38.30 14.37
N PHE D 461 14.73 -37.24 13.64
CA PHE D 461 15.30 -36.03 14.19
C PHE D 461 14.29 -35.08 14.84
N TYR D 462 13.02 -35.23 14.48
CA TYR D 462 11.92 -34.39 14.97
C TYR D 462 11.56 -34.60 16.44
N MET D 463 11.34 -33.50 17.16
CA MET D 463 10.98 -33.53 18.57
C MET D 463 11.81 -34.50 19.41
N VAL D 464 13.10 -34.24 19.56
CA VAL D 464 13.97 -35.08 20.38
C VAL D 464 14.97 -34.18 21.09
N GLY D 465 15.70 -34.71 22.05
CA GLY D 465 16.67 -33.92 22.75
C GLY D 465 18.03 -34.03 22.06
N PRO D 466 18.87 -34.89 22.62
CA PRO D 466 20.19 -35.15 22.09
C PRO D 466 20.14 -36.18 20.97
N ILE D 467 21.13 -36.03 20.06
CA ILE D 467 21.29 -36.86 18.87
C ILE D 467 21.03 -38.33 19.10
N GLU D 468 21.43 -38.84 20.25
CA GLU D 468 21.20 -40.24 20.54
C GLU D 468 19.73 -40.58 20.41
N GLU D 469 18.88 -39.69 20.92
CA GLU D 469 17.45 -39.90 20.86
C GLU D 469 16.96 -40.00 19.41
N ALA D 470 17.70 -39.35 18.51
CA ALA D 470 17.38 -39.37 17.10
C ALA D 470 17.70 -40.74 16.54
N VAL D 471 18.80 -41.29 17.01
CA VAL D 471 19.21 -42.60 16.59
C VAL D 471 18.25 -43.64 17.13
N ALA D 472 17.94 -43.52 18.41
CA ALA D 472 17.00 -44.43 19.03
C ALA D 472 15.69 -44.39 18.27
N LYS D 473 15.13 -43.19 18.13
CA LYS D 473 13.88 -42.97 17.43
C LYS D 473 13.85 -43.59 16.04
N ALA D 474 15.02 -43.64 15.39
CA ALA D 474 15.11 -44.22 14.07
C ALA D 474 14.69 -45.67 14.11
N ASP D 475 15.26 -46.41 15.06
CA ASP D 475 14.96 -47.82 15.26
C ASP D 475 13.50 -47.99 15.53
N LYS D 476 13.02 -47.30 16.58
CA LYS D 476 11.61 -47.34 16.97
C LYS D 476 10.75 -47.10 15.73
N LEU D 477 11.24 -46.21 14.85
CA LEU D 477 10.60 -45.88 13.59
C LEU D 477 10.82 -47.01 12.59
N ALA D 478 11.96 -47.71 12.70
CA ALA D 478 12.31 -48.82 11.81
C ALA D 478 11.15 -49.79 11.59
N GLU D 479 10.16 -49.70 12.48
CA GLU D 479 8.90 -50.43 12.51
C GLU D 479 8.29 -50.41 13.89
N THR E 13 7.98 49.50 0.92
CA THR E 13 7.46 49.03 2.20
C THR E 13 8.52 48.34 3.06
N THR E 14 8.39 48.56 4.38
CA THR E 14 9.27 47.97 5.39
C THR E 14 8.48 47.21 6.43
N GLY E 15 8.54 45.88 6.33
CA GLY E 15 7.82 45.04 7.25
C GLY E 15 8.73 44.48 8.34
N ARG E 16 8.08 43.93 9.37
CA ARG E 16 8.74 43.29 10.50
C ARG E 16 8.55 41.79 10.40
N ILE E 17 9.39 41.06 11.10
CA ILE E 17 9.27 39.63 11.16
C ILE E 17 8.34 39.33 12.33
N VAL E 18 7.26 38.58 12.10
CA VAL E 18 6.33 38.28 13.17
C VAL E 18 6.49 36.88 13.70
N ALA E 19 7.10 36.05 12.88
CA ALA E 19 7.33 34.68 13.25
C ALA E 19 8.30 33.96 12.33
N VAL E 20 9.08 33.08 12.93
CA VAL E 20 10.07 32.25 12.25
C VAL E 20 9.95 30.81 12.72
N ILE E 21 9.60 29.93 11.80
CA ILE E 21 9.43 28.52 12.05
C ILE E 21 10.08 27.69 10.97
N GLY E 22 11.35 27.39 11.17
CA GLY E 22 12.07 26.64 10.18
C GLY E 22 12.31 27.54 8.98
N ALA E 23 11.98 27.06 7.80
CA ALA E 23 12.18 27.85 6.60
C ALA E 23 10.96 28.66 6.19
N VAL E 24 10.08 28.98 7.14
CA VAL E 24 8.89 29.74 6.81
C VAL E 24 8.71 30.95 7.68
N VAL E 25 9.04 32.11 7.11
CA VAL E 25 8.93 33.36 7.83
C VAL E 25 7.65 34.12 7.56
N ASP E 26 7.07 34.65 8.63
CA ASP E 26 5.86 35.45 8.56
C ASP E 26 6.26 36.91 8.74
N VAL E 27 5.83 37.77 7.82
CA VAL E 27 6.18 39.18 7.87
C VAL E 27 4.97 40.10 7.84
N GLN E 28 4.90 40.98 8.83
CA GLN E 28 3.81 41.95 8.95
C GLN E 28 4.12 43.32 8.37
N PHE E 29 3.20 43.82 7.57
CA PHE E 29 3.38 45.14 6.97
C PHE E 29 2.39 46.14 7.57
N ASP E 30 2.88 47.33 7.91
CA ASP E 30 1.97 48.32 8.46
C ASP E 30 1.18 49.03 7.37
N GLU E 31 1.90 49.52 6.36
CA GLU E 31 1.28 50.23 5.27
C GLU E 31 0.85 49.35 4.09
N GLY E 32 1.73 49.12 3.12
CA GLY E 32 1.36 48.31 1.95
C GLY E 32 1.85 46.85 1.99
N LEU E 33 0.93 45.92 1.69
CA LEU E 33 1.20 44.48 1.67
C LEU E 33 1.67 43.96 0.31
N PRO E 34 2.85 43.31 0.27
CA PRO E 34 3.41 42.77 -0.97
C PRO E 34 2.56 41.65 -1.55
N PRO E 35 2.35 41.71 -2.86
CA PRO E 35 1.57 40.66 -3.50
C PRO E 35 2.33 39.36 -3.41
N ILE E 36 1.63 38.25 -3.67
CA ILE E 36 2.20 36.92 -3.65
C ILE E 36 3.28 36.79 -4.71
N LEU E 37 4.39 36.13 -4.38
CA LEU E 37 5.52 35.93 -5.29
C LEU E 37 6.61 36.98 -5.19
N ASN E 38 6.31 38.10 -4.56
CA ASN E 38 7.32 39.11 -4.41
C ASN E 38 8.49 38.56 -3.62
N ALA E 39 9.63 39.21 -3.78
CA ALA E 39 10.85 38.87 -3.10
C ALA E 39 11.16 39.92 -2.03
N LEU E 40 11.20 39.52 -0.76
CA LEU E 40 11.52 40.47 0.30
C LEU E 40 12.99 40.32 0.70
N GLU E 41 13.61 41.38 1.19
CA GLU E 41 15.00 41.32 1.61
C GLU E 41 15.12 41.53 3.11
N VAL E 42 15.68 40.55 3.80
CA VAL E 42 15.83 40.66 5.23
C VAL E 42 16.92 41.67 5.59
N GLN E 43 16.58 42.61 6.44
CA GLN E 43 17.52 43.64 6.81
C GLN E 43 18.47 43.21 7.92
N GLY E 44 19.71 43.64 7.78
CA GLY E 44 20.73 43.38 8.76
C GLY E 44 21.25 41.96 8.83
N ARG E 45 21.70 41.43 7.71
CA ARG E 45 22.26 40.10 7.71
C ARG E 45 23.54 40.06 6.91
N GLU E 46 24.53 39.36 7.49
CA GLU E 46 25.84 39.15 6.89
C GLU E 46 25.73 38.92 5.39
N THR E 47 24.75 38.09 5.03
CA THR E 47 24.50 37.76 3.64
C THR E 47 23.06 38.02 3.27
N ARG E 48 22.80 38.00 1.96
CA ARG E 48 21.48 38.24 1.42
C ARG E 48 20.46 37.14 1.72
N LEU E 49 19.38 37.52 2.41
CA LEU E 49 18.30 36.61 2.75
C LEU E 49 17.02 37.00 2.03
N VAL E 50 16.66 36.28 0.97
CA VAL E 50 15.45 36.60 0.24
C VAL E 50 14.29 35.72 0.68
N LEU E 51 13.18 36.35 1.03
CA LEU E 51 11.98 35.64 1.44
C LEU E 51 10.97 35.76 0.31
N GLU E 52 10.52 34.66 -0.25
CA GLU E 52 9.54 34.82 -1.30
C GLU E 52 8.16 34.82 -0.68
N VAL E 53 7.26 35.68 -1.19
CA VAL E 53 5.91 35.73 -0.64
C VAL E 53 5.08 34.56 -1.11
N ALA E 54 4.30 33.94 -0.20
CA ALA E 54 3.53 32.78 -0.59
C ALA E 54 2.04 32.86 -0.31
N GLN E 55 1.65 33.68 0.67
CA GLN E 55 0.26 33.84 1.04
C GLN E 55 -0.02 35.15 1.75
N HIS E 56 -1.31 35.48 1.79
CA HIS E 56 -1.83 36.65 2.51
C HIS E 56 -2.69 36.16 3.67
N LEU E 57 -2.04 35.93 4.80
CA LEU E 57 -2.69 35.43 5.99
C LEU E 57 -3.78 36.34 6.53
N GLY E 58 -3.93 37.54 5.97
CA GLY E 58 -4.93 38.45 6.51
C GLY E 58 -4.33 39.14 7.73
N GLU E 59 -4.73 40.37 8.02
CA GLU E 59 -4.18 41.10 9.14
C GLU E 59 -2.83 41.72 8.84
N SER E 60 -2.65 42.07 7.59
CA SER E 60 -1.44 42.71 7.17
C SER E 60 -0.22 41.82 7.33
N THR E 61 -0.42 40.53 7.33
CA THR E 61 0.72 39.65 7.46
C THR E 61 0.85 38.70 6.29
N VAL E 62 2.08 38.52 5.80
CA VAL E 62 2.34 37.60 4.70
C VAL E 62 3.11 36.40 5.22
N ARG E 63 2.92 35.27 4.56
CA ARG E 63 3.65 34.04 4.88
C ARG E 63 4.64 33.78 3.78
N THR E 64 5.92 33.76 4.11
CA THR E 64 6.95 33.58 3.10
C THR E 64 7.85 32.40 3.34
N ILE E 65 8.54 31.98 2.26
CA ILE E 65 9.50 30.87 2.33
C ILE E 65 10.93 31.37 2.06
N ALA E 66 11.80 31.25 3.08
CA ALA E 66 13.21 31.68 3.02
C ALA E 66 14.03 31.02 1.92
N MET E 67 14.88 31.79 1.23
CA MET E 67 15.71 31.18 0.18
C MET E 67 17.06 30.73 0.70
N ASP E 68 17.21 30.81 2.01
CA ASP E 68 18.43 30.43 2.69
C ASP E 68 18.18 30.35 4.20
N GLY E 69 19.16 29.91 4.95
CA GLY E 69 18.99 29.76 6.39
C GLY E 69 18.41 30.94 7.15
N THR E 70 17.37 30.65 7.93
CA THR E 70 16.70 31.61 8.78
C THR E 70 17.34 31.62 10.15
N GLU E 71 18.54 31.09 10.25
CA GLU E 71 19.25 31.03 11.51
C GLU E 71 19.46 32.45 12.01
N GLY E 72 19.24 32.74 13.28
CA GLY E 72 19.51 34.09 13.72
C GLY E 72 18.41 35.14 13.56
N LEU E 73 17.38 34.89 12.74
CA LEU E 73 16.32 35.88 12.58
C LEU E 73 15.71 36.22 13.93
N VAL E 74 15.18 37.44 14.03
CA VAL E 74 14.58 37.91 15.26
C VAL E 74 13.23 38.52 15.00
N ARG E 75 12.24 38.14 15.83
CA ARG E 75 10.93 38.71 15.69
C ARG E 75 11.14 40.20 15.81
N GLY E 76 10.58 40.92 14.88
CA GLY E 76 10.76 42.35 14.87
C GLY E 76 11.79 42.77 13.82
N GLN E 77 12.63 41.85 13.37
CA GLN E 77 13.64 42.14 12.36
C GLN E 77 13.00 42.87 11.20
N LYS E 78 13.74 43.75 10.52
CA LYS E 78 13.16 44.50 9.43
C LYS E 78 13.27 43.78 8.10
N VAL E 79 12.18 43.87 7.33
CA VAL E 79 12.08 43.30 6.00
C VAL E 79 11.64 44.35 5.01
N LEU E 80 12.38 44.43 3.91
CA LEU E 80 12.14 45.40 2.85
C LEU E 80 11.56 44.82 1.58
N ASP E 81 10.30 45.13 1.31
CA ASP E 81 9.65 44.63 0.11
C ASP E 81 10.39 45.06 -1.14
N SER E 82 11.01 44.13 -1.83
CA SER E 82 11.70 44.53 -3.05
C SER E 82 10.70 44.95 -4.12
N GLY E 83 9.42 44.89 -3.77
CA GLY E 83 8.33 45.26 -4.67
C GLY E 83 8.28 44.46 -5.96
N ALA E 84 8.81 43.22 -5.94
CA ALA E 84 8.81 42.33 -7.10
C ALA E 84 9.30 40.93 -6.75
N PRO E 85 9.10 39.99 -7.67
CA PRO E 85 9.56 38.63 -7.48
C PRO E 85 11.06 38.62 -7.65
N ILE E 86 11.66 37.45 -7.46
CA ILE E 86 13.09 37.30 -7.63
C ILE E 86 13.50 37.63 -9.06
N ARG E 87 14.34 38.66 -9.21
CA ARG E 87 14.83 39.08 -10.53
C ARG E 87 16.29 38.72 -10.68
N ILE E 88 16.73 38.40 -11.89
CA ILE E 88 18.12 38.03 -12.06
C ILE E 88 18.80 38.62 -13.29
N PRO E 89 20.12 38.75 -13.23
CA PRO E 89 20.86 39.27 -14.35
C PRO E 89 20.70 38.34 -15.54
N VAL E 90 20.14 38.86 -16.62
CA VAL E 90 19.94 38.10 -17.84
C VAL E 90 20.81 38.69 -18.95
N GLY E 91 21.09 37.93 -20.01
CA GLY E 91 21.91 38.47 -21.06
C GLY E 91 23.16 37.62 -21.31
N PRO E 92 23.97 38.08 -22.27
CA PRO E 92 25.19 37.39 -22.66
C PRO E 92 26.23 37.25 -21.56
N GLU E 93 26.37 38.31 -20.78
CA GLU E 93 27.32 38.39 -19.69
C GLU E 93 27.17 37.26 -18.67
N THR E 94 26.07 36.53 -18.79
CA THR E 94 25.79 35.42 -17.91
C THR E 94 26.52 34.17 -18.35
N LEU E 95 26.63 34.05 -19.67
CA LEU E 95 27.31 32.93 -20.30
C LEU E 95 28.67 32.72 -19.62
N GLY E 96 29.04 31.46 -19.35
CA GLY E 96 30.31 31.16 -18.70
C GLY E 96 30.37 31.46 -17.20
N ARG E 97 29.31 32.02 -16.63
CA ARG E 97 29.25 32.34 -15.21
C ARG E 97 28.41 31.34 -14.43
N ILE E 98 28.67 31.19 -13.12
CA ILE E 98 27.87 30.32 -12.28
C ILE E 98 27.01 31.20 -11.42
N MET E 99 25.73 30.87 -11.33
CA MET E 99 24.87 31.73 -10.59
C MET E 99 23.86 31.01 -9.72
N ASN E 100 23.64 31.69 -8.63
CA ASN E 100 22.76 31.39 -7.54
C ASN E 100 21.28 31.34 -7.99
N VAL E 101 20.35 31.17 -7.03
CA VAL E 101 18.91 31.13 -7.31
C VAL E 101 18.36 32.53 -7.51
N ILE E 102 18.97 33.48 -6.81
CA ILE E 102 18.57 34.89 -6.87
C ILE E 102 19.50 35.71 -7.73
N GLY E 103 20.09 35.03 -8.71
CA GLY E 103 21.00 35.63 -9.65
C GLY E 103 22.27 36.20 -9.04
N GLU E 104 22.94 35.42 -8.21
CA GLU E 104 24.18 35.88 -7.62
C GLU E 104 25.32 35.04 -8.16
N PRO E 105 26.52 35.58 -8.18
CA PRO E 105 27.62 34.82 -8.69
C PRO E 105 28.16 33.92 -7.59
N ILE E 106 28.50 32.69 -7.96
CA ILE E 106 29.02 31.72 -7.02
C ILE E 106 30.31 31.09 -7.53
N ASP E 107 30.91 31.77 -8.50
CA ASP E 107 32.17 31.34 -9.11
C ASP E 107 33.32 32.22 -8.68
N GLU E 108 33.00 33.33 -8.01
CA GLU E 108 34.02 34.24 -7.52
C GLU E 108 34.71 35.02 -8.63
N ARG E 109 33.99 35.25 -9.73
CA ARG E 109 34.50 36.01 -10.87
C ARG E 109 33.89 37.39 -10.90
N GLY E 110 33.56 37.91 -9.72
CA GLY E 110 32.98 39.23 -9.64
C GLY E 110 31.55 39.27 -10.17
N PRO E 111 30.95 40.44 -10.00
CA PRO E 111 29.57 40.71 -10.38
C PRO E 111 29.16 40.35 -11.79
N ILE E 112 27.94 39.85 -11.89
CA ILE E 112 27.36 39.54 -13.18
C ILE E 112 26.77 40.85 -13.63
N LYS E 113 27.47 41.51 -14.55
CA LYS E 113 27.02 42.79 -15.03
C LYS E 113 26.25 42.72 -16.33
N THR E 114 24.93 42.82 -16.22
CA THR E 114 24.07 42.78 -17.36
C THR E 114 23.26 44.05 -17.41
N LYS E 115 22.60 44.26 -18.54
CA LYS E 115 21.77 45.43 -18.67
C LYS E 115 20.41 45.13 -18.07
N GLN E 116 19.84 44.01 -18.51
CA GLN E 116 18.55 43.63 -18.02
C GLN E 116 18.57 42.63 -16.90
N PHE E 117 17.51 42.73 -16.10
CA PHE E 117 17.19 41.86 -15.00
C PHE E 117 15.87 41.24 -15.41
N ALA E 118 15.63 40.00 -15.02
CA ALA E 118 14.40 39.36 -15.41
C ALA E 118 13.79 38.60 -14.26
N ALA E 119 12.55 38.96 -13.91
CA ALA E 119 11.89 38.26 -12.83
C ALA E 119 11.72 36.79 -13.23
N ILE E 120 11.96 35.88 -12.28
CA ILE E 120 11.88 34.44 -12.50
C ILE E 120 10.48 33.91 -12.76
N HIS E 121 9.51 34.40 -11.99
CA HIS E 121 8.14 33.97 -12.15
C HIS E 121 7.47 34.66 -13.34
N ALA E 122 7.39 33.94 -14.46
CA ALA E 122 6.81 34.43 -15.70
C ALA E 122 5.75 33.48 -16.27
N GLU E 123 4.67 34.05 -16.81
CA GLU E 123 3.61 33.25 -17.42
C GLU E 123 4.10 32.66 -18.73
N ALA E 124 3.37 31.71 -19.28
CA ALA E 124 3.82 31.10 -20.52
C ALA E 124 3.23 31.68 -21.79
N PRO E 125 3.96 31.50 -22.90
CA PRO E 125 3.54 31.99 -24.20
C PRO E 125 2.09 31.71 -24.53
N GLU E 126 1.32 32.79 -24.71
CA GLU E 126 -0.08 32.70 -25.05
C GLU E 126 -0.27 31.79 -26.24
N PHE E 127 -1.49 31.30 -26.40
CA PHE E 127 -1.86 30.44 -27.49
C PHE E 127 -1.49 31.00 -28.86
N VAL E 128 -1.70 32.31 -29.00
CA VAL E 128 -1.41 33.03 -30.21
C VAL E 128 0.06 33.22 -30.48
N GLU E 129 0.88 32.79 -29.53
CA GLU E 129 2.31 32.91 -29.71
C GLU E 129 2.85 31.55 -30.11
N MET E 130 2.07 30.55 -29.77
CA MET E 130 2.42 29.16 -30.05
C MET E 130 2.78 28.96 -31.50
N SER E 131 3.69 28.02 -31.73
CA SER E 131 4.04 27.65 -33.07
C SER E 131 3.00 26.63 -33.43
N VAL E 132 2.72 26.45 -34.70
CA VAL E 132 1.70 25.47 -34.99
C VAL E 132 2.33 24.24 -35.56
N GLU E 133 3.64 24.19 -35.57
CA GLU E 133 4.27 23.05 -36.19
C GLU E 133 5.48 22.44 -35.51
N GLN E 134 5.61 21.15 -35.81
CA GLN E 134 6.66 20.26 -35.37
C GLN E 134 7.82 20.27 -36.34
N GLU E 135 8.99 20.57 -35.80
CA GLU E 135 10.23 20.63 -36.55
C GLU E 135 11.32 19.93 -35.79
N ILE E 136 12.08 19.05 -36.44
CA ILE E 136 13.14 18.39 -35.70
C ILE E 136 14.31 19.35 -35.49
N LEU E 137 14.89 19.32 -34.30
CA LEU E 137 16.04 20.14 -33.96
C LEU E 137 17.30 19.29 -34.08
N VAL E 138 18.06 19.48 -35.16
CA VAL E 138 19.26 18.69 -35.38
C VAL E 138 20.43 18.99 -34.47
N THR E 139 21.00 17.91 -33.93
CA THR E 139 22.12 17.97 -33.01
C THR E 139 23.41 17.49 -33.66
N GLY E 140 23.28 16.79 -34.77
CA GLY E 140 24.45 16.28 -35.44
C GLY E 140 24.85 14.91 -34.90
N ILE E 141 24.04 14.38 -33.97
CA ILE E 141 24.29 13.07 -33.36
C ILE E 141 23.47 11.98 -34.05
N LYS E 142 24.20 11.14 -34.78
CA LYS E 142 23.66 10.03 -35.56
C LYS E 142 22.49 9.31 -34.90
N VAL E 143 22.70 8.65 -33.74
CA VAL E 143 21.58 7.98 -33.09
C VAL E 143 20.45 8.93 -32.81
N VAL E 144 20.75 9.99 -32.06
CA VAL E 144 19.73 10.93 -31.69
C VAL E 144 18.92 11.43 -32.86
N ASP E 145 19.62 12.01 -33.83
CA ASP E 145 18.98 12.55 -35.02
C ASP E 145 18.23 11.53 -35.88
N LEU E 146 18.78 10.33 -35.97
CA LEU E 146 18.18 9.28 -36.78
C LEU E 146 16.99 8.55 -36.14
N LEU E 147 17.17 8.07 -34.92
CA LEU E 147 16.14 7.30 -34.26
C LEU E 147 15.27 8.03 -33.23
N ALA E 148 15.81 9.03 -32.55
CA ALA E 148 15.04 9.73 -31.52
C ALA E 148 15.16 11.24 -31.56
N PRO E 149 14.94 11.78 -32.73
CA PRO E 149 15.03 13.20 -33.00
C PRO E 149 14.41 14.09 -31.95
N TYR E 150 15.19 15.09 -31.55
CA TYR E 150 14.73 16.06 -30.59
C TYR E 150 13.70 16.91 -31.32
N ALA E 151 12.95 17.73 -30.59
CA ALA E 151 11.97 18.58 -31.24
C ALA E 151 12.12 19.99 -30.73
N LYS E 152 12.04 20.96 -31.62
CA LYS E 152 12.18 22.34 -31.23
C LYS E 152 11.19 22.69 -30.15
N GLY E 153 11.67 23.28 -29.06
CA GLY E 153 10.80 23.69 -27.98
C GLY E 153 10.15 22.53 -27.22
N GLY E 154 10.61 21.32 -27.53
CA GLY E 154 10.13 20.09 -26.89
C GLY E 154 10.93 19.73 -25.63
N LYS E 155 10.52 18.64 -24.96
CA LYS E 155 11.21 18.16 -23.75
C LYS E 155 11.76 16.75 -23.90
N ILE E 156 13.05 16.60 -23.58
CA ILE E 156 13.71 15.31 -23.67
C ILE E 156 14.10 14.73 -22.32
N GLY E 157 13.69 13.48 -22.10
CA GLY E 157 14.00 12.74 -20.88
C GLY E 157 15.29 11.98 -21.09
N LEU E 158 16.33 12.45 -20.42
CA LEU E 158 17.65 11.86 -20.53
C LEU E 158 17.91 10.86 -19.42
N PHE E 159 17.89 9.60 -19.81
CA PHE E 159 18.09 8.50 -18.91
C PHE E 159 19.54 8.07 -18.90
N GLY E 160 19.91 7.33 -17.87
CA GLY E 160 21.28 6.86 -17.72
C GLY E 160 22.05 7.85 -16.87
N GLY E 161 23.10 7.39 -16.21
CA GLY E 161 23.85 8.28 -15.36
C GLY E 161 25.35 8.30 -15.56
N ALA E 162 26.07 7.72 -14.60
CA ALA E 162 27.52 7.69 -14.61
C ALA E 162 28.17 6.59 -15.41
N GLY E 163 29.43 6.81 -15.72
CA GLY E 163 30.18 5.85 -16.49
C GLY E 163 29.79 5.97 -17.94
N VAL E 164 28.49 6.12 -18.14
CA VAL E 164 27.92 6.34 -19.44
C VAL E 164 28.10 7.85 -19.68
N GLY E 165 28.52 8.24 -20.86
CA GLY E 165 28.84 9.64 -21.24
C GLY E 165 27.84 10.77 -20.99
N LYS E 166 27.18 10.76 -19.85
CA LYS E 166 26.21 11.80 -19.54
C LYS E 166 26.74 13.24 -19.71
N THR E 167 27.82 13.61 -19.02
CA THR E 167 28.35 14.98 -19.13
C THR E 167 28.90 15.34 -20.50
N VAL E 168 29.62 14.41 -21.10
CA VAL E 168 30.22 14.58 -22.41
C VAL E 168 29.17 14.88 -23.48
N LEU E 169 28.05 14.14 -23.40
CA LEU E 169 26.93 14.28 -24.30
C LEU E 169 26.24 15.62 -24.06
N ILE E 170 26.16 16.01 -22.79
CA ILE E 170 25.55 17.27 -22.43
C ILE E 170 26.37 18.39 -23.02
N MET E 171 27.68 18.18 -23.06
CA MET E 171 28.63 19.15 -23.57
C MET E 171 28.71 19.21 -25.08
N GLU E 172 28.47 18.09 -25.73
CA GLU E 172 28.52 18.14 -27.17
C GLU E 172 27.32 18.90 -27.66
N LEU E 173 26.13 18.55 -27.11
CA LEU E 173 24.87 19.19 -27.47
C LEU E 173 25.04 20.70 -27.44
N ILE E 174 25.57 21.18 -26.31
CA ILE E 174 25.82 22.59 -26.10
C ILE E 174 26.59 23.15 -27.28
N ASN E 175 27.71 22.50 -27.53
CA ASN E 175 28.58 22.87 -28.61
C ASN E 175 27.81 22.92 -29.92
N ASN E 176 27.22 21.80 -30.29
CA ASN E 176 26.45 21.68 -31.51
C ASN E 176 25.29 22.66 -31.61
N VAL E 177 24.79 23.15 -30.48
CA VAL E 177 23.72 24.12 -30.57
C VAL E 177 24.32 25.47 -30.95
N ALA E 178 25.46 25.80 -30.32
CA ALA E 178 26.14 27.03 -30.67
C ALA E 178 26.53 27.00 -32.13
N LYS E 179 27.11 25.89 -32.56
CA LYS E 179 27.53 25.73 -33.94
C LYS E 179 26.38 25.82 -34.95
N ALA E 180 25.56 24.79 -35.04
CA ALA E 180 24.45 24.73 -36.01
C ALA E 180 23.22 25.60 -35.79
N HIS E 181 23.18 26.41 -34.76
CA HIS E 181 21.97 27.19 -34.60
C HIS E 181 22.28 28.51 -33.95
N GLY E 182 23.55 28.74 -33.69
CA GLY E 182 23.96 29.98 -33.06
C GLY E 182 23.24 30.20 -31.74
N GLY E 183 22.59 29.15 -31.25
CA GLY E 183 21.86 29.20 -30.01
C GLY E 183 22.75 28.85 -28.83
N TYR E 184 22.51 29.56 -27.73
CA TYR E 184 23.23 29.36 -26.49
C TYR E 184 22.54 28.30 -25.64
N SER E 185 23.09 28.05 -24.44
CA SER E 185 22.53 27.08 -23.53
C SER E 185 22.60 27.55 -22.08
N VAL E 186 21.72 26.97 -21.27
CA VAL E 186 21.66 27.23 -19.84
C VAL E 186 21.75 25.88 -19.16
N PHE E 187 22.29 25.89 -17.97
CA PHE E 187 22.38 24.66 -17.23
C PHE E 187 21.90 24.92 -15.84
N ALA E 188 20.79 24.29 -15.55
CA ALA E 188 20.16 24.40 -14.26
C ALA E 188 20.37 23.12 -13.45
N GLY E 189 21.08 23.25 -12.34
CA GLY E 189 21.32 22.13 -11.46
C GLY E 189 20.37 22.19 -10.29
N VAL E 190 19.29 21.42 -10.35
CA VAL E 190 18.31 21.39 -9.28
C VAL E 190 18.73 20.35 -8.27
N GLY E 191 19.17 20.79 -7.11
CA GLY E 191 19.62 19.86 -6.09
C GLY E 191 20.96 19.22 -6.49
N GLU E 192 21.88 20.06 -6.96
CA GLU E 192 23.20 19.61 -7.36
C GLU E 192 24.05 19.27 -6.14
N ARG E 193 24.91 18.26 -6.26
CA ARG E 193 25.83 17.89 -5.19
C ARG E 193 27.02 18.80 -5.39
N THR E 194 27.30 19.71 -4.42
CA THR E 194 28.39 20.69 -4.50
C THR E 194 29.66 20.16 -5.16
N ARG E 195 29.98 18.91 -4.84
CA ARG E 195 31.13 18.22 -5.38
C ARG E 195 31.05 18.10 -6.89
N GLU E 196 29.87 17.66 -7.32
CA GLU E 196 29.58 17.44 -8.72
C GLU E 196 29.47 18.72 -9.53
N GLY E 197 29.01 19.79 -8.91
CA GLY E 197 28.88 21.04 -9.62
C GLY E 197 30.23 21.53 -10.10
N ASN E 198 31.10 21.72 -9.12
CA ASN E 198 32.47 22.17 -9.32
C ASN E 198 33.17 21.25 -10.33
N ASP E 199 32.83 19.97 -10.30
CA ASP E 199 33.43 19.04 -11.23
C ASP E 199 32.90 19.25 -12.64
N LEU E 200 31.67 19.75 -12.73
CA LEU E 200 31.05 20.01 -14.02
C LEU E 200 31.64 21.25 -14.61
N TYR E 201 31.89 22.18 -13.72
CA TYR E 201 32.45 23.46 -14.05
C TYR E 201 33.77 23.30 -14.77
N HIS E 202 34.75 22.77 -14.05
CA HIS E 202 36.05 22.56 -14.64
C HIS E 202 36.03 21.64 -15.85
N GLU E 203 35.04 20.75 -15.94
CA GLU E 203 34.94 19.85 -17.08
C GLU E 203 34.51 20.59 -18.32
N MET E 204 33.60 21.52 -18.13
CA MET E 204 33.14 22.29 -19.25
C MET E 204 34.32 23.12 -19.76
N ILE E 205 34.95 23.80 -18.80
CA ILE E 205 36.12 24.64 -19.01
C ILE E 205 37.17 23.95 -19.86
N GLU E 206 37.66 22.81 -19.36
CA GLU E 206 38.67 22.07 -20.08
C GLU E 206 38.25 21.76 -21.50
N SER E 207 36.94 21.65 -21.73
CA SER E 207 36.42 21.34 -23.06
C SER E 207 36.06 22.57 -23.85
N GLY E 208 36.31 23.74 -23.29
CA GLY E 208 36.01 24.95 -24.02
C GLY E 208 34.67 25.62 -23.81
N VAL E 209 33.54 24.86 -23.83
CA VAL E 209 32.17 25.42 -23.67
C VAL E 209 32.09 26.62 -22.75
N ILE E 210 33.03 26.64 -21.80
CA ILE E 210 33.21 27.73 -20.90
C ILE E 210 34.58 28.35 -21.20
N ASN E 211 34.67 29.66 -21.15
CA ASN E 211 35.93 30.34 -21.42
C ASN E 211 36.10 31.47 -20.42
N LEU E 212 37.07 31.31 -19.53
CA LEU E 212 37.33 32.29 -18.49
C LEU E 212 38.13 33.49 -18.96
N LYS E 213 38.78 33.31 -20.08
CA LYS E 213 39.62 34.34 -20.68
C LYS E 213 38.89 35.31 -21.57
N ASP E 214 38.13 34.77 -22.51
CA ASP E 214 37.40 35.59 -23.46
C ASP E 214 35.93 35.75 -23.15
N ALA E 215 35.18 35.76 -24.25
CA ALA E 215 33.74 35.88 -24.26
C ALA E 215 33.15 34.90 -25.26
N THR E 216 33.71 33.68 -25.26
CA THR E 216 33.28 32.62 -26.15
C THR E 216 32.53 31.50 -25.44
N SER E 217 32.15 31.74 -24.20
CA SER E 217 31.43 30.75 -23.42
C SER E 217 30.06 30.51 -24.06
N LYS E 218 29.67 29.24 -24.19
CA LYS E 218 28.39 28.92 -24.79
C LYS E 218 27.36 28.46 -23.78
N VAL E 219 27.70 28.52 -22.50
CA VAL E 219 26.76 28.11 -21.50
C VAL E 219 26.77 29.02 -20.30
N ALA E 220 25.61 29.14 -19.68
CA ALA E 220 25.45 29.89 -18.46
C ALA E 220 25.11 28.84 -17.42
N LEU E 221 25.70 28.90 -16.22
CA LEU E 221 25.38 27.87 -15.23
C LEU E 221 24.57 28.35 -14.03
N VAL E 222 23.42 27.72 -13.79
CA VAL E 222 22.60 28.06 -12.64
C VAL E 222 22.65 26.92 -11.63
N TYR E 223 22.94 27.23 -10.37
CA TYR E 223 23.02 26.14 -9.40
C TYR E 223 22.15 26.28 -8.17
N GLY E 224 21.47 25.19 -7.85
CA GLY E 224 20.64 25.11 -6.68
C GLY E 224 21.13 23.90 -5.89
N GLN E 225 22.24 24.08 -5.18
CA GLN E 225 22.86 23.02 -4.41
C GLN E 225 21.94 22.28 -3.45
N MET E 226 22.32 21.05 -3.12
CA MET E 226 21.53 20.23 -2.23
C MET E 226 21.40 20.75 -0.80
N ASN E 227 22.32 21.61 -0.38
CA ASN E 227 22.24 22.14 0.97
C ASN E 227 21.18 23.22 1.06
N GLU E 228 20.92 23.89 -0.05
CA GLU E 228 19.94 24.94 -0.08
C GLU E 228 18.59 24.48 0.44
N PRO E 229 17.83 25.38 1.03
CA PRO E 229 16.51 25.02 1.54
C PRO E 229 15.56 24.66 0.40
N PRO E 230 14.46 23.94 0.72
CA PRO E 230 13.49 23.52 -0.27
C PRO E 230 13.07 24.60 -1.26
N GLY E 231 12.77 25.79 -0.75
CA GLY E 231 12.36 26.92 -1.60
C GLY E 231 13.39 27.27 -2.68
N ALA E 232 14.66 27.25 -2.32
CA ALA E 232 15.72 27.57 -3.25
C ALA E 232 15.82 26.49 -4.32
N ARG E 233 15.84 25.24 -3.89
CA ARG E 233 15.90 24.16 -4.85
C ARG E 233 14.60 24.09 -5.61
N ALA E 234 13.61 24.78 -5.09
CA ALA E 234 12.30 24.82 -5.70
C ALA E 234 12.27 25.77 -6.89
N ARG E 235 12.95 26.91 -6.75
CA ARG E 235 13.01 27.98 -7.76
C ARG E 235 14.09 27.90 -8.82
N VAL E 236 15.31 27.46 -8.45
CA VAL E 236 16.46 27.37 -9.34
C VAL E 236 16.14 26.98 -10.77
N ALA E 237 15.20 26.07 -10.94
CA ALA E 237 14.89 25.71 -12.30
C ALA E 237 14.29 26.90 -13.04
N LEU E 238 13.35 27.59 -12.39
CA LEU E 238 12.73 28.75 -12.99
C LEU E 238 13.80 29.75 -13.38
N THR E 239 14.67 30.07 -12.42
CA THR E 239 15.77 31.01 -12.61
C THR E 239 16.50 30.68 -13.90
N GLY E 240 16.92 29.42 -14.02
CA GLY E 240 17.59 28.99 -15.22
C GLY E 240 16.71 29.25 -16.43
N LEU E 241 15.40 28.98 -16.25
CA LEU E 241 14.39 29.17 -17.28
C LEU E 241 14.39 30.61 -17.77
N THR E 242 14.31 31.55 -16.82
CA THR E 242 14.33 32.96 -17.10
C THR E 242 15.47 33.33 -18.02
N VAL E 243 16.65 32.85 -17.65
CA VAL E 243 17.88 33.05 -18.39
C VAL E 243 17.71 32.62 -19.84
N ALA E 244 17.30 31.37 -20.04
CA ALA E 244 17.11 30.84 -21.38
C ALA E 244 16.08 31.61 -22.18
N GLU E 245 15.00 31.98 -21.52
CA GLU E 245 13.94 32.72 -22.15
C GLU E 245 14.50 33.95 -22.87
N TYR E 246 15.46 34.60 -22.23
CA TYR E 246 16.09 35.77 -22.81
C TYR E 246 16.71 35.48 -24.17
N PHE E 247 17.50 34.43 -24.27
CA PHE E 247 18.09 34.18 -25.57
C PHE E 247 17.07 33.84 -26.64
N ARG E 248 15.79 33.84 -26.25
CA ARG E 248 14.72 33.53 -27.17
C ARG E 248 13.80 34.70 -27.42
N ASP E 249 13.44 35.36 -26.35
CA ASP E 249 12.52 36.48 -26.37
C ASP E 249 13.17 37.82 -26.61
N GLN E 250 14.48 37.86 -26.52
CA GLN E 250 15.20 39.08 -26.72
C GLN E 250 16.14 39.06 -27.90
N GLU E 251 16.56 37.84 -28.25
CA GLU E 251 17.52 37.62 -29.34
C GLU E 251 17.11 36.50 -30.28
N GLY E 252 15.90 36.03 -30.08
CA GLY E 252 15.30 34.99 -30.87
C GLY E 252 16.20 33.86 -31.33
N GLN E 253 16.96 33.26 -30.42
CA GLN E 253 17.79 32.13 -30.81
C GLN E 253 17.04 30.87 -30.49
N ASP E 254 17.77 29.78 -30.53
CA ASP E 254 17.26 28.50 -30.18
C ASP E 254 18.04 28.02 -28.98
N VAL E 255 17.56 28.37 -27.80
CA VAL E 255 18.24 27.99 -26.60
C VAL E 255 18.06 26.53 -26.26
N LEU E 256 18.90 26.10 -25.33
CA LEU E 256 18.93 24.76 -24.77
C LEU E 256 18.77 24.91 -23.27
N LEU E 257 17.88 24.15 -22.69
CA LEU E 257 17.72 24.20 -21.28
C LEU E 257 17.95 22.80 -20.75
N PHE E 258 18.80 22.72 -19.74
CA PHE E 258 19.11 21.48 -19.10
C PHE E 258 18.65 21.58 -17.67
N ILE E 259 17.82 20.66 -17.26
CA ILE E 259 17.38 20.64 -15.89
C ILE E 259 17.86 19.33 -15.31
N ASP E 260 18.75 19.41 -14.33
CA ASP E 260 19.30 18.24 -13.68
C ASP E 260 19.13 18.35 -12.17
N ASN E 261 18.23 17.55 -11.61
CA ASN E 261 17.43 16.62 -12.37
C ASN E 261 15.97 16.94 -12.12
N ILE E 262 15.15 16.70 -13.12
CA ILE E 262 13.75 17.02 -13.05
C ILE E 262 13.02 16.55 -11.80
N PHE E 263 13.49 15.42 -11.24
CA PHE E 263 12.91 14.83 -10.04
C PHE E 263 13.05 15.70 -8.82
N ARG E 264 14.25 16.23 -8.63
CA ARG E 264 14.54 17.08 -7.51
C ARG E 264 13.74 18.38 -7.50
N PHE E 265 13.15 18.69 -8.65
CA PHE E 265 12.31 19.85 -8.80
C PHE E 265 11.01 19.59 -8.05
N THR E 266 10.40 18.47 -8.45
CA THR E 266 9.17 17.94 -7.90
C THR E 266 9.29 17.74 -6.41
N GLN E 267 10.39 17.11 -6.02
CA GLN E 267 10.67 16.86 -4.63
C GLN E 267 10.75 18.15 -3.84
N ALA E 268 11.39 19.15 -4.44
CA ALA E 268 11.54 20.43 -3.80
C ALA E 268 10.16 21.05 -3.63
N GLY E 269 9.29 20.74 -4.59
CA GLY E 269 7.92 21.22 -4.55
C GLY E 269 7.19 20.69 -3.33
N SER E 270 7.27 19.37 -3.12
CA SER E 270 6.63 18.72 -1.98
C SER E 270 7.12 19.27 -0.66
N GLU E 271 8.42 19.50 -0.57
CA GLU E 271 8.94 20.01 0.67
C GLU E 271 8.33 21.36 1.00
N VAL E 272 8.30 22.26 0.00
CA VAL E 272 7.72 23.57 0.20
C VAL E 272 6.27 23.42 0.56
N SER E 273 5.59 22.57 -0.18
CA SER E 273 4.18 22.37 0.07
C SER E 273 3.96 22.00 1.53
N ALA E 274 4.58 20.89 1.96
CA ALA E 274 4.48 20.40 3.34
C ALA E 274 4.68 21.51 4.37
N LEU E 275 5.71 22.31 4.14
CA LEU E 275 6.07 23.43 5.01
C LEU E 275 4.93 24.42 5.07
N LEU E 276 4.24 24.54 3.95
CA LEU E 276 3.13 25.42 3.92
C LEU E 276 1.93 24.75 4.55
N GLY E 277 2.17 23.62 5.21
CA GLY E 277 1.11 22.89 5.87
C GLY E 277 0.00 22.37 4.98
N ARG E 278 0.20 22.23 3.69
CA ARG E 278 -0.94 21.69 2.97
C ARG E 278 -0.94 20.17 3.03
N ILE E 279 -2.11 19.58 2.95
CA ILE E 279 -2.25 18.13 2.96
C ILE E 279 -1.61 17.52 1.71
N PRO E 280 -0.73 16.54 1.86
CA PRO E 280 -0.08 15.93 0.71
C PRO E 280 -1.11 15.14 -0.09
N SER E 281 -0.86 14.81 -1.36
CA SER E 281 -1.83 13.99 -2.07
C SER E 281 -1.36 12.55 -2.17
N ALA E 282 -1.76 11.82 -3.21
CA ALA E 282 -1.34 10.44 -3.38
C ALA E 282 0.18 10.27 -3.32
N VAL E 283 0.66 9.26 -2.59
CA VAL E 283 2.09 9.00 -2.48
C VAL E 283 2.88 10.11 -1.78
N GLY E 284 2.18 11.01 -1.10
CA GLY E 284 2.83 12.07 -0.36
C GLY E 284 3.23 13.31 -1.16
N TYR E 285 3.10 13.28 -2.48
CA TYR E 285 3.46 14.47 -3.23
C TYR E 285 2.51 15.61 -2.93
N GLN E 286 2.81 16.75 -3.53
CA GLN E 286 2.00 17.94 -3.38
C GLN E 286 0.67 17.86 -4.12
N PRO E 287 -0.38 18.47 -3.53
CA PRO E 287 -1.68 18.47 -4.15
C PRO E 287 -1.59 19.19 -5.47
N THR E 288 -0.62 20.09 -5.56
CA THR E 288 -0.40 20.89 -6.74
C THR E 288 0.64 20.35 -7.70
N LEU E 289 0.94 19.07 -7.57
CA LEU E 289 1.95 18.39 -8.39
C LEU E 289 1.88 18.76 -9.88
N ALA E 290 0.73 18.54 -10.48
CA ALA E 290 0.54 18.82 -11.90
C ALA E 290 0.63 20.29 -12.28
N THR E 291 0.17 21.16 -11.40
CA THR E 291 0.24 22.57 -11.69
C THR E 291 1.66 23.07 -11.56
N ASP E 292 2.28 22.71 -10.45
CA ASP E 292 3.66 23.07 -10.19
C ASP E 292 4.56 22.79 -11.37
N MET E 293 4.25 21.68 -12.00
CA MET E 293 4.98 21.19 -13.15
C MET E 293 4.66 21.93 -14.42
N GLY E 294 3.37 22.08 -14.68
CA GLY E 294 2.88 22.74 -15.87
C GLY E 294 3.20 24.22 -15.90
N THR E 295 3.11 24.91 -14.78
CA THR E 295 3.42 26.32 -14.84
C THR E 295 4.87 26.56 -15.25
N MET E 296 5.65 25.48 -15.15
CA MET E 296 7.06 25.50 -15.51
C MET E 296 7.30 24.98 -16.94
N GLN E 297 6.94 23.71 -17.17
CA GLN E 297 7.10 23.05 -18.46
C GLN E 297 6.61 23.87 -19.64
N GLU E 298 5.42 24.43 -19.48
CA GLU E 298 4.74 25.20 -20.52
C GLU E 298 5.47 26.42 -21.06
N ARG E 299 6.46 26.91 -20.32
CA ARG E 299 7.25 28.05 -20.74
C ARG E 299 8.31 27.59 -21.73
N ILE E 300 8.44 26.28 -21.83
CA ILE E 300 9.39 25.69 -22.73
C ILE E 300 8.71 25.29 -24.03
N THR E 301 8.82 26.18 -25.01
CA THR E 301 8.22 26.00 -26.32
C THR E 301 8.83 26.90 -27.37
N THR E 302 8.33 26.70 -28.58
CA THR E 302 8.67 27.44 -29.76
C THR E 302 7.66 28.55 -29.95
N THR E 303 8.03 29.78 -29.65
CA THR E 303 7.10 30.86 -29.87
C THR E 303 7.39 31.42 -31.25
N LYS E 304 6.80 32.54 -31.63
CA LYS E 304 7.12 33.07 -32.94
C LYS E 304 8.54 33.64 -32.98
N LYS E 305 8.98 34.18 -31.83
CA LYS E 305 10.30 34.77 -31.66
C LYS E 305 11.45 33.77 -31.71
N GLY E 306 11.28 32.59 -31.13
CA GLY E 306 12.35 31.59 -31.13
C GLY E 306 11.89 30.28 -30.53
N SER E 307 12.72 29.70 -29.67
CA SER E 307 12.36 28.45 -29.02
C SER E 307 13.34 28.02 -27.95
N ILE E 308 12.81 27.43 -26.89
CA ILE E 308 13.63 26.88 -25.83
C ILE E 308 13.45 25.37 -25.86
N THR E 309 14.57 24.63 -25.86
CA THR E 309 14.51 23.17 -25.84
C THR E 309 15.09 22.67 -24.54
N SER E 310 14.37 21.78 -23.87
CA SER E 310 14.87 21.34 -22.58
C SER E 310 15.30 19.89 -22.48
N VAL E 311 16.52 19.71 -21.97
CA VAL E 311 17.01 18.37 -21.71
C VAL E 311 16.91 18.20 -20.23
N GLN E 312 16.00 17.32 -19.86
CA GLN E 312 15.74 17.05 -18.48
C GLN E 312 16.24 15.71 -18.02
N ALA E 313 16.99 15.75 -16.92
CA ALA E 313 17.48 14.53 -16.36
C ALA E 313 16.42 13.98 -15.44
N ILE E 314 15.96 12.76 -15.75
CA ILE E 314 14.91 12.13 -14.98
C ILE E 314 15.38 11.00 -14.08
N TYR E 315 14.82 11.01 -12.87
CA TYR E 315 15.08 10.00 -11.88
C TYR E 315 13.77 9.31 -11.51
N VAL E 316 13.53 8.09 -11.97
CA VAL E 316 12.29 7.40 -11.64
C VAL E 316 12.32 6.73 -10.27
N PRO E 317 11.39 7.10 -9.40
CA PRO E 317 11.31 6.55 -8.05
C PRO E 317 10.88 5.10 -7.98
N ALA E 318 11.64 4.28 -7.24
CA ALA E 318 11.27 2.90 -7.09
C ALA E 318 11.17 2.19 -8.42
N ASP E 319 11.80 2.74 -9.45
CA ASP E 319 11.72 2.11 -10.76
C ASP E 319 10.28 1.99 -11.19
N ASP E 320 9.42 2.78 -10.57
CA ASP E 320 8.01 2.75 -10.86
C ASP E 320 7.60 3.82 -11.85
N LEU E 321 7.41 3.41 -13.10
CA LEU E 321 7.01 4.36 -14.14
C LEU E 321 5.66 5.00 -13.91
N THR E 322 4.83 4.37 -13.10
CA THR E 322 3.52 4.93 -12.80
C THR E 322 3.54 5.70 -11.50
N ASP E 323 4.73 6.02 -11.01
CA ASP E 323 4.75 6.79 -9.77
C ASP E 323 4.28 8.17 -10.17
N PRO E 324 3.54 8.85 -9.30
CA PRO E 324 3.04 10.16 -9.63
C PRO E 324 4.09 11.11 -10.18
N ALA E 325 5.28 11.17 -9.55
CA ALA E 325 6.32 12.07 -10.03
C ALA E 325 6.68 11.83 -11.49
N PRO E 326 7.19 10.66 -11.79
CA PRO E 326 7.55 10.36 -13.15
C PRO E 326 6.37 10.49 -14.09
N ALA E 327 5.26 9.83 -13.75
CA ALA E 327 4.05 9.85 -14.55
C ALA E 327 3.67 11.26 -14.99
N THR E 328 3.62 12.16 -14.03
CA THR E 328 3.28 13.54 -14.31
C THR E 328 4.19 14.09 -15.38
N THR E 329 5.48 13.91 -15.13
CA THR E 329 6.51 14.39 -16.02
C THR E 329 6.37 13.94 -17.46
N PHE E 330 6.01 12.67 -17.69
CA PHE E 330 5.91 12.19 -19.05
C PHE E 330 4.88 12.93 -19.86
N ALA E 331 3.95 13.54 -19.17
CA ALA E 331 2.91 14.27 -19.85
C ALA E 331 3.43 15.40 -20.71
N HIS E 332 4.69 15.78 -20.45
CA HIS E 332 5.33 16.90 -21.13
C HIS E 332 6.50 16.57 -22.03
N LEU E 333 6.96 15.31 -22.04
CA LEU E 333 8.11 14.89 -22.85
C LEU E 333 7.77 14.53 -24.28
N ASP E 334 8.62 15.02 -25.18
CA ASP E 334 8.52 14.79 -26.61
C ASP E 334 9.44 13.69 -27.10
N ALA E 335 10.37 13.30 -26.24
CA ALA E 335 11.33 12.26 -26.56
C ALA E 335 12.25 11.96 -25.40
N THR E 336 12.75 10.73 -25.40
CA THR E 336 13.67 10.22 -24.42
C THR E 336 15.00 9.90 -25.06
N THR E 337 16.06 10.10 -24.29
CA THR E 337 17.41 9.78 -24.71
C THR E 337 17.97 8.90 -23.60
N VAL E 338 17.94 7.59 -23.86
CA VAL E 338 18.38 6.61 -22.88
C VAL E 338 19.86 6.25 -22.95
N LEU E 339 20.69 6.78 -22.03
CA LEU E 339 22.10 6.43 -22.00
C LEU E 339 22.22 5.02 -21.41
N SER E 340 23.03 4.16 -22.01
CA SER E 340 23.12 2.78 -21.52
C SER E 340 24.52 2.26 -21.23
N ARG E 341 24.68 1.76 -20.01
CA ARG E 341 25.95 1.20 -19.57
C ARG E 341 26.41 0.05 -20.45
N ALA E 342 25.45 -0.74 -20.90
CA ALA E 342 25.77 -1.88 -21.74
C ALA E 342 26.42 -1.44 -23.04
N ILE E 343 25.74 -0.52 -23.72
CA ILE E 343 26.23 0.01 -24.97
C ILE E 343 27.66 0.49 -24.80
N ALA E 344 27.85 1.26 -23.73
CA ALA E 344 29.16 1.79 -23.41
C ALA E 344 30.18 0.69 -23.38
N GLU E 345 29.73 -0.46 -22.89
CA GLU E 345 30.57 -1.63 -22.79
C GLU E 345 31.01 -2.20 -24.12
N LEU E 346 30.29 -1.87 -25.16
CA LEU E 346 30.70 -2.34 -26.46
C LEU E 346 31.71 -1.36 -26.99
N GLY E 347 32.03 -0.36 -26.18
CA GLY E 347 32.97 0.68 -26.58
C GLY E 347 32.26 1.77 -27.37
N ILE E 348 31.01 1.50 -27.71
CA ILE E 348 30.16 2.41 -28.46
C ILE E 348 29.83 3.70 -27.72
N TYR E 349 30.13 4.83 -28.35
CA TYR E 349 29.88 6.14 -27.76
C TYR E 349 29.56 7.17 -28.85
N PRO E 350 28.54 8.02 -28.65
CA PRO E 350 27.69 8.05 -27.47
C PRO E 350 26.97 6.74 -27.22
N ALA E 351 26.91 6.43 -25.94
CA ALA E 351 26.29 5.22 -25.40
C ALA E 351 24.77 5.22 -25.39
N VAL E 352 24.17 5.93 -26.35
CA VAL E 352 22.72 5.99 -26.49
C VAL E 352 22.18 4.66 -26.98
N ASP E 353 21.05 4.22 -26.44
CA ASP E 353 20.44 2.97 -26.82
C ASP E 353 19.46 3.17 -27.97
N PRO E 354 19.84 2.66 -29.14
CA PRO E 354 19.07 2.81 -30.36
C PRO E 354 17.70 2.15 -30.37
N LEU E 355 17.44 1.28 -29.41
CA LEU E 355 16.16 0.61 -29.36
C LEU E 355 15.28 1.09 -28.23
N ASP E 356 15.91 1.62 -27.18
CA ASP E 356 15.17 2.11 -26.03
C ASP E 356 14.77 3.58 -26.12
N SER E 357 15.61 4.37 -26.80
CA SER E 357 15.39 5.80 -26.98
C SER E 357 14.27 6.06 -27.96
N THR E 358 13.33 6.95 -27.61
CA THR E 358 12.18 7.23 -28.48
C THR E 358 11.86 8.69 -28.72
N SER E 359 11.11 8.94 -29.80
CA SER E 359 10.67 10.26 -30.14
C SER E 359 9.28 10.30 -30.70
N ARG E 360 8.54 11.26 -30.19
CA ARG E 360 7.19 11.51 -30.60
C ARG E 360 7.16 11.92 -32.07
N ILE E 361 8.14 12.71 -32.51
CA ILE E 361 8.18 13.14 -33.91
C ILE E 361 8.60 12.08 -34.92
N MET E 362 8.87 10.86 -34.46
CA MET E 362 9.21 9.84 -35.42
C MET E 362 7.99 9.36 -36.17
N ASP E 363 7.44 10.29 -36.91
CA ASP E 363 6.26 10.05 -37.71
C ASP E 363 6.55 10.53 -39.13
N PRO E 364 6.28 9.66 -40.10
CA PRO E 364 6.50 9.99 -41.49
C PRO E 364 5.82 11.31 -41.82
N ASN E 365 4.69 11.52 -41.14
CA ASN E 365 3.90 12.73 -41.30
C ASN E 365 4.66 13.94 -40.76
N ILE E 366 5.77 13.68 -40.07
CA ILE E 366 6.56 14.75 -39.49
C ILE E 366 7.99 14.76 -39.95
N VAL E 367 8.64 13.59 -39.99
CA VAL E 367 10.02 13.55 -40.43
C VAL E 367 10.14 13.27 -41.92
N GLY E 368 9.00 12.92 -42.50
CA GLY E 368 8.95 12.60 -43.90
C GLY E 368 9.23 11.13 -44.11
N SER E 369 8.45 10.54 -45.01
CA SER E 369 8.54 9.13 -45.36
C SER E 369 9.96 8.58 -45.44
N GLU E 370 10.84 9.32 -46.09
CA GLU E 370 12.23 8.90 -46.20
C GLU E 370 12.79 8.68 -44.82
N HIS E 371 13.00 9.79 -44.09
CA HIS E 371 13.51 9.79 -42.73
C HIS E 371 12.83 8.72 -41.89
N TYR E 372 11.50 8.72 -41.94
CA TYR E 372 10.70 7.77 -41.21
C TYR E 372 11.03 6.33 -41.60
N ASP E 373 11.14 6.07 -42.88
CA ASP E 373 11.45 4.71 -43.29
C ASP E 373 12.82 4.22 -42.88
N VAL E 374 13.81 5.07 -43.08
CA VAL E 374 15.16 4.71 -42.74
C VAL E 374 15.22 4.30 -41.28
N ALA E 375 14.71 5.21 -40.45
CA ALA E 375 14.65 5.00 -39.02
C ALA E 375 14.02 3.65 -38.71
N ARG E 376 12.81 3.47 -39.21
CA ARG E 376 12.09 2.23 -39.00
C ARG E 376 12.85 1.04 -39.56
N GLY E 377 13.80 1.31 -40.46
CA GLY E 377 14.60 0.27 -41.06
C GLY E 377 15.71 -0.17 -40.13
N VAL E 378 16.48 0.84 -39.70
CA VAL E 378 17.58 0.67 -38.78
C VAL E 378 17.12 -0.10 -37.55
N GLN E 379 15.96 0.31 -37.02
CA GLN E 379 15.38 -0.29 -35.83
C GLN E 379 14.97 -1.74 -35.97
N LYS E 380 14.31 -2.07 -37.07
CA LYS E 380 13.90 -3.44 -37.26
C LYS E 380 15.12 -4.34 -37.34
N ILE E 381 16.09 -3.95 -38.17
CA ILE E 381 17.29 -4.74 -38.32
C ILE E 381 17.92 -4.92 -36.94
N LEU E 382 18.04 -3.81 -36.23
CA LEU E 382 18.58 -3.84 -34.89
C LEU E 382 17.78 -4.82 -34.02
N GLN E 383 16.48 -4.86 -34.27
CA GLN E 383 15.61 -5.74 -33.54
C GLN E 383 15.87 -7.19 -33.90
N ASP E 384 15.86 -7.47 -35.19
CA ASP E 384 16.07 -8.81 -35.70
C ASP E 384 17.36 -9.42 -35.20
N TYR E 385 18.43 -8.66 -35.36
CA TYR E 385 19.74 -9.09 -34.92
C TYR E 385 19.67 -9.51 -33.46
N LYS E 386 18.90 -8.72 -32.69
CA LYS E 386 18.72 -8.96 -31.27
C LYS E 386 18.19 -10.38 -31.04
N SER E 387 17.30 -10.81 -31.93
CA SER E 387 16.72 -12.14 -31.84
C SER E 387 17.81 -13.18 -32.00
N LEU E 388 18.47 -13.10 -33.15
CA LEU E 388 19.52 -14.03 -33.48
C LEU E 388 20.60 -14.14 -32.41
N GLN E 389 20.83 -13.04 -31.70
CA GLN E 389 21.84 -12.94 -30.65
C GLN E 389 21.88 -14.18 -29.77
N ASP E 390 20.70 -14.62 -29.35
CA ASP E 390 20.55 -15.79 -28.50
C ASP E 390 21.04 -17.06 -29.20
N ILE E 391 20.66 -17.23 -30.47
CA ILE E 391 21.03 -18.39 -31.27
C ILE E 391 22.54 -18.53 -31.46
N ILE E 392 23.12 -17.46 -31.97
CA ILE E 392 24.54 -17.36 -32.27
C ILE E 392 25.41 -17.98 -31.19
N ALA E 393 25.26 -17.47 -29.97
CA ALA E 393 26.02 -17.90 -28.81
C ALA E 393 25.85 -19.36 -28.42
N ILE E 394 24.63 -19.87 -28.53
CA ILE E 394 24.37 -21.24 -28.15
C ILE E 394 24.63 -22.28 -29.22
N LEU E 395 23.80 -22.25 -30.24
CA LEU E 395 23.88 -23.18 -31.36
C LEU E 395 24.93 -22.83 -32.39
N GLY E 396 25.73 -21.79 -32.12
CA GLY E 396 26.79 -21.38 -33.03
C GLY E 396 26.28 -20.72 -34.32
N MET E 397 26.94 -19.60 -34.64
CA MET E 397 26.69 -18.75 -35.79
C MET E 397 26.53 -19.40 -37.16
N ASP E 398 26.04 -20.63 -37.31
CA ASP E 398 26.00 -21.15 -38.67
C ASP E 398 24.74 -21.64 -39.37
N GLU E 399 23.65 -21.94 -38.66
CA GLU E 399 22.44 -22.39 -39.37
C GLU E 399 21.86 -21.19 -40.13
N LEU E 400 22.54 -20.07 -39.91
CA LEU E 400 22.30 -18.76 -40.47
C LEU E 400 22.24 -18.83 -41.98
N SER E 401 21.16 -18.27 -42.52
CA SER E 401 20.92 -18.25 -43.94
C SER E 401 21.69 -17.16 -44.66
N GLU E 402 21.70 -17.26 -45.99
CA GLU E 402 22.33 -16.24 -46.81
C GLU E 402 21.69 -14.91 -46.45
N GLU E 403 20.45 -15.03 -45.95
CA GLU E 403 19.64 -13.93 -45.47
C GLU E 403 19.96 -13.61 -44.02
N ASP E 404 19.94 -14.63 -43.16
CA ASP E 404 20.21 -14.43 -41.75
C ASP E 404 21.60 -13.91 -41.48
N LYS E 405 22.52 -14.19 -42.40
CA LYS E 405 23.90 -13.76 -42.28
C LYS E 405 24.12 -12.31 -42.70
N LEU E 406 23.19 -11.77 -43.52
CA LEU E 406 23.26 -10.40 -43.97
C LEU E 406 22.67 -9.44 -42.97
N THR E 407 21.57 -9.87 -42.34
CA THR E 407 20.92 -9.07 -41.34
C THR E 407 21.89 -8.78 -40.23
N VAL E 408 22.69 -9.79 -39.92
CA VAL E 408 23.69 -9.67 -38.88
C VAL E 408 24.77 -8.68 -39.27
N SER E 409 25.46 -9.01 -40.37
CA SER E 409 26.54 -8.21 -40.93
C SER E 409 26.18 -6.73 -40.93
N ARG E 410 25.06 -6.45 -41.58
CA ARG E 410 24.57 -5.12 -41.71
C ARG E 410 24.34 -4.50 -40.34
N ALA E 411 23.55 -5.19 -39.52
CA ALA E 411 23.23 -4.77 -38.18
C ALA E 411 24.49 -4.35 -37.43
N ARG E 412 25.49 -5.23 -37.50
CA ARG E 412 26.77 -5.00 -36.86
C ARG E 412 27.46 -3.75 -37.39
N LYS E 413 27.25 -3.50 -38.69
CA LYS E 413 27.83 -2.33 -39.29
C LYS E 413 27.06 -1.12 -38.78
N ILE E 414 25.74 -1.32 -38.74
CA ILE E 414 24.80 -0.32 -38.29
C ILE E 414 25.10 0.14 -36.88
N GLN E 415 25.18 -0.83 -35.98
CA GLN E 415 25.44 -0.57 -34.59
C GLN E 415 26.64 0.34 -34.41
N ARG E 416 27.64 0.12 -35.27
CA ARG E 416 28.85 0.90 -35.27
C ARG E 416 28.65 2.25 -35.92
N PHE E 417 28.01 2.24 -37.08
CA PHE E 417 27.75 3.48 -37.78
C PHE E 417 27.02 4.48 -36.88
N LEU E 418 26.30 3.95 -35.89
CA LEU E 418 25.54 4.72 -34.92
C LEU E 418 26.40 5.35 -33.82
N SER E 419 27.68 4.97 -33.77
CA SER E 419 28.63 5.53 -32.79
C SER E 419 29.30 6.76 -33.37
N GLN E 420 29.98 7.57 -32.57
CA GLN E 420 30.55 8.77 -33.15
C GLN E 420 31.49 9.57 -32.23
N PRO E 421 32.46 10.22 -32.85
CA PRO E 421 33.46 11.04 -32.17
C PRO E 421 32.93 12.44 -31.90
N PHE E 422 32.96 12.87 -30.64
CA PHE E 422 32.49 14.21 -30.30
C PHE E 422 33.61 15.24 -30.26
N GLN E 423 33.35 16.43 -30.77
CA GLN E 423 34.36 17.47 -30.70
C GLN E 423 34.68 17.79 -29.25
N VAL E 424 33.68 17.64 -28.37
CA VAL E 424 33.92 17.93 -26.96
C VAL E 424 35.03 17.05 -26.40
N ALA E 425 35.08 15.83 -26.91
CA ALA E 425 36.07 14.88 -26.48
C ALA E 425 37.26 14.83 -27.39
N GLU E 426 37.82 15.97 -27.74
CA GLU E 426 38.98 15.94 -28.59
C GLU E 426 40.20 16.16 -27.74
N VAL E 427 40.02 17.06 -26.75
CA VAL E 427 41.03 17.47 -25.79
C VAL E 427 41.96 16.34 -25.43
N PHE E 428 41.41 15.14 -25.26
CA PHE E 428 42.18 13.95 -24.95
C PHE E 428 41.53 12.64 -25.37
N THR E 429 41.27 12.55 -26.65
CA THR E 429 40.73 11.37 -27.31
C THR E 429 41.61 11.27 -28.52
N GLY E 430 42.34 12.35 -28.71
CA GLY E 430 43.27 12.45 -29.80
C GLY E 430 42.58 12.18 -31.12
N HIS E 431 41.27 12.35 -31.13
CA HIS E 431 40.50 12.15 -32.34
C HIS E 431 39.59 13.32 -32.63
N LEU E 432 39.55 13.68 -33.89
CA LEU E 432 38.75 14.80 -34.32
C LEU E 432 37.27 14.48 -34.20
N GLY E 433 36.51 15.47 -33.76
CA GLY E 433 35.09 15.34 -33.61
C GLY E 433 34.35 15.37 -34.94
N LYS E 434 33.09 14.94 -34.90
CA LYS E 434 32.24 14.91 -36.07
C LYS E 434 30.82 15.37 -35.78
N LEU E 435 30.34 16.32 -36.58
CA LEU E 435 28.99 16.86 -36.48
C LEU E 435 28.16 16.52 -37.72
N VAL E 436 27.88 15.21 -37.89
CA VAL E 436 27.10 14.73 -39.04
C VAL E 436 25.76 15.43 -39.22
N PRO E 437 25.47 15.80 -40.48
CA PRO E 437 24.24 16.46 -40.87
C PRO E 437 23.13 15.46 -41.16
N LEU E 438 21.91 15.87 -40.81
CA LEU E 438 20.70 15.06 -40.96
C LEU E 438 20.60 14.33 -42.30
N LYS E 439 20.96 15.06 -43.37
CA LYS E 439 20.97 14.58 -44.76
C LYS E 439 21.95 13.44 -44.91
N GLU E 440 23.12 13.66 -44.33
CA GLU E 440 24.23 12.72 -44.33
C GLU E 440 23.91 11.48 -43.52
N THR E 441 23.16 11.71 -42.44
CA THR E 441 22.70 10.68 -41.52
C THR E 441 21.73 9.73 -42.20
N ILE E 442 20.72 10.27 -42.87
CA ILE E 442 19.76 9.41 -43.54
C ILE E 442 20.43 8.63 -44.67
N LYS E 443 21.28 9.32 -45.41
CA LYS E 443 21.98 8.72 -46.51
C LYS E 443 22.79 7.53 -46.07
N GLY E 444 23.63 7.79 -45.08
CA GLY E 444 24.52 6.81 -44.51
C GLY E 444 23.79 5.51 -44.22
N PHE E 445 22.84 5.57 -43.31
CA PHE E 445 22.09 4.39 -42.95
C PHE E 445 21.33 3.79 -44.10
N GLN E 446 20.82 4.67 -44.97
CA GLN E 446 20.06 4.30 -46.15
C GLN E 446 20.80 3.27 -46.99
N GLN E 447 22.07 3.58 -47.27
CA GLN E 447 22.97 2.74 -48.06
C GLN E 447 23.30 1.41 -47.40
N ILE E 448 23.67 1.45 -46.11
CA ILE E 448 23.99 0.22 -45.39
C ILE E 448 22.81 -0.71 -45.49
N LEU E 449 21.64 -0.15 -45.23
CA LEU E 449 20.42 -0.91 -45.33
C LEU E 449 20.35 -1.45 -46.74
N ALA E 450 20.57 -0.50 -47.67
CA ALA E 450 20.58 -0.73 -49.11
C ALA E 450 21.44 -1.91 -49.51
N GLY E 451 22.62 -1.99 -48.89
CA GLY E 451 23.59 -3.05 -49.16
C GLY E 451 24.78 -2.53 -49.95
N GLU E 452 24.86 -1.21 -50.07
CA GLU E 452 25.94 -0.58 -50.80
C GLU E 452 27.32 -0.92 -50.25
N TYR E 453 27.43 -0.98 -48.91
CA TYR E 453 28.70 -1.27 -48.27
C TYR E 453 28.87 -2.65 -47.64
N ASP E 454 28.09 -3.62 -48.10
CA ASP E 454 28.20 -4.97 -47.58
C ASP E 454 29.62 -5.51 -47.63
N HIS E 455 30.36 -5.10 -48.66
CA HIS E 455 31.73 -5.53 -48.82
C HIS E 455 32.62 -4.90 -47.75
N LEU E 456 32.29 -3.67 -47.37
CA LEU E 456 33.03 -2.99 -46.33
C LEU E 456 33.06 -3.86 -45.08
N PRO E 457 34.07 -3.65 -44.26
CA PRO E 457 34.27 -4.39 -43.03
C PRO E 457 33.78 -3.58 -41.84
N GLU E 458 33.35 -4.28 -40.77
CA GLU E 458 32.83 -3.66 -39.55
C GLU E 458 33.62 -2.43 -39.08
N GLN E 459 34.83 -2.68 -38.56
CA GLN E 459 35.71 -1.64 -38.03
C GLN E 459 35.81 -0.37 -38.85
N ALA E 460 35.40 -0.46 -40.10
CA ALA E 460 35.43 0.68 -41.00
C ALA E 460 34.49 1.77 -40.53
N PHE E 461 33.36 1.34 -39.99
CA PHE E 461 32.31 2.22 -39.50
C PHE E 461 32.46 2.72 -38.07
N TYR E 462 33.33 2.11 -37.27
CA TYR E 462 33.51 2.51 -35.88
C TYR E 462 34.08 3.91 -35.70
N MET E 463 33.39 4.72 -34.91
CA MET E 463 33.84 6.06 -34.63
C MET E 463 34.23 6.91 -35.83
N VAL E 464 33.27 7.23 -36.69
CA VAL E 464 33.49 8.09 -37.85
C VAL E 464 32.33 9.08 -37.97
N GLY E 465 32.36 9.92 -38.99
CA GLY E 465 31.28 10.87 -39.17
C GLY E 465 30.32 10.36 -40.23
N PRO E 466 30.45 10.97 -41.41
CA PRO E 466 29.64 10.63 -42.55
C PRO E 466 30.20 9.42 -43.25
N ILE E 467 29.31 8.61 -43.83
CA ILE E 467 29.64 7.38 -44.54
C ILE E 467 30.94 7.46 -45.33
N GLU E 468 31.21 8.63 -45.92
CA GLU E 468 32.42 8.85 -46.70
C GLU E 468 33.64 8.42 -45.90
N GLU E 469 33.57 8.66 -44.61
CA GLU E 469 34.65 8.30 -43.72
C GLU E 469 34.70 6.79 -43.51
N ALA E 470 33.55 6.14 -43.68
CA ALA E 470 33.49 4.70 -43.52
C ALA E 470 34.30 4.04 -44.63
N VAL E 471 34.23 4.69 -45.78
CA VAL E 471 34.89 4.26 -46.99
C VAL E 471 36.40 4.46 -46.90
N ALA E 472 36.80 5.65 -46.49
CA ALA E 472 38.21 5.95 -46.37
C ALA E 472 38.88 5.08 -45.31
N LYS E 473 38.18 4.88 -44.18
CA LYS E 473 38.67 4.07 -43.08
C LYS E 473 38.97 2.65 -43.54
N ALA E 474 38.15 2.19 -44.47
CA ALA E 474 38.31 0.87 -45.03
C ALA E 474 39.61 0.80 -45.81
N ASP E 475 39.90 1.91 -46.50
CA ASP E 475 41.12 2.03 -47.27
C ASP E 475 42.30 1.79 -46.35
N LYS E 476 42.42 2.70 -45.38
CA LYS E 476 43.47 2.66 -44.38
C LYS E 476 43.48 1.33 -43.65
N LEU E 477 42.42 0.55 -43.83
CA LEU E 477 42.34 -0.74 -43.19
C LEU E 477 42.58 -1.84 -44.20
N ALA E 478 43.23 -1.46 -45.29
CA ALA E 478 43.54 -2.38 -46.36
C ALA E 478 42.26 -2.97 -46.94
N THR F 13 -42.79 27.87 11.76
CA THR F 13 -41.64 28.67 12.19
C THR F 13 -40.81 29.19 11.02
N THR F 14 -40.17 30.35 11.16
CA THR F 14 -39.35 30.90 10.08
C THR F 14 -37.92 31.20 10.40
N GLY F 15 -37.03 30.29 10.02
CA GLY F 15 -35.62 30.51 10.22
C GLY F 15 -34.97 31.32 9.09
N ARG F 16 -33.69 31.61 9.27
CA ARG F 16 -32.91 32.36 8.29
C ARG F 16 -31.65 31.63 7.92
N ILE F 17 -31.38 31.60 6.63
CA ILE F 17 -30.18 30.94 6.16
C ILE F 17 -28.96 31.67 6.68
N VAL F 18 -28.17 30.96 7.45
CA VAL F 18 -26.98 31.50 8.05
C VAL F 18 -25.73 31.19 7.26
N ALA F 19 -25.70 30.00 6.66
CA ALA F 19 -24.54 29.60 5.90
C ALA F 19 -24.88 28.57 4.86
N VAL F 20 -24.08 28.55 3.80
CA VAL F 20 -24.29 27.64 2.70
C VAL F 20 -22.98 27.10 2.18
N ILE F 21 -22.88 25.78 2.14
CA ILE F 21 -21.72 25.09 1.62
C ILE F 21 -22.21 23.87 0.90
N GLY F 22 -22.29 23.90 -0.41
CA GLY F 22 -22.77 22.71 -1.07
C GLY F 22 -24.19 22.34 -0.63
N ALA F 23 -24.38 21.11 -0.19
CA ALA F 23 -25.71 20.68 0.23
C ALA F 23 -25.96 20.88 1.70
N VAL F 24 -25.03 21.53 2.35
CA VAL F 24 -25.21 21.77 3.76
C VAL F 24 -25.56 23.20 4.05
N VAL F 25 -26.82 23.40 4.39
CA VAL F 25 -27.37 24.70 4.72
C VAL F 25 -27.67 24.78 6.20
N ASP F 26 -27.11 25.80 6.86
CA ASP F 26 -27.33 26.06 8.27
C ASP F 26 -28.41 27.14 8.40
N VAL F 27 -29.47 26.86 9.15
CA VAL F 27 -30.57 27.80 9.32
C VAL F 27 -30.81 28.10 10.79
N GLN F 28 -30.95 29.39 11.10
CA GLN F 28 -31.16 29.86 12.45
C GLN F 28 -32.61 30.19 12.77
N PHE F 29 -33.08 29.75 13.94
CA PHE F 29 -34.45 30.03 14.34
C PHE F 29 -34.53 30.96 15.54
N ASP F 30 -35.60 31.74 15.65
CA ASP F 30 -35.71 32.65 16.79
C ASP F 30 -36.69 32.18 17.85
N GLU F 31 -37.79 31.60 17.43
CA GLU F 31 -38.78 31.13 18.39
C GLU F 31 -38.89 29.62 18.52
N GLY F 32 -39.03 28.91 17.42
CA GLY F 32 -39.17 27.47 17.55
C GLY F 32 -38.17 26.70 16.73
N LEU F 33 -37.33 25.95 17.44
CA LEU F 33 -36.31 25.14 16.81
C LEU F 33 -36.89 23.82 16.37
N PRO F 34 -36.81 23.53 15.09
CA PRO F 34 -37.34 22.29 14.58
C PRO F 34 -36.52 21.11 15.01
N PRO F 35 -37.18 20.01 15.31
CA PRO F 35 -36.48 18.82 15.71
C PRO F 35 -35.74 18.21 14.52
N ILE F 36 -34.78 17.36 14.85
CA ILE F 36 -33.97 16.66 13.87
C ILE F 36 -34.85 15.76 13.01
N LEU F 37 -34.59 15.75 11.70
CA LEU F 37 -35.33 14.97 10.70
C LEU F 37 -36.51 15.70 10.08
N ASN F 38 -36.77 16.92 10.55
CA ASN F 38 -37.85 17.73 10.04
C ASN F 38 -37.49 18.33 8.70
N ALA F 39 -38.48 18.45 7.82
CA ALA F 39 -38.27 19.04 6.51
C ALA F 39 -38.66 20.51 6.49
N LEU F 40 -37.75 21.41 6.13
CA LEU F 40 -38.02 22.84 6.03
C LEU F 40 -38.18 23.23 4.57
N GLU F 41 -38.93 24.27 4.30
CA GLU F 41 -39.10 24.71 2.93
C GLU F 41 -38.47 26.08 2.76
N VAL F 42 -37.46 26.18 1.90
CA VAL F 42 -36.80 27.46 1.67
C VAL F 42 -37.75 28.41 0.93
N GLN F 43 -37.87 29.63 1.43
CA GLN F 43 -38.76 30.61 0.81
C GLN F 43 -38.08 31.46 -0.24
N GLY F 44 -38.85 31.79 -1.29
CA GLY F 44 -38.38 32.65 -2.37
C GLY F 44 -37.64 31.91 -3.48
N ARG F 45 -38.23 30.81 -3.94
CA ARG F 45 -37.64 29.98 -4.99
C ARG F 45 -38.62 29.51 -6.06
N GLU F 46 -38.15 29.46 -7.32
CA GLU F 46 -38.97 29.01 -8.43
C GLU F 46 -39.51 27.61 -8.18
N THR F 47 -38.70 26.74 -7.57
CA THR F 47 -39.15 25.39 -7.28
C THR F 47 -38.89 24.98 -5.85
N ARG F 48 -39.61 23.96 -5.43
CA ARG F 48 -39.49 23.46 -4.09
C ARG F 48 -38.06 23.07 -3.72
N LEU F 49 -37.64 23.53 -2.54
CA LEU F 49 -36.33 23.22 -1.97
C LEU F 49 -36.49 22.80 -0.52
N VAL F 50 -36.52 21.50 -0.31
CA VAL F 50 -36.66 21.02 1.03
C VAL F 50 -35.29 20.83 1.67
N LEU F 51 -35.20 21.18 2.96
CA LEU F 51 -33.98 21.02 3.76
C LEU F 51 -34.30 20.05 4.88
N GLU F 52 -33.53 18.98 5.03
CA GLU F 52 -33.80 18.05 6.11
C GLU F 52 -32.90 18.30 7.30
N VAL F 53 -33.51 18.58 8.45
CA VAL F 53 -32.72 18.85 9.64
C VAL F 53 -31.81 17.69 10.04
N ALA F 54 -30.53 18.00 10.26
CA ALA F 54 -29.53 16.99 10.64
C ALA F 54 -29.08 17.08 12.09
N GLN F 55 -28.94 18.30 12.61
CA GLN F 55 -28.50 18.41 13.97
C GLN F 55 -28.67 19.79 14.56
N HIS F 56 -28.66 19.83 15.88
CA HIS F 56 -28.77 21.10 16.58
C HIS F 56 -27.38 21.56 17.00
N LEU F 57 -26.85 22.52 16.25
CA LEU F 57 -25.52 23.07 16.49
C LEU F 57 -25.48 23.93 17.74
N GLY F 58 -26.64 24.13 18.36
CA GLY F 58 -26.76 24.99 19.53
C GLY F 58 -26.91 26.43 19.01
N GLU F 59 -27.13 27.38 19.90
CA GLU F 59 -27.28 28.74 19.42
C GLU F 59 -28.49 28.92 18.52
N SER F 60 -29.50 28.10 18.77
CA SER F 60 -30.71 28.19 18.00
C SER F 60 -30.48 27.97 16.53
N THR F 61 -29.37 27.35 16.19
CA THR F 61 -29.10 27.07 14.79
C THR F 61 -29.24 25.59 14.55
N VAL F 62 -29.65 25.25 13.33
CA VAL F 62 -29.77 23.85 12.95
C VAL F 62 -29.02 23.62 11.66
N ARG F 63 -28.30 22.52 11.60
CA ARG F 63 -27.56 22.12 10.41
C ARG F 63 -28.44 21.15 9.62
N THR F 64 -28.57 21.44 8.34
CA THR F 64 -29.44 20.68 7.46
C THR F 64 -28.77 20.29 6.16
N ILE F 65 -29.39 19.34 5.48
CA ILE F 65 -28.94 18.81 4.20
C ILE F 65 -29.97 19.13 3.12
N ALA F 66 -29.61 19.90 2.09
CA ALA F 66 -30.56 20.25 1.03
C ALA F 66 -30.99 19.06 0.17
N MET F 67 -32.24 19.06 -0.29
CA MET F 67 -32.73 17.97 -1.14
C MET F 67 -32.65 18.28 -2.63
N ASP F 68 -32.02 19.40 -2.95
CA ASP F 68 -31.84 19.81 -4.33
C ASP F 68 -30.73 20.85 -4.39
N GLY F 69 -30.33 21.25 -5.59
CA GLY F 69 -29.26 22.24 -5.75
C GLY F 69 -29.47 23.45 -4.87
N THR F 70 -28.36 23.94 -4.29
CA THR F 70 -28.40 25.09 -3.41
C THR F 70 -27.98 26.40 -4.06
N GLU F 71 -27.69 26.40 -5.36
CA GLU F 71 -27.29 27.66 -5.97
C GLU F 71 -28.38 28.70 -5.84
N GLY F 72 -27.94 29.93 -5.70
CA GLY F 72 -28.87 31.02 -5.57
C GLY F 72 -29.23 31.37 -4.16
N LEU F 73 -29.12 30.40 -3.23
CA LEU F 73 -29.46 30.69 -1.86
C LEU F 73 -28.67 31.89 -1.35
N VAL F 74 -29.25 32.64 -0.43
CA VAL F 74 -28.58 33.80 0.11
C VAL F 74 -28.63 33.82 1.62
N ARG F 75 -27.55 34.24 2.26
CA ARG F 75 -27.56 34.31 3.70
C ARG F 75 -28.67 35.25 4.12
N GLY F 76 -29.38 34.88 5.15
CA GLY F 76 -30.47 35.69 5.62
C GLY F 76 -31.80 35.20 5.07
N GLN F 77 -31.78 34.49 3.95
CA GLN F 77 -33.00 33.98 3.32
C GLN F 77 -33.93 33.26 4.31
N LYS F 78 -35.25 33.41 4.10
CA LYS F 78 -36.25 32.80 4.97
C LYS F 78 -36.49 31.33 4.69
N VAL F 79 -36.62 30.56 5.79
CA VAL F 79 -36.89 29.10 5.79
C VAL F 79 -38.07 28.82 6.71
N LEU F 80 -38.94 27.95 6.25
CA LEU F 80 -40.14 27.61 6.97
C LEU F 80 -40.20 26.20 7.51
N ASP F 81 -40.46 26.01 8.81
CA ASP F 81 -40.54 24.65 9.33
C ASP F 81 -41.76 23.90 8.80
N SER F 82 -41.59 22.88 7.94
CA SER F 82 -42.78 22.17 7.47
C SER F 82 -43.53 21.54 8.61
N GLY F 83 -42.84 21.37 9.74
CA GLY F 83 -43.45 20.78 10.91
C GLY F 83 -43.36 19.25 10.98
N ALA F 84 -42.83 18.64 9.92
CA ALA F 84 -42.68 17.18 9.88
C ALA F 84 -41.53 16.76 8.96
N PRO F 85 -41.25 15.46 8.89
CA PRO F 85 -40.18 15.00 8.03
C PRO F 85 -40.70 14.87 6.60
N ILE F 86 -39.80 14.60 5.65
CA ILE F 86 -40.23 14.45 4.27
C ILE F 86 -41.33 13.40 4.15
N ARG F 87 -42.53 13.83 3.74
CA ARG F 87 -43.68 12.95 3.55
C ARG F 87 -43.99 12.76 2.08
N ILE F 88 -44.42 11.55 1.71
CA ILE F 88 -44.69 11.29 0.32
C ILE F 88 -45.94 10.49 0.12
N PRO F 89 -46.53 10.66 -1.04
CA PRO F 89 -47.74 9.94 -1.37
C PRO F 89 -47.55 8.44 -1.31
N VAL F 90 -48.42 7.77 -0.56
CA VAL F 90 -48.40 6.33 -0.47
C VAL F 90 -49.79 5.78 -0.66
N GLY F 91 -49.86 4.66 -1.37
CA GLY F 91 -51.11 4.01 -1.69
C GLY F 91 -51.00 3.44 -3.09
N PRO F 92 -52.10 2.94 -3.62
CA PRO F 92 -52.11 2.34 -4.95
C PRO F 92 -51.99 3.36 -6.07
N GLU F 93 -52.22 4.62 -5.73
CA GLU F 93 -52.15 5.68 -6.70
C GLU F 93 -50.72 6.02 -7.08
N THR F 94 -49.78 5.25 -6.55
CA THR F 94 -48.39 5.46 -6.88
C THR F 94 -48.00 4.49 -7.97
N LEU F 95 -48.76 3.40 -8.05
CA LEU F 95 -48.53 2.36 -9.04
C LEU F 95 -48.57 2.93 -10.46
N GLY F 96 -47.55 2.64 -11.24
CA GLY F 96 -47.48 3.13 -12.61
C GLY F 96 -46.94 4.56 -12.74
N ARG F 97 -46.66 5.22 -11.61
CA ARG F 97 -46.13 6.58 -11.63
C ARG F 97 -44.64 6.67 -11.34
N ILE F 98 -44.04 7.82 -11.69
CA ILE F 98 -42.63 8.08 -11.42
C ILE F 98 -42.56 9.22 -10.42
N MET F 99 -41.84 9.03 -9.31
CA MET F 99 -41.75 10.11 -8.35
C MET F 99 -40.36 10.37 -7.77
N ASN F 100 -40.24 11.60 -7.25
CA ASN F 100 -39.06 12.22 -6.65
C ASN F 100 -38.64 11.69 -5.29
N VAL F 101 -37.57 12.31 -4.76
CA VAL F 101 -37.14 12.01 -3.41
C VAL F 101 -38.24 12.51 -2.49
N ILE F 102 -38.68 13.74 -2.80
CA ILE F 102 -39.71 14.38 -2.02
C ILE F 102 -41.13 13.99 -2.40
N GLY F 103 -41.25 12.97 -3.24
CA GLY F 103 -42.57 12.47 -3.59
C GLY F 103 -43.34 13.20 -4.70
N GLU F 104 -42.75 14.18 -5.37
CA GLU F 104 -43.48 14.87 -6.44
C GLU F 104 -43.42 14.08 -7.74
N PRO F 105 -44.48 14.09 -8.54
CA PRO F 105 -44.43 13.36 -9.79
C PRO F 105 -43.34 13.95 -10.67
N ILE F 106 -42.81 13.11 -11.55
CA ILE F 106 -41.80 13.49 -12.52
C ILE F 106 -42.06 12.76 -13.81
N ASP F 107 -43.33 12.45 -14.03
CA ASP F 107 -43.72 11.75 -15.23
C ASP F 107 -44.63 12.61 -16.08
N GLU F 108 -44.84 13.84 -15.63
CA GLU F 108 -45.68 14.78 -16.34
C GLU F 108 -47.12 14.33 -16.48
N ARG F 109 -47.58 13.54 -15.52
CA ARG F 109 -48.94 13.03 -15.53
C ARG F 109 -49.84 13.59 -14.45
N GLY F 110 -49.49 14.77 -13.94
CA GLY F 110 -50.32 15.36 -12.91
C GLY F 110 -49.96 14.87 -11.51
N PRO F 111 -50.75 15.33 -10.55
CA PRO F 111 -50.51 15.00 -9.18
C PRO F 111 -50.96 13.60 -8.82
N ILE F 112 -50.22 13.03 -7.89
CA ILE F 112 -50.50 11.73 -7.35
C ILE F 112 -51.55 11.98 -6.27
N LYS F 113 -52.78 11.58 -6.54
CA LYS F 113 -53.85 11.82 -5.59
C LYS F 113 -54.14 10.62 -4.72
N THR F 114 -53.51 10.66 -3.56
CA THR F 114 -53.61 9.62 -2.55
C THR F 114 -54.35 10.11 -1.34
N LYS F 115 -54.87 9.14 -0.61
CA LYS F 115 -55.56 9.42 0.62
C LYS F 115 -54.56 9.68 1.73
N GLN F 116 -53.53 8.81 1.78
CA GLN F 116 -52.48 8.94 2.79
C GLN F 116 -51.13 9.33 2.25
N PHE F 117 -50.36 9.86 3.17
CA PHE F 117 -49.01 10.29 2.97
C PHE F 117 -48.19 9.59 4.01
N ALA F 118 -46.93 9.34 3.72
CA ALA F 118 -46.08 8.66 4.68
C ALA F 118 -44.74 9.36 4.74
N ALA F 119 -44.12 9.43 5.91
CA ALA F 119 -42.81 10.08 6.02
C ALA F 119 -41.72 9.07 5.71
N ILE F 120 -40.69 9.51 5.00
CA ILE F 120 -39.60 8.62 4.63
C ILE F 120 -38.86 8.00 5.81
N HIS F 121 -38.78 8.72 6.93
CA HIS F 121 -38.09 8.18 8.09
C HIS F 121 -39.05 7.41 9.01
N ALA F 122 -38.76 6.13 9.23
CA ALA F 122 -39.58 5.26 10.07
C ALA F 122 -38.68 4.32 10.85
N GLU F 123 -39.16 3.70 11.92
CA GLU F 123 -38.27 2.80 12.61
C GLU F 123 -38.35 1.40 12.01
N ALA F 124 -37.31 0.57 12.17
CA ALA F 124 -37.33 -0.78 11.62
C ALA F 124 -38.22 -1.71 12.43
N PRO F 125 -38.89 -2.64 11.75
CA PRO F 125 -39.77 -3.58 12.42
C PRO F 125 -39.06 -4.25 13.58
N GLU F 126 -39.78 -4.42 14.67
CA GLU F 126 -39.20 -5.01 15.85
C GLU F 126 -38.88 -6.49 15.69
N PHE F 127 -38.13 -6.99 16.65
CA PHE F 127 -37.73 -8.38 16.73
C PHE F 127 -38.91 -9.33 16.61
N VAL F 128 -39.91 -9.15 17.50
CA VAL F 128 -41.11 -9.97 17.51
C VAL F 128 -41.79 -9.92 16.15
N GLU F 129 -41.48 -8.89 15.39
CA GLU F 129 -42.09 -8.71 14.09
C GLU F 129 -41.43 -9.54 13.01
N MET F 130 -40.24 -10.07 13.28
CA MET F 130 -39.52 -10.85 12.28
C MET F 130 -40.22 -12.12 11.84
N SER F 131 -39.75 -12.60 10.70
CA SER F 131 -40.24 -13.80 10.08
C SER F 131 -39.09 -14.77 9.85
N VAL F 132 -39.37 -16.07 9.89
CA VAL F 132 -38.32 -17.05 9.69
C VAL F 132 -38.65 -18.14 8.69
N GLU F 133 -39.68 -17.95 7.86
CA GLU F 133 -40.03 -18.93 6.86
C GLU F 133 -38.98 -18.86 5.76
N GLN F 134 -38.53 -20.01 5.24
CA GLN F 134 -37.53 -19.94 4.18
C GLN F 134 -37.92 -20.78 2.99
N GLU F 135 -38.39 -20.10 1.96
CA GLU F 135 -38.83 -20.71 0.72
C GLU F 135 -37.88 -20.33 -0.40
N ILE F 136 -37.50 -21.30 -1.22
CA ILE F 136 -36.61 -21.00 -2.32
C ILE F 136 -37.37 -20.22 -3.39
N LEU F 137 -36.69 -19.29 -4.05
CA LEU F 137 -37.26 -18.49 -5.12
C LEU F 137 -36.48 -18.90 -6.38
N VAL F 138 -37.10 -19.68 -7.27
CA VAL F 138 -36.41 -20.12 -8.47
C VAL F 138 -36.33 -19.00 -9.49
N THR F 139 -35.17 -18.82 -10.07
CA THR F 139 -35.03 -17.72 -11.00
C THR F 139 -34.88 -18.15 -12.44
N GLY F 140 -34.50 -19.40 -12.62
CA GLY F 140 -34.29 -19.89 -13.97
C GLY F 140 -32.82 -19.70 -14.36
N ILE F 141 -32.08 -18.98 -13.52
CA ILE F 141 -30.67 -18.77 -13.76
C ILE F 141 -29.90 -19.96 -13.18
N LYS F 142 -29.16 -20.67 -14.04
CA LYS F 142 -28.40 -21.86 -13.64
C LYS F 142 -27.52 -21.70 -12.38
N VAL F 143 -26.54 -20.77 -12.42
CA VAL F 143 -25.62 -20.53 -11.31
C VAL F 143 -26.33 -20.15 -10.05
N VAL F 144 -27.30 -19.25 -10.19
CA VAL F 144 -28.02 -18.76 -9.03
C VAL F 144 -28.81 -19.87 -8.36
N ASP F 145 -29.67 -20.50 -9.14
CA ASP F 145 -30.49 -21.58 -8.63
C ASP F 145 -29.70 -22.72 -8.02
N LEU F 146 -28.64 -23.18 -8.68
CA LEU F 146 -27.83 -24.28 -8.20
C LEU F 146 -26.93 -24.01 -6.97
N LEU F 147 -26.12 -22.93 -7.02
CA LEU F 147 -25.14 -22.54 -6.00
C LEU F 147 -25.52 -21.55 -4.90
N ALA F 148 -26.40 -20.57 -5.18
CA ALA F 148 -26.77 -19.55 -4.19
C ALA F 148 -28.20 -19.07 -4.38
N PRO F 149 -29.11 -20.03 -4.36
CA PRO F 149 -30.54 -19.82 -4.54
C PRO F 149 -31.13 -18.69 -3.71
N TYR F 150 -31.98 -17.89 -4.35
CA TYR F 150 -32.65 -16.80 -3.67
C TYR F 150 -33.75 -17.39 -2.80
N ALA F 151 -34.47 -16.55 -2.07
CA ALA F 151 -35.54 -17.03 -1.19
C ALA F 151 -36.67 -16.03 -1.08
N LYS F 152 -37.90 -16.52 -1.16
CA LYS F 152 -39.06 -15.67 -1.06
C LYS F 152 -38.99 -14.83 0.20
N GLY F 153 -39.36 -13.56 0.06
CA GLY F 153 -39.33 -12.66 1.20
C GLY F 153 -37.94 -12.44 1.76
N GLY F 154 -36.92 -12.93 1.05
CA GLY F 154 -35.53 -12.79 1.48
C GLY F 154 -34.86 -11.53 0.92
N LYS F 155 -33.63 -11.33 1.35
CA LYS F 155 -32.81 -10.20 0.93
C LYS F 155 -31.72 -10.70 0.00
N ILE F 156 -31.72 -10.19 -1.22
CA ILE F 156 -30.76 -10.57 -2.24
C ILE F 156 -29.84 -9.41 -2.59
N GLY F 157 -28.57 -9.70 -2.87
CA GLY F 157 -27.64 -8.65 -3.23
C GLY F 157 -26.76 -9.08 -4.39
N LEU F 158 -26.61 -8.18 -5.35
CA LEU F 158 -25.80 -8.40 -6.53
C LEU F 158 -24.55 -7.54 -6.52
N PHE F 159 -23.44 -8.06 -6.03
CA PHE F 159 -22.21 -7.28 -5.98
C PHE F 159 -21.55 -7.20 -7.35
N GLY F 160 -21.00 -6.04 -7.71
CA GLY F 160 -20.33 -5.93 -9.00
C GLY F 160 -19.52 -4.65 -9.19
N GLY F 161 -18.29 -4.81 -9.70
CA GLY F 161 -17.43 -3.67 -9.99
C GLY F 161 -18.04 -3.01 -11.22
N ALA F 162 -17.49 -1.90 -11.71
CA ALA F 162 -18.09 -1.24 -12.87
C ALA F 162 -18.22 -2.10 -14.13
N GLY F 163 -19.42 -2.00 -14.73
CA GLY F 163 -19.82 -2.66 -15.97
C GLY F 163 -19.68 -4.17 -16.02
N VAL F 164 -19.97 -4.85 -14.91
CA VAL F 164 -19.84 -6.30 -14.82
C VAL F 164 -21.12 -7.11 -15.09
N GLY F 165 -22.29 -6.53 -14.81
CA GLY F 165 -23.54 -7.23 -15.04
C GLY F 165 -24.63 -7.01 -13.99
N LYS F 166 -24.40 -6.11 -13.05
CA LYS F 166 -25.39 -5.84 -12.03
C LYS F 166 -26.76 -5.52 -12.60
N THR F 167 -26.80 -4.52 -13.49
CA THR F 167 -28.05 -4.08 -14.08
C THR F 167 -28.73 -5.10 -14.95
N VAL F 168 -27.94 -5.71 -15.83
CA VAL F 168 -28.46 -6.72 -16.72
C VAL F 168 -29.16 -7.77 -15.87
N LEU F 169 -28.45 -8.22 -14.84
CA LEU F 169 -28.98 -9.22 -13.94
C LEU F 169 -30.28 -8.77 -13.29
N ILE F 170 -30.36 -7.50 -12.93
CA ILE F 170 -31.58 -6.97 -12.33
C ILE F 170 -32.73 -6.93 -13.31
N MET F 171 -32.39 -6.75 -14.58
CA MET F 171 -33.40 -6.72 -15.59
C MET F 171 -33.90 -8.12 -15.85
N GLU F 172 -32.95 -9.04 -16.05
CA GLU F 172 -33.31 -10.41 -16.28
C GLU F 172 -34.20 -10.95 -15.17
N LEU F 173 -33.89 -10.58 -13.94
CA LEU F 173 -34.68 -11.01 -12.80
C LEU F 173 -36.06 -10.36 -12.78
N ILE F 174 -36.14 -9.10 -13.22
CA ILE F 174 -37.42 -8.42 -13.26
C ILE F 174 -38.27 -9.16 -14.28
N ASN F 175 -37.60 -9.53 -15.36
CA ASN F 175 -38.17 -10.26 -16.46
C ASN F 175 -38.67 -11.62 -15.98
N ASN F 176 -37.73 -12.47 -15.55
CA ASN F 176 -38.02 -13.81 -15.06
C ASN F 176 -38.77 -13.90 -13.75
N VAL F 177 -38.99 -12.79 -13.04
CA VAL F 177 -39.66 -12.93 -11.76
C VAL F 177 -40.76 -11.91 -11.59
N ALA F 178 -40.37 -10.66 -11.77
CA ALA F 178 -41.31 -9.59 -11.62
C ALA F 178 -42.53 -9.77 -12.51
N LYS F 179 -42.28 -10.04 -13.78
CA LYS F 179 -43.33 -10.22 -14.76
C LYS F 179 -44.46 -11.18 -14.39
N ALA F 180 -44.14 -12.31 -13.76
CA ALA F 180 -45.17 -13.27 -13.38
C ALA F 180 -45.37 -13.32 -11.87
N HIS F 181 -45.41 -12.14 -11.25
CA HIS F 181 -45.51 -12.05 -9.81
C HIS F 181 -46.88 -12.09 -9.13
N GLY F 182 -47.79 -11.20 -9.49
CA GLY F 182 -49.07 -11.21 -8.82
C GLY F 182 -48.82 -10.73 -7.41
N GLY F 183 -48.75 -9.42 -7.32
CA GLY F 183 -48.46 -8.65 -6.14
C GLY F 183 -47.81 -7.40 -6.70
N TYR F 184 -47.30 -6.53 -5.86
CA TYR F 184 -46.71 -5.33 -6.40
C TYR F 184 -45.20 -5.32 -6.43
N SER F 185 -44.66 -4.36 -7.18
CA SER F 185 -43.24 -4.17 -7.32
C SER F 185 -42.89 -2.71 -7.21
N VAL F 186 -41.72 -2.45 -6.66
CA VAL F 186 -41.25 -1.10 -6.53
C VAL F 186 -39.83 -1.05 -7.03
N PHE F 187 -39.56 -0.17 -7.99
CA PHE F 187 -38.22 -0.04 -8.49
C PHE F 187 -37.66 1.28 -8.03
N ALA F 188 -36.55 1.24 -7.33
CA ALA F 188 -35.94 2.47 -6.87
C ALA F 188 -34.62 2.71 -7.56
N GLY F 189 -34.56 3.75 -8.39
CA GLY F 189 -33.32 4.08 -9.06
C GLY F 189 -32.54 5.02 -8.18
N VAL F 190 -31.44 4.53 -7.60
CA VAL F 190 -30.59 5.33 -6.72
C VAL F 190 -29.22 5.63 -7.31
N GLY F 191 -28.94 6.91 -7.57
CA GLY F 191 -27.65 7.35 -8.10
C GLY F 191 -27.17 6.72 -9.39
N GLU F 192 -28.05 6.07 -10.13
CA GLU F 192 -27.65 5.45 -11.38
C GLU F 192 -27.85 6.32 -12.62
N ARG F 193 -27.99 5.73 -13.81
CA ARG F 193 -28.16 6.51 -15.04
C ARG F 193 -29.62 6.91 -15.33
N THR F 194 -29.86 8.19 -15.64
CA THR F 194 -31.21 8.63 -15.97
C THR F 194 -31.75 7.84 -17.18
N ARG F 195 -30.93 7.72 -18.24
CA ARG F 195 -31.32 6.98 -19.44
C ARG F 195 -31.85 5.61 -19.08
N GLU F 196 -31.31 5.02 -18.03
CA GLU F 196 -31.76 3.73 -17.58
C GLU F 196 -33.20 3.82 -17.07
N GLY F 197 -33.48 4.87 -16.31
CA GLY F 197 -34.82 5.05 -15.79
C GLY F 197 -35.76 5.11 -16.97
N ASN F 198 -35.38 5.91 -17.94
CA ASN F 198 -36.17 6.06 -19.13
C ASN F 198 -36.33 4.73 -19.87
N ASP F 199 -35.24 3.96 -19.95
CA ASP F 199 -35.23 2.66 -20.64
C ASP F 199 -36.23 1.68 -20.04
N LEU F 200 -36.27 1.69 -18.72
CA LEU F 200 -37.14 0.81 -17.97
C LEU F 200 -38.59 1.22 -18.05
N TYR F 201 -38.82 2.50 -17.84
CA TYR F 201 -40.15 3.08 -17.87
C TYR F 201 -40.91 2.65 -19.10
N HIS F 202 -40.35 3.02 -20.26
CA HIS F 202 -40.94 2.71 -21.55
C HIS F 202 -41.11 1.25 -21.80
N GLU F 203 -40.16 0.49 -21.30
CA GLU F 203 -40.21 -0.93 -21.47
C GLU F 203 -41.36 -1.49 -20.66
N MET F 204 -41.46 -0.99 -19.42
CA MET F 204 -42.49 -1.36 -18.46
C MET F 204 -43.85 -1.04 -19.08
N ILE F 205 -43.93 0.10 -19.75
CA ILE F 205 -45.15 0.48 -20.42
C ILE F 205 -45.51 -0.59 -21.44
N GLU F 206 -44.56 -0.82 -22.34
CA GLU F 206 -44.66 -1.80 -23.42
C GLU F 206 -45.19 -3.15 -22.98
N SER F 207 -44.57 -3.73 -21.95
CA SER F 207 -44.98 -5.04 -21.46
C SER F 207 -46.25 -4.97 -20.65
N GLY F 208 -46.79 -3.77 -20.54
CA GLY F 208 -48.02 -3.58 -19.80
C GLY F 208 -47.91 -3.56 -18.29
N VAL F 209 -46.71 -3.59 -17.72
CA VAL F 209 -46.61 -3.55 -16.28
C VAL F 209 -47.09 -2.19 -15.78
N ILE F 210 -46.78 -1.19 -16.62
CA ILE F 210 -47.21 0.17 -16.42
C ILE F 210 -48.28 0.39 -17.48
N ASN F 211 -49.44 0.82 -17.03
CA ASN F 211 -50.54 1.09 -17.94
C ASN F 211 -50.96 2.53 -17.72
N LEU F 212 -50.85 3.32 -18.77
CA LEU F 212 -51.23 4.72 -18.66
C LEU F 212 -52.71 4.92 -18.99
N LYS F 213 -53.39 3.80 -19.19
CA LYS F 213 -54.80 3.82 -19.52
C LYS F 213 -55.69 3.43 -18.37
N ASP F 214 -55.47 2.22 -17.87
CA ASP F 214 -56.21 1.69 -16.74
C ASP F 214 -55.40 1.78 -15.48
N ALA F 215 -56.03 1.32 -14.43
CA ALA F 215 -55.42 1.21 -13.13
C ALA F 215 -55.09 -0.26 -13.00
N THR F 216 -54.05 -0.69 -13.69
CA THR F 216 -53.66 -2.07 -13.68
C THR F 216 -52.16 -2.23 -13.61
N SER F 217 -51.48 -1.12 -13.40
CA SER F 217 -50.05 -1.15 -13.30
C SER F 217 -49.67 -1.87 -12.02
N LYS F 218 -48.56 -2.58 -12.07
CA LYS F 218 -48.12 -3.28 -10.90
C LYS F 218 -46.81 -2.75 -10.34
N VAL F 219 -46.31 -1.66 -10.93
CA VAL F 219 -45.05 -1.10 -10.47
C VAL F 219 -45.04 0.38 -10.22
N ALA F 220 -44.47 0.78 -9.09
CA ALA F 220 -44.33 2.18 -8.74
C ALA F 220 -42.86 2.55 -8.93
N LEU F 221 -42.56 3.67 -9.56
CA LEU F 221 -41.16 4.04 -9.79
C LEU F 221 -40.71 5.24 -8.97
N VAL F 222 -39.53 5.14 -8.37
CA VAL F 222 -38.95 6.23 -7.58
C VAL F 222 -37.54 6.43 -8.12
N TYR F 223 -37.14 7.68 -8.34
CA TYR F 223 -35.82 7.91 -8.90
C TYR F 223 -35.11 9.13 -8.34
N GLY F 224 -33.80 9.00 -8.16
CA GLY F 224 -32.89 10.04 -7.69
C GLY F 224 -31.52 9.68 -8.23
N GLN F 225 -31.35 9.92 -9.53
CA GLN F 225 -30.15 9.57 -10.29
C GLN F 225 -28.86 10.36 -10.10
N MET F 226 -27.89 9.98 -10.96
CA MET F 226 -26.52 10.50 -11.08
C MET F 226 -26.40 12.01 -11.23
N ASN F 227 -27.48 12.69 -11.56
CA ASN F 227 -27.43 14.12 -11.73
C ASN F 227 -27.89 14.92 -10.50
N GLU F 228 -28.42 14.25 -9.51
CA GLU F 228 -28.87 14.93 -8.31
C GLU F 228 -27.75 15.25 -7.35
N PRO F 229 -27.97 16.26 -6.52
CA PRO F 229 -27.02 16.65 -5.49
C PRO F 229 -27.05 15.58 -4.40
N PRO F 230 -25.93 15.37 -3.72
CA PRO F 230 -25.77 14.36 -2.68
C PRO F 230 -26.97 14.04 -1.80
N GLY F 231 -27.59 15.07 -1.22
CA GLY F 231 -28.73 14.92 -0.33
C GLY F 231 -29.88 14.10 -0.94
N ALA F 232 -30.12 14.33 -2.22
CA ALA F 232 -31.18 13.62 -2.92
C ALA F 232 -30.88 12.14 -2.97
N ARG F 233 -29.65 11.83 -3.40
CA ARG F 233 -29.11 10.48 -3.54
C ARG F 233 -29.04 9.74 -2.23
N ALA F 234 -28.91 10.53 -1.18
CA ALA F 234 -28.84 10.00 0.15
C ALA F 234 -30.21 9.68 0.72
N ARG F 235 -31.29 10.10 0.04
CA ARG F 235 -32.63 9.85 0.54
C ARG F 235 -33.59 9.10 -0.38
N VAL F 236 -33.30 9.05 -1.67
CA VAL F 236 -34.21 8.36 -2.57
C VAL F 236 -34.48 6.93 -2.15
N ALA F 237 -33.43 6.25 -1.68
CA ALA F 237 -33.57 4.88 -1.24
C ALA F 237 -34.66 4.81 -0.19
N LEU F 238 -34.56 5.68 0.81
CA LEU F 238 -35.56 5.75 1.85
C LEU F 238 -36.95 5.93 1.22
N THR F 239 -37.02 6.80 0.22
CA THR F 239 -38.27 7.08 -0.48
C THR F 239 -38.89 5.84 -1.10
N GLY F 240 -38.10 5.17 -1.96
CA GLY F 240 -38.55 3.96 -2.61
C GLY F 240 -38.96 2.97 -1.55
N LEU F 241 -38.12 2.92 -0.54
CA LEU F 241 -38.31 2.06 0.59
C LEU F 241 -39.72 2.22 1.18
N THR F 242 -40.06 3.46 1.53
CA THR F 242 -41.35 3.78 2.12
C THR F 242 -42.51 3.28 1.28
N VAL F 243 -42.42 3.52 -0.02
CA VAL F 243 -43.46 3.11 -0.93
C VAL F 243 -43.77 1.64 -0.75
N ALA F 244 -42.70 0.86 -0.68
CA ALA F 244 -42.82 -0.57 -0.49
C ALA F 244 -43.42 -0.93 0.86
N GLU F 245 -42.99 -0.21 1.91
CA GLU F 245 -43.49 -0.47 3.23
C GLU F 245 -45.00 -0.45 3.25
N TYR F 246 -45.57 0.56 2.60
CA TYR F 246 -47.01 0.67 2.53
C TYR F 246 -47.67 -0.59 2.01
N PHE F 247 -47.24 -1.09 0.86
CA PHE F 247 -47.87 -2.29 0.35
C PHE F 247 -47.70 -3.48 1.26
N ARG F 248 -46.60 -3.50 1.99
CA ARG F 248 -46.34 -4.61 2.88
C ARG F 248 -47.26 -4.68 4.09
N ASP F 249 -47.24 -3.59 4.87
CA ASP F 249 -48.01 -3.49 6.10
C ASP F 249 -49.48 -3.09 5.96
N GLN F 250 -49.70 -2.05 5.17
CA GLN F 250 -51.01 -1.47 4.89
C GLN F 250 -51.93 -2.26 3.97
N GLU F 251 -51.46 -3.39 3.44
CA GLU F 251 -52.34 -4.11 2.51
C GLU F 251 -52.21 -5.63 2.53
N GLY F 252 -51.18 -6.07 3.21
CA GLY F 252 -50.88 -7.50 3.36
C GLY F 252 -50.37 -8.32 2.16
N GLN F 253 -50.21 -7.79 1.00
CA GLN F 253 -49.74 -8.65 -0.09
C GLN F 253 -48.33 -8.34 -0.57
N ASP F 254 -47.56 -9.42 -0.56
CA ASP F 254 -46.18 -9.58 -0.98
C ASP F 254 -45.73 -8.62 -2.04
N VAL F 255 -44.67 -7.92 -1.70
CA VAL F 255 -44.03 -6.97 -2.57
C VAL F 255 -42.70 -7.47 -3.07
N LEU F 256 -42.26 -6.82 -4.14
CA LEU F 256 -40.99 -7.03 -4.80
C LEU F 256 -40.33 -5.67 -4.79
N LEU F 257 -39.06 -5.61 -4.40
CA LEU F 257 -38.37 -4.34 -4.33
C LEU F 257 -37.00 -4.42 -4.98
N PHE F 258 -36.85 -3.64 -6.05
CA PHE F 258 -35.61 -3.57 -6.79
C PHE F 258 -34.95 -2.22 -6.59
N ILE F 259 -33.66 -2.22 -6.29
CA ILE F 259 -32.92 -0.99 -6.10
C ILE F 259 -31.66 -1.05 -6.96
N ASP F 260 -31.36 0.02 -7.67
CA ASP F 260 -30.17 0.06 -8.48
C ASP F 260 -29.68 1.48 -8.37
N ASN F 261 -28.61 1.78 -7.62
CA ASN F 261 -27.70 0.89 -6.92
C ASN F 261 -27.63 1.35 -5.46
N ILE F 262 -27.69 0.44 -4.50
CA ILE F 262 -27.68 0.88 -3.11
C ILE F 262 -26.36 1.43 -2.63
N PHE F 263 -25.34 1.21 -3.42
CA PHE F 263 -24.08 1.72 -3.02
C PHE F 263 -24.09 3.23 -3.07
N ARG F 264 -24.85 3.73 -4.02
CA ARG F 264 -24.98 5.15 -4.26
C ARG F 264 -25.43 5.94 -3.05
N PHE F 265 -26.23 5.30 -2.21
CA PHE F 265 -26.72 5.90 -1.00
C PHE F 265 -25.59 6.15 -0.02
N THR F 266 -24.69 5.16 0.08
CA THR F 266 -23.55 5.25 0.98
C THR F 266 -22.52 6.25 0.51
N GLN F 267 -22.36 6.29 -0.80
CA GLN F 267 -21.45 7.21 -1.45
C GLN F 267 -21.94 8.62 -1.20
N ALA F 268 -23.24 8.79 -1.40
CA ALA F 268 -23.90 10.05 -1.16
C ALA F 268 -23.65 10.52 0.25
N GLY F 269 -23.78 9.61 1.20
CA GLY F 269 -23.52 9.99 2.57
C GLY F 269 -22.11 10.52 2.76
N SER F 270 -21.16 9.91 2.04
CA SER F 270 -19.79 10.37 2.15
C SER F 270 -19.62 11.71 1.51
N GLU F 271 -20.47 12.02 0.55
CA GLU F 271 -20.34 13.30 -0.09
C GLU F 271 -20.64 14.46 0.85
N VAL F 272 -21.68 14.32 1.66
CA VAL F 272 -22.05 15.39 2.57
C VAL F 272 -21.33 15.33 3.92
N SER F 273 -20.94 14.12 4.34
CA SER F 273 -20.28 13.94 5.63
C SER F 273 -19.21 14.95 6.03
N ALA F 274 -18.28 15.30 5.13
CA ALA F 274 -17.29 16.27 5.52
C ALA F 274 -17.96 17.58 5.87
N LEU F 275 -18.87 17.97 4.99
CA LEU F 275 -19.63 19.17 5.20
C LEU F 275 -20.31 19.15 6.55
N LEU F 276 -20.81 18.00 6.97
CA LEU F 276 -21.45 18.01 8.25
C LEU F 276 -20.42 18.26 9.35
N GLY F 277 -19.14 18.27 8.98
CA GLY F 277 -18.10 18.51 9.95
C GLY F 277 -17.70 17.29 10.78
N ARG F 278 -17.64 16.11 10.16
CA ARG F 278 -17.26 14.90 10.89
C ARG F 278 -15.84 14.44 10.61
N ILE F 279 -15.17 13.88 11.62
CA ILE F 279 -13.84 13.35 11.40
C ILE F 279 -14.05 12.11 10.54
N PRO F 280 -13.44 12.04 9.36
CA PRO F 280 -13.63 10.89 8.50
C PRO F 280 -13.10 9.60 9.09
N SER F 281 -13.71 8.49 8.70
CA SER F 281 -13.29 7.19 9.15
C SER F 281 -12.31 6.66 8.11
N ALA F 282 -12.15 5.34 8.01
CA ALA F 282 -11.25 4.72 7.05
C ALA F 282 -11.69 4.92 5.60
N VAL F 283 -10.73 5.16 4.71
CA VAL F 283 -10.99 5.39 3.28
C VAL F 283 -11.74 6.68 3.03
N GLY F 284 -11.77 7.57 4.01
CA GLY F 284 -12.46 8.83 3.84
C GLY F 284 -13.98 8.74 3.98
N TYR F 285 -14.49 7.58 4.38
CA TYR F 285 -15.93 7.42 4.57
C TYR F 285 -16.34 8.05 5.90
N GLN F 286 -17.64 8.31 5.99
CA GLN F 286 -18.29 8.89 7.15
C GLN F 286 -18.21 7.90 8.31
N PRO F 287 -18.00 8.38 9.54
CA PRO F 287 -17.91 7.48 10.68
C PRO F 287 -19.22 6.76 10.98
N THR F 288 -20.30 7.27 10.41
CA THR F 288 -21.61 6.69 10.63
C THR F 288 -22.02 5.70 9.56
N LEU F 289 -21.10 5.33 8.68
CA LEU F 289 -21.38 4.40 7.58
C LEU F 289 -22.25 3.20 7.96
N ALA F 290 -21.80 2.39 8.92
CA ALA F 290 -22.55 1.22 9.31
C ALA F 290 -23.94 1.53 9.85
N THR F 291 -24.06 2.47 10.78
CA THR F 291 -25.37 2.78 11.32
C THR F 291 -26.31 3.24 10.21
N ASP F 292 -25.80 4.15 9.37
CA ASP F 292 -26.59 4.66 8.25
C ASP F 292 -27.13 3.52 7.44
N MET F 293 -26.25 2.62 7.05
CA MET F 293 -26.71 1.50 6.28
C MET F 293 -27.75 0.69 7.04
N GLY F 294 -27.46 0.45 8.32
CA GLY F 294 -28.31 -0.32 9.24
C GLY F 294 -29.74 0.17 9.47
N THR F 295 -29.93 1.42 9.87
CA THR F 295 -31.30 1.86 10.08
C THR F 295 -32.10 1.90 8.81
N MET F 296 -31.41 1.78 7.68
CA MET F 296 -32.09 1.79 6.40
C MET F 296 -32.38 0.39 5.88
N GLN F 297 -31.35 -0.46 5.94
CA GLN F 297 -31.47 -1.85 5.51
C GLN F 297 -32.51 -2.58 6.34
N GLU F 298 -32.54 -2.26 7.62
CA GLU F 298 -33.45 -2.89 8.53
C GLU F 298 -34.93 -2.66 8.26
N ARG F 299 -35.25 -1.81 7.29
CA ARG F 299 -36.62 -1.54 6.93
C ARG F 299 -36.98 -2.30 5.68
N ILE F 300 -35.95 -2.79 5.01
CA ILE F 300 -36.17 -3.59 3.84
C ILE F 300 -36.22 -5.00 4.33
N THR F 301 -37.41 -5.42 4.74
CA THR F 301 -37.54 -6.75 5.27
C THR F 301 -38.94 -7.29 5.27
N THR F 302 -39.00 -8.60 5.32
CA THR F 302 -40.25 -9.29 5.40
C THR F 302 -40.65 -9.31 6.86
N THR F 303 -41.95 -9.38 7.11
CA THR F 303 -42.48 -9.39 8.45
C THR F 303 -43.72 -10.26 8.51
N LYS F 304 -44.30 -10.34 9.69
CA LYS F 304 -45.49 -11.12 9.88
C LYS F 304 -46.66 -10.56 9.10
N LYS F 305 -46.61 -9.26 8.87
CA LYS F 305 -47.65 -8.57 8.13
C LYS F 305 -47.47 -8.78 6.65
N GLY F 306 -46.26 -8.53 6.16
CA GLY F 306 -46.06 -8.68 4.74
C GLY F 306 -44.69 -9.19 4.36
N SER F 307 -44.57 -9.54 3.10
CA SER F 307 -43.37 -10.08 2.52
C SER F 307 -42.72 -9.11 1.55
N ILE F 308 -41.40 -8.96 1.63
CA ILE F 308 -40.68 -8.10 0.72
C ILE F 308 -39.51 -8.87 0.11
N THR F 309 -39.61 -9.20 -1.17
CA THR F 309 -38.51 -9.88 -1.85
C THR F 309 -37.71 -8.76 -2.48
N SER F 310 -36.52 -8.49 -1.95
CA SER F 310 -35.71 -7.39 -2.44
C SER F 310 -34.41 -7.82 -3.08
N VAL F 311 -34.15 -7.25 -4.25
CA VAL F 311 -32.94 -7.47 -4.99
C VAL F 311 -32.24 -6.12 -5.09
N GLN F 312 -31.07 -6.00 -4.51
CA GLN F 312 -30.38 -4.73 -4.54
C GLN F 312 -29.07 -4.84 -5.29
N ALA F 313 -28.76 -3.87 -6.15
CA ALA F 313 -27.48 -3.90 -6.83
C ALA F 313 -26.45 -3.20 -5.95
N ILE F 314 -25.26 -3.74 -5.87
CA ILE F 314 -24.26 -3.15 -5.02
C ILE F 314 -22.95 -2.96 -5.74
N TYR F 315 -22.74 -1.74 -6.18
CA TYR F 315 -21.55 -1.38 -6.90
C TYR F 315 -20.33 -1.50 -5.98
N VAL F 316 -19.23 -2.07 -6.49
CA VAL F 316 -17.98 -2.27 -5.74
C VAL F 316 -16.88 -1.41 -6.34
N PRO F 317 -16.49 -0.36 -5.62
CA PRO F 317 -15.47 0.59 -6.04
C PRO F 317 -14.09 0.02 -6.29
N ALA F 318 -13.52 0.36 -7.44
CA ALA F 318 -12.19 -0.09 -7.78
C ALA F 318 -12.13 -1.60 -7.73
N ASP F 319 -13.31 -2.19 -7.81
CA ASP F 319 -13.39 -3.62 -7.76
C ASP F 319 -12.97 -4.15 -6.41
N ASP F 320 -12.82 -3.26 -5.42
CA ASP F 320 -12.40 -3.70 -4.09
C ASP F 320 -13.56 -4.14 -3.19
N LEU F 321 -13.75 -5.46 -3.03
CA LEU F 321 -14.80 -6.00 -2.16
C LEU F 321 -14.55 -5.74 -0.66
N THR F 322 -13.34 -5.28 -0.32
CA THR F 322 -13.05 -5.00 1.07
C THR F 322 -13.36 -3.56 1.37
N ASP F 323 -13.84 -2.84 0.37
CA ASP F 323 -14.18 -1.45 0.55
C ASP F 323 -15.27 -1.39 1.61
N PRO F 324 -15.16 -0.46 2.56
CA PRO F 324 -16.13 -0.34 3.63
C PRO F 324 -17.58 -0.40 3.18
N ALA F 325 -17.89 0.16 2.01
CA ALA F 325 -19.27 0.14 1.53
C ALA F 325 -19.85 -1.26 1.34
N PRO F 326 -19.29 -2.00 0.36
CA PRO F 326 -19.72 -3.36 0.06
C PRO F 326 -19.47 -4.30 1.24
N ALA F 327 -18.32 -4.11 1.87
CA ALA F 327 -17.93 -4.92 3.00
C ALA F 327 -19.00 -4.97 4.06
N THR F 328 -19.50 -3.80 4.43
CA THR F 328 -20.53 -3.66 5.44
C THR F 328 -21.90 -4.10 4.97
N THR F 329 -22.02 -4.42 3.69
CA THR F 329 -23.30 -4.81 3.10
C THR F 329 -23.68 -6.28 3.21
N PHE F 330 -22.65 -7.12 3.11
CA PHE F 330 -22.80 -8.57 3.17
C PHE F 330 -23.72 -8.99 4.31
N ALA F 331 -23.40 -8.51 5.51
CA ALA F 331 -24.18 -8.80 6.71
C ALA F 331 -25.68 -8.60 6.56
N HIS F 332 -26.14 -7.82 5.58
CA HIS F 332 -27.57 -7.57 5.45
C HIS F 332 -28.34 -8.40 4.45
N LEU F 333 -27.69 -9.39 3.86
CA LEU F 333 -28.30 -10.20 2.84
C LEU F 333 -28.53 -11.63 3.24
N ASP F 334 -29.46 -12.24 2.55
CA ASP F 334 -29.78 -13.63 2.80
C ASP F 334 -29.15 -14.48 1.72
N ALA F 335 -28.87 -13.83 0.58
CA ALA F 335 -28.24 -14.45 -0.59
C ALA F 335 -27.39 -13.41 -1.31
N THR F 336 -26.17 -13.78 -1.70
CA THR F 336 -25.28 -12.83 -2.36
C THR F 336 -24.71 -13.31 -3.68
N THR F 337 -24.94 -12.53 -4.75
CA THR F 337 -24.41 -12.87 -6.06
C THR F 337 -23.21 -11.99 -6.41
N VAL F 338 -22.02 -12.46 -6.12
CA VAL F 338 -20.85 -11.67 -6.42
C VAL F 338 -20.44 -11.85 -7.87
N LEU F 339 -20.43 -10.74 -8.61
CA LEU F 339 -20.03 -10.73 -10.01
C LEU F 339 -18.55 -10.44 -10.12
N SER F 340 -17.91 -11.04 -11.10
CA SER F 340 -16.48 -10.91 -11.28
C SER F 340 -16.06 -10.41 -12.64
N ARG F 341 -15.16 -9.43 -12.63
CA ARG F 341 -14.65 -8.89 -13.87
C ARG F 341 -13.84 -9.99 -14.60
N ALA F 342 -13.01 -10.71 -13.84
CA ALA F 342 -12.19 -11.81 -14.36
C ALA F 342 -13.04 -12.81 -15.10
N ILE F 343 -14.12 -13.27 -14.47
CA ILE F 343 -15.01 -14.20 -15.13
C ILE F 343 -15.60 -13.59 -16.39
N ALA F 344 -16.14 -12.37 -16.25
CA ALA F 344 -16.75 -11.67 -17.37
C ALA F 344 -15.78 -11.57 -18.53
N GLU F 345 -14.54 -11.23 -18.22
CA GLU F 345 -13.53 -11.13 -19.25
C GLU F 345 -13.30 -12.44 -20.00
N LEU F 346 -13.56 -13.55 -19.33
CA LEU F 346 -13.43 -14.86 -19.94
C LEU F 346 -14.60 -15.06 -20.89
N GLY F 347 -15.57 -14.16 -20.85
CA GLY F 347 -16.73 -14.30 -21.71
C GLY F 347 -17.87 -15.04 -21.00
N ILE F 348 -17.65 -15.43 -19.76
CA ILE F 348 -18.71 -16.12 -19.03
C ILE F 348 -19.74 -15.13 -18.53
N TYR F 349 -21.01 -15.30 -18.92
CA TYR F 349 -22.11 -14.43 -18.47
C TYR F 349 -23.31 -15.26 -18.03
N PRO F 350 -23.87 -14.94 -16.88
CA PRO F 350 -23.45 -13.87 -16.01
C PRO F 350 -22.11 -14.18 -15.34
N ALA F 351 -21.33 -13.14 -15.13
CA ALA F 351 -20.01 -13.29 -14.53
C ALA F 351 -20.00 -13.61 -13.04
N VAL F 352 -20.90 -14.47 -12.60
CA VAL F 352 -20.98 -14.85 -11.19
C VAL F 352 -19.82 -15.70 -10.72
N ASP F 353 -19.23 -15.33 -9.60
CA ASP F 353 -18.16 -16.10 -9.01
C ASP F 353 -18.80 -17.22 -8.18
N PRO F 354 -18.73 -18.47 -8.65
CA PRO F 354 -19.37 -19.61 -8.02
C PRO F 354 -18.84 -20.02 -6.66
N LEU F 355 -17.64 -19.55 -6.33
CA LEU F 355 -17.03 -19.87 -5.06
C LEU F 355 -17.17 -18.70 -4.11
N ASP F 356 -17.82 -17.63 -4.56
CA ASP F 356 -17.93 -16.45 -3.73
C ASP F 356 -19.36 -16.03 -3.44
N SER F 357 -20.29 -16.65 -4.14
CA SER F 357 -21.69 -16.35 -3.96
C SER F 357 -22.27 -17.28 -2.90
N THR F 358 -23.12 -16.77 -2.03
CA THR F 358 -23.66 -17.64 -1.01
C THR F 358 -25.14 -17.40 -0.75
N SER F 359 -25.73 -18.35 -0.05
CA SER F 359 -27.14 -18.30 0.27
C SER F 359 -27.45 -19.08 1.53
N ARG F 360 -28.21 -18.46 2.43
CA ARG F 360 -28.59 -19.08 3.68
C ARG F 360 -29.39 -20.36 3.49
N ILE F 361 -30.04 -20.44 2.33
CA ILE F 361 -30.89 -21.54 1.90
C ILE F 361 -30.11 -22.79 1.47
N MET F 362 -28.83 -22.59 1.23
CA MET F 362 -28.03 -23.73 0.88
C MET F 362 -27.92 -24.60 2.10
N ASP F 363 -28.96 -25.37 2.30
CA ASP F 363 -29.06 -26.27 3.41
C ASP F 363 -29.85 -27.47 2.93
N PRO F 364 -29.29 -28.65 3.17
CA PRO F 364 -29.91 -29.89 2.75
C PRO F 364 -31.34 -29.99 3.18
N ASN F 365 -31.63 -29.52 4.38
CA ASN F 365 -32.98 -29.58 4.87
C ASN F 365 -33.88 -28.55 4.23
N ILE F 366 -33.37 -27.85 3.22
CA ILE F 366 -34.20 -26.85 2.57
C ILE F 366 -34.22 -27.06 1.07
N VAL F 367 -33.07 -27.36 0.48
CA VAL F 367 -33.05 -27.56 -0.94
C VAL F 367 -33.03 -29.05 -1.30
N GLY F 368 -32.87 -29.88 -0.27
CA GLY F 368 -32.80 -31.32 -0.43
C GLY F 368 -31.33 -31.73 -0.58
N SER F 369 -31.01 -32.98 -0.27
CA SER F 369 -29.63 -33.43 -0.36
C SER F 369 -29.12 -33.64 -1.78
N GLU F 370 -30.02 -33.86 -2.74
CA GLU F 370 -29.56 -34.03 -4.09
C GLU F 370 -28.98 -32.72 -4.56
N HIS F 371 -29.76 -31.65 -4.31
CA HIS F 371 -29.38 -30.30 -4.63
C HIS F 371 -28.14 -29.92 -3.83
N TYR F 372 -28.16 -30.21 -2.53
CA TYR F 372 -27.05 -29.88 -1.67
C TYR F 372 -25.76 -30.61 -2.05
N ASP F 373 -25.89 -31.80 -2.60
CA ASP F 373 -24.71 -32.57 -2.95
C ASP F 373 -24.05 -32.18 -4.27
N VAL F 374 -24.86 -31.82 -5.27
CA VAL F 374 -24.37 -31.40 -6.56
C VAL F 374 -23.64 -30.08 -6.38
N ALA F 375 -24.34 -29.18 -5.69
CA ALA F 375 -23.83 -27.87 -5.38
C ALA F 375 -22.44 -27.95 -4.77
N ARG F 376 -22.32 -28.65 -3.64
CA ARG F 376 -21.03 -28.79 -3.00
C ARG F 376 -20.08 -29.56 -3.90
N GLY F 377 -20.65 -30.35 -4.81
CA GLY F 377 -19.84 -31.14 -5.71
C GLY F 377 -19.10 -30.28 -6.71
N VAL F 378 -19.87 -29.38 -7.28
CA VAL F 378 -19.40 -28.44 -8.26
C VAL F 378 -18.37 -27.51 -7.65
N GLN F 379 -18.66 -27.00 -6.46
CA GLN F 379 -17.74 -26.10 -5.78
C GLN F 379 -16.39 -26.73 -5.48
N LYS F 380 -16.41 -28.00 -5.05
CA LYS F 380 -15.19 -28.72 -4.71
C LYS F 380 -14.28 -28.97 -5.91
N ILE F 381 -14.88 -29.16 -7.08
CA ILE F 381 -14.09 -29.40 -8.27
C ILE F 381 -13.48 -28.09 -8.76
N LEU F 382 -14.27 -27.01 -8.64
CA LEU F 382 -13.83 -25.69 -9.03
C LEU F 382 -12.78 -25.17 -8.09
N GLN F 383 -12.87 -25.57 -6.82
CA GLN F 383 -11.88 -25.15 -5.85
C GLN F 383 -10.57 -25.85 -6.17
N ASP F 384 -10.68 -27.15 -6.45
CA ASP F 384 -9.56 -28.01 -6.79
C ASP F 384 -8.83 -27.49 -8.03
N TYR F 385 -9.62 -27.12 -9.04
CA TYR F 385 -9.07 -26.58 -10.26
C TYR F 385 -8.32 -25.30 -9.99
N LYS F 386 -8.90 -24.50 -9.09
CA LYS F 386 -8.32 -23.25 -8.68
C LYS F 386 -6.91 -23.44 -8.13
N SER F 387 -6.73 -24.45 -7.28
CA SER F 387 -5.40 -24.67 -6.75
C SER F 387 -4.37 -25.11 -7.78
N LEU F 388 -4.82 -25.89 -8.77
CA LEU F 388 -3.93 -26.34 -9.81
C LEU F 388 -3.46 -25.21 -10.71
N GLN F 389 -4.28 -24.18 -10.82
CA GLN F 389 -4.01 -23.03 -11.66
C GLN F 389 -2.63 -22.38 -11.63
N ASP F 390 -2.03 -22.25 -10.45
CA ASP F 390 -0.73 -21.62 -10.33
C ASP F 390 0.31 -22.29 -11.22
N ILE F 391 0.32 -23.62 -11.13
CA ILE F 391 1.21 -24.48 -11.89
C ILE F 391 0.88 -24.45 -13.36
N ILE F 392 -0.41 -24.64 -13.68
CA ILE F 392 -0.87 -24.62 -15.05
C ILE F 392 -0.37 -23.35 -15.74
N ALA F 393 -0.26 -22.31 -14.91
CA ALA F 393 0.15 -20.97 -15.33
C ALA F 393 1.57 -20.85 -15.87
N ILE F 394 2.52 -21.60 -15.32
CA ILE F 394 3.88 -21.51 -15.79
C ILE F 394 4.19 -22.63 -16.76
N LEU F 395 3.77 -23.81 -16.32
CA LEU F 395 4.01 -25.04 -17.03
C LEU F 395 2.85 -25.67 -17.79
N GLY F 396 1.70 -25.02 -17.85
CA GLY F 396 0.62 -25.64 -18.60
C GLY F 396 0.24 -27.01 -18.03
N MET F 397 -0.54 -27.73 -18.83
CA MET F 397 -1.05 -29.03 -18.45
C MET F 397 -0.17 -30.26 -18.50
N ASP F 398 0.79 -30.28 -19.41
CA ASP F 398 1.72 -31.40 -19.63
C ASP F 398 2.12 -32.17 -18.40
N GLU F 399 2.69 -31.43 -17.46
CA GLU F 399 3.17 -32.00 -16.23
C GLU F 399 2.04 -32.39 -15.25
N LEU F 400 0.79 -32.27 -15.67
CA LEU F 400 -0.32 -32.64 -14.82
C LEU F 400 -0.59 -34.13 -14.80
N SER F 401 -1.08 -34.61 -13.65
CA SER F 401 -1.44 -35.99 -13.46
C SER F 401 -2.67 -36.33 -14.29
N GLU F 402 -2.78 -37.59 -14.69
CA GLU F 402 -3.92 -38.03 -15.46
C GLU F 402 -5.17 -37.74 -14.69
N GLU F 403 -5.04 -37.86 -13.37
CA GLU F 403 -6.15 -37.60 -12.48
C GLU F 403 -6.45 -36.12 -12.43
N ASP F 404 -5.39 -35.33 -12.24
CA ASP F 404 -5.56 -33.89 -12.19
C ASP F 404 -6.14 -33.35 -13.48
N LYS F 405 -5.64 -33.85 -14.60
CA LYS F 405 -6.12 -33.38 -15.88
C LYS F 405 -7.61 -33.60 -16.04
N LEU F 406 -8.14 -34.59 -15.35
CA LEU F 406 -9.54 -34.88 -15.44
C LEU F 406 -10.37 -33.88 -14.65
N THR F 407 -9.82 -33.35 -13.56
CA THR F 407 -10.55 -32.38 -12.79
C THR F 407 -10.59 -31.10 -13.60
N VAL F 408 -9.46 -30.80 -14.20
CA VAL F 408 -9.37 -29.62 -15.01
C VAL F 408 -10.37 -29.67 -16.16
N SER F 409 -10.50 -30.81 -16.83
CA SER F 409 -11.45 -30.90 -17.92
C SER F 409 -12.86 -30.66 -17.41
N ARG F 410 -13.22 -31.42 -16.39
CA ARG F 410 -14.52 -31.31 -15.79
C ARG F 410 -14.81 -29.91 -15.29
N ALA F 411 -13.85 -29.33 -14.58
CA ALA F 411 -14.05 -28.00 -14.07
C ALA F 411 -14.32 -26.98 -15.17
N ARG F 412 -13.51 -27.05 -16.24
CA ARG F 412 -13.66 -26.15 -17.37
C ARG F 412 -14.97 -26.36 -18.11
N LYS F 413 -15.57 -27.53 -17.92
CA LYS F 413 -16.85 -27.84 -18.55
C LYS F 413 -18.00 -27.38 -17.67
N ILE F 414 -17.77 -27.44 -16.36
CA ILE F 414 -18.75 -27.01 -15.37
C ILE F 414 -18.75 -25.50 -15.35
N GLN F 415 -17.55 -24.95 -15.46
CA GLN F 415 -17.34 -23.52 -15.51
C GLN F 415 -18.17 -22.95 -16.64
N ARG F 416 -18.01 -23.57 -17.81
CA ARG F 416 -18.75 -23.16 -18.99
C ARG F 416 -20.24 -23.42 -18.86
N PHE F 417 -20.60 -24.60 -18.37
CA PHE F 417 -22.01 -24.92 -18.21
C PHE F 417 -22.77 -24.00 -17.27
N LEU F 418 -22.03 -23.23 -16.45
CA LEU F 418 -22.61 -22.27 -15.50
C LEU F 418 -23.08 -20.99 -16.20
N SER F 419 -22.48 -20.68 -17.35
CA SER F 419 -22.85 -19.50 -18.12
C SER F 419 -24.23 -19.72 -18.73
N GLN F 420 -24.84 -18.67 -19.26
CA GLN F 420 -26.15 -18.79 -19.88
C GLN F 420 -26.64 -17.48 -20.50
N PRO F 421 -27.35 -17.57 -21.64
CA PRO F 421 -27.86 -16.40 -22.34
C PRO F 421 -29.14 -15.93 -21.71
N PHE F 422 -29.17 -14.63 -21.46
CA PHE F 422 -30.30 -13.92 -20.88
C PHE F 422 -31.11 -13.26 -21.99
N GLN F 423 -32.43 -13.16 -21.82
CA GLN F 423 -33.24 -12.50 -22.83
C GLN F 423 -32.80 -11.07 -22.96
N VAL F 424 -32.61 -10.50 -21.79
CA VAL F 424 -32.17 -9.15 -21.63
C VAL F 424 -30.81 -8.92 -22.29
N ALA F 425 -29.96 -9.95 -22.42
CA ALA F 425 -28.65 -9.74 -23.05
C ALA F 425 -28.49 -10.34 -24.44
N GLU F 426 -29.61 -10.69 -25.07
CA GLU F 426 -29.60 -11.28 -26.40
C GLU F 426 -28.79 -10.47 -27.40
N VAL F 427 -28.95 -9.14 -27.36
CA VAL F 427 -28.24 -8.24 -28.26
C VAL F 427 -26.73 -8.40 -28.20
N PHE F 428 -26.25 -8.97 -27.11
CA PHE F 428 -24.82 -9.12 -26.95
C PHE F 428 -24.33 -10.54 -27.11
N THR F 429 -25.07 -11.49 -26.59
CA THR F 429 -24.59 -12.84 -26.70
C THR F 429 -24.77 -13.34 -28.11
N GLY F 430 -25.79 -12.81 -28.75
CA GLY F 430 -26.10 -13.23 -30.09
C GLY F 430 -26.84 -14.55 -30.01
N HIS F 431 -27.41 -14.83 -28.84
CA HIS F 431 -28.14 -16.06 -28.69
C HIS F 431 -29.48 -15.79 -28.03
N LEU F 432 -30.41 -16.72 -28.22
CA LEU F 432 -31.74 -16.61 -27.65
C LEU F 432 -31.72 -16.93 -26.16
N GLY F 433 -32.25 -16.01 -25.34
CA GLY F 433 -32.29 -16.23 -23.90
C GLY F 433 -32.88 -17.58 -23.50
N LYS F 434 -32.38 -18.11 -22.37
CA LYS F 434 -32.79 -19.40 -21.80
C LYS F 434 -33.11 -19.32 -20.32
N LEU F 435 -34.10 -20.11 -19.90
CA LEU F 435 -34.56 -20.18 -18.51
C LEU F 435 -34.55 -21.64 -18.08
N VAL F 436 -33.52 -22.06 -17.36
CA VAL F 436 -33.43 -23.46 -16.94
C VAL F 436 -34.14 -23.76 -15.62
N PRO F 437 -34.98 -24.78 -15.64
CA PRO F 437 -35.69 -25.23 -14.45
C PRO F 437 -34.76 -25.97 -13.48
N LEU F 438 -34.89 -25.65 -12.20
CA LEU F 438 -34.10 -26.21 -11.11
C LEU F 438 -33.66 -27.68 -11.26
N LYS F 439 -34.62 -28.57 -11.51
CA LYS F 439 -34.31 -29.99 -11.66
C LYS F 439 -33.41 -30.23 -12.85
N GLU F 440 -33.55 -29.33 -13.83
CA GLU F 440 -32.77 -29.40 -15.05
C GLU F 440 -31.30 -29.11 -14.77
N THR F 441 -31.12 -28.16 -13.85
CA THR F 441 -29.84 -27.69 -13.40
C THR F 441 -29.15 -28.70 -12.53
N ILE F 442 -29.89 -29.22 -11.55
CA ILE F 442 -29.34 -30.21 -10.66
C ILE F 442 -28.80 -31.35 -11.49
N LYS F 443 -29.63 -31.76 -12.44
CA LYS F 443 -29.33 -32.86 -13.33
C LYS F 443 -28.10 -32.68 -14.18
N GLY F 444 -28.18 -31.71 -15.08
CA GLY F 444 -27.10 -31.41 -16.00
C GLY F 444 -25.76 -31.32 -15.29
N PHE F 445 -25.79 -30.85 -14.05
CA PHE F 445 -24.58 -30.73 -13.27
C PHE F 445 -24.15 -32.06 -12.70
N GLN F 446 -25.12 -32.89 -12.33
CA GLN F 446 -24.81 -34.20 -11.83
C GLN F 446 -23.98 -34.95 -12.85
N GLN F 447 -24.59 -35.14 -14.01
CA GLN F 447 -23.97 -35.83 -15.12
C GLN F 447 -22.55 -35.36 -15.38
N ILE F 448 -22.37 -34.04 -15.53
CA ILE F 448 -21.04 -33.50 -15.80
C ILE F 448 -20.05 -34.01 -14.77
N LEU F 449 -20.49 -33.94 -13.53
CA LEU F 449 -19.69 -34.40 -12.41
C LEU F 449 -19.35 -35.86 -12.55
N ALA F 450 -20.42 -36.62 -12.83
CA ALA F 450 -20.43 -38.06 -12.99
C ALA F 450 -19.72 -38.61 -14.22
N GLY F 451 -19.00 -37.74 -14.92
CA GLY F 451 -18.25 -38.14 -16.09
C GLY F 451 -19.09 -38.62 -17.27
N GLU F 452 -20.35 -38.25 -17.30
CA GLU F 452 -21.23 -38.65 -18.40
C GLU F 452 -21.02 -37.84 -19.65
N TYR F 453 -20.04 -36.95 -19.64
CA TYR F 453 -19.84 -36.12 -20.81
C TYR F 453 -18.38 -35.79 -21.03
N ASP F 454 -17.52 -36.59 -20.44
CA ASP F 454 -16.11 -36.37 -20.59
C ASP F 454 -15.67 -36.42 -22.04
N HIS F 455 -16.55 -36.91 -22.88
CA HIS F 455 -16.27 -37.02 -24.31
C HIS F 455 -16.53 -35.75 -25.08
N LEU F 456 -17.56 -35.00 -24.70
CA LEU F 456 -17.89 -33.74 -25.36
C LEU F 456 -16.80 -32.72 -25.10
N PRO F 457 -16.67 -31.75 -26.01
CA PRO F 457 -15.71 -30.66 -25.91
C PRO F 457 -16.25 -29.57 -25.01
N GLU F 458 -15.37 -28.75 -24.42
CA GLU F 458 -15.79 -27.66 -23.54
C GLU F 458 -16.83 -26.78 -24.20
N GLN F 459 -16.44 -26.25 -25.35
CA GLN F 459 -17.23 -25.36 -26.15
C GLN F 459 -18.69 -25.76 -26.24
N ALA F 460 -18.93 -27.06 -26.20
CA ALA F 460 -20.29 -27.53 -26.28
C ALA F 460 -21.14 -27.00 -25.13
N PHE F 461 -20.50 -26.83 -23.98
CA PHE F 461 -21.19 -26.38 -22.79
C PHE F 461 -21.40 -24.89 -22.68
N TYR F 462 -20.55 -24.13 -23.35
CA TYR F 462 -20.65 -22.70 -23.29
C TYR F 462 -21.96 -22.16 -23.84
N MET F 463 -22.44 -21.13 -23.18
CA MET F 463 -23.67 -20.45 -23.58
C MET F 463 -24.82 -21.35 -23.99
N VAL F 464 -25.41 -22.09 -23.04
CA VAL F 464 -26.54 -22.94 -23.34
C VAL F 464 -27.52 -22.99 -22.17
N GLY F 465 -28.69 -23.58 -22.42
CA GLY F 465 -29.68 -23.72 -21.37
C GLY F 465 -29.42 -25.03 -20.65
N PRO F 466 -30.28 -25.99 -20.92
CA PRO F 466 -30.25 -27.34 -20.36
C PRO F 466 -29.12 -28.17 -20.97
N ILE F 467 -28.68 -29.19 -20.23
CA ILE F 467 -27.60 -30.04 -20.70
C ILE F 467 -27.85 -30.60 -22.08
N GLU F 468 -29.12 -30.87 -22.37
CA GLU F 468 -29.49 -31.41 -23.66
C GLU F 468 -28.95 -30.58 -24.79
N GLU F 469 -29.05 -29.28 -24.63
CA GLU F 469 -28.56 -28.39 -25.66
C GLU F 469 -27.05 -28.45 -25.79
N ALA F 470 -26.38 -28.89 -24.72
CA ALA F 470 -24.92 -28.97 -24.72
C ALA F 470 -24.39 -30.17 -25.46
N VAL F 471 -25.29 -31.13 -25.64
CA VAL F 471 -25.00 -32.35 -26.34
C VAL F 471 -25.13 -32.09 -27.82
N ALA F 472 -26.21 -31.38 -28.15
CA ALA F 472 -26.47 -31.00 -29.52
C ALA F 472 -25.34 -30.14 -30.03
N LYS F 473 -25.07 -29.03 -29.31
CA LYS F 473 -24.02 -28.09 -29.66
C LYS F 473 -22.74 -28.82 -30.02
N ALA F 474 -22.61 -29.97 -29.39
CA ALA F 474 -21.48 -30.84 -29.61
C ALA F 474 -21.52 -31.46 -31.00
N ASP F 475 -22.71 -31.87 -31.42
CA ASP F 475 -22.89 -32.45 -32.74
C ASP F 475 -22.59 -31.41 -33.79
N LYS F 476 -23.25 -30.28 -33.61
CA LYS F 476 -23.07 -29.16 -34.51
C LYS F 476 -21.59 -28.83 -34.62
N LEU F 477 -20.85 -28.93 -33.50
CA LEU F 477 -19.42 -28.64 -33.58
C LEU F 477 -18.76 -29.76 -34.38
N ALA F 478 -19.45 -30.89 -34.43
CA ALA F 478 -18.95 -32.07 -35.12
C ALA F 478 -17.75 -32.62 -34.38
N ALA G 1 -2.97 -9.32 -0.32
CA ALA G 1 -1.57 -9.23 -0.68
C ALA G 1 -0.79 -8.42 0.34
N THR G 2 0.46 -8.79 0.48
CA THR G 2 1.38 -8.13 1.37
C THR G 2 2.63 -7.95 0.58
N LEU G 3 3.24 -6.77 0.68
CA LEU G 3 4.47 -6.50 -0.03
C LEU G 3 5.45 -7.63 0.26
N LYS G 4 5.38 -8.16 1.48
CA LYS G 4 6.22 -9.29 1.90
C LYS G 4 5.84 -10.57 1.16
N ASP G 5 4.56 -10.69 0.85
CA ASP G 5 4.02 -11.84 0.15
C ASP G 5 4.35 -11.75 -1.34
N ILE G 6 4.05 -10.60 -1.94
CA ILE G 6 4.33 -10.36 -3.34
C ILE G 6 5.83 -10.39 -3.59
N THR G 7 6.59 -10.00 -2.59
CA THR G 7 8.03 -10.03 -2.76
C THR G 7 8.49 -11.45 -2.81
N ARG G 8 7.75 -12.34 -2.17
CA ARG G 8 8.17 -13.73 -2.20
C ARG G 8 8.06 -14.31 -3.59
N ARG G 9 6.82 -14.30 -4.11
CA ARG G 9 6.52 -14.81 -5.42
C ARG G 9 7.49 -14.21 -6.41
N LEU G 10 7.51 -12.88 -6.46
CA LEU G 10 8.40 -12.13 -7.34
C LEU G 10 9.83 -12.64 -7.26
N LYS G 11 10.30 -12.78 -6.02
CA LYS G 11 11.63 -13.25 -5.78
C LYS G 11 11.79 -14.58 -6.48
N SER G 12 10.83 -15.47 -6.23
CA SER G 12 10.85 -16.80 -6.81
C SER G 12 10.60 -16.85 -8.31
N ILE G 13 9.47 -16.31 -8.79
CA ILE G 13 9.21 -16.36 -10.21
C ILE G 13 10.33 -15.76 -11.03
N LYS G 14 11.08 -14.86 -10.41
CA LYS G 14 12.21 -14.27 -11.11
C LYS G 14 13.24 -15.36 -11.39
N ASN G 15 13.41 -16.22 -10.39
CA ASN G 15 14.33 -17.35 -10.45
C ASN G 15 13.90 -18.39 -11.45
N ILE G 16 12.69 -18.88 -11.26
CA ILE G 16 12.07 -19.87 -12.13
C ILE G 16 12.22 -19.45 -13.58
N GLN G 17 12.08 -18.16 -13.83
CA GLN G 17 12.19 -17.63 -15.17
C GLN G 17 13.60 -17.81 -15.74
N LYS G 18 14.61 -17.55 -14.90
CA LYS G 18 16.00 -17.70 -15.32
C LYS G 18 16.40 -19.17 -15.47
N ILE G 19 15.91 -20.00 -14.57
CA ILE G 19 16.23 -21.40 -14.67
C ILE G 19 15.71 -21.90 -16.00
N THR G 20 14.38 -21.82 -16.12
CA THR G 20 13.61 -22.19 -17.26
C THR G 20 14.27 -21.70 -18.56
N LYS G 21 14.68 -20.44 -18.56
CA LYS G 21 15.34 -19.89 -19.73
C LYS G 21 16.65 -20.62 -19.97
N SER G 22 17.33 -20.96 -18.89
CA SER G 22 18.58 -21.66 -19.00
C SER G 22 18.42 -23.06 -19.57
N MET G 23 17.38 -23.77 -19.13
CA MET G 23 17.09 -25.11 -19.58
C MET G 23 16.83 -25.21 -21.07
N LYS G 24 16.26 -24.16 -21.65
CA LYS G 24 15.97 -24.13 -23.06
C LYS G 24 17.24 -24.08 -23.89
N MET G 25 18.16 -23.18 -23.49
CA MET G 25 19.44 -23.04 -24.16
C MET G 25 20.12 -24.38 -24.21
N VAL G 26 19.97 -25.12 -23.13
CA VAL G 26 20.54 -26.44 -23.10
C VAL G 26 19.81 -27.30 -24.13
N ALA G 27 18.51 -27.47 -23.93
CA ALA G 27 17.66 -28.24 -24.83
C ALA G 27 17.87 -27.89 -26.29
N ALA G 28 18.26 -26.67 -26.59
CA ALA G 28 18.48 -26.34 -27.98
C ALA G 28 19.80 -26.95 -28.46
N ALA G 29 20.78 -26.88 -27.57
CA ALA G 29 22.12 -27.40 -27.83
C ALA G 29 22.10 -28.88 -28.21
N LYS G 30 21.60 -29.70 -27.30
CA LYS G 30 21.50 -31.13 -27.53
C LYS G 30 20.70 -31.40 -28.79
N TYR G 31 19.62 -30.66 -28.93
CA TYR G 31 18.76 -30.78 -30.09
C TYR G 31 19.48 -30.46 -31.39
N ALA G 32 20.51 -29.62 -31.31
CA ALA G 32 21.24 -29.33 -32.52
C ALA G 32 21.95 -30.62 -32.91
N ARG G 33 22.77 -31.10 -31.97
CA ARG G 33 23.53 -32.33 -32.10
C ARG G 33 22.66 -33.44 -32.66
N ALA G 34 21.49 -33.59 -32.05
CA ALA G 34 20.52 -34.61 -32.42
C ALA G 34 20.05 -34.55 -33.87
N GLU G 35 19.72 -33.35 -34.36
CA GLU G 35 19.24 -33.24 -35.74
C GLU G 35 20.23 -33.75 -36.76
N ARG G 36 21.51 -33.62 -36.43
CA ARG G 36 22.58 -34.08 -37.28
C ARG G 36 22.69 -35.59 -37.17
N GLU G 37 22.92 -36.07 -35.96
CA GLU G 37 23.02 -37.50 -35.71
C GLU G 37 21.78 -38.23 -36.19
N LEU G 38 20.68 -37.49 -36.25
CA LEU G 38 19.42 -38.06 -36.70
C LEU G 38 19.51 -38.47 -38.15
N LYS G 39 20.03 -37.54 -38.97
CA LYS G 39 20.22 -37.69 -40.40
C LYS G 39 20.52 -39.12 -40.86
N PRO G 40 21.65 -39.64 -40.40
CA PRO G 40 22.07 -40.98 -40.75
C PRO G 40 21.19 -42.10 -40.20
N ALA G 41 20.85 -42.00 -38.93
CA ALA G 41 20.05 -43.01 -38.25
C ALA G 41 18.73 -43.36 -38.91
N ARG G 42 18.20 -42.47 -39.73
CA ARG G 42 16.94 -42.74 -40.40
C ARG G 42 17.14 -43.69 -41.56
N VAL G 43 18.34 -43.62 -42.14
CA VAL G 43 18.69 -44.51 -43.22
C VAL G 43 19.19 -45.79 -42.55
N TYR G 44 18.24 -46.40 -41.84
CA TYR G 44 18.43 -47.60 -41.06
C TYR G 44 17.04 -48.13 -40.70
N LEU G 77 10.84 -32.39 -17.19
CA LEU G 77 9.90 -31.62 -18.00
C LEU G 77 10.29 -31.63 -19.47
N CYS G 78 9.67 -32.54 -20.22
CA CYS G 78 9.97 -32.69 -21.64
C CYS G 78 8.77 -32.59 -22.56
N GLY G 79 7.82 -31.72 -22.25
CA GLY G 79 6.65 -31.59 -23.08
C GLY G 79 5.71 -32.76 -22.82
N ALA G 80 5.03 -33.23 -23.87
CA ALA G 80 4.11 -34.35 -23.77
C ALA G 80 4.72 -35.68 -24.21
N ILE G 81 6.02 -35.82 -23.95
CA ILE G 81 6.81 -36.99 -24.32
C ILE G 81 6.40 -38.27 -23.59
N HIS G 82 7.00 -38.47 -22.42
CA HIS G 82 6.79 -39.63 -21.58
C HIS G 82 5.35 -40.08 -21.43
N SER G 83 4.43 -39.12 -21.50
CA SER G 83 3.02 -39.42 -21.37
C SER G 83 2.45 -40.00 -22.64
N SER G 84 2.74 -39.33 -23.75
CA SER G 84 2.26 -39.75 -25.05
C SER G 84 2.53 -41.23 -25.29
N VAL G 85 3.74 -41.68 -24.95
CA VAL G 85 4.02 -43.08 -25.12
C VAL G 85 3.29 -43.86 -24.04
N ALA G 86 3.32 -43.34 -22.82
CA ALA G 86 2.66 -43.96 -21.67
C ALA G 86 1.23 -44.38 -21.96
N LYS G 87 0.43 -43.42 -22.39
CA LYS G 87 -0.96 -43.70 -22.70
C LYS G 87 -1.10 -44.81 -23.74
N GLN G 88 -0.58 -44.53 -24.92
CA GLN G 88 -0.63 -45.45 -26.04
C GLN G 88 0.08 -46.77 -25.78
N MET G 89 0.70 -46.88 -24.61
CA MET G 89 1.40 -48.10 -24.26
C MET G 89 0.45 -49.08 -23.58
N LYS G 90 -0.78 -48.62 -23.36
CA LYS G 90 -1.83 -49.41 -22.73
C LYS G 90 -3.14 -49.17 -23.47
N LEU G 209 15.97 -56.35 -33.01
CA LEU G 209 16.40 -55.75 -31.76
C LEU G 209 17.27 -54.53 -31.98
N ALA G 210 18.54 -54.63 -31.54
CA ALA G 210 19.57 -53.58 -31.63
C ALA G 210 19.40 -52.62 -32.79
N ASN G 211 19.34 -53.20 -34.00
CA ASN G 211 19.15 -52.47 -35.24
C ASN G 211 18.02 -51.47 -35.10
N ILE G 212 16.95 -51.89 -34.42
CA ILE G 212 15.79 -51.05 -34.20
C ILE G 212 15.87 -50.34 -32.85
N ILE G 213 16.53 -51.00 -31.90
CA ILE G 213 16.71 -50.44 -30.59
C ILE G 213 17.37 -49.07 -30.70
N TYR G 214 18.46 -49.01 -31.48
CA TYR G 214 19.19 -47.78 -31.71
C TYR G 214 18.33 -46.76 -32.47
N TYR G 215 17.32 -47.28 -33.16
CA TYR G 215 16.40 -46.45 -33.91
C TYR G 215 15.48 -45.68 -32.98
N SER G 216 14.59 -46.42 -32.31
CA SER G 216 13.65 -45.82 -31.37
C SER G 216 14.39 -44.93 -30.39
N LEU G 217 15.65 -45.28 -30.14
CA LEU G 217 16.46 -44.47 -29.27
C LEU G 217 16.86 -43.19 -29.98
N LYS G 218 17.65 -43.35 -31.03
CA LYS G 218 18.12 -42.22 -31.82
C LYS G 218 17.02 -41.25 -32.24
N GLU G 219 15.77 -41.68 -32.12
CA GLU G 219 14.64 -40.84 -32.47
C GLU G 219 14.06 -40.17 -31.22
N SER G 220 13.79 -41.02 -30.23
CA SER G 220 13.24 -40.62 -28.96
C SER G 220 14.08 -39.61 -28.24
N THR G 221 15.23 -39.24 -28.79
CA THR G 221 16.03 -38.24 -28.13
C THR G 221 15.95 -36.94 -28.88
N THR G 222 15.66 -37.02 -30.18
CA THR G 222 15.51 -35.80 -30.91
C THR G 222 14.20 -35.18 -30.48
N SER G 223 13.18 -36.03 -30.43
CA SER G 223 11.84 -35.64 -30.03
C SER G 223 11.79 -35.06 -28.62
N GLU G 224 12.56 -35.66 -27.72
CA GLU G 224 12.65 -35.23 -26.34
C GLU G 224 13.38 -33.89 -26.28
N GLN G 225 14.65 -33.86 -26.70
CA GLN G 225 15.40 -32.61 -26.69
C GLN G 225 14.67 -31.52 -27.45
N SER G 226 13.72 -31.94 -28.26
CA SER G 226 12.94 -30.97 -28.99
C SER G 226 11.90 -30.39 -28.06
N ALA G 227 11.14 -31.31 -27.46
CA ALA G 227 10.07 -31.01 -26.53
C ALA G 227 10.52 -30.21 -25.33
N ARG G 228 11.61 -30.61 -24.71
CA ARG G 228 12.07 -29.87 -23.55
C ARG G 228 12.36 -28.42 -23.90
N MET G 229 13.02 -28.25 -25.03
CA MET G 229 13.39 -26.94 -25.51
C MET G 229 12.17 -26.01 -25.64
N THR G 230 11.18 -26.38 -26.47
CA THR G 230 9.99 -25.54 -26.64
C THR G 230 9.23 -25.29 -25.34
N ALA G 231 9.16 -26.34 -24.52
CA ALA G 231 8.47 -26.31 -23.23
C ALA G 231 9.11 -25.29 -22.31
N MET G 232 10.43 -25.38 -22.17
CA MET G 232 11.11 -24.44 -21.34
C MET G 232 11.05 -23.04 -21.96
N ASP G 233 10.93 -22.98 -23.29
CA ASP G 233 10.83 -21.70 -23.97
C ASP G 233 9.59 -20.95 -23.49
N ASN G 234 8.47 -21.67 -23.44
CA ASN G 234 7.20 -21.10 -23.01
C ASN G 234 7.11 -20.92 -21.51
N ALA G 235 7.84 -21.74 -20.74
CA ALA G 235 7.79 -21.58 -19.30
C ALA G 235 8.35 -20.25 -18.87
N SER G 236 9.44 -19.85 -19.52
CA SER G 236 9.99 -18.57 -19.17
C SER G 236 9.14 -17.49 -19.81
N LYS G 237 8.49 -17.86 -20.89
CA LYS G 237 7.62 -16.90 -21.51
C LYS G 237 6.51 -16.58 -20.53
N ASN G 238 6.09 -17.61 -19.81
CA ASN G 238 5.08 -17.48 -18.78
C ASN G 238 5.64 -16.66 -17.62
N ALA G 239 6.78 -17.11 -17.10
CA ALA G 239 7.45 -16.44 -16.00
C ALA G 239 7.67 -14.96 -16.26
N SER G 240 7.91 -14.61 -17.52
CA SER G 240 8.10 -13.21 -17.82
C SER G 240 6.79 -12.45 -17.76
N GLU G 241 5.72 -13.08 -18.22
CA GLU G 241 4.45 -12.40 -18.17
C GLU G 241 4.08 -12.09 -16.71
N MET G 242 4.52 -13.00 -15.84
CA MET G 242 4.29 -12.98 -14.40
C MET G 242 5.14 -11.95 -13.66
N ILE G 243 6.41 -11.88 -14.01
CA ILE G 243 7.27 -10.90 -13.38
C ILE G 243 6.73 -9.54 -13.70
N ASP G 244 6.29 -9.38 -14.94
CA ASP G 244 5.76 -8.10 -15.32
C ASP G 244 4.45 -7.79 -14.63
N LYS G 245 3.61 -8.80 -14.50
CA LYS G 245 2.34 -8.67 -13.85
C LYS G 245 2.48 -8.38 -12.35
N LEU G 246 3.34 -9.14 -11.68
CA LEU G 246 3.57 -8.97 -10.24
C LEU G 246 4.18 -7.63 -9.88
N THR G 247 5.09 -7.13 -10.71
CA THR G 247 5.69 -5.85 -10.40
C THR G 247 4.66 -4.76 -10.39
N LEU G 248 3.64 -4.98 -11.20
CA LEU G 248 2.57 -4.02 -11.30
C LEU G 248 1.77 -3.97 -10.01
N THR G 249 1.48 -5.14 -9.47
CA THR G 249 0.76 -5.26 -8.23
C THR G 249 1.61 -4.70 -7.10
N PHE G 250 2.91 -4.95 -7.23
CA PHE G 250 3.84 -4.48 -6.24
C PHE G 250 3.77 -2.96 -6.14
N ASN G 251 3.92 -2.31 -7.28
CA ASN G 251 3.87 -0.86 -7.31
C ASN G 251 2.53 -0.23 -6.93
N ARG G 252 1.43 -0.92 -7.22
CA ARG G 252 0.13 -0.40 -6.81
C ARG G 252 0.05 -0.42 -5.30
N THR G 253 0.51 -1.52 -4.73
CA THR G 253 0.46 -1.65 -3.30
C THR G 253 1.41 -0.72 -2.59
N ARG G 254 2.61 -0.69 -3.12
CA ARG G 254 3.67 0.12 -2.62
C ARG G 254 3.19 1.54 -2.44
N GLN G 255 2.56 2.07 -3.49
CA GLN G 255 2.00 3.41 -3.48
C GLN G 255 0.88 3.49 -2.47
N ALA G 256 -0.12 2.62 -2.63
CA ALA G 256 -1.26 2.57 -1.75
C ALA G 256 -0.86 2.55 -0.28
N VAL G 257 0.19 1.82 0.05
CA VAL G 257 0.62 1.75 1.44
C VAL G 257 1.02 3.12 1.93
N ILE G 258 1.83 3.81 1.13
CA ILE G 258 2.29 5.14 1.50
C ILE G 258 1.15 6.10 1.75
N THR G 259 0.21 6.13 0.80
CA THR G 259 -0.92 7.04 0.90
C THR G 259 -1.74 6.77 2.14
N LYS G 260 -2.06 5.51 2.35
CA LYS G 260 -2.84 5.07 3.49
C LYS G 260 -2.24 5.53 4.82
N GLU G 261 -0.92 5.48 4.93
CA GLU G 261 -0.27 5.90 6.15
C GLU G 261 -0.45 7.39 6.38
N LEU G 262 -0.02 8.15 5.38
CA LEU G 262 -0.06 9.61 5.34
C LEU G 262 -1.44 10.16 5.66
N ILE G 263 -2.48 9.46 5.17
CA ILE G 263 -3.87 9.84 5.41
C ILE G 263 -4.22 9.65 6.87
N GLU G 264 -3.67 8.60 7.43
CA GLU G 264 -3.87 8.31 8.82
C GLU G 264 -3.27 9.42 9.66
N ILE G 265 -2.04 9.80 9.32
CA ILE G 265 -1.37 10.85 10.07
C ILE G 265 -2.17 12.12 10.06
N ILE G 266 -2.40 12.60 8.84
CA ILE G 266 -3.14 13.80 8.60
C ILE G 266 -4.46 13.75 9.35
N SER G 267 -5.12 12.60 9.29
CA SER G 267 -6.39 12.46 9.98
C SER G 267 -6.29 12.73 11.46
N GLY G 268 -5.30 12.15 12.11
CA GLY G 268 -5.15 12.36 13.54
C GLY G 268 -4.70 13.76 13.90
N ALA G 269 -3.88 14.35 13.04
CA ALA G 269 -3.40 15.68 13.31
C ALA G 269 -4.52 16.69 13.27
N ALA G 270 -5.33 16.56 12.26
CA ALA G 270 -6.43 17.46 12.07
C ALA G 270 -7.53 17.37 13.10
N ALA G 271 -7.53 16.33 13.93
CA ALA G 271 -8.58 16.17 14.95
C ALA G 271 -8.30 16.87 16.29
N LEU G 272 -7.07 17.35 16.46
CA LEU G 272 -6.61 18.03 17.68
C LEU G 272 -7.35 19.33 17.94
C ACE H 1 10.76 -4.72 -7.52
O ACE H 1 9.32 -4.29 -7.26
CH3 ACE H 1 11.32 -4.71 -8.93
C YCP H 2 11.96 -4.28 -4.27
N YCP H 2 11.58 -5.29 -6.40
O YCP H 2 12.71 -3.55 -4.90
CA YCP H 2 11.05 -5.19 -5.06
CB YCP H 2 10.75 -6.53 -4.40
CD YCP H 2 12.00 -7.65 -6.30
CE YCP H 2 12.58 -6.31 -6.69
CG YCP H 2 11.69 -7.67 -4.82
N AIB H 3 11.86 -4.36 -2.94
CA AIB H 3 12.61 -3.59 -1.96
C AIB H 3 13.83 -2.81 -2.48
O AIB H 3 13.83 -1.59 -2.42
CB1 AIB H 3 13.07 -4.52 -0.84
CB2 AIB H 3 11.66 -2.56 -1.34
C YCP H 4 16.24 -2.50 -4.92
N YCP H 4 14.86 -3.49 -2.99
O YCP H 4 17.30 -2.03 -5.35
CA YCP H 4 16.03 -2.75 -3.42
CB YCP H 4 17.26 -3.27 -2.69
CD YCP H 4 16.08 -5.50 -2.41
CE YCP H 4 14.89 -4.94 -3.17
CG YCP H 4 17.37 -4.79 -2.80
N AIB H 5 15.21 -2.79 -5.71
CA AIB H 5 15.18 -2.62 -7.16
C AIB H 5 15.80 -1.31 -7.61
O AIB H 5 16.46 -1.22 -8.64
CB1 AIB H 5 13.71 -2.59 -7.58
CB2 AIB H 5 15.87 -3.79 -7.84
N AIB H 6 15.55 -0.27 -6.85
CA AIB H 6 16.03 1.04 -7.17
C AIB H 6 17.56 1.14 -7.15
O AIB H 6 18.08 2.23 -6.95
CB1 AIB H 6 15.49 1.99 -6.12
CB2 AIB H 6 15.48 1.43 -8.53
N LEU H 7 18.30 0.04 -7.34
CA LEU H 7 19.77 0.15 -7.28
C LEU H 7 20.56 -0.49 -8.44
N BAL H 8 20.06 -1.61 -8.98
CB BAL H 8 18.91 -1.64 -9.87
CA BAL H 8 19.26 -1.45 -11.33
C BAL H 8 19.16 0.01 -11.69
O BAL H 8 19.81 0.83 -11.04
N GLY H 9 18.04 0.38 -12.28
CA GLY H 9 17.66 1.78 -12.26
C GLY H 9 17.51 2.31 -13.67
N AIB H 10 16.34 2.89 -13.92
CA AIB H 10 15.98 3.39 -15.22
C AIB H 10 15.81 2.16 -16.07
O AIB H 10 15.81 2.18 -17.29
CB1 AIB H 10 14.66 4.15 -15.13
CB2 AIB H 10 17.06 4.29 -15.82
N AIB H 11 15.67 1.05 -15.36
CA AIB H 11 15.54 -0.24 -16.00
C AIB H 11 14.51 -0.32 -17.13
O AIB H 11 14.86 -0.73 -18.23
CB1 AIB H 11 15.22 -1.28 -14.95
CB2 AIB H 11 16.90 -0.57 -16.59
C YCP H 12 12.10 1.13 -18.74
N YCP H 12 13.24 -0.01 -16.88
O YCP H 12 11.08 1.41 -19.36
CA YCP H 12 12.24 -0.14 -17.93
CB YCP H 12 10.89 -0.52 -17.35
CD YCP H 12 11.56 0.51 -15.16
CE YCP H 12 12.92 0.87 -15.73
CG YCP H 12 10.50 0.46 -16.25
N AIB H 13 13.16 1.91 -18.73
CA AIB H 13 13.17 3.17 -19.40
C AIB H 13 12.65 3.23 -20.84
O AIB H 13 12.01 4.20 -21.22
CB1 AIB H 13 12.26 4.05 -18.55
CB2 AIB H 13 14.61 3.67 -19.38
N GLY H 14 12.95 2.23 -21.67
CA GLY H 14 12.49 2.29 -23.05
C GLY H 14 10.99 2.09 -23.20
N LEU H 15 10.32 2.21 -22.09
CA LEU H 15 8.89 1.99 -22.07
C LEU H 15 8.10 3.27 -21.88
N AIB H 16 8.77 4.27 -21.31
CA AIB H 16 8.27 5.60 -20.92
C AIB H 16 7.93 6.58 -22.04
O AIB H 16 8.09 7.77 -21.81
CB1 AIB H 16 7.06 5.43 -20.02
CB2 AIB H 16 9.38 6.26 -20.12
N1 TLX H 17 5.52 5.31 -24.90
C2 TLX H 17 4.59 6.02 -24.24
C3 TLX H 17 3.93 5.19 -23.14
C4 TLX H 17 3.55 3.81 -23.68
N5 TLX H 17 4.54 3.28 -24.39
C6 TLX H 17 4.72 1.98 -24.40
C7 TLX H 17 6.13 1.78 -24.95
C8 TLX H 17 6.67 3.16 -25.39
C9 TLX H 17 5.65 3.99 -24.62
C1' TLX H 17 6.56 6.02 -25.37
C2' TLX H 17 7.17 6.89 -24.27
C3' TLX H 17 8.22 7.95 -24.69
C4' TLX H 17 7.92 9.38 -24.18
C5' TLX H 17 6.63 9.55 -23.37
CM' TLX H 17 9.08 10.20 -23.69
N' TLX H 17 7.49 6.12 -23.22
MG MG I . 25.14 -1.55 13.83
PG ANP J . 22.87 -3.27 13.93
O1G ANP J . 21.81 -3.18 12.91
O2G ANP J . 23.47 -1.94 14.25
O3G ANP J . 22.52 -4.09 15.12
PB ANP J . 24.87 -3.76 11.81
O1B ANP J . 23.90 -4.09 10.72
O2B ANP J . 25.56 -2.43 11.76
N3B ANP J . 24.08 -4.10 13.20
PA ANP J . 27.18 -5.32 12.82
O1A ANP J . 28.36 -4.41 12.71
O2A ANP J . 26.51 -5.38 14.14
O3A ANP J . 26.06 -4.87 11.71
O5' ANP J . 27.55 -6.70 12.38
C5' ANP J . 26.61 -7.79 12.51
C4' ANP J . 27.23 -9.05 13.12
O4' ANP J . 27.99 -9.76 12.11
C3' ANP J . 28.18 -8.82 14.29
O3' ANP J . 28.12 -9.92 15.20
C2' ANP J . 29.53 -8.76 13.59
O2' ANP J . 30.62 -9.09 14.40
C1' ANP J . 29.36 -9.80 12.50
N9 ANP J . 30.20 -9.44 11.39
C8 ANP J . 30.47 -8.17 10.95
N7 ANP J . 31.33 -8.14 9.95
C5 ANP J . 31.68 -9.48 9.76
C6 ANP J . 32.56 -10.13 8.87
N6 ANP J . 33.28 -9.51 7.95
N1 ANP J . 32.67 -11.48 8.97
C2 ANP J . 31.94 -12.12 9.90
N3 ANP J . 31.10 -11.62 10.78
C4 ANP J . 31.01 -10.28 10.67
MG MG K . -4.12 13.22 -25.68
PG ANP L . -1.46 11.25 -25.19
O1G ANP L . -1.38 10.74 -23.78
O2G ANP L . -2.64 12.13 -25.45
O3G ANP L . -0.17 11.78 -25.72
PB ANP L . -3.08 9.56 -26.89
O1B ANP L . -3.62 8.29 -26.33
O2B ANP L . -3.88 10.81 -26.92
N3B ANP L . -1.72 9.93 -26.09
PA ANP L . -2.52 10.10 -29.78
O1A ANP L . -3.93 10.14 -30.27
O2A ANP L . -1.81 11.41 -29.84
O3A ANP L . -2.56 9.21 -28.41
O5' ANP L . -1.75 9.14 -30.63
C5' ANP L . -0.37 8.94 -30.38
C4' ANP L . 0.38 8.93 -31.70
O4' ANP L . -0.01 7.76 -32.43
C3' ANP L . 0.05 10.07 -32.65
O3' ANP L . 0.84 11.20 -32.33
C2' ANP L . 0.41 9.50 -34.01
O2' ANP L . 1.79 9.68 -34.33
C1' ANP L . 0.12 8.02 -33.81
N9 ANP L . -1.12 7.57 -34.35
C8 ANP L . -2.32 7.80 -33.77
N7 ANP L . -3.31 7.22 -34.40
C5 ANP L . -2.69 6.55 -35.44
C6 ANP L . -3.17 5.75 -36.49
N6 ANP L . -4.46 5.47 -36.66
N1 ANP L . -2.28 5.24 -37.35
C2 ANP L . -0.99 5.53 -37.19
N3 ANP L . -0.40 6.27 -36.25
C4 ANP L . -1.33 6.74 -35.41
MG MG M . -22.13 -15.60 11.79
PG ANP N . -21.28 -14.78 8.22
O1G ANP N . -20.00 -14.06 7.95
O2G ANP N . -21.88 -14.75 9.59
O3G ANP N . -22.28 -14.57 7.15
PB ANP N . -20.09 -17.28 9.16
O1B ANP N . -18.63 -17.04 9.03
O2B ANP N . -20.83 -16.97 10.41
N3B ANP N . -20.86 -16.35 8.06
PA ANP N . -21.75 -19.67 9.17
O1A ANP N . -21.54 -20.24 10.52
O2A ANP N . -22.83 -18.66 8.99
O3A ANP N . -20.41 -18.84 8.75
O5' ANP N . -21.85 -20.75 8.16
C5' ANP N . -21.39 -20.63 6.83
C4' ANP N . -22.13 -21.64 5.99
O4' ANP N . -21.55 -22.97 6.19
C3' ANP N . -23.57 -21.75 6.41
O3' ANP N . -24.39 -21.93 5.25
C2' ANP N . -23.62 -22.98 7.31
O2' ANP N . -24.86 -23.65 7.21
C1' ANP N . -22.51 -23.86 6.75
N9 ANP N . -21.81 -24.67 7.76
C8 ANP N . -21.26 -24.35 8.97
N7 ANP N . -20.65 -25.37 9.55
C5 ANP N . -20.77 -26.40 8.64
C6 ANP N . -20.36 -27.74 8.68
N6 ANP N . -19.68 -28.28 9.70
N1 ANP N . -20.69 -28.52 7.63
C2 ANP N . -21.38 -27.99 6.63
N3 ANP N . -21.85 -26.75 6.49
C4 ANP N . -21.51 -26.00 7.55
MG MG O . 2.17 -14.27 25.92
PB ADP P . 3.16 -15.85 22.50
O1B ADP P . 4.38 -15.67 21.66
O2B ADP P . 3.41 -15.57 23.94
O3B ADP P . 1.90 -15.27 22.00
PA ADP P . 2.65 -18.60 23.57
O1A ADP P . 3.93 -18.67 24.33
O2A ADP P . 1.40 -18.41 24.33
O3A ADP P . 2.91 -17.47 22.42
O5' ADP P . 2.50 -19.81 22.73
C5' ADP P . 1.27 -19.95 22.06
C4' ADP P . 0.97 -21.40 21.86
O4' ADP P . 1.98 -21.94 20.97
C3' ADP P . 1.09 -22.26 23.11
O3' ADP P . -0.13 -22.22 23.85
C2' ADP P . 1.29 -23.62 22.48
O2' ADP P . 0.07 -24.19 22.07
C1' ADP P . 2.17 -23.30 21.27
N9 ADP P . 3.57 -23.48 21.59
C8 ADP P . 4.33 -22.38 21.89
N7 ADP P . 5.57 -22.66 22.20
C5 ADP P . 5.60 -24.05 22.15
C6 ADP P . 6.63 -24.97 22.37
N6 ADP P . 7.87 -24.61 22.72
N1 ADP P . 6.36 -26.28 22.21
C2 ADP P . 5.12 -26.64 21.85
N3 ADP P . 4.06 -25.86 21.61
C4 ADP P . 4.38 -24.58 21.77
MG MG Q . -25.75 -0.32 -13.66
PG ANP R . -22.21 -0.25 -14.06
O1G ANP R . -21.12 -0.55 -13.08
O2G ANP R . -23.56 -0.01 -13.48
O3G ANP R . -21.81 0.75 -15.10
PB ANP R . -23.32 -2.95 -14.62
O1B ANP R . -22.67 -3.71 -13.53
O2B ANP R . -24.79 -2.70 -14.56
N3B ANP R . -22.36 -1.65 -14.91
PA ANP R . -24.38 -3.97 -17.04
O1A ANP R . -25.39 -4.88 -16.43
O2A ANP R . -24.85 -2.62 -17.47
O3A ANP R . -23.15 -3.84 -15.98
O5' ANP R . -23.72 -4.64 -18.20
C5' ANP R . -22.61 -3.99 -18.79
C4' ANP R . -22.37 -4.59 -20.16
O4' ANP R . -21.74 -5.89 -20.00
C3' ANP R . -23.67 -4.88 -20.90
O3' ANP R . -24.07 -3.73 -21.63
C2' ANP R . -23.24 -6.02 -21.81
O2' ANP R . -22.50 -5.56 -22.93
C1' ANP R . -22.33 -6.83 -20.88
N9 ANP R . -23.11 -7.77 -20.09
C8 ANP R . -23.60 -7.63 -18.82
N7 ANP R . -24.31 -8.66 -18.42
C5 ANP R . -24.31 -9.53 -19.50
C6 ANP R . -24.90 -10.79 -19.72
N6 ANP R . -25.62 -11.44 -18.80
N1 ANP R . -24.70 -11.37 -20.92
C2 ANP R . -23.96 -10.74 -21.83
N3 ANP R . -23.37 -9.54 -21.75
C4 ANP R . -23.58 -8.99 -20.54
#